data_7RGL
#
_entry.id   7RGL
#
_cell.length_a   1.00
_cell.length_b   1.00
_cell.length_c   1.00
_cell.angle_alpha   90.00
_cell.angle_beta   90.00
_cell.angle_gamma   90.00
#
_symmetry.space_group_name_H-M   'P 1'
#
loop_
_entity.id
_entity.type
_entity.pdbx_description
1 polymer "Inosine-5'-monophosphate dehydrogenase 1"
2 non-polymer 'INOSINIC ACID'
3 non-polymer NICOTINAMIDE-ADENINE-DINUCLEOTIDE
#
_entity_poly.entity_id   1
_entity_poly.type   'polypeptide(L)'
_entity_poly.pdbx_seq_one_letter_code
;MADYLISGGTGYVPEDGLTAQQLFASADGLTYNDFLILPGFIDFIADEVDLTSALTRKITLKTPLISSPMDTVTEADMAI
AMALMGGIGFIHHNCTPEFQANEVRKVKKFEQGFITDPVVLSPSHTVGDVLEAKMRHGFSGIPITETGTMGSKLVGIVTS
RDIDFLAEKDHTTLLSEVMTPRIELVVAPAGVTLKEANEILQRSKKGKLPIVNDCDELVAIIARTDLKKNRDYPLASKDS
QKQLLCGAAVGTREDDKYRLDLLTQAGVDVIVLDSSQGNSVYQIAMVHYIKQKYPHLQVIGGNVVTAAQAKNLIDAGVDG
LRVGMGCGSICITQEVMACGRPQGTAVYKVAEYARRFGVPIIADGGIQTVGHVVKALALGASTVMMGSLLAATTEAPGEY
FFSDGVRLKKYRGMGSLDAMEKSSSSQKRYFSEGDKVKIAQGVSGSIQDKGSIQKFVPYLIAGIQHGCQDIGARSLSVLR
SMMYSGELKFEKRTMSAQIEGGVHGLHSYTFLPFTKSGCTEDSGGGRGGGGDAPQCPLLGTASLHN
;
_entity_poly.pdbx_strand_id   A,B,C,D,E,F,G,H
#
loop_
_chem_comp.id
_chem_comp.type
_chem_comp.name
_chem_comp.formula
IMP non-polymer 'INOSINIC ACID' 'C10 H13 N4 O8 P'
NAD non-polymer NICOTINAMIDE-ADENINE-DINUCLEOTIDE 'C21 H27 N7 O14 P2'
#
# COMPACT_ATOMS: atom_id res chain seq x y z
N MET A 1 -38.69 -11.73 18.33
CA MET A 1 -38.94 -10.92 17.13
C MET A 1 -38.36 -11.58 15.88
N ALA A 2 -37.16 -11.18 15.42
CA ALA A 2 -36.51 -11.62 14.19
C ALA A 2 -35.03 -11.19 14.17
N ASP A 3 -34.37 -11.28 13.01
CA ASP A 3 -33.06 -10.68 12.70
C ASP A 3 -32.99 -9.16 12.99
N TYR A 4 -34.14 -8.50 13.04
CA TYR A 4 -34.31 -7.07 13.33
C TYR A 4 -33.58 -6.59 14.59
N LEU A 5 -33.49 -7.43 15.64
CA LEU A 5 -32.74 -7.10 16.85
C LEU A 5 -31.23 -7.07 16.61
N ILE A 6 -30.66 -7.94 15.77
CA ILE A 6 -29.24 -7.86 15.42
C ILE A 6 -28.98 -6.55 14.65
N SER A 7 -29.80 -6.22 13.65
CA SER A 7 -29.88 -4.90 12.99
C SER A 7 -31.19 -4.74 12.24
N GLY A 8 -31.81 -3.56 12.32
CA GLY A 8 -33.12 -3.26 11.73
C GLY A 8 -33.09 -3.14 10.20
N GLY A 9 -33.02 -1.92 9.69
CA GLY A 9 -33.00 -1.67 8.25
C GLY A 9 -31.73 -2.16 7.54
N THR A 10 -30.60 -2.19 8.24
CA THR A 10 -29.30 -2.65 7.70
C THR A 10 -29.17 -4.18 7.80
N GLY A 11 -30.01 -4.93 7.08
CA GLY A 11 -29.89 -6.38 6.90
C GLY A 11 -28.68 -6.78 6.05
N TYR A 12 -28.26 -8.04 6.11
CA TYR A 12 -27.03 -8.49 5.43
C TYR A 12 -27.16 -8.46 3.90
N VAL A 13 -26.24 -7.76 3.26
CA VAL A 13 -26.02 -7.76 1.80
C VAL A 13 -24.54 -8.03 1.55
N PRO A 14 -24.16 -9.05 0.78
CA PRO A 14 -22.77 -9.34 0.46
C PRO A 14 -22.05 -8.14 -0.18
N GLU A 15 -20.85 -7.83 0.30
CA GLU A 15 -20.07 -6.69 -0.18
C GLU A 15 -19.31 -7.07 -1.47
N ASP A 16 -19.66 -6.47 -2.60
CA ASP A 16 -19.11 -6.84 -3.90
C ASP A 16 -19.05 -5.63 -4.85
N GLY A 17 -17.85 -5.26 -5.33
CA GLY A 17 -17.61 -4.02 -6.10
C GLY A 17 -17.25 -2.80 -5.25
N LEU A 18 -16.78 -1.73 -5.89
CA LEU A 18 -16.27 -0.51 -5.25
C LEU A 18 -17.37 0.54 -5.05
N THR A 19 -17.37 1.28 -3.95
CA THR A 19 -18.15 2.52 -3.87
C THR A 19 -17.56 3.57 -4.83
N ALA A 20 -18.31 4.62 -5.18
CA ALA A 20 -17.74 5.70 -5.98
C ALA A 20 -16.49 6.28 -5.32
N GLN A 21 -16.44 6.40 -3.99
CA GLN A 21 -15.28 6.95 -3.33
C GLN A 21 -14.04 6.10 -3.57
N GLN A 22 -14.19 4.78 -3.49
CA GLN A 22 -13.06 3.89 -3.72
C GLN A 22 -12.69 3.75 -5.18
N LEU A 23 -13.61 4.04 -6.09
CA LEU A 23 -13.30 3.98 -7.51
C LEU A 23 -12.37 5.11 -7.91
N PHE A 24 -12.56 6.30 -7.37
CA PHE A 24 -11.75 7.45 -7.73
C PHE A 24 -10.58 7.66 -6.79
N ALA A 25 -10.31 6.70 -5.91
CA ALA A 25 -9.21 6.86 -4.96
C ALA A 25 -7.87 6.54 -5.56
N SER A 26 -7.83 5.72 -6.61
CA SER A 26 -6.58 5.29 -7.21
C SER A 26 -5.95 6.34 -8.11
N ALA A 27 -6.63 7.45 -8.37
CA ALA A 27 -6.09 8.59 -9.09
C ALA A 27 -5.76 8.26 -10.55
N ASP A 28 -6.43 7.28 -11.13
CA ASP A 28 -6.42 7.18 -12.58
C ASP A 28 -7.36 8.22 -13.16
N GLY A 29 -7.06 8.67 -14.36
CA GLY A 29 -7.97 9.56 -15.03
C GLY A 29 -9.10 8.83 -15.70
N LEU A 30 -10.11 8.43 -14.94
CA LEU A 30 -11.20 7.64 -15.49
C LEU A 30 -12.18 8.48 -16.29
N THR A 31 -12.63 7.94 -17.41
CA THR A 31 -13.72 8.48 -18.19
C THR A 31 -14.89 7.51 -18.16
N TYR A 32 -15.95 7.86 -18.89
CA TYR A 32 -17.18 7.08 -18.87
C TYR A 32 -16.96 5.64 -19.32
N ASN A 33 -16.05 5.41 -20.27
CA ASN A 33 -15.82 4.06 -20.77
C ASN A 33 -14.98 3.21 -19.84
N ASP A 34 -14.40 3.76 -18.79
CA ASP A 34 -13.48 3.03 -17.94
C ASP A 34 -14.18 2.22 -16.86
N PHE A 35 -15.47 2.40 -16.65
CA PHE A 35 -16.14 1.76 -15.53
C PHE A 35 -17.56 1.37 -15.91
N LEU A 36 -18.18 0.57 -15.05
CA LEU A 36 -19.57 0.16 -15.17
C LEU A 36 -20.25 0.32 -13.82
N ILE A 37 -21.58 0.32 -13.82
CA ILE A 37 -22.39 0.28 -12.61
C ILE A 37 -22.87 -1.17 -12.43
N LEU A 38 -22.71 -1.74 -11.25
CA LEU A 38 -23.19 -3.07 -10.92
C LEU A 38 -24.71 -3.06 -10.68
N PRO A 39 -25.45 -4.05 -11.16
CA PRO A 39 -26.90 -4.08 -11.02
C PRO A 39 -27.35 -4.32 -9.58
N GLY A 40 -28.55 -3.83 -9.28
CA GLY A 40 -29.14 -3.84 -7.94
C GLY A 40 -30.28 -4.83 -7.82
N PHE A 41 -31.38 -4.38 -7.22
CA PHE A 41 -32.58 -5.17 -7.01
C PHE A 41 -33.77 -4.46 -7.65
N ILE A 42 -34.53 -5.18 -8.47
CA ILE A 42 -35.65 -4.60 -9.20
C ILE A 42 -36.94 -4.91 -8.47
N ASP A 43 -37.70 -3.88 -8.13
CA ASP A 43 -39.04 -4.08 -7.59
C ASP A 43 -40.05 -3.07 -8.13
N PHE A 44 -39.75 -2.42 -9.24
CA PHE A 44 -40.64 -1.46 -9.88
C PHE A 44 -40.50 -1.67 -11.38
N ILE A 45 -41.33 -1.01 -12.16
CA ILE A 45 -41.22 -1.11 -13.60
C ILE A 45 -40.51 0.13 -14.11
N ALA A 46 -39.89 -0.01 -15.29
CA ALA A 46 -39.06 1.07 -15.81
C ALA A 46 -39.83 2.34 -16.08
N ASP A 47 -41.16 2.28 -16.16
CA ASP A 47 -41.94 3.48 -16.44
C ASP A 47 -42.24 4.31 -15.21
N GLU A 48 -42.07 3.77 -14.02
CA GLU A 48 -42.23 4.56 -12.81
C GLU A 48 -41.01 5.39 -12.48
N VAL A 49 -39.89 5.20 -13.20
CA VAL A 49 -38.65 5.92 -12.88
C VAL A 49 -38.82 7.42 -13.12
N ASP A 50 -38.71 8.18 -12.04
CA ASP A 50 -38.83 9.64 -12.01
C ASP A 50 -37.51 10.34 -12.37
N LEU A 51 -37.55 11.15 -13.43
CA LEU A 51 -36.38 11.87 -13.95
C LEU A 51 -36.30 13.35 -13.53
N THR A 52 -37.05 13.77 -12.52
CA THR A 52 -37.04 15.16 -12.01
C THR A 52 -35.63 15.61 -11.62
N SER A 53 -35.21 16.78 -12.10
CA SER A 53 -33.81 17.22 -12.04
C SER A 53 -33.71 18.71 -11.68
N ALA A 54 -32.82 19.08 -10.76
CA ALA A 54 -32.53 20.49 -10.46
C ALA A 54 -31.60 21.06 -11.53
N LEU A 55 -31.99 22.13 -12.22
CA LEU A 55 -31.09 22.83 -13.13
C LEU A 55 -30.28 23.87 -12.39
N THR A 56 -30.92 24.66 -11.53
CA THR A 56 -30.24 25.62 -10.69
C THR A 56 -30.73 25.43 -9.27
N ARG A 57 -30.39 26.34 -8.37
CA ARG A 57 -30.95 26.27 -7.01
C ARG A 57 -32.45 26.42 -7.02
N LYS A 58 -33.01 27.15 -7.99
CA LYS A 58 -34.41 27.51 -7.98
C LYS A 58 -35.22 26.96 -9.14
N ILE A 59 -34.62 26.27 -10.11
CA ILE A 59 -35.35 25.81 -11.28
C ILE A 59 -35.28 24.30 -11.35
N THR A 60 -36.42 23.68 -11.60
CA THR A 60 -36.54 22.23 -11.73
C THR A 60 -37.04 21.86 -13.12
N LEU A 61 -36.50 20.80 -13.67
CA LEU A 61 -37.00 20.21 -14.90
C LEU A 61 -37.58 18.83 -14.60
N LYS A 62 -38.37 18.33 -15.54
CA LYS A 62 -38.90 16.98 -15.46
C LYS A 62 -38.00 15.96 -16.12
N THR A 63 -37.04 16.41 -16.90
CA THR A 63 -36.13 15.60 -17.69
C THR A 63 -34.73 16.19 -17.53
N PRO A 64 -33.67 15.38 -17.42
CA PRO A 64 -32.30 15.86 -17.18
C PRO A 64 -31.58 16.47 -18.39
N LEU A 65 -32.20 16.63 -19.58
CA LEU A 65 -31.46 16.88 -20.81
C LEU A 65 -31.44 18.36 -21.16
N ILE A 66 -30.26 18.86 -21.53
CA ILE A 66 -30.07 20.25 -21.95
C ILE A 66 -29.39 20.23 -23.30
N SER A 67 -29.83 21.11 -24.20
CA SER A 67 -29.14 21.32 -25.45
C SER A 67 -28.10 22.42 -25.29
N SER A 68 -26.94 22.22 -25.86
CA SER A 68 -25.80 23.05 -25.60
C SER A 68 -25.87 24.38 -26.37
N PRO A 69 -25.38 25.46 -25.79
CA PRO A 69 -25.42 26.79 -26.45
C PRO A 69 -24.40 26.95 -27.56
N MET A 70 -24.60 26.21 -28.64
CA MET A 70 -23.72 26.27 -29.80
C MET A 70 -24.54 26.67 -31.03
N ASP A 71 -23.88 27.33 -31.98
CA ASP A 71 -24.58 27.92 -33.12
C ASP A 71 -25.00 26.89 -34.16
N THR A 72 -24.62 25.63 -33.98
CA THR A 72 -25.15 24.55 -34.79
C THR A 72 -26.07 23.65 -33.98
N VAL A 73 -26.45 24.06 -32.78
CA VAL A 73 -27.30 23.23 -31.94
C VAL A 73 -28.59 23.96 -31.57
N THR A 74 -28.47 25.12 -30.92
CA THR A 74 -29.61 25.70 -30.22
C THR A 74 -29.92 27.10 -30.72
N GLU A 75 -31.10 27.24 -31.30
CA GLU A 75 -31.74 28.53 -31.53
C GLU A 75 -33.18 28.29 -31.10
N ALA A 76 -34.09 29.19 -31.49
CA ALA A 76 -35.45 29.13 -30.95
C ALA A 76 -36.10 27.76 -31.15
N ASP A 77 -35.86 27.11 -32.28
CA ASP A 77 -36.56 25.85 -32.56
C ASP A 77 -36.11 24.74 -31.63
N MET A 78 -34.79 24.57 -31.49
CA MET A 78 -34.26 23.58 -30.57
C MET A 78 -34.69 23.89 -29.14
N ALA A 79 -34.76 25.17 -28.77
CA ALA A 79 -35.14 25.53 -27.42
C ALA A 79 -36.60 25.21 -27.15
N ILE A 80 -37.48 25.50 -28.10
CA ILE A 80 -38.89 25.17 -27.95
C ILE A 80 -39.06 23.66 -27.82
N ALA A 81 -38.37 22.90 -28.65
CA ALA A 81 -38.53 21.45 -28.61
C ALA A 81 -37.97 20.86 -27.32
N MET A 82 -36.81 21.31 -26.88
CA MET A 82 -36.26 20.81 -25.64
C MET A 82 -37.16 21.14 -24.46
N ALA A 83 -37.73 22.35 -24.43
CA ALA A 83 -38.66 22.69 -23.37
C ALA A 83 -39.89 21.79 -23.42
N LEU A 84 -40.42 21.54 -24.61
CA LEU A 84 -41.62 20.71 -24.71
C LEU A 84 -41.34 19.27 -24.28
N MET A 85 -40.14 18.77 -24.52
CA MET A 85 -39.85 17.40 -24.13
C MET A 85 -39.51 17.25 -22.67
N GLY A 86 -39.34 18.35 -21.93
CA GLY A 86 -39.06 18.29 -20.52
C GLY A 86 -37.71 18.81 -20.09
N GLY A 87 -36.90 19.33 -21.01
CA GLY A 87 -35.65 19.93 -20.63
C GLY A 87 -35.61 21.41 -20.90
N ILE A 88 -34.54 21.87 -21.50
CA ILE A 88 -34.34 23.30 -21.75
C ILE A 88 -33.21 23.43 -22.75
N GLY A 89 -33.21 24.52 -23.51
CA GLY A 89 -32.08 24.84 -24.35
C GLY A 89 -31.51 26.18 -24.00
N PHE A 90 -30.24 26.41 -24.30
CA PHE A 90 -29.60 27.70 -24.09
C PHE A 90 -29.28 28.30 -25.46
N ILE A 91 -29.88 29.45 -25.76
CA ILE A 91 -29.61 30.12 -27.02
C ILE A 91 -28.16 30.56 -27.05
N HIS A 92 -27.47 30.21 -28.13
CA HIS A 92 -26.07 30.58 -28.28
C HIS A 92 -25.94 32.08 -28.51
N HIS A 93 -24.73 32.59 -28.32
CA HIS A 93 -24.46 34.02 -28.45
C HIS A 93 -23.43 34.32 -29.53
N ASN A 94 -23.28 33.45 -30.52
CA ASN A 94 -22.46 33.76 -31.69
C ASN A 94 -23.29 34.51 -32.71
N CYS A 95 -23.75 35.68 -32.32
CA CYS A 95 -24.71 36.46 -33.07
C CYS A 95 -24.77 37.85 -32.44
N THR A 96 -25.61 38.71 -32.99
CA THR A 96 -25.81 40.02 -32.40
C THR A 96 -26.72 39.90 -31.19
N PRO A 97 -26.62 40.83 -30.24
CA PRO A 97 -27.57 40.82 -29.12
C PRO A 97 -29.01 40.88 -29.55
N GLU A 98 -29.32 41.58 -30.62
CA GLU A 98 -30.70 41.70 -31.08
C GLU A 98 -31.22 40.39 -31.65
N PHE A 99 -30.39 39.67 -32.39
CA PHE A 99 -30.76 38.35 -32.90
C PHE A 99 -31.04 37.37 -31.76
N GLN A 100 -30.17 37.33 -30.76
CA GLN A 100 -30.37 36.43 -29.64
C GLN A 100 -31.59 36.80 -28.82
N ALA A 101 -31.81 38.10 -28.62
CA ALA A 101 -33.02 38.51 -27.91
C ALA A 101 -34.27 38.15 -28.69
N ASN A 102 -34.21 38.22 -30.03
CA ASN A 102 -35.34 37.82 -30.84
C ASN A 102 -35.61 36.32 -30.70
N GLU A 103 -34.57 35.50 -30.67
CA GLU A 103 -34.76 34.07 -30.46
C GLU A 103 -35.41 33.79 -29.11
N VAL A 104 -34.91 34.44 -28.06
CA VAL A 104 -35.49 34.23 -26.74
C VAL A 104 -36.95 34.65 -26.73
N ARG A 105 -37.27 35.79 -27.35
CA ARG A 105 -38.65 36.23 -27.40
C ARG A 105 -39.54 35.24 -28.15
N LYS A 106 -39.04 34.65 -29.22
CA LYS A 106 -39.83 33.65 -29.94
C LYS A 106 -40.11 32.45 -29.05
N VAL A 107 -39.13 32.02 -28.25
CA VAL A 107 -39.37 30.92 -27.34
C VAL A 107 -40.39 31.31 -26.27
N LYS A 108 -40.31 32.54 -25.77
CA LYS A 108 -41.16 32.93 -24.65
C LYS A 108 -42.58 33.29 -25.08
N LYS A 109 -42.90 33.26 -26.37
CA LYS A 109 -44.23 33.58 -26.85
C LYS A 109 -44.84 32.45 -27.67
N PHE A 110 -44.50 31.21 -27.34
CA PHE A 110 -44.74 30.10 -28.27
C PHE A 110 -46.21 29.70 -28.33
N GLU A 111 -46.79 29.28 -27.20
CA GLU A 111 -48.22 29.02 -27.09
C GLU A 111 -48.68 27.97 -28.11
N GLN A 112 -48.25 26.73 -27.86
CA GLN A 112 -48.50 25.59 -28.73
C GLN A 112 -49.91 25.55 -29.30
N GLY A 113 -49.98 25.39 -30.63
CA GLY A 113 -51.24 25.38 -31.34
C GLY A 113 -51.42 26.62 -32.19
N PHE A 114 -50.98 27.75 -31.67
CA PHE A 114 -51.14 29.03 -32.33
C PHE A 114 -50.02 29.24 -33.34
N ILE A 115 -49.89 30.47 -33.82
CA ILE A 115 -48.82 30.86 -34.73
C ILE A 115 -48.02 31.97 -34.08
N THR A 116 -46.72 31.75 -33.90
CA THR A 116 -45.85 32.78 -33.34
C THR A 116 -45.32 33.64 -34.48
N ASP A 117 -45.43 34.96 -34.30
CA ASP A 117 -45.08 35.96 -35.32
C ASP A 117 -45.86 35.72 -36.61
N PRO A 118 -47.18 35.95 -36.61
CA PRO A 118 -47.93 35.83 -37.86
C PRO A 118 -47.57 36.93 -38.83
N VAL A 119 -47.51 36.58 -40.11
CA VAL A 119 -47.15 37.52 -41.15
C VAL A 119 -48.23 38.61 -41.28
N ALA A 188 -63.38 34.53 -33.26
CA ALA A 188 -63.06 33.82 -32.02
C ALA A 188 -62.77 34.81 -30.89
N PRO A 189 -63.14 34.43 -29.67
CA PRO A 189 -62.92 35.31 -28.51
C PRO A 189 -61.46 35.33 -28.08
N ALA A 190 -61.20 35.91 -26.90
CA ALA A 190 -59.85 35.95 -26.35
C ALA A 190 -59.49 34.55 -25.86
N GLY A 191 -58.43 34.42 -25.08
CA GLY A 191 -57.69 33.17 -24.99
C GLY A 191 -58.53 31.90 -25.00
N VAL A 192 -58.36 31.12 -26.06
CA VAL A 192 -59.22 29.99 -26.36
C VAL A 192 -58.39 28.73 -26.10
N THR A 193 -58.89 27.86 -25.23
CA THR A 193 -58.27 26.56 -25.07
C THR A 193 -58.35 25.80 -26.38
N LEU A 194 -57.31 25.00 -26.65
CA LEU A 194 -57.26 24.28 -27.92
C LEU A 194 -58.45 23.36 -28.09
N LYS A 195 -58.89 22.71 -27.00
CA LYS A 195 -60.01 21.79 -27.12
C LYS A 195 -61.29 22.51 -27.51
N GLU A 196 -61.43 23.77 -27.13
CA GLU A 196 -62.56 24.57 -27.61
C GLU A 196 -62.44 24.79 -29.11
N ALA A 197 -61.24 25.14 -29.58
CA ALA A 197 -61.01 25.34 -31.00
C ALA A 197 -61.17 24.04 -31.79
N ASN A 198 -61.38 22.90 -31.12
CA ASN A 198 -61.57 21.61 -31.75
C ASN A 198 -60.29 21.17 -32.45
N LYS A 208 -58.04 28.57 -41.38
CA LYS A 208 -57.56 29.55 -40.41
C LYS A 208 -58.69 30.08 -39.55
N LEU A 209 -58.40 30.29 -38.27
CA LEU A 209 -59.38 30.75 -37.28
C LEU A 209 -58.76 31.91 -36.51
N PRO A 210 -58.95 33.14 -36.98
CA PRO A 210 -58.39 34.29 -36.27
C PRO A 210 -59.05 34.49 -34.91
N ILE A 211 -58.25 34.96 -33.96
CA ILE A 211 -58.74 35.19 -32.61
C ILE A 211 -59.04 36.67 -32.42
N LEU A 218 -56.65 42.18 -34.26
CA LEU A 218 -56.11 40.84 -34.40
C LEU A 218 -54.97 40.60 -33.42
N VAL A 219 -55.14 39.61 -32.55
CA VAL A 219 -54.14 39.29 -31.54
C VAL A 219 -53.53 37.90 -31.74
N ALA A 220 -54.23 36.98 -32.39
CA ALA A 220 -53.72 35.62 -32.55
C ALA A 220 -54.42 34.96 -33.73
N ILE A 221 -53.69 34.07 -34.39
CA ILE A 221 -54.21 33.31 -35.52
C ILE A 221 -53.87 31.84 -35.31
N ILE A 222 -54.74 30.97 -35.80
CA ILE A 222 -54.54 29.53 -35.76
C ILE A 222 -54.62 29.00 -37.19
N ALA A 223 -53.74 28.07 -37.52
CA ALA A 223 -53.87 27.27 -38.74
C ALA A 223 -54.38 25.89 -38.36
N ARG A 224 -55.40 25.43 -39.07
CA ARG A 224 -56.09 24.22 -38.62
C ARG A 224 -55.22 22.98 -38.77
N THR A 225 -54.23 23.01 -39.66
CA THR A 225 -53.30 21.88 -39.74
C THR A 225 -52.45 21.78 -38.48
N ASP A 226 -52.02 22.93 -37.95
CA ASP A 226 -51.24 22.93 -36.73
C ASP A 226 -52.04 22.38 -35.56
N LEU A 227 -53.36 22.54 -35.61
CA LEU A 227 -54.24 21.96 -34.60
C LEU A 227 -54.56 20.50 -34.86
N LYS A 228 -54.51 20.07 -36.12
CA LYS A 228 -54.75 18.66 -36.42
C LYS A 228 -53.55 17.81 -36.02
N LYS A 229 -52.35 18.35 -36.18
CA LYS A 229 -51.14 17.65 -35.75
C LYS A 229 -50.73 18.12 -34.35
N ASN A 230 -51.68 18.01 -33.42
CA ASN A 230 -51.48 18.40 -32.04
C ASN A 230 -51.10 17.20 -31.20
N ARG A 231 -50.21 17.42 -30.23
CA ARG A 231 -49.79 16.39 -29.29
C ARG A 231 -49.94 16.89 -27.86
N ASP A 232 -49.84 15.95 -26.93
CA ASP A 232 -49.82 16.28 -25.52
C ASP A 232 -48.38 16.41 -25.06
N TYR A 233 -48.16 17.23 -24.05
CA TYR A 233 -46.82 17.45 -23.49
C TYR A 233 -46.93 17.52 -21.97
N PRO A 234 -47.02 16.36 -21.32
CA PRO A 234 -47.16 16.36 -19.87
C PRO A 234 -45.97 16.91 -19.11
N LEU A 235 -44.79 17.00 -19.75
CA LEU A 235 -43.57 17.40 -19.07
C LEU A 235 -43.03 18.73 -19.59
N ALA A 236 -43.89 19.64 -20.02
CA ALA A 236 -43.52 20.71 -20.93
C ALA A 236 -42.61 21.79 -20.35
N SER A 237 -42.15 21.73 -19.11
CA SER A 237 -41.04 22.59 -18.65
C SER A 237 -41.40 24.08 -18.77
N LYS A 238 -42.33 24.52 -17.93
CA LYS A 238 -42.88 25.86 -18.03
C LYS A 238 -42.59 26.69 -16.78
N ASP A 239 -42.75 28.00 -16.91
CA ASP A 239 -42.56 28.90 -15.79
C ASP A 239 -43.90 29.23 -15.13
N SER A 240 -43.89 30.21 -14.23
CA SER A 240 -45.10 30.57 -13.50
C SER A 240 -46.20 31.05 -14.44
N GLN A 241 -45.84 31.88 -15.42
CA GLN A 241 -46.81 32.41 -16.37
C GLN A 241 -47.15 31.44 -17.50
N LYS A 242 -46.82 30.16 -17.33
CA LYS A 242 -47.22 29.10 -18.25
C LYS A 242 -46.52 29.21 -19.61
N GLN A 243 -45.39 29.91 -19.65
CA GLN A 243 -44.56 30.01 -20.85
C GLN A 243 -43.41 29.03 -20.76
N LEU A 244 -42.87 28.69 -21.93
CA LEU A 244 -41.73 27.78 -21.96
C LEU A 244 -40.51 28.45 -21.34
N LEU A 245 -39.71 27.65 -20.63
CA LEU A 245 -38.45 28.11 -20.08
C LEU A 245 -37.40 28.27 -21.18
N CYS A 246 -36.52 29.24 -20.99
CA CYS A 246 -35.47 29.47 -21.97
C CYS A 246 -34.21 29.96 -21.28
N GLY A 247 -33.06 29.50 -21.76
CA GLY A 247 -31.78 29.98 -21.31
C GLY A 247 -31.06 30.74 -22.42
N ALA A 248 -29.94 31.35 -22.04
CA ALA A 248 -29.14 32.08 -23.00
C ALA A 248 -27.70 32.09 -22.54
N ALA A 249 -26.78 32.02 -23.48
CA ALA A 249 -25.36 32.15 -23.20
C ALA A 249 -24.92 33.60 -23.34
N VAL A 250 -23.90 33.96 -22.57
CA VAL A 250 -23.35 35.30 -22.54
C VAL A 250 -21.88 35.19 -22.19
N GLY A 251 -21.05 36.06 -22.75
CA GLY A 251 -19.64 36.13 -22.44
C GLY A 251 -19.36 36.95 -21.19
N THR A 252 -18.09 37.24 -20.97
CA THR A 252 -17.69 38.00 -19.79
C THR A 252 -17.02 39.32 -20.14
N ARG A 253 -17.32 39.87 -21.30
CA ARG A 253 -16.72 41.13 -21.69
C ARG A 253 -17.72 42.27 -21.43
N GLU A 254 -17.27 43.50 -21.64
CA GLU A 254 -18.10 44.64 -21.30
C GLU A 254 -19.28 44.81 -22.23
N ASP A 255 -19.16 44.32 -23.47
CA ASP A 255 -20.28 44.39 -24.39
C ASP A 255 -21.43 43.51 -23.94
N ASP A 256 -21.12 42.47 -23.17
CA ASP A 256 -22.14 41.51 -22.75
C ASP A 256 -23.14 42.10 -21.77
N LYS A 257 -22.83 43.24 -21.17
CA LYS A 257 -23.80 43.86 -20.28
C LYS A 257 -25.03 44.36 -21.05
N TYR A 258 -24.81 44.91 -22.24
CA TYR A 258 -25.93 45.35 -23.06
C TYR A 258 -26.73 44.17 -23.61
N ARG A 259 -26.03 43.11 -24.03
CA ARG A 259 -26.71 41.89 -24.44
C ARG A 259 -27.54 41.33 -23.31
N LEU A 260 -27.04 41.42 -22.08
CA LEU A 260 -27.77 40.93 -20.92
C LEU A 260 -29.02 41.77 -20.65
N ASP A 261 -28.91 43.09 -20.80
CA ASP A 261 -30.10 43.93 -20.69
C ASP A 261 -31.15 43.50 -21.70
N LEU A 262 -30.73 43.31 -22.95
CA LEU A 262 -31.66 42.90 -24.00
C LEU A 262 -32.28 41.55 -23.68
N LEU A 263 -31.51 40.63 -23.12
CA LEU A 263 -32.04 39.30 -22.86
C LEU A 263 -33.01 39.29 -21.68
N THR A 264 -32.76 40.10 -20.65
CA THR A 264 -33.72 40.16 -19.56
C THR A 264 -35.01 40.86 -19.99
N GLN A 265 -34.92 41.80 -20.92
CA GLN A 265 -36.15 42.38 -21.44
C GLN A 265 -36.96 41.37 -22.23
N ALA A 266 -36.31 40.41 -22.88
CA ALA A 266 -37.02 39.41 -23.64
C ALA A 266 -37.63 38.32 -22.77
N GLY A 267 -37.25 38.23 -21.50
CA GLY A 267 -37.85 37.29 -20.58
C GLY A 267 -37.07 36.03 -20.29
N VAL A 268 -35.75 36.05 -20.43
CA VAL A 268 -34.94 34.86 -20.21
C VAL A 268 -34.98 34.44 -18.74
N ASP A 269 -34.91 33.14 -18.50
CA ASP A 269 -35.05 32.61 -17.15
C ASP A 269 -33.73 32.28 -16.48
N VAL A 270 -32.74 31.84 -17.24
CA VAL A 270 -31.46 31.44 -16.69
C VAL A 270 -30.39 31.83 -17.68
N ILE A 271 -29.24 32.24 -17.18
CA ILE A 271 -28.10 32.68 -17.98
C ILE A 271 -26.95 31.72 -17.71
N VAL A 272 -26.27 31.29 -18.76
CA VAL A 272 -25.01 30.56 -18.59
C VAL A 272 -23.89 31.46 -19.08
N LEU A 273 -22.85 31.59 -18.25
CA LEU A 273 -21.65 32.33 -18.63
C LEU A 273 -20.73 31.40 -19.40
N ASP A 274 -20.51 31.71 -20.67
CA ASP A 274 -19.89 30.81 -21.63
C ASP A 274 -18.40 31.05 -21.65
N SER A 275 -17.63 30.07 -21.14
CA SER A 275 -16.18 30.18 -21.14
C SER A 275 -15.58 28.80 -21.05
N SER A 276 -14.39 28.65 -21.62
CA SER A 276 -13.66 27.41 -21.49
C SER A 276 -13.05 27.26 -20.10
N GLN A 277 -12.76 28.36 -19.42
CA GLN A 277 -12.15 28.34 -18.10
C GLN A 277 -12.83 29.42 -17.27
N GLY A 278 -13.81 29.03 -16.45
CA GLY A 278 -14.64 29.96 -15.72
C GLY A 278 -14.02 30.55 -14.48
N ASN A 279 -12.90 30.04 -14.00
CA ASN A 279 -12.29 30.53 -12.77
C ASN A 279 -11.37 31.72 -13.06
N SER A 280 -12.00 32.84 -13.39
CA SER A 280 -11.29 34.06 -13.77
C SER A 280 -11.86 35.25 -13.01
N VAL A 281 -11.08 36.33 -12.96
CA VAL A 281 -11.58 37.58 -12.39
C VAL A 281 -12.71 38.14 -13.22
N TYR A 282 -12.71 37.88 -14.53
CA TYR A 282 -13.73 38.43 -15.41
C TYR A 282 -15.08 37.79 -15.16
N GLN A 283 -15.12 36.46 -15.09
CA GLN A 283 -16.38 35.79 -14.82
C GLN A 283 -16.90 36.10 -13.43
N ILE A 284 -16.02 36.27 -12.45
CA ILE A 284 -16.47 36.57 -11.10
C ILE A 284 -17.02 37.99 -11.02
N ALA A 285 -16.37 38.94 -11.68
CA ALA A 285 -16.94 40.27 -11.83
C ALA A 285 -18.32 40.21 -12.48
N MET A 286 -18.46 39.38 -13.51
CA MET A 286 -19.74 39.30 -14.21
C MET A 286 -20.83 38.70 -13.33
N VAL A 287 -20.50 37.67 -12.56
CA VAL A 287 -21.46 37.08 -11.64
C VAL A 287 -21.91 38.12 -10.61
N HIS A 288 -20.97 38.92 -10.11
CA HIS A 288 -21.35 39.95 -9.14
C HIS A 288 -22.22 41.04 -9.76
N TYR A 289 -21.86 41.48 -10.97
CA TYR A 289 -22.65 42.48 -11.67
C TYR A 289 -24.08 41.99 -11.89
N ILE A 290 -24.24 40.75 -12.34
CA ILE A 290 -25.57 40.23 -12.58
C ILE A 290 -26.35 40.13 -11.28
N LYS A 291 -25.73 39.58 -10.23
CA LYS A 291 -26.47 39.41 -9.00
C LYS A 291 -26.89 40.74 -8.38
N GLN A 292 -26.12 41.80 -8.64
CA GLN A 292 -26.54 43.11 -8.16
C GLN A 292 -27.66 43.70 -9.03
N LYS A 293 -27.55 43.59 -10.34
CA LYS A 293 -28.51 44.28 -11.20
C LYS A 293 -29.81 43.49 -11.41
N TYR A 294 -29.76 42.16 -11.43
CA TYR A 294 -30.94 41.33 -11.70
C TYR A 294 -31.03 40.24 -10.65
N PRO A 295 -31.48 40.57 -9.44
CA PRO A 295 -31.46 39.58 -8.36
C PRO A 295 -32.35 38.39 -8.61
N HIS A 296 -33.34 38.49 -9.49
CA HIS A 296 -34.23 37.37 -9.78
C HIS A 296 -33.58 36.35 -10.70
N LEU A 297 -32.65 36.78 -11.54
CA LEU A 297 -32.06 35.94 -12.56
C LEU A 297 -31.23 34.80 -11.95
N GLN A 298 -31.25 33.66 -12.62
CA GLN A 298 -30.44 32.51 -12.23
C GLN A 298 -29.22 32.44 -13.15
N VAL A 299 -28.04 32.23 -12.57
CA VAL A 299 -26.78 32.26 -13.30
C VAL A 299 -26.07 30.93 -13.12
N ILE A 300 -25.53 30.41 -14.21
CA ILE A 300 -24.72 29.20 -14.22
C ILE A 300 -23.31 29.57 -14.64
N GLY A 301 -22.33 29.26 -13.80
CA GLY A 301 -20.94 29.50 -14.10
C GLY A 301 -20.24 28.28 -14.66
N GLY A 302 -19.08 28.51 -15.26
CA GLY A 302 -18.32 27.43 -15.85
C GLY A 302 -17.56 27.92 -17.05
N ASN A 303 -16.83 26.99 -17.67
CA ASN A 303 -16.75 25.60 -17.25
C ASN A 303 -15.66 25.39 -16.20
N VAL A 304 -15.83 24.39 -15.35
CA VAL A 304 -14.88 24.07 -14.29
C VAL A 304 -14.66 22.56 -14.29
N VAL A 305 -13.51 22.09 -13.85
CA VAL A 305 -13.19 20.66 -13.72
C VAL A 305 -12.57 20.29 -12.37
N THR A 306 -12.34 21.24 -11.48
CA THR A 306 -11.78 21.01 -10.14
C THR A 306 -12.61 21.68 -9.06
N ALA A 307 -12.53 21.15 -7.84
CA ALA A 307 -13.18 21.73 -6.67
C ALA A 307 -12.70 23.16 -6.34
N ALA A 308 -11.47 23.56 -6.68
CA ALA A 308 -10.94 24.91 -6.42
C ALA A 308 -11.63 26.00 -7.25
N GLN A 309 -11.83 25.77 -8.55
CA GLN A 309 -12.65 26.60 -9.41
C GLN A 309 -14.08 26.66 -8.91
N ALA A 310 -14.63 25.51 -8.57
CA ALA A 310 -16.00 25.45 -8.09
C ALA A 310 -16.19 26.30 -6.85
N LYS A 311 -15.23 26.27 -5.90
CA LYS A 311 -15.24 27.09 -4.69
C LYS A 311 -15.31 28.56 -5.06
N ASN A 312 -14.40 29.02 -5.93
CA ASN A 312 -14.40 30.44 -6.30
C ASN A 312 -15.75 30.86 -6.87
N LEU A 313 -16.31 30.05 -7.76
CA LEU A 313 -17.55 30.45 -8.40
C LEU A 313 -18.75 30.35 -7.47
N ILE A 314 -18.77 29.38 -6.56
CA ILE A 314 -19.88 29.25 -5.63
C ILE A 314 -19.84 30.36 -4.60
N ASP A 315 -18.64 30.78 -4.18
CA ASP A 315 -18.52 31.95 -3.33
C ASP A 315 -18.90 33.23 -4.06
N ALA A 316 -18.73 33.28 -5.39
CA ALA A 316 -19.24 34.43 -6.12
C ALA A 316 -20.77 34.48 -6.09
N GLY A 317 -21.43 33.34 -6.06
CA GLY A 317 -22.87 33.31 -5.94
C GLY A 317 -23.63 32.67 -7.10
N VAL A 318 -22.98 31.81 -7.89
CA VAL A 318 -23.70 31.13 -8.96
C VAL A 318 -24.71 30.15 -8.38
N ASP A 319 -25.71 29.82 -9.18
CA ASP A 319 -26.74 28.87 -8.79
C ASP A 319 -26.57 27.52 -9.46
N GLY A 320 -25.59 27.38 -10.34
CA GLY A 320 -25.29 26.11 -10.95
C GLY A 320 -23.91 26.17 -11.55
N LEU A 321 -23.36 25.00 -11.83
CA LEU A 321 -22.04 24.90 -12.42
C LEU A 321 -22.09 24.03 -13.66
N ARG A 322 -21.34 24.44 -14.67
CA ARG A 322 -21.16 23.69 -15.91
C ARG A 322 -19.79 23.04 -15.87
N VAL A 323 -19.74 21.72 -15.96
CA VAL A 323 -18.52 20.95 -15.72
C VAL A 323 -18.06 20.32 -17.02
N GLY A 324 -16.76 20.45 -17.31
CA GLY A 324 -16.17 19.83 -18.49
C GLY A 324 -15.14 20.70 -19.19
N MET A 325 -14.03 20.11 -19.59
CA MET A 325 -12.99 20.85 -20.29
C MET A 325 -12.23 19.87 -21.16
N GLY A 326 -12.34 20.05 -22.47
CA GLY A 326 -11.63 19.21 -23.42
C GLY A 326 -12.23 17.84 -23.63
N CYS A 327 -13.41 17.58 -23.11
CA CYS A 327 -14.06 16.29 -23.28
C CYS A 327 -15.03 16.27 -24.43
N GLY A 328 -15.36 17.41 -25.00
CA GLY A 328 -16.31 17.48 -26.08
C GLY A 328 -15.81 16.79 -27.34
N SER A 329 -16.76 16.44 -28.19
CA SER A 329 -16.42 15.72 -29.42
C SER A 329 -15.62 16.58 -30.37
N ILE A 330 -15.90 17.89 -30.40
CA ILE A 330 -15.25 18.80 -31.34
C ILE A 330 -14.04 19.51 -30.75
N CYS A 331 -13.67 19.23 -29.50
CA CYS A 331 -12.67 20.00 -28.78
C CYS A 331 -11.26 19.44 -29.00
N ILE A 332 -10.28 20.33 -29.08
CA ILE A 332 -8.89 19.94 -29.18
C ILE A 332 -8.05 20.67 -28.14
N THR A 333 -8.68 21.15 -27.07
CA THR A 333 -8.01 22.01 -26.10
C THR A 333 -6.92 21.26 -25.34
N GLN A 334 -7.21 20.04 -24.88
CA GLN A 334 -6.21 19.30 -24.12
C GLN A 334 -4.94 19.10 -24.92
N GLU A 335 -5.05 19.00 -26.23
CA GLU A 335 -3.91 18.75 -27.10
C GLU A 335 -3.19 20.02 -27.52
N VAL A 336 -3.81 21.18 -27.41
CA VAL A 336 -3.15 22.43 -27.80
C VAL A 336 -2.89 23.36 -26.61
N MET A 337 -3.51 23.13 -25.45
CA MET A 337 -3.19 23.90 -24.26
C MET A 337 -2.76 23.06 -23.08
N ALA A 338 -2.79 21.73 -23.19
CA ALA A 338 -2.33 20.80 -22.17
C ALA A 338 -3.17 20.81 -20.90
N CYS A 339 -4.32 21.45 -20.91
CA CYS A 339 -5.10 21.68 -19.70
C CYS A 339 -6.50 21.10 -19.85
N GLY A 340 -6.93 20.34 -18.85
CA GLY A 340 -8.24 19.72 -18.88
C GLY A 340 -8.33 18.63 -17.83
N ARG A 341 -9.37 17.82 -17.90
CA ARG A 341 -9.53 16.67 -17.01
C ARG A 341 -10.37 15.60 -17.69
N PRO A 342 -10.12 14.32 -17.43
CA PRO A 342 -11.07 13.27 -17.84
C PRO A 342 -12.43 13.49 -17.21
N GLN A 343 -13.48 13.32 -18.02
CA GLN A 343 -14.78 13.88 -17.69
C GLN A 343 -15.49 13.17 -16.55
N GLY A 344 -15.35 11.85 -16.45
CA GLY A 344 -15.98 11.14 -15.35
C GLY A 344 -15.43 11.58 -14.00
N THR A 345 -14.12 11.69 -13.89
CA THR A 345 -13.49 12.16 -12.67
C THR A 345 -13.90 13.59 -12.34
N ALA A 346 -13.91 14.46 -13.35
CA ALA A 346 -14.28 15.85 -13.12
C ALA A 346 -15.72 15.97 -12.63
N VAL A 347 -16.62 15.18 -13.22
CA VAL A 347 -18.01 15.21 -12.79
C VAL A 347 -18.13 14.74 -11.35
N TYR A 348 -17.50 13.63 -10.99
CA TYR A 348 -17.55 13.14 -9.62
C TYR A 348 -16.99 14.16 -8.63
N LYS A 349 -15.80 14.70 -8.90
CA LYS A 349 -15.12 15.62 -7.98
C LYS A 349 -15.89 16.92 -7.81
N VAL A 350 -16.37 17.54 -8.89
CA VAL A 350 -17.06 18.81 -8.76
C VAL A 350 -18.45 18.61 -8.17
N ALA A 351 -19.17 17.55 -8.54
CA ALA A 351 -20.49 17.30 -7.98
C ALA A 351 -20.42 17.03 -6.48
N GLU A 352 -19.44 16.24 -6.03
CA GLU A 352 -19.24 15.98 -4.61
C GLU A 352 -18.89 17.26 -3.84
N TYR A 353 -18.09 18.17 -4.40
CA TYR A 353 -17.81 19.43 -3.74
C TYR A 353 -19.04 20.35 -3.73
N ALA A 354 -19.69 20.53 -4.88
CA ALA A 354 -20.79 21.48 -5.00
C ALA A 354 -22.04 21.03 -4.25
N ARG A 355 -22.21 19.73 -3.98
CA ARG A 355 -23.29 19.19 -3.15
C ARG A 355 -23.25 19.73 -1.73
N ARG A 356 -22.07 20.08 -1.20
CA ARG A 356 -21.90 20.61 0.16
C ARG A 356 -22.60 21.96 0.34
N PHE A 357 -22.85 22.67 -0.75
CA PHE A 357 -23.50 23.97 -0.80
C PHE A 357 -24.88 23.95 -1.44
N GLY A 358 -25.42 22.77 -1.82
CA GLY A 358 -26.70 22.69 -2.49
C GLY A 358 -26.71 23.23 -3.90
N VAL A 359 -25.61 23.13 -4.62
CA VAL A 359 -25.50 23.62 -6.00
C VAL A 359 -25.47 22.41 -6.93
N PRO A 360 -26.37 22.34 -7.90
CA PRO A 360 -26.32 21.24 -8.88
C PRO A 360 -25.38 21.54 -10.04
N ILE A 361 -24.85 20.49 -10.64
CA ILE A 361 -23.90 20.68 -11.73
C ILE A 361 -24.43 20.04 -13.00
N ILE A 362 -24.03 20.61 -14.13
CA ILE A 362 -24.32 20.06 -15.46
C ILE A 362 -23.09 19.35 -15.97
N ALA A 363 -23.24 18.09 -16.37
CA ALA A 363 -22.16 17.35 -17.02
C ALA A 363 -22.20 17.66 -18.50
N ASP A 364 -21.19 18.38 -18.99
CA ASP A 364 -21.22 18.94 -20.34
C ASP A 364 -20.03 18.43 -21.14
N GLY A 365 -20.31 17.63 -22.16
CA GLY A 365 -19.27 17.22 -23.09
C GLY A 365 -18.93 15.75 -23.04
N GLY A 366 -18.86 15.11 -24.21
CA GLY A 366 -18.43 13.74 -24.27
C GLY A 366 -19.52 12.71 -24.12
N ILE A 367 -20.77 13.10 -24.25
CA ILE A 367 -21.89 12.18 -24.18
C ILE A 367 -22.20 11.70 -25.59
N GLN A 368 -22.02 10.39 -25.81
CA GLN A 368 -22.36 9.80 -27.10
C GLN A 368 -23.52 8.82 -27.03
N THR A 369 -23.68 8.13 -25.92
CA THR A 369 -24.65 7.06 -25.80
C THR A 369 -25.57 7.33 -24.62
N VAL A 370 -26.62 6.53 -24.51
CA VAL A 370 -27.50 6.60 -23.36
C VAL A 370 -26.77 6.15 -22.10
N GLY A 371 -25.90 5.14 -22.23
CA GLY A 371 -25.15 4.67 -21.09
C GLY A 371 -24.25 5.74 -20.51
N HIS A 372 -23.75 6.64 -21.34
CA HIS A 372 -22.98 7.78 -20.85
C HIS A 372 -23.85 8.71 -20.01
N VAL A 373 -25.08 8.94 -20.43
CA VAL A 373 -25.99 9.78 -19.65
C VAL A 373 -26.24 9.16 -18.29
N VAL A 374 -26.50 7.85 -18.25
CA VAL A 374 -26.75 7.15 -17.00
C VAL A 374 -25.51 7.20 -16.11
N LYS A 375 -24.30 7.03 -16.67
CA LYS A 375 -23.09 7.10 -15.88
C LYS A 375 -22.86 8.49 -15.32
N ALA A 376 -23.15 9.53 -16.10
CA ALA A 376 -22.98 10.90 -15.63
C ALA A 376 -23.93 11.20 -14.49
N LEU A 377 -25.21 10.84 -14.61
CA LEU A 377 -26.19 11.07 -13.54
C LEU A 377 -25.86 10.25 -12.28
N ALA A 378 -25.39 9.00 -12.43
CA ALA A 378 -24.93 8.19 -11.31
C ALA A 378 -23.70 8.77 -10.59
N LEU A 379 -22.77 9.40 -11.30
CA LEU A 379 -21.60 10.07 -10.71
C LEU A 379 -21.91 11.41 -10.02
N GLY A 380 -23.17 11.86 -10.00
CA GLY A 380 -23.57 13.04 -9.23
C GLY A 380 -24.02 14.24 -10.07
N ALA A 381 -23.97 14.19 -11.39
CA ALA A 381 -24.55 15.24 -12.22
C ALA A 381 -26.06 15.35 -12.00
N SER A 382 -26.60 16.57 -12.00
CA SER A 382 -28.05 16.79 -11.92
C SER A 382 -28.69 16.82 -13.30
N THR A 383 -28.03 17.42 -14.29
CA THR A 383 -28.49 17.48 -15.66
C THR A 383 -27.32 17.17 -16.58
N VAL A 384 -27.63 16.85 -17.83
CA VAL A 384 -26.63 16.51 -18.83
C VAL A 384 -26.83 17.44 -20.03
N MET A 385 -25.74 18.00 -20.52
CA MET A 385 -25.77 18.88 -21.69
C MET A 385 -25.22 18.15 -22.90
N MET A 386 -25.91 18.29 -24.03
CA MET A 386 -25.54 17.56 -25.24
C MET A 386 -25.39 18.53 -26.40
N GLY A 387 -24.23 18.51 -27.04
CA GLY A 387 -24.10 19.17 -28.31
C GLY A 387 -24.27 18.28 -29.51
N SER A 388 -23.44 17.24 -29.63
CA SER A 388 -23.37 16.48 -30.87
C SER A 388 -24.45 15.43 -30.99
N LEU A 389 -24.98 14.95 -29.88
CA LEU A 389 -26.06 13.98 -29.92
C LEU A 389 -27.33 14.60 -30.50
N LEU A 390 -27.50 15.91 -30.38
CA LEU A 390 -28.67 16.60 -30.87
C LEU A 390 -28.41 17.38 -32.15
N ALA A 391 -27.16 17.40 -32.62
CA ALA A 391 -26.87 17.98 -33.91
C ALA A 391 -27.40 17.07 -35.02
N ALA A 392 -27.63 17.66 -36.18
CA ALA A 392 -28.23 16.96 -37.31
C ALA A 392 -29.62 16.43 -36.98
N THR A 393 -30.29 17.08 -36.06
CA THR A 393 -31.72 16.89 -35.90
C THR A 393 -32.45 17.99 -36.64
N THR A 394 -33.75 17.81 -36.83
CA THR A 394 -34.52 18.76 -37.62
C THR A 394 -34.52 20.15 -36.99
N GLU A 395 -34.63 20.21 -35.66
CA GLU A 395 -34.71 21.48 -34.97
C GLU A 395 -33.37 22.21 -34.95
N ALA A 396 -32.27 21.54 -35.26
CA ALA A 396 -30.97 22.18 -35.20
C ALA A 396 -30.86 23.26 -36.27
N PRO A 397 -30.10 24.32 -36.02
CA PRO A 397 -29.92 25.36 -37.02
C PRO A 397 -29.11 24.84 -38.20
N GLY A 398 -29.12 25.61 -39.28
CA GLY A 398 -28.36 25.25 -40.45
C GLY A 398 -29.20 24.50 -41.47
N GLU A 399 -28.51 23.99 -42.48
CA GLU A 399 -29.14 23.36 -43.62
C GLU A 399 -28.61 21.95 -43.80
N TYR A 400 -29.46 21.07 -44.31
CA TYR A 400 -29.03 19.73 -44.66
C TYR A 400 -28.27 19.75 -45.97
N PHE A 401 -27.31 18.84 -46.10
CA PHE A 401 -26.59 18.68 -47.35
C PHE A 401 -26.24 17.21 -47.52
N PHE A 402 -25.88 16.85 -48.75
CA PHE A 402 -25.62 15.47 -49.11
C PHE A 402 -24.14 15.27 -49.43
N SER A 403 -23.65 14.10 -49.08
CA SER A 403 -22.25 13.74 -49.36
C SER A 403 -22.14 12.23 -49.31
N ASP A 404 -21.80 11.62 -50.45
CA ASP A 404 -21.65 10.17 -50.56
C ASP A 404 -22.95 9.44 -50.18
N GLY A 405 -24.07 10.04 -50.53
CA GLY A 405 -25.35 9.40 -50.29
C GLY A 405 -25.80 9.39 -48.85
N VAL A 406 -25.23 10.27 -48.02
CA VAL A 406 -25.59 10.37 -46.61
C VAL A 406 -25.94 11.82 -46.34
N ARG A 407 -27.17 12.05 -45.87
CA ARG A 407 -27.57 13.40 -45.51
C ARG A 407 -26.81 13.85 -44.27
N LEU A 408 -26.29 15.08 -44.30
CA LEU A 408 -25.43 15.57 -43.24
C LEU A 408 -25.81 16.99 -42.87
N LYS A 409 -25.55 17.34 -41.62
CA LYS A 409 -25.63 18.71 -41.13
C LYS A 409 -24.29 19.09 -40.53
N LYS A 410 -23.93 20.35 -40.67
CA LYS A 410 -22.66 20.83 -40.14
C LYS A 410 -22.71 20.97 -38.63
N TYR A 411 -21.63 20.60 -37.96
CA TYR A 411 -21.51 20.75 -36.51
C TYR A 411 -20.08 21.11 -36.18
N ARG A 412 -19.88 22.30 -35.63
CA ARG A 412 -18.55 22.82 -35.34
C ARG A 412 -18.49 23.25 -33.89
N GLY A 413 -17.27 23.38 -33.39
CA GLY A 413 -17.07 23.96 -32.07
C GLY A 413 -17.10 25.47 -32.12
N MET A 414 -17.31 26.07 -30.95
CA MET A 414 -17.31 27.52 -30.83
C MET A 414 -15.91 28.11 -30.89
N GLY A 415 -14.89 27.31 -30.64
CA GLY A 415 -13.51 27.72 -30.78
C GLY A 415 -12.86 27.36 -32.09
N SER A 416 -13.58 26.72 -32.99
CA SER A 416 -13.02 26.46 -34.31
C SER A 416 -12.85 27.76 -35.07
N LEU A 417 -11.91 27.77 -36.01
CA LEU A 417 -11.59 29.00 -36.71
C LEU A 417 -12.80 29.55 -37.44
N ASP A 418 -13.60 28.66 -38.04
CA ASP A 418 -14.80 29.10 -38.74
C ASP A 418 -15.75 29.84 -37.80
N ALA A 419 -15.97 29.29 -36.61
CA ALA A 419 -16.94 29.89 -35.69
C ALA A 419 -16.42 31.19 -35.08
N MET A 420 -15.11 31.37 -34.99
CA MET A 420 -14.56 32.60 -34.46
C MET A 420 -14.45 33.71 -35.50
N GLU A 421 -14.77 33.42 -36.76
CA GLU A 421 -14.72 34.42 -37.81
C GLU A 421 -16.08 35.08 -38.00
N VAL A 437 -2.83 36.86 -34.24
CA VAL A 437 -2.76 35.41 -34.31
C VAL A 437 -3.85 34.78 -33.45
N LYS A 438 -4.64 33.90 -34.06
CA LYS A 438 -5.75 33.25 -33.39
C LYS A 438 -5.48 31.76 -33.27
N ILE A 439 -5.40 31.27 -32.03
CA ILE A 439 -5.27 29.85 -31.77
C ILE A 439 -6.65 29.21 -31.85
N ALA A 440 -6.76 28.11 -32.59
CA ALA A 440 -8.00 27.38 -32.69
C ALA A 440 -8.11 26.35 -31.57
N GLN A 441 -9.29 26.29 -30.94
CA GLN A 441 -9.52 25.38 -29.84
C GLN A 441 -10.64 24.38 -30.13
N GLY A 442 -11.09 24.32 -31.37
CA GLY A 442 -12.12 23.38 -31.76
C GLY A 442 -12.01 23.05 -33.23
N VAL A 443 -12.73 22.02 -33.63
CA VAL A 443 -12.67 21.50 -34.99
C VAL A 443 -14.06 21.58 -35.58
N SER A 444 -14.14 21.51 -36.91
CA SER A 444 -15.40 21.64 -37.64
C SER A 444 -15.64 20.39 -38.47
N GLY A 445 -16.84 19.85 -38.38
CA GLY A 445 -17.20 18.64 -39.09
C GLY A 445 -18.66 18.56 -39.44
N SER A 446 -19.17 17.34 -39.59
CA SER A 446 -20.55 17.11 -39.98
C SER A 446 -21.09 15.88 -39.26
N ILE A 447 -22.41 15.87 -39.06
CA ILE A 447 -23.10 14.79 -38.39
C ILE A 447 -24.17 14.26 -39.34
N GLN A 448 -24.46 12.96 -39.21
CA GLN A 448 -25.47 12.32 -40.05
C GLN A 448 -26.85 12.52 -39.46
N ASP A 449 -27.83 12.73 -40.34
CA ASP A 449 -29.16 13.14 -39.91
C ASP A 449 -29.80 12.15 -38.95
N LYS A 450 -30.55 12.67 -37.98
CA LYS A 450 -31.19 11.88 -36.95
C LYS A 450 -32.68 12.05 -36.86
N GLY A 451 -33.28 13.03 -37.53
CA GLY A 451 -34.70 13.22 -37.45
C GLY A 451 -35.11 14.32 -36.49
N SER A 452 -36.26 14.19 -35.87
CA SER A 452 -36.79 15.24 -35.00
C SER A 452 -36.41 15.00 -33.54
N ILE A 453 -36.26 16.10 -32.80
CA ILE A 453 -36.01 16.01 -31.38
C ILE A 453 -37.14 15.29 -30.67
N GLN A 454 -38.37 15.49 -31.14
CA GLN A 454 -39.54 14.91 -30.48
C GLN A 454 -39.69 13.42 -30.73
N LYS A 455 -38.86 12.85 -31.61
CA LYS A 455 -38.74 11.40 -31.74
C LYS A 455 -37.52 10.87 -31.01
N PHE A 456 -36.44 11.64 -30.96
CA PHE A 456 -35.18 11.15 -30.44
C PHE A 456 -35.11 11.25 -28.92
N VAL A 457 -35.62 12.32 -28.34
CA VAL A 457 -35.57 12.53 -26.90
C VAL A 457 -36.39 11.48 -26.15
N PRO A 458 -37.56 11.05 -26.62
CA PRO A 458 -38.24 9.94 -25.92
C PRO A 458 -37.44 8.65 -25.89
N TYR A 459 -36.69 8.36 -26.94
CA TYR A 459 -35.81 7.19 -26.92
C TYR A 459 -34.76 7.32 -25.83
N LEU A 460 -34.17 8.52 -25.69
CA LEU A 460 -33.21 8.76 -24.62
C LEU A 460 -33.85 8.58 -23.26
N ILE A 461 -35.06 9.11 -23.08
CA ILE A 461 -35.73 9.01 -21.78
C ILE A 461 -35.98 7.56 -21.42
N ALA A 462 -36.43 6.76 -22.40
CA ALA A 462 -36.67 5.35 -22.14
C ALA A 462 -35.37 4.62 -21.79
N GLY A 463 -34.29 4.91 -22.51
CA GLY A 463 -33.01 4.30 -22.16
C GLY A 463 -32.56 4.66 -20.76
N ILE A 464 -32.72 5.91 -20.34
CA ILE A 464 -32.34 6.35 -19.00
C ILE A 464 -33.20 5.63 -17.96
N GLN A 465 -34.51 5.52 -18.19
CA GLN A 465 -35.38 4.85 -17.24
C GLN A 465 -35.02 3.37 -17.10
N HIS A 466 -34.63 2.74 -18.21
CA HIS A 466 -34.30 1.33 -18.16
C HIS A 466 -32.97 1.10 -17.47
N GLY A 467 -31.97 1.95 -17.73
CA GLY A 467 -30.74 1.86 -16.98
C GLY A 467 -30.95 2.05 -15.49
N CYS A 468 -31.78 3.03 -15.09
CA CYS A 468 -32.09 3.23 -13.68
C CYS A 468 -32.81 2.03 -13.07
N GLN A 469 -33.72 1.40 -13.82
CA GLN A 469 -34.40 0.23 -13.29
C GLN A 469 -33.43 -0.93 -13.10
N ASP A 470 -32.52 -1.15 -14.07
CA ASP A 470 -31.53 -2.20 -13.92
C ASP A 470 -30.61 -1.94 -12.73
N ILE A 471 -30.29 -0.69 -12.43
CA ILE A 471 -29.55 -0.30 -11.22
C ILE A 471 -30.38 -0.52 -9.94
N GLY A 472 -31.70 -0.52 -10.01
CA GLY A 472 -32.58 -0.57 -8.85
C GLY A 472 -32.87 0.81 -8.23
N ALA A 473 -32.69 1.90 -8.97
CA ALA A 473 -33.03 3.25 -8.53
C ALA A 473 -34.35 3.72 -9.16
N ARG A 474 -35.36 4.04 -8.35
CA ARG A 474 -36.67 4.51 -8.85
C ARG A 474 -36.77 6.02 -9.14
N SER A 475 -35.74 6.79 -8.84
CA SER A 475 -35.61 8.19 -9.26
C SER A 475 -34.14 8.60 -9.34
N LEU A 476 -33.83 9.71 -10.00
CA LEU A 476 -32.46 10.20 -10.09
C LEU A 476 -31.91 10.73 -8.76
N SER A 477 -32.74 11.28 -7.89
CA SER A 477 -32.32 11.66 -6.53
C SER A 477 -32.04 10.43 -5.65
N VAL A 478 -32.80 9.35 -5.80
CA VAL A 478 -32.50 8.05 -5.17
C VAL A 478 -31.20 7.46 -5.71
N LEU A 479 -30.96 7.51 -7.03
CA LEU A 479 -29.71 7.06 -7.64
C LEU A 479 -28.47 7.73 -7.02
N ARG A 480 -28.47 9.07 -6.93
CA ARG A 480 -27.37 9.81 -6.31
C ARG A 480 -27.26 9.58 -4.80
N SER A 481 -28.37 9.36 -4.12
CA SER A 481 -28.37 8.94 -2.71
C SER A 481 -27.69 7.60 -2.50
N MET A 482 -27.98 6.61 -3.35
CA MET A 482 -27.31 5.32 -3.32
C MET A 482 -25.81 5.46 -3.61
N MET A 483 -25.41 6.37 -4.49
CA MET A 483 -24.00 6.63 -4.77
C MET A 483 -23.26 7.25 -3.58
N TYR A 484 -23.77 8.32 -2.97
CA TYR A 484 -23.08 8.96 -1.85
C TYR A 484 -23.08 8.11 -0.57
N SER A 485 -24.09 7.29 -0.34
CA SER A 485 -24.14 6.34 0.80
C SER A 485 -23.31 5.06 0.62
N GLY A 486 -22.75 4.80 -0.56
CA GLY A 486 -21.99 3.59 -0.87
C GLY A 486 -22.83 2.34 -1.17
N GLU A 487 -24.16 2.46 -1.25
CA GLU A 487 -25.04 1.37 -1.70
C GLU A 487 -24.84 1.05 -3.18
N LEU A 488 -24.69 2.08 -4.04
CA LEU A 488 -24.39 1.88 -5.44
C LEU A 488 -22.94 1.42 -5.62
N LYS A 489 -22.72 0.38 -6.41
CA LYS A 489 -21.39 -0.20 -6.63
C LYS A 489 -20.96 -0.09 -8.08
N PHE A 490 -19.65 0.00 -8.26
CA PHE A 490 -18.98 0.28 -9.51
C PHE A 490 -17.90 -0.74 -9.78
N GLU A 491 -17.37 -0.74 -11.00
CA GLU A 491 -16.41 -1.73 -11.45
C GLU A 491 -15.54 -1.09 -12.52
N LYS A 492 -14.23 -1.29 -12.44
CA LYS A 492 -13.35 -0.81 -13.48
C LYS A 492 -13.37 -1.74 -14.69
N ARG A 493 -12.82 -1.26 -15.79
CA ARG A 493 -12.77 -2.02 -17.03
C ARG A 493 -11.38 -1.90 -17.62
N THR A 494 -10.73 -3.02 -17.83
CA THR A 494 -9.53 -3.05 -18.64
C THR A 494 -9.89 -2.78 -20.09
N MET A 495 -8.88 -2.74 -20.96
CA MET A 495 -9.17 -2.59 -22.38
C MET A 495 -9.83 -3.84 -22.93
N SER A 496 -9.40 -5.01 -22.45
CA SER A 496 -10.05 -6.25 -22.86
C SER A 496 -11.50 -6.31 -22.38
N ALA A 497 -11.79 -5.75 -21.21
CA ALA A 497 -13.16 -5.72 -20.72
C ALA A 497 -14.03 -4.84 -21.61
N GLN A 498 -13.48 -3.73 -22.10
CA GLN A 498 -14.25 -2.88 -22.99
C GLN A 498 -14.45 -3.54 -24.34
N ILE A 499 -13.45 -4.28 -24.83
CA ILE A 499 -13.63 -5.03 -26.07
C ILE A 499 -14.73 -6.07 -25.91
N GLU A 500 -14.70 -6.83 -24.81
CA GLU A 500 -15.74 -7.79 -24.56
C GLU A 500 -17.11 -7.13 -24.40
N GLY A 501 -17.14 -5.91 -23.89
CA GLY A 501 -18.40 -5.24 -23.64
C GLY A 501 -19.14 -4.83 -24.90
N GLY A 502 -18.44 -4.64 -26.00
CA GLY A 502 -19.05 -4.32 -27.27
C GLY A 502 -19.36 -5.56 -28.10
N VAL A 503 -19.74 -5.31 -29.35
CA VAL A 503 -20.01 -6.40 -30.27
C VAL A 503 -18.69 -7.03 -30.71
N HIS A 504 -18.68 -8.34 -30.84
CA HIS A 504 -17.45 -9.05 -31.18
C HIS A 504 -17.79 -10.46 -31.65
N GLY A 505 -16.86 -11.05 -32.38
CA GLY A 505 -16.95 -12.45 -32.75
C GLY A 505 -17.85 -12.77 -33.93
N LEU A 506 -18.51 -11.79 -34.52
CA LEU A 506 -19.42 -12.07 -35.62
C LEU A 506 -18.77 -11.75 -36.95
N HIS A 507 -19.28 -12.38 -38.01
CA HIS A 507 -18.79 -12.09 -39.35
C HIS A 507 -19.30 -10.75 -39.86
N SER A 508 -20.48 -10.33 -39.41
CA SER A 508 -21.09 -9.06 -39.78
C SER A 508 -22.24 -8.80 -38.81
N TYR A 509 -22.75 -7.58 -38.83
CA TYR A 509 -23.91 -7.22 -38.01
C TYR A 509 -24.39 -5.83 -38.43
N THR A 510 -25.62 -5.53 -38.05
CA THR A 510 -26.24 -4.24 -38.35
C THR A 510 -26.81 -3.65 -37.07
N PHE A 511 -26.53 -2.37 -36.82
CA PHE A 511 -26.99 -1.69 -35.63
C PHE A 511 -28.35 -1.04 -35.88
N LEU A 512 -29.23 -1.14 -34.88
CA LEU A 512 -30.56 -0.52 -34.95
C LEU A 512 -31.01 -0.15 -33.55
N PRO A 513 -30.84 1.11 -33.15
CA PRO A 513 -31.18 1.51 -31.77
C PRO A 513 -32.66 1.55 -31.48
N PHE A 514 -33.45 2.11 -32.39
CA PHE A 514 -34.88 2.35 -32.18
C PHE A 514 -35.10 3.34 -31.04
N MET B 1 11.98 -42.34 9.26
CA MET B 1 13.01 -41.28 9.36
C MET B 1 13.24 -40.67 7.97
N ALA B 2 12.76 -39.43 7.77
CA ALA B 2 12.74 -38.73 6.47
C ALA B 2 12.44 -37.23 6.65
N ASP B 3 12.43 -36.48 5.54
CA ASP B 3 11.94 -35.08 5.47
C ASP B 3 10.47 -34.93 5.89
N TYR B 4 9.70 -36.03 5.88
CA TYR B 4 8.31 -36.13 6.31
C TYR B 4 8.06 -35.57 7.71
N LEU B 5 9.04 -35.66 8.62
CA LEU B 5 8.92 -35.07 9.96
C LEU B 5 8.89 -33.54 9.95
N ILE B 6 9.60 -32.86 9.04
CA ILE B 6 9.52 -31.39 8.95
C ILE B 6 8.11 -30.99 8.49
N SER B 7 7.60 -31.59 7.42
CA SER B 7 6.17 -31.61 7.06
C SER B 7 5.83 -32.82 6.19
N GLY B 8 4.63 -33.38 6.34
CA GLY B 8 4.19 -34.58 5.61
C GLY B 8 3.92 -34.34 4.13
N GLY B 9 2.64 -34.19 3.76
CA GLY B 9 2.24 -33.95 2.37
C GLY B 9 2.67 -32.59 1.82
N THR B 10 2.78 -31.57 2.67
CA THR B 10 3.18 -30.19 2.30
C THR B 10 4.71 -30.06 2.17
N GLY B 11 5.31 -30.79 1.21
CA GLY B 11 6.71 -30.63 0.82
C GLY B 11 6.98 -29.31 0.11
N TYR B 12 8.25 -28.89 0.00
CA TYR B 12 8.59 -27.57 -0.54
C TYR B 12 8.27 -27.43 -2.03
N VAL B 13 7.45 -26.45 -2.37
CA VAL B 13 7.19 -25.98 -3.73
C VAL B 13 7.48 -24.48 -3.77
N PRO B 14 8.38 -23.98 -4.63
CA PRO B 14 8.66 -22.56 -4.78
C PRO B 14 7.39 -21.75 -5.08
N GLU B 15 7.21 -20.61 -4.39
CA GLU B 15 6.02 -19.78 -4.54
C GLU B 15 6.18 -18.81 -5.72
N ASP B 16 5.39 -18.95 -6.77
CA ASP B 16 5.55 -18.20 -8.02
C ASP B 16 4.19 -17.98 -8.71
N GLY B 17 3.79 -16.72 -8.93
CA GLY B 17 2.46 -16.35 -9.43
C GLY B 17 1.40 -16.14 -8.34
N LEU B 18 0.23 -15.62 -8.72
CA LEU B 18 -0.85 -15.20 -7.82
C LEU B 18 -1.88 -16.32 -7.60
N THR B 19 -2.42 -16.49 -6.40
CA THR B 19 -3.65 -17.29 -6.24
C THR B 19 -4.83 -16.55 -6.90
N ALA B 20 -5.94 -17.24 -7.17
CA ALA B 20 -7.13 -16.55 -7.67
C ALA B 20 -7.55 -15.41 -6.73
N GLN B 21 -7.43 -15.59 -5.41
CA GLN B 21 -7.84 -14.53 -4.48
C GLN B 21 -7.00 -13.28 -4.67
N GLN B 22 -5.69 -13.43 -4.84
CA GLN B 22 -4.81 -12.29 -5.04
C GLN B 22 -4.92 -11.68 -6.42
N LEU B 23 -5.38 -12.45 -7.40
CA LEU B 23 -5.55 -11.92 -8.75
C LEU B 23 -6.71 -10.93 -8.80
N PHE B 24 -7.79 -11.22 -8.10
CA PHE B 24 -8.97 -10.36 -8.11
C PHE B 24 -8.99 -9.36 -6.97
N ALA B 25 -7.88 -9.20 -6.26
CA ALA B 25 -7.85 -8.29 -5.13
C ALA B 25 -7.59 -6.85 -5.55
N SER B 26 -6.97 -6.65 -6.71
CA SER B 26 -6.60 -5.32 -7.17
C SER B 26 -7.78 -4.55 -7.75
N ALA B 27 -8.93 -5.19 -7.91
CA ALA B 27 -10.16 -4.53 -8.35
C ALA B 27 -10.08 -3.98 -9.76
N ASP B 28 -9.23 -4.54 -10.60
CA ASP B 28 -9.37 -4.29 -12.02
C ASP B 28 -10.53 -5.13 -12.56
N GLY B 29 -11.16 -4.64 -13.60
CA GLY B 29 -12.18 -5.42 -14.25
C GLY B 29 -11.60 -6.43 -15.21
N LEU B 30 -11.11 -7.55 -14.70
CA LEU B 30 -10.44 -8.54 -15.54
C LEU B 30 -11.44 -9.37 -16.33
N THR B 31 -11.11 -9.64 -17.58
CA THR B 31 -11.81 -10.58 -18.43
C THR B 31 -10.88 -11.74 -18.75
N TYR B 32 -11.38 -12.67 -19.57
CA TYR B 32 -10.63 -13.89 -19.88
C TYR B 32 -9.29 -13.60 -20.53
N ASN B 33 -9.19 -12.55 -21.34
CA ASN B 33 -7.95 -12.25 -22.02
C ASN B 33 -6.92 -11.57 -21.13
N ASP B 34 -7.29 -11.16 -19.93
CA ASP B 34 -6.38 -10.39 -19.08
C ASP B 34 -5.42 -11.26 -18.27
N PHE B 35 -5.60 -12.57 -18.25
CA PHE B 35 -4.80 -13.41 -17.37
C PHE B 35 -4.52 -14.75 -18.03
N LEU B 36 -3.61 -15.50 -17.44
CA LEU B 36 -3.26 -16.85 -17.84
C LEU B 36 -3.22 -17.74 -16.62
N ILE B 37 -3.24 -19.04 -16.83
CA ILE B 37 -3.02 -20.05 -15.79
C ILE B 37 -1.58 -20.56 -15.94
N LEU B 38 -0.82 -20.59 -14.85
CA LEU B 38 0.54 -21.11 -14.84
C LEU B 38 0.52 -22.65 -14.85
N PRO B 39 1.42 -23.31 -15.61
CA PRO B 39 1.41 -24.76 -15.71
C PRO B 39 1.88 -25.43 -14.42
N GLY B 40 1.41 -26.66 -14.24
CA GLY B 40 1.62 -27.47 -13.04
C GLY B 40 2.60 -28.61 -13.26
N PHE B 41 2.23 -29.79 -12.79
CA PHE B 41 3.00 -31.02 -12.90
C PHE B 41 2.16 -32.07 -13.59
N ILE B 42 2.71 -32.70 -14.63
CA ILE B 42 1.99 -33.69 -15.43
C ILE B 42 2.38 -35.08 -14.97
N ASP B 43 1.40 -35.89 -14.60
CA ASP B 43 1.65 -37.29 -14.32
C ASP B 43 0.54 -38.20 -14.84
N PHE B 44 -0.29 -37.72 -15.75
CA PHE B 44 -1.36 -38.50 -16.35
C PHE B 44 -1.40 -38.12 -17.82
N ILE B 45 -2.24 -38.79 -18.59
CA ILE B 45 -2.37 -38.44 -19.99
C ILE B 45 -3.66 -37.65 -20.18
N ALA B 46 -3.71 -36.86 -21.25
CA ALA B 46 -4.84 -35.97 -21.45
C ALA B 46 -6.15 -36.71 -21.61
N ASP B 47 -6.13 -38.01 -21.92
CA ASP B 47 -7.38 -38.75 -22.10
C ASP B 47 -7.99 -39.22 -20.79
N GLU B 48 -7.23 -39.24 -19.71
CA GLU B 48 -7.82 -39.59 -18.42
C GLU B 48 -8.55 -38.43 -17.76
N VAL B 49 -8.46 -37.22 -18.31
CA VAL B 49 -9.08 -36.05 -17.69
C VAL B 49 -10.60 -36.19 -17.69
N ASP B 50 -11.18 -36.23 -16.50
CA ASP B 50 -12.61 -36.37 -16.23
C ASP B 50 -13.32 -35.01 -16.25
N LEU B 51 -14.32 -34.87 -17.13
CA LEU B 51 -15.07 -33.64 -17.33
C LEU B 51 -16.45 -33.62 -16.66
N THR B 52 -16.73 -34.53 -15.73
CA THR B 52 -18.00 -34.60 -15.00
C THR B 52 -18.34 -33.27 -14.32
N SER B 53 -19.55 -32.77 -14.52
CA SER B 53 -19.96 -31.40 -14.16
C SER B 53 -21.34 -31.37 -13.53
N ALA B 54 -21.53 -30.64 -12.43
CA ALA B 54 -22.86 -30.42 -11.86
C ALA B 54 -23.57 -29.31 -12.65
N LEU B 55 -24.75 -29.58 -13.21
CA LEU B 55 -25.57 -28.55 -13.83
C LEU B 55 -26.46 -27.86 -12.80
N THR B 56 -27.10 -28.64 -11.94
CA THR B 56 -27.89 -28.10 -10.84
C THR B 56 -27.47 -28.82 -9.57
N ARG B 57 -28.21 -28.63 -8.48
CA ARG B 57 -27.93 -29.39 -7.27
C ARG B 57 -28.12 -30.88 -7.50
N LYS B 58 -29.01 -31.26 -8.40
CA LYS B 58 -29.40 -32.65 -8.56
C LYS B 58 -29.09 -33.27 -9.91
N ILE B 59 -28.55 -32.52 -10.86
CA ILE B 59 -28.31 -33.05 -12.21
C ILE B 59 -26.83 -32.96 -12.52
N THR B 60 -26.29 -34.05 -13.05
CA THR B 60 -24.89 -34.14 -13.44
C THR B 60 -24.78 -34.42 -14.93
N LEU B 61 -23.81 -33.79 -15.57
CA LEU B 61 -23.46 -34.09 -16.94
C LEU B 61 -22.07 -34.71 -16.99
N LYS B 62 -21.76 -35.34 -18.10
CA LYS B 62 -20.43 -35.88 -18.35
C LYS B 62 -19.50 -34.87 -19.01
N THR B 63 -20.06 -33.80 -19.54
CA THR B 63 -19.37 -32.77 -20.30
C THR B 63 -19.87 -31.43 -19.82
N PRO B 64 -19.02 -30.40 -19.67
CA PRO B 64 -19.42 -29.09 -19.15
C PRO B 64 -20.22 -28.18 -20.11
N LEU B 65 -20.58 -28.58 -21.34
CA LEU B 65 -21.02 -27.67 -22.37
C LEU B 65 -22.53 -27.59 -22.46
N ILE B 66 -23.06 -26.37 -22.54
CA ILE B 66 -24.49 -26.11 -22.68
C ILE B 66 -24.69 -25.22 -23.89
N SER B 67 -25.71 -25.52 -24.68
CA SER B 67 -26.10 -24.63 -25.75
C SER B 67 -27.14 -23.63 -25.24
N SER B 68 -27.00 -22.39 -25.64
CA SER B 68 -27.76 -21.30 -25.06
C SER B 68 -29.19 -21.25 -25.60
N PRO B 69 -30.14 -20.86 -24.78
CA PRO B 69 -31.56 -20.79 -25.20
C PRO B 69 -31.88 -19.61 -26.09
N MET B 70 -31.34 -19.63 -27.30
CA MET B 70 -31.57 -18.58 -28.28
C MET B 70 -32.20 -19.18 -29.53
N ASP B 71 -32.98 -18.38 -30.24
CA ASP B 71 -33.78 -18.88 -31.35
C ASP B 71 -32.95 -19.12 -32.60
N THR B 72 -31.67 -18.79 -32.60
CA THR B 72 -30.75 -19.18 -33.65
C THR B 72 -29.76 -20.21 -33.16
N VAL B 73 -29.96 -20.78 -31.99
CA VAL B 73 -29.02 -21.75 -31.44
C VAL B 73 -29.72 -23.08 -31.16
N THR B 74 -30.74 -23.07 -30.31
CA THR B 74 -31.23 -24.32 -29.72
C THR B 74 -32.71 -24.55 -30.02
N GLU B 75 -32.98 -25.61 -30.75
CA GLU B 75 -34.29 -26.22 -30.86
C GLU B 75 -34.04 -27.71 -30.71
N ALA B 76 -35.00 -28.54 -31.09
CA ALA B 76 -34.90 -29.97 -30.80
C ALA B 76 -33.60 -30.59 -31.32
N ASP B 77 -33.14 -30.18 -32.49
CA ASP B 77 -31.96 -30.81 -33.08
C ASP B 77 -30.70 -30.51 -32.29
N MET B 78 -30.49 -29.23 -31.97
CA MET B 78 -29.33 -28.86 -31.15
C MET B 78 -29.41 -29.51 -29.78
N ALA B 79 -30.62 -29.63 -29.22
CA ALA B 79 -30.76 -30.23 -27.89
C ALA B 79 -30.43 -31.72 -27.93
N ILE B 80 -30.91 -32.43 -28.94
CA ILE B 80 -30.59 -33.84 -29.08
C ILE B 80 -29.09 -34.03 -29.23
N ALA B 81 -28.46 -33.22 -30.07
CA ALA B 81 -27.02 -33.39 -30.31
C ALA B 81 -26.21 -33.05 -29.06
N MET B 82 -26.55 -31.97 -28.36
CA MET B 82 -25.84 -31.62 -27.15
C MET B 82 -25.98 -32.70 -26.10
N ALA B 83 -27.19 -33.26 -25.96
CA ALA B 83 -27.36 -34.35 -25.01
C ALA B 83 -26.52 -35.56 -25.41
N LEU B 84 -26.49 -35.89 -26.70
CA LEU B 84 -25.73 -37.06 -27.13
C LEU B 84 -24.23 -36.86 -26.92
N MET B 85 -23.74 -35.63 -27.05
CA MET B 85 -22.32 -35.41 -26.85
C MET B 85 -21.91 -35.32 -25.40
N GLY B 86 -22.86 -35.25 -24.47
CA GLY B 86 -22.56 -35.21 -23.06
C GLY B 86 -22.97 -33.95 -22.34
N GLY B 87 -23.61 -33.01 -23.01
CA GLY B 87 -24.10 -31.83 -22.35
C GLY B 87 -25.61 -31.75 -22.35
N ILE B 88 -26.14 -30.59 -22.68
CA ILE B 88 -27.58 -30.36 -22.65
C ILE B 88 -27.85 -29.08 -23.42
N GLY B 89 -29.04 -28.96 -23.97
CA GLY B 89 -29.47 -27.71 -24.56
C GLY B 89 -30.72 -27.20 -23.89
N PHE B 90 -30.96 -25.90 -23.94
CA PHE B 90 -32.18 -25.30 -23.42
C PHE B 90 -32.99 -24.76 -24.58
N ILE B 91 -34.19 -25.31 -24.78
CA ILE B 91 -35.05 -24.83 -25.85
C ILE B 91 -35.46 -23.40 -25.57
N HIS B 92 -35.27 -22.54 -26.57
CA HIS B 92 -35.63 -21.14 -26.43
C HIS B 92 -37.14 -20.98 -26.38
N HIS B 93 -37.57 -19.81 -25.91
CA HIS B 93 -38.99 -19.52 -25.75
C HIS B 93 -39.45 -18.33 -26.59
N ASN B 94 -38.74 -18.02 -27.68
CA ASN B 94 -39.23 -17.02 -28.61
C ASN B 94 -40.17 -17.68 -29.63
N CYS B 95 -41.27 -18.19 -29.11
CA CYS B 95 -42.19 -19.02 -29.87
C CYS B 95 -43.45 -19.17 -29.03
N THR B 96 -44.41 -19.91 -29.54
CA THR B 96 -45.61 -20.21 -28.78
C THR B 96 -45.31 -21.31 -27.77
N PRO B 97 -46.07 -21.36 -26.68
CA PRO B 97 -45.90 -22.47 -25.73
C PRO B 97 -46.06 -23.84 -26.37
N GLU B 98 -46.95 -23.96 -27.35
CA GLU B 98 -47.18 -25.26 -27.99
C GLU B 98 -46.00 -25.68 -28.85
N PHE B 99 -45.38 -24.73 -29.57
CA PHE B 99 -44.19 -25.02 -30.35
C PHE B 99 -43.03 -25.49 -29.45
N GLN B 100 -42.81 -24.78 -28.35
CA GLN B 100 -41.74 -25.16 -27.44
C GLN B 100 -42.00 -26.49 -26.77
N ALA B 101 -43.25 -26.75 -26.40
CA ALA B 101 -43.57 -28.05 -25.82
C ALA B 101 -43.39 -29.17 -26.84
N ASN B 102 -43.67 -28.89 -28.11
CA ASN B 102 -43.44 -29.87 -29.16
C ASN B 102 -41.96 -30.17 -29.33
N GLU B 103 -41.11 -29.13 -29.28
CA GLU B 103 -39.67 -29.36 -29.34
C GLU B 103 -39.19 -30.22 -28.18
N VAL B 104 -39.64 -29.90 -26.97
CA VAL B 104 -39.22 -30.68 -25.81
C VAL B 104 -39.67 -32.13 -25.97
N ARG B 105 -40.91 -32.34 -26.42
CA ARG B 105 -41.39 -33.70 -26.62
C ARG B 105 -40.57 -34.45 -27.65
N LYS B 106 -40.15 -33.79 -28.73
CA LYS B 106 -39.31 -34.46 -29.71
C LYS B 106 -37.97 -34.87 -29.10
N VAL B 107 -37.40 -34.03 -28.25
CA VAL B 107 -36.17 -34.42 -27.58
C VAL B 107 -36.41 -35.59 -26.64
N LYS B 108 -37.51 -35.59 -25.92
CA LYS B 108 -37.74 -36.61 -24.91
C LYS B 108 -38.20 -37.95 -25.50
N LYS B 109 -38.40 -38.05 -26.80
CA LYS B 109 -38.85 -39.28 -27.43
C LYS B 109 -37.88 -39.75 -28.51
N PHE B 110 -36.59 -39.46 -28.37
CA PHE B 110 -35.66 -39.55 -29.49
C PHE B 110 -35.33 -41.00 -29.85
N GLU B 111 -34.74 -41.74 -28.92
CA GLU B 111 -34.50 -43.18 -29.09
C GLU B 111 -33.65 -43.46 -30.34
N GLN B 112 -32.38 -43.08 -30.23
CA GLN B 112 -31.40 -43.19 -31.31
C GLN B 112 -31.51 -44.49 -32.09
N GLY B 113 -31.56 -44.36 -33.42
CA GLY B 113 -31.71 -45.48 -34.32
C GLY B 113 -33.08 -45.52 -34.95
N PHE B 114 -34.09 -45.17 -34.18
CA PHE B 114 -35.48 -45.23 -34.63
C PHE B 114 -35.82 -43.95 -35.39
N ILE B 115 -37.11 -43.74 -35.64
CA ILE B 115 -37.62 -42.54 -36.28
C ILE B 115 -38.58 -41.86 -35.31
N THR B 116 -38.30 -40.60 -34.99
CA THR B 116 -39.19 -39.82 -34.14
C THR B 116 -40.23 -39.14 -35.01
N ASP B 117 -41.49 -39.27 -34.63
CA ASP B 117 -42.64 -38.77 -35.39
C ASP B 117 -42.64 -39.33 -36.81
N PRO B 118 -42.90 -40.62 -36.99
CA PRO B 118 -43.01 -41.17 -38.34
C PRO B 118 -44.27 -40.65 -39.03
N VAL B 119 -44.15 -40.41 -40.33
CA VAL B 119 -45.26 -39.90 -41.12
C VAL B 119 -46.38 -40.93 -41.20
N ALA B 188 -42.38 -57.62 -36.91
CA ALA B 188 -42.63 -56.48 -36.03
C ALA B 188 -42.53 -56.87 -34.57
N PRO B 189 -41.32 -56.99 -34.05
CA PRO B 189 -41.14 -57.43 -32.67
C PRO B 189 -41.42 -56.33 -31.66
N ALA B 190 -41.21 -56.62 -30.38
CA ALA B 190 -41.37 -55.63 -29.31
C ALA B 190 -40.14 -54.73 -29.27
N GLY B 191 -39.96 -54.02 -28.16
CA GLY B 191 -38.76 -53.20 -27.99
C GLY B 191 -37.51 -53.99 -28.32
N VAL B 192 -36.89 -53.64 -29.44
CA VAL B 192 -35.81 -54.42 -30.03
C VAL B 192 -34.54 -53.59 -29.93
N THR B 193 -33.51 -54.15 -29.29
CA THR B 193 -32.21 -53.50 -29.24
C THR B 193 -31.66 -53.31 -30.64
N LEU B 194 -30.82 -52.29 -30.81
CA LEU B 194 -30.26 -52.01 -32.12
C LEU B 194 -29.43 -53.16 -32.65
N LYS B 195 -28.63 -53.78 -31.78
CA LYS B 195 -27.77 -54.87 -32.23
C LYS B 195 -28.59 -56.03 -32.79
N GLU B 196 -29.81 -56.23 -32.28
CA GLU B 196 -30.70 -57.21 -32.87
C GLU B 196 -31.17 -56.75 -34.24
N ALA B 197 -31.64 -55.50 -34.32
CA ALA B 197 -32.21 -54.98 -35.56
C ALA B 197 -31.23 -55.02 -36.73
N ASN B 198 -29.94 -55.14 -36.46
CA ASN B 198 -28.94 -55.26 -37.52
C ASN B 198 -29.05 -56.61 -38.21
N LYS B 208 -36.82 -50.94 -44.44
CA LYS B 208 -37.59 -50.49 -43.29
C LYS B 208 -37.97 -51.67 -42.41
N LEU B 209 -37.98 -51.45 -41.10
CA LEU B 209 -38.26 -52.49 -40.11
C LEU B 209 -39.31 -51.96 -39.15
N PRO B 210 -40.59 -52.16 -39.45
CA PRO B 210 -41.64 -51.77 -38.50
C PRO B 210 -41.58 -52.60 -37.23
N ILE B 211 -41.88 -51.94 -36.12
CA ILE B 211 -41.85 -52.60 -34.82
C ILE B 211 -43.27 -52.90 -34.36
N LEU B 218 -48.86 -50.55 -34.96
CA LEU B 218 -47.59 -49.92 -35.27
C LEU B 218 -47.18 -48.93 -34.17
N VAL B 219 -46.01 -49.18 -33.58
CA VAL B 219 -45.50 -48.30 -32.53
C VAL B 219 -44.16 -47.68 -32.88
N ALA B 220 -43.37 -48.30 -33.76
CA ALA B 220 -42.06 -47.75 -34.11
C ALA B 220 -41.65 -48.24 -35.48
N ILE B 221 -40.86 -47.42 -36.17
CA ILE B 221 -40.33 -47.76 -37.49
C ILE B 221 -38.84 -47.43 -37.50
N ILE B 222 -38.08 -48.22 -38.26
CA ILE B 222 -36.66 -48.00 -38.44
C ILE B 222 -36.38 -47.86 -39.93
N ALA B 223 -35.49 -46.93 -40.27
CA ALA B 223 -34.92 -46.87 -41.61
C ALA B 223 -33.50 -47.42 -41.55
N ARG B 224 -33.18 -48.33 -42.47
CA ARG B 224 -31.93 -49.08 -42.34
C ARG B 224 -30.72 -48.19 -42.55
N THR B 225 -30.86 -47.08 -43.27
CA THR B 225 -29.74 -46.15 -43.41
C THR B 225 -29.36 -45.53 -42.08
N ASP B 226 -30.36 -45.14 -41.28
CA ASP B 226 -30.07 -44.57 -39.96
C ASP B 226 -29.42 -45.60 -39.04
N LEU B 227 -29.70 -46.88 -39.26
CA LEU B 227 -29.05 -47.93 -38.51
C LEU B 227 -27.64 -48.25 -39.01
N LYS B 228 -27.37 -48.00 -40.28
CA LYS B 228 -26.03 -48.26 -40.79
C LYS B 228 -25.09 -47.11 -40.44
N LYS B 229 -25.61 -45.89 -40.39
CA LYS B 229 -24.81 -44.74 -39.93
C LYS B 229 -25.02 -44.53 -38.42
N ASN B 230 -24.80 -45.60 -37.67
CA ASN B 230 -24.96 -45.59 -36.22
C ASN B 230 -23.61 -45.37 -35.54
N ARG B 231 -23.64 -44.65 -34.43
CA ARG B 231 -22.45 -44.38 -33.62
C ARG B 231 -22.71 -44.76 -32.18
N ASP B 232 -21.64 -44.82 -31.42
CA ASP B 232 -21.73 -45.02 -29.98
C ASP B 232 -21.74 -43.67 -29.29
N TYR B 233 -22.37 -43.62 -28.12
CA TYR B 233 -22.47 -42.40 -27.33
C TYR B 233 -22.28 -42.75 -25.86
N PRO B 234 -21.03 -42.94 -25.44
CA PRO B 234 -20.78 -43.32 -24.04
C PRO B 234 -21.16 -42.26 -23.04
N LEU B 235 -21.32 -41.01 -23.45
CA LEU B 235 -21.57 -39.90 -22.53
C LEU B 235 -22.95 -39.28 -22.72
N ALA B 236 -23.94 -40.06 -23.12
CA ALA B 236 -25.15 -39.55 -23.77
C ALA B 236 -26.09 -38.74 -22.87
N SER B 237 -25.80 -38.48 -21.59
CA SER B 237 -26.55 -37.48 -20.82
C SER B 237 -28.04 -37.79 -20.74
N LYS B 238 -28.36 -38.85 -20.00
CA LYS B 238 -29.71 -39.38 -19.96
C LYS B 238 -30.30 -39.29 -18.56
N ASP B 239 -31.62 -39.44 -18.48
CA ASP B 239 -32.32 -39.43 -17.20
C ASP B 239 -32.57 -40.87 -16.73
N SER B 240 -33.37 -41.01 -15.68
CA SER B 240 -33.62 -42.33 -15.09
C SER B 240 -34.30 -43.26 -16.09
N GLN B 241 -35.26 -42.74 -16.85
CA GLN B 241 -35.97 -43.54 -17.85
C GLN B 241 -35.20 -43.67 -19.15
N LYS B 242 -33.90 -43.39 -19.15
CA LYS B 242 -33.01 -43.59 -20.30
C LYS B 242 -33.37 -42.71 -21.49
N GLN B 243 -34.04 -41.59 -21.23
CA GLN B 243 -34.33 -40.60 -22.24
C GLN B 243 -33.31 -39.47 -22.16
N LEU B 244 -33.15 -38.74 -23.26
CA LEU B 244 -32.24 -37.62 -23.27
C LEU B 244 -32.75 -36.51 -22.36
N LEU B 245 -31.82 -35.84 -21.67
CA LEU B 245 -32.16 -34.69 -20.85
C LEU B 245 -32.47 -33.49 -21.73
N CYS B 246 -33.36 -32.63 -21.25
CA CYS B 246 -33.73 -31.44 -21.99
C CYS B 246 -34.05 -30.31 -21.03
N GLY B 247 -33.66 -29.10 -21.40
CA GLY B 247 -34.02 -27.90 -20.67
C GLY B 247 -34.93 -27.01 -21.50
N ALA B 248 -35.45 -25.99 -20.85
CA ALA B 248 -36.30 -25.02 -21.54
C ALA B 248 -36.19 -23.67 -20.85
N ALA B 249 -36.25 -22.62 -21.64
CA ALA B 249 -36.29 -21.27 -21.11
C ALA B 249 -37.72 -20.80 -20.93
N VAL B 250 -37.93 -19.93 -19.96
CA VAL B 250 -39.24 -19.39 -19.61
C VAL B 250 -39.01 -18.00 -19.05
N GLY B 251 -39.95 -17.08 -19.32
CA GLY B 251 -39.93 -15.74 -18.77
C GLY B 251 -40.51 -15.68 -17.38
N THR B 252 -40.73 -14.45 -16.91
CA THR B 252 -41.27 -14.26 -15.57
C THR B 252 -42.61 -13.53 -15.59
N ARG B 253 -43.35 -13.62 -16.68
CA ARG B 253 -44.64 -12.97 -16.74
C ARG B 253 -45.75 -13.98 -16.45
N GLU B 254 -46.98 -13.50 -16.38
CA GLU B 254 -48.08 -14.37 -15.97
C GLU B 254 -48.42 -15.40 -17.04
N ASP B 255 -48.16 -15.09 -18.30
CA ASP B 255 -48.41 -16.04 -19.37
C ASP B 255 -47.50 -17.26 -19.26
N ASP B 256 -46.33 -17.08 -18.64
CA ASP B 256 -45.34 -18.15 -18.56
C ASP B 256 -45.80 -19.29 -17.67
N LYS B 257 -46.81 -19.09 -16.84
CA LYS B 257 -47.30 -20.20 -16.02
C LYS B 257 -47.96 -21.28 -16.88
N TYR B 258 -48.69 -20.87 -17.91
CA TYR B 258 -49.29 -21.85 -18.81
C TYR B 258 -48.24 -22.54 -19.67
N ARG B 259 -47.25 -21.79 -20.15
CA ARG B 259 -46.14 -22.39 -20.87
C ARG B 259 -45.41 -23.40 -19.99
N LEU B 260 -45.29 -23.10 -18.70
CA LEU B 260 -44.63 -24.01 -17.78
C LEU B 260 -45.44 -25.28 -17.57
N ASP B 261 -46.77 -25.15 -17.48
CA ASP B 261 -47.60 -26.34 -17.41
C ASP B 261 -47.38 -27.22 -18.63
N LEU B 262 -47.40 -26.60 -19.82
CA LEU B 262 -47.19 -27.35 -21.04
C LEU B 262 -45.83 -28.01 -21.08
N LEU B 263 -44.81 -27.34 -20.57
CA LEU B 263 -43.47 -27.91 -20.62
C LEU B 263 -43.29 -29.05 -19.64
N THR B 264 -43.90 -28.98 -18.46
CA THR B 264 -43.80 -30.10 -17.54
C THR B 264 -44.59 -31.30 -18.04
N GLN B 265 -45.69 -31.06 -18.77
CA GLN B 265 -46.38 -32.20 -19.37
C GLN B 265 -45.54 -32.87 -20.44
N ALA B 266 -44.69 -32.12 -21.12
CA ALA B 266 -43.84 -32.70 -22.15
C ALA B 266 -42.64 -33.44 -21.59
N GLY B 267 -42.33 -33.27 -20.32
CA GLY B 267 -41.26 -34.01 -19.68
C GLY B 267 -39.95 -33.29 -19.49
N VAL B 268 -39.96 -31.96 -19.41
CA VAL B 268 -38.73 -31.20 -19.27
C VAL B 268 -38.07 -31.48 -17.92
N ASP B 269 -36.74 -31.45 -17.89
CA ASP B 269 -35.99 -31.81 -16.70
C ASP B 269 -35.52 -30.61 -15.89
N VAL B 270 -35.19 -29.51 -16.55
CA VAL B 270 -34.66 -28.34 -15.87
C VAL B 270 -35.18 -27.12 -16.60
N ILE B 271 -35.47 -26.07 -15.86
CA ILE B 271 -36.01 -24.82 -16.38
C ILE B 271 -34.98 -23.73 -16.11
N VAL B 272 -34.72 -22.88 -17.09
CA VAL B 272 -33.95 -21.66 -16.85
C VAL B 272 -34.88 -20.48 -16.98
N LEU B 273 -34.84 -19.59 -16.00
CA LEU B 273 -35.59 -18.34 -16.05
C LEU B 273 -34.79 -17.31 -16.81
N ASP B 274 -35.30 -16.89 -17.95
CA ASP B 274 -34.56 -16.13 -18.94
C ASP B 274 -34.74 -14.64 -18.67
N SER B 275 -33.69 -13.97 -18.23
CA SER B 275 -33.75 -12.55 -17.98
C SER B 275 -32.36 -11.96 -18.04
N SER B 276 -32.29 -10.69 -18.42
CA SER B 276 -31.02 -9.98 -18.39
C SER B 276 -30.61 -9.61 -16.97
N GLN B 277 -31.57 -9.43 -16.08
CA GLN B 277 -31.31 -9.06 -14.69
C GLN B 277 -32.26 -9.86 -13.82
N GLY B 278 -31.75 -10.95 -13.24
CA GLY B 278 -32.57 -11.89 -12.50
C GLY B 278 -32.94 -11.49 -11.09
N ASN B 279 -32.32 -10.45 -10.54
CA ASN B 279 -32.58 -10.06 -9.16
C ASN B 279 -33.76 -9.10 -9.10
N SER B 280 -34.95 -9.67 -9.31
CA SER B 280 -36.20 -8.91 -9.36
C SER B 280 -37.25 -9.59 -8.51
N VAL B 281 -38.29 -8.83 -8.16
CA VAL B 281 -39.44 -9.41 -7.48
C VAL B 281 -40.17 -10.40 -8.37
N TYR B 282 -40.12 -10.19 -9.68
CA TYR B 282 -40.85 -11.05 -10.61
C TYR B 282 -40.21 -12.43 -10.69
N GLN B 283 -38.89 -12.47 -10.85
CA GLN B 283 -38.22 -13.75 -10.91
C GLN B 283 -38.30 -14.50 -9.58
N ILE B 284 -38.28 -13.78 -8.46
CA ILE B 284 -38.37 -14.45 -7.17
C ILE B 284 -39.76 -15.01 -6.94
N ALA B 285 -40.80 -14.25 -7.32
CA ALA B 285 -42.14 -14.80 -7.32
C ALA B 285 -42.23 -16.05 -8.18
N MET B 286 -41.59 -16.03 -9.36
CA MET B 286 -41.67 -17.17 -10.25
C MET B 286 -40.96 -18.39 -9.67
N VAL B 287 -39.80 -18.19 -9.05
CA VAL B 287 -39.10 -19.29 -8.40
C VAL B 287 -39.96 -19.90 -7.30
N HIS B 288 -40.64 -19.05 -6.53
CA HIS B 288 -41.50 -19.58 -5.47
C HIS B 288 -42.70 -20.34 -6.03
N TYR B 289 -43.33 -19.78 -7.07
CA TYR B 289 -44.45 -20.46 -7.71
C TYR B 289 -44.05 -21.83 -8.22
N ILE B 290 -42.90 -21.92 -8.90
CA ILE B 290 -42.47 -23.19 -9.44
C ILE B 290 -42.17 -24.17 -8.32
N LYS B 291 -41.45 -23.73 -7.29
CA LYS B 291 -41.09 -24.67 -6.24
C LYS B 291 -42.31 -25.16 -5.48
N GLN B 292 -43.37 -24.37 -5.44
CA GLN B 292 -44.59 -24.86 -4.81
C GLN B 292 -45.34 -25.83 -5.73
N LYS B 293 -45.46 -25.50 -7.02
CA LYS B 293 -46.30 -26.32 -7.88
C LYS B 293 -45.60 -27.57 -8.42
N TYR B 294 -44.29 -27.52 -8.67
CA TYR B 294 -43.55 -28.64 -9.25
C TYR B 294 -42.30 -28.90 -8.44
N PRO B 295 -42.43 -29.53 -7.28
CA PRO B 295 -41.27 -29.68 -6.40
C PRO B 295 -40.16 -30.53 -6.98
N HIS B 296 -40.45 -31.36 -7.97
CA HIS B 296 -39.42 -32.19 -8.59
C HIS B 296 -38.54 -31.41 -9.56
N LEU B 297 -39.09 -30.34 -10.14
CA LEU B 297 -38.41 -29.59 -11.19
C LEU B 297 -37.18 -28.87 -10.66
N GLN B 298 -36.16 -28.79 -11.50
CA GLN B 298 -34.93 -28.04 -11.21
C GLN B 298 -34.99 -26.70 -11.91
N VAL B 299 -34.66 -25.63 -11.19
CA VAL B 299 -34.78 -24.27 -11.70
C VAL B 299 -33.42 -23.60 -11.63
N ILE B 300 -33.07 -22.89 -12.70
CA ILE B 300 -31.86 -22.08 -12.78
C ILE B 300 -32.25 -20.62 -12.90
N GLY B 301 -31.78 -19.79 -11.98
CA GLY B 301 -32.02 -18.37 -12.01
C GLY B 301 -30.90 -17.59 -12.65
N GLY B 302 -31.20 -16.35 -13.02
CA GLY B 302 -30.21 -15.50 -13.64
C GLY B 302 -30.87 -14.55 -14.61
N ASN B 303 -30.05 -13.74 -15.25
CA ASN B 303 -28.60 -13.73 -15.07
C ASN B 303 -28.19 -12.82 -13.91
N VAL B 304 -27.06 -13.13 -13.28
CA VAL B 304 -26.54 -12.36 -12.16
C VAL B 304 -25.05 -12.15 -12.38
N VAL B 305 -24.48 -11.08 -11.85
CA VAL B 305 -23.04 -10.79 -11.91
C VAL B 305 -22.43 -10.38 -10.57
N THR B 306 -23.21 -10.30 -9.50
CA THR B 306 -22.73 -9.97 -8.16
C THR B 306 -23.23 -10.97 -7.12
N ALA B 307 -22.50 -11.08 -6.02
CA ALA B 307 -22.89 -11.91 -4.87
C ALA B 307 -24.23 -11.49 -4.23
N ALA B 308 -24.65 -10.22 -4.30
CA ALA B 308 -25.91 -9.76 -3.73
C ALA B 308 -27.16 -10.30 -4.47
N GLN B 309 -27.16 -10.28 -5.79
CA GLN B 309 -28.16 -10.94 -6.62
C GLN B 309 -28.17 -12.45 -6.35
N ALA B 310 -26.98 -13.05 -6.30
CA ALA B 310 -26.88 -14.48 -6.06
C ALA B 310 -27.52 -14.87 -4.75
N LYS B 311 -27.29 -14.08 -3.68
CA LYS B 311 -27.91 -14.29 -2.36
C LYS B 311 -29.42 -14.28 -2.48
N ASN B 312 -30.00 -13.26 -3.10
CA ASN B 312 -31.46 -13.19 -3.22
C ASN B 312 -32.01 -14.43 -3.92
N LEU B 313 -31.37 -14.84 -5.01
CA LEU B 313 -31.91 -15.96 -5.77
C LEU B 313 -31.68 -17.30 -5.07
N ILE B 314 -30.58 -17.45 -4.35
CA ILE B 314 -30.32 -18.70 -3.65
C ILE B 314 -31.25 -18.83 -2.45
N ASP B 315 -31.55 -17.72 -1.78
CA ASP B 315 -32.56 -17.73 -0.73
C ASP B 315 -33.95 -18.00 -1.29
N ALA B 316 -34.22 -17.61 -2.54
CA ALA B 316 -35.50 -18.00 -3.13
C ALA B 316 -35.58 -19.50 -3.35
N GLY B 317 -34.46 -20.16 -3.61
CA GLY B 317 -34.46 -21.60 -3.74
C GLY B 317 -34.05 -22.16 -5.09
N VAL B 318 -33.32 -21.40 -5.90
CA VAL B 318 -32.84 -21.94 -7.17
C VAL B 318 -31.81 -23.02 -6.94
N ASP B 319 -31.65 -23.88 -7.94
CA ASP B 319 -30.68 -24.96 -7.88
C ASP B 319 -29.45 -24.69 -8.74
N GLY B 320 -29.44 -23.58 -9.46
CA GLY B 320 -28.28 -23.18 -10.22
C GLY B 320 -28.39 -21.72 -10.57
N LEU B 321 -27.28 -21.13 -10.96
CA LEU B 321 -27.23 -19.74 -11.33
C LEU B 321 -26.60 -19.58 -12.69
N ARG B 322 -27.15 -18.68 -13.49
CA ARG B 322 -26.61 -18.31 -14.79
C ARG B 322 -25.93 -16.95 -14.64
N VAL B 323 -24.65 -16.89 -14.96
CA VAL B 323 -23.80 -15.73 -14.66
C VAL B 323 -23.40 -15.06 -15.96
N GLY B 324 -23.54 -13.73 -16.01
CA GLY B 324 -23.11 -12.95 -17.17
C GLY B 324 -24.05 -11.83 -17.54
N MET B 325 -23.51 -10.67 -17.85
CA MET B 325 -24.33 -9.52 -18.23
C MET B 325 -23.49 -8.63 -19.13
N GLY B 326 -23.88 -8.53 -20.39
CA GLY B 326 -23.20 -7.68 -21.34
C GLY B 326 -21.91 -8.23 -21.88
N CYS B 327 -21.59 -9.49 -21.60
CA CYS B 327 -20.36 -10.09 -22.09
C CYS B 327 -20.57 -10.87 -23.37
N GLY B 328 -21.81 -11.10 -23.78
CA GLY B 328 -22.08 -11.86 -24.97
C GLY B 328 -21.60 -11.16 -26.23
N SER B 329 -21.42 -11.96 -27.27
CA SER B 329 -20.91 -11.44 -28.54
C SER B 329 -21.90 -10.49 -29.19
N ILE B 330 -23.20 -10.76 -29.04
CA ILE B 330 -24.23 -9.96 -29.69
C ILE B 330 -24.80 -8.87 -28.80
N CYS B 331 -24.30 -8.71 -27.58
CA CYS B 331 -24.91 -7.83 -26.59
C CYS B 331 -24.36 -6.41 -26.67
N ILE B 332 -25.23 -5.44 -26.43
CA ILE B 332 -24.82 -4.03 -26.38
C ILE B 332 -25.35 -3.38 -25.11
N THR B 333 -25.66 -4.19 -24.09
CA THR B 333 -26.32 -3.68 -22.89
C THR B 333 -25.44 -2.72 -22.11
N GLN B 334 -24.17 -3.08 -21.91
CA GLN B 334 -23.27 -2.21 -21.15
C GLN B 334 -23.18 -0.83 -21.76
N GLU B 335 -23.32 -0.74 -23.08
CA GLU B 335 -23.18 0.51 -23.79
C GLU B 335 -24.46 1.32 -23.86
N VAL B 336 -25.62 0.69 -23.64
CA VAL B 336 -26.88 1.41 -23.68
C VAL B 336 -27.58 1.49 -22.34
N MET B 337 -27.19 0.68 -21.34
CA MET B 337 -27.74 0.81 -20.01
C MET B 337 -26.70 1.02 -18.94
N ALA B 338 -25.41 1.01 -19.27
CA ALA B 338 -24.30 1.30 -18.38
C ALA B 338 -24.12 0.27 -17.27
N CYS B 339 -24.79 -0.87 -17.35
CA CYS B 339 -24.84 -1.83 -16.26
C CYS B 339 -24.32 -3.18 -16.73
N GLY B 340 -23.42 -3.77 -15.95
CA GLY B 340 -22.85 -5.06 -16.30
C GLY B 340 -21.59 -5.33 -15.49
N ARG B 341 -20.84 -6.35 -15.86
CA ARG B 341 -19.56 -6.64 -15.23
C ARG B 341 -18.65 -7.36 -16.20
N PRO B 342 -17.33 -7.16 -16.12
CA PRO B 342 -16.39 -8.03 -16.84
C PRO B 342 -16.54 -9.48 -16.41
N GLN B 343 -16.54 -10.37 -17.39
CA GLN B 343 -17.08 -11.70 -17.20
C GLN B 343 -16.20 -12.60 -16.32
N GLY B 344 -14.87 -12.48 -16.42
CA GLY B 344 -14.01 -13.28 -15.57
C GLY B 344 -14.20 -12.96 -14.10
N THR B 345 -14.25 -11.68 -13.76
CA THR B 345 -14.49 -11.25 -12.39
C THR B 345 -15.86 -11.71 -11.89
N ALA B 346 -16.89 -11.56 -12.73
CA ALA B 346 -18.23 -11.96 -12.33
C ALA B 346 -18.30 -13.46 -12.06
N VAL B 347 -17.64 -14.26 -12.91
CA VAL B 347 -17.65 -15.70 -12.71
C VAL B 347 -16.94 -16.05 -11.41
N TYR B 348 -15.77 -15.48 -11.15
CA TYR B 348 -15.06 -15.77 -9.91
C TYR B 348 -15.88 -15.36 -8.68
N LYS B 349 -16.43 -14.15 -8.66
CA LYS B 349 -17.16 -13.63 -7.51
C LYS B 349 -18.44 -14.40 -7.24
N VAL B 350 -19.24 -14.71 -8.26
CA VAL B 350 -20.49 -15.41 -8.02
C VAL B 350 -20.23 -16.88 -7.70
N ALA B 351 -19.27 -17.53 -8.36
CA ALA B 351 -18.96 -18.94 -8.08
C ALA B 351 -18.44 -19.10 -6.65
N GLU B 352 -17.56 -18.22 -6.19
CA GLU B 352 -17.06 -18.24 -4.83
C GLU B 352 -18.18 -18.03 -3.81
N TYR B 353 -19.16 -17.14 -4.07
CA TYR B 353 -20.28 -16.97 -3.15
C TYR B 353 -21.21 -18.18 -3.19
N ALA B 354 -21.60 -18.63 -4.38
CA ALA B 354 -22.58 -19.71 -4.52
C ALA B 354 -22.05 -21.05 -4.05
N ARG B 355 -20.74 -21.26 -4.04
CA ARG B 355 -20.08 -22.47 -3.51
C ARG B 355 -20.37 -22.65 -2.02
N ARG B 356 -20.59 -21.57 -1.26
CA ARG B 356 -20.89 -21.62 0.18
C ARG B 356 -22.21 -22.34 0.47
N PHE B 357 -23.10 -22.42 -0.51
CA PHE B 357 -24.41 -23.05 -0.44
C PHE B 357 -24.53 -24.32 -1.28
N GLY B 358 -23.46 -24.77 -1.93
CA GLY B 358 -23.53 -25.93 -2.80
C GLY B 358 -24.30 -25.72 -4.08
N VAL B 359 -24.27 -24.52 -4.64
CA VAL B 359 -24.98 -24.18 -5.86
C VAL B 359 -23.96 -24.01 -6.97
N PRO B 360 -24.07 -24.73 -8.08
CA PRO B 360 -23.16 -24.53 -9.20
C PRO B 360 -23.63 -23.41 -10.13
N ILE B 361 -22.68 -22.79 -10.81
CA ILE B 361 -23.02 -21.68 -11.68
C ILE B 361 -22.62 -22.00 -13.11
N ILE B 362 -23.36 -21.42 -14.05
CA ILE B 362 -23.05 -21.49 -15.48
C ILE B 362 -22.40 -20.19 -15.90
N ALA B 363 -21.23 -20.27 -16.54
CA ALA B 363 -20.58 -19.11 -17.12
C ALA B 363 -21.14 -18.91 -18.52
N ASP B 364 -21.90 -17.83 -18.71
CA ASP B 364 -22.68 -17.64 -19.92
C ASP B 364 -22.28 -16.34 -20.61
N GLY B 365 -21.67 -16.44 -21.77
CA GLY B 365 -21.40 -15.27 -22.59
C GLY B 365 -19.93 -14.94 -22.73
N GLY B 366 -19.49 -14.68 -23.96
CA GLY B 366 -18.14 -14.25 -24.19
C GLY B 366 -17.14 -15.35 -24.40
N ILE B 367 -17.58 -16.56 -24.65
CA ILE B 367 -16.69 -17.68 -24.92
C ILE B 367 -16.45 -17.76 -26.42
N GLN B 368 -15.21 -17.54 -26.85
CA GLN B 368 -14.85 -17.67 -28.24
C GLN B 368 -13.90 -18.82 -28.53
N THR B 369 -13.04 -19.18 -27.59
CA THR B 369 -11.99 -20.14 -27.81
C THR B 369 -12.09 -21.24 -26.77
N VAL B 370 -11.30 -22.30 -26.97
CA VAL B 370 -11.20 -23.35 -25.97
C VAL B 370 -10.53 -22.83 -24.71
N GLY B 371 -9.53 -21.96 -24.86
CA GLY B 371 -8.86 -21.40 -23.71
C GLY B 371 -9.79 -20.61 -22.83
N HIS B 372 -10.80 -19.97 -23.41
CA HIS B 372 -11.82 -19.29 -22.62
C HIS B 372 -12.62 -20.28 -21.77
N VAL B 373 -12.95 -21.44 -22.34
CA VAL B 373 -13.66 -22.45 -21.59
C VAL B 373 -12.84 -22.92 -20.41
N VAL B 374 -11.54 -23.19 -20.63
CA VAL B 374 -10.64 -23.64 -19.58
C VAL B 374 -10.51 -22.57 -18.51
N LYS B 375 -10.41 -21.29 -18.89
CA LYS B 375 -10.31 -20.21 -17.91
C LYS B 375 -11.58 -20.07 -17.09
N ALA B 376 -12.75 -20.23 -17.73
CA ALA B 376 -14.00 -20.15 -17.01
C ALA B 376 -14.15 -21.26 -15.99
N LEU B 377 -13.85 -22.51 -16.38
CA LEU B 377 -13.92 -23.66 -15.47
C LEU B 377 -12.90 -23.54 -14.33
N ALA B 378 -11.68 -23.06 -14.62
CA ALA B 378 -10.68 -22.78 -13.59
C ALA B 378 -11.09 -21.68 -12.60
N LEU B 379 -11.81 -20.64 -13.03
CA LEU B 379 -12.33 -19.59 -12.16
C LEU B 379 -13.53 -20.00 -11.31
N GLY B 380 -14.02 -21.23 -11.40
CA GLY B 380 -15.07 -21.75 -10.52
C GLY B 380 -16.40 -22.04 -11.19
N ALA B 381 -16.58 -21.78 -12.49
CA ALA B 381 -17.77 -22.24 -13.20
C ALA B 381 -17.88 -23.76 -13.20
N SER B 382 -19.09 -24.29 -13.09
CA SER B 382 -19.33 -25.74 -13.20
C SER B 382 -19.62 -26.15 -14.64
N THR B 383 -20.35 -25.34 -15.39
CA THR B 383 -20.66 -25.58 -16.79
C THR B 383 -20.47 -24.27 -17.55
N VAL B 384 -20.38 -24.37 -18.87
CA VAL B 384 -20.19 -23.23 -19.74
C VAL B 384 -21.30 -23.23 -20.78
N MET B 385 -21.92 -22.07 -20.99
CA MET B 385 -22.98 -21.91 -21.97
C MET B 385 -22.45 -21.17 -23.19
N MET B 386 -22.79 -21.67 -24.37
CA MET B 386 -22.28 -21.10 -25.62
C MET B 386 -23.42 -20.77 -26.55
N GLY B 387 -23.47 -19.52 -26.99
CA GLY B 387 -24.34 -19.19 -28.10
C GLY B 387 -23.66 -19.18 -29.45
N SER B 388 -22.64 -18.33 -29.60
CA SER B 388 -22.10 -18.06 -30.93
C SER B 388 -21.11 -19.10 -31.40
N LEU B 389 -20.47 -19.80 -30.48
CA LEU B 389 -19.55 -20.87 -30.86
C LEU B 389 -20.28 -22.02 -31.53
N LEU B 390 -21.56 -22.21 -31.20
CA LEU B 390 -22.36 -23.29 -31.76
C LEU B 390 -23.34 -22.81 -32.82
N ALA B 391 -23.40 -21.51 -33.07
CA ALA B 391 -24.19 -21.02 -34.19
C ALA B 391 -23.48 -21.36 -35.49
N ALA B 392 -24.27 -21.40 -36.56
CA ALA B 392 -23.79 -21.80 -37.88
C ALA B 392 -23.25 -23.22 -37.88
N THR B 393 -23.75 -24.05 -36.98
CA THR B 393 -23.58 -25.48 -37.08
C THR B 393 -24.81 -26.07 -37.73
N THR B 394 -24.70 -27.33 -38.15
CA THR B 394 -25.79 -27.96 -38.88
C THR B 394 -27.05 -28.07 -38.03
N GLU B 395 -26.89 -28.39 -36.76
CA GLU B 395 -28.03 -28.58 -35.88
C GLU B 395 -28.71 -27.26 -35.52
N ALA B 396 -28.06 -26.13 -35.75
CA ALA B 396 -28.65 -24.86 -35.37
C ALA B 396 -29.90 -24.57 -36.21
N PRO B 397 -30.88 -23.86 -35.66
CA PRO B 397 -32.07 -23.53 -36.42
C PRO B 397 -31.74 -22.54 -37.53
N GLY B 398 -32.68 -22.37 -38.44
CA GLY B 398 -32.49 -21.42 -39.52
C GLY B 398 -31.95 -22.08 -40.77
N GLU B 399 -31.59 -21.23 -41.72
CA GLU B 399 -31.18 -21.66 -43.04
C GLU B 399 -29.79 -21.13 -43.36
N TYR B 400 -29.06 -21.89 -44.17
CA TYR B 400 -27.79 -21.41 -44.67
C TYR B 400 -28.00 -20.45 -45.84
N PHE B 401 -27.11 -19.47 -45.95
CA PHE B 401 -27.15 -18.55 -47.08
C PHE B 401 -25.72 -18.17 -47.44
N PHE B 402 -25.56 -17.65 -48.66
CA PHE B 402 -24.26 -17.32 -49.19
C PHE B 402 -24.09 -15.82 -49.30
N SER B 403 -22.86 -15.37 -49.08
CA SER B 403 -22.52 -13.95 -49.19
C SER B 403 -21.02 -13.83 -49.39
N ASP B 404 -20.60 -13.33 -50.55
CA ASP B 404 -19.20 -13.15 -50.89
C ASP B 404 -18.44 -14.47 -50.83
N GLY B 405 -19.10 -15.54 -51.26
CA GLY B 405 -18.44 -16.84 -51.32
C GLY B 405 -18.19 -17.48 -49.98
N VAL B 406 -18.92 -17.09 -48.95
CA VAL B 406 -18.79 -17.67 -47.62
C VAL B 406 -20.19 -18.07 -47.16
N ARG B 407 -20.38 -19.35 -46.88
CA ARG B 407 -21.66 -19.81 -46.36
C ARG B 407 -21.87 -19.28 -44.95
N LEU B 408 -23.05 -18.73 -44.69
CA LEU B 408 -23.33 -18.06 -43.44
C LEU B 408 -24.68 -18.49 -42.90
N LYS B 409 -24.81 -18.46 -41.58
CA LYS B 409 -26.08 -18.62 -40.90
C LYS B 409 -26.32 -17.39 -40.02
N LYS B 410 -27.58 -17.01 -39.88
CA LYS B 410 -27.92 -15.85 -39.09
C LYS B 410 -27.80 -16.16 -37.61
N TYR B 411 -27.30 -15.18 -36.84
CA TYR B 411 -27.20 -15.31 -35.39
C TYR B 411 -27.45 -13.95 -34.76
N ARG B 412 -28.54 -13.84 -34.01
CA ARG B 412 -28.96 -12.58 -33.43
C ARG B 412 -29.14 -12.75 -31.93
N GLY B 413 -29.15 -11.63 -31.22
CA GLY B 413 -29.49 -11.65 -29.83
C GLY B 413 -30.99 -11.66 -29.60
N MET B 414 -31.38 -12.06 -28.40
CA MET B 414 -32.80 -12.07 -28.05
C MET B 414 -33.34 -10.68 -27.78
N GLY B 415 -32.48 -9.72 -27.50
CA GLY B 415 -32.87 -8.34 -27.34
C GLY B 415 -32.74 -7.48 -28.58
N SER B 416 -32.27 -8.03 -29.69
CA SER B 416 -32.22 -7.27 -30.93
C SER B 416 -33.63 -6.99 -31.41
N LEU B 417 -33.78 -5.90 -32.16
CA LEU B 417 -35.10 -5.47 -32.59
C LEU B 417 -35.79 -6.55 -33.40
N ASP B 418 -35.03 -7.23 -34.26
CA ASP B 418 -35.62 -8.30 -35.07
C ASP B 418 -36.19 -9.39 -34.20
N ALA B 419 -35.47 -9.79 -33.15
CA ALA B 419 -35.94 -10.89 -32.32
C ALA B 419 -37.09 -10.49 -31.42
N MET B 420 -37.24 -9.21 -31.10
CA MET B 420 -38.34 -8.77 -30.26
C MET B 420 -39.63 -8.53 -31.04
N GLU B 421 -39.62 -8.72 -32.36
CA GLU B 421 -40.83 -8.59 -33.15
C GLU B 421 -41.12 -9.89 -33.89
N VAL B 437 -42.16 2.69 -27.42
CA VAL B 437 -40.76 2.78 -27.78
C VAL B 437 -39.99 1.59 -27.21
N LYS B 438 -39.26 0.90 -28.08
CA LYS B 438 -38.51 -0.29 -27.69
C LYS B 438 -37.01 -0.02 -27.82
N ILE B 439 -36.31 -0.11 -26.70
CA ILE B 439 -34.86 -0.04 -26.70
C ILE B 439 -34.30 -1.41 -27.08
N ALA B 440 -33.35 -1.42 -28.01
CA ALA B 440 -32.69 -2.64 -28.41
C ALA B 440 -31.50 -2.92 -27.51
N GLN B 441 -31.39 -4.17 -27.05
CA GLN B 441 -30.30 -4.58 -26.18
C GLN B 441 -29.40 -5.61 -26.82
N GLY B 442 -29.55 -5.87 -28.11
CA GLY B 442 -28.73 -6.82 -28.81
C GLY B 442 -28.64 -6.46 -30.28
N VAL B 443 -27.72 -7.12 -30.96
CA VAL B 443 -27.44 -6.83 -32.35
C VAL B 443 -27.65 -8.12 -33.15
N SER B 444 -27.83 -7.96 -34.46
CA SER B 444 -28.10 -9.09 -35.34
C SER B 444 -27.02 -9.20 -36.41
N GLY B 445 -26.51 -10.40 -36.60
CA GLY B 445 -25.43 -10.63 -37.55
C GLY B 445 -25.46 -12.02 -38.14
N SER B 446 -24.30 -12.49 -38.58
CA SER B 446 -24.17 -13.79 -39.22
C SER B 446 -22.86 -14.45 -38.82
N ILE B 447 -22.85 -15.77 -38.82
CA ILE B 447 -21.70 -16.58 -38.47
C ILE B 447 -21.36 -17.46 -39.65
N GLN B 448 -20.06 -17.77 -39.80
CA GLN B 448 -19.59 -18.64 -40.87
C GLN B 448 -19.76 -20.10 -40.49
N ASP B 449 -20.12 -20.91 -41.47
CA ASP B 449 -20.49 -22.30 -41.22
C ASP B 449 -19.36 -23.09 -40.55
N LYS B 450 -19.74 -23.99 -39.64
CA LYS B 450 -18.80 -24.78 -38.86
C LYS B 450 -18.99 -26.27 -38.99
N GLY B 451 -20.09 -26.75 -39.58
CA GLY B 451 -20.30 -28.17 -39.68
C GLY B 451 -21.23 -28.72 -38.63
N SER B 452 -21.04 -29.97 -38.23
CA SER B 452 -21.94 -30.63 -37.30
C SER B 452 -21.45 -30.49 -35.86
N ILE B 453 -22.40 -30.46 -34.93
CA ILE B 453 -22.07 -30.44 -33.52
C ILE B 453 -21.27 -31.68 -33.14
N GLN B 454 -21.57 -32.82 -33.75
CA GLN B 454 -20.93 -34.07 -33.40
C GLN B 454 -19.50 -34.18 -33.92
N LYS B 455 -19.07 -33.24 -34.74
CA LYS B 455 -17.66 -33.08 -35.09
C LYS B 455 -16.98 -32.00 -34.28
N PHE B 456 -17.70 -30.95 -33.93
CA PHE B 456 -17.10 -29.78 -33.31
C PHE B 456 -16.94 -29.95 -31.80
N VAL B 457 -17.91 -30.56 -31.14
CA VAL B 457 -17.87 -30.73 -29.69
C VAL B 457 -16.73 -31.67 -29.27
N PRO B 458 -16.41 -32.74 -29.99
CA PRO B 458 -15.22 -33.53 -29.60
C PRO B 458 -13.93 -32.75 -29.66
N TYR B 459 -13.80 -31.84 -30.62
CA TYR B 459 -12.62 -30.97 -30.66
C TYR B 459 -12.54 -30.11 -29.41
N LEU B 460 -13.67 -29.56 -28.99
CA LEU B 460 -13.72 -28.79 -27.75
C LEU B 460 -13.31 -29.64 -26.55
N ILE B 461 -13.84 -30.85 -26.48
CA ILE B 461 -13.55 -31.71 -25.34
C ILE B 461 -12.06 -32.03 -25.28
N ALA B 462 -11.45 -32.30 -26.44
CA ALA B 462 -10.03 -32.58 -26.47
C ALA B 462 -9.21 -31.37 -26.04
N GLY B 463 -9.58 -30.18 -26.52
CA GLY B 463 -8.89 -28.98 -26.09
C GLY B 463 -8.99 -28.76 -24.59
N ILE B 464 -10.16 -29.00 -24.00
CA ILE B 464 -10.36 -28.83 -22.55
C ILE B 464 -9.50 -29.85 -21.80
N GLN B 465 -9.46 -31.10 -22.26
CA GLN B 465 -8.67 -32.12 -21.59
C GLN B 465 -7.18 -31.78 -21.65
N HIS B 466 -6.74 -31.22 -22.77
CA HIS B 466 -5.33 -30.90 -22.92
C HIS B 466 -4.95 -29.70 -22.06
N GLY B 467 -5.80 -28.67 -22.00
CA GLY B 467 -5.55 -27.58 -21.10
C GLY B 467 -5.50 -28.02 -19.64
N CYS B 468 -6.41 -28.91 -19.22
CA CYS B 468 -6.38 -29.45 -17.87
C CYS B 468 -5.12 -30.26 -17.60
N GLN B 469 -4.65 -31.03 -18.58
CA GLN B 469 -3.42 -31.79 -18.37
C GLN B 469 -2.21 -30.86 -18.24
N ASP B 470 -2.15 -29.81 -19.07
CA ASP B 470 -1.05 -28.86 -18.94
C ASP B 470 -1.08 -28.14 -17.59
N ILE B 471 -2.26 -27.88 -17.04
CA ILE B 471 -2.43 -27.34 -15.68
C ILE B 471 -2.03 -28.37 -14.60
N GLY B 472 -2.05 -29.66 -14.89
CA GLY B 472 -1.83 -30.72 -13.91
C GLY B 472 -3.06 -31.12 -13.12
N ALA B 473 -4.27 -30.82 -13.60
CA ALA B 473 -5.53 -31.24 -12.98
C ALA B 473 -6.15 -32.43 -13.72
N ARG B 474 -6.37 -33.57 -13.05
CA ARG B 474 -6.95 -34.77 -13.68
C ARG B 474 -8.49 -34.81 -13.74
N SER B 475 -9.17 -33.84 -13.16
CA SER B 475 -10.61 -33.62 -13.31
C SER B 475 -10.96 -32.17 -13.07
N LEU B 476 -12.16 -31.75 -13.49
CA LEU B 476 -12.63 -30.37 -13.27
C LEU B 476 -12.90 -30.06 -11.79
N SER B 477 -13.34 -31.04 -10.99
CA SER B 477 -13.48 -30.86 -9.55
C SER B 477 -12.12 -30.73 -8.85
N VAL B 478 -11.09 -31.45 -9.29
CA VAL B 478 -9.71 -31.24 -8.84
C VAL B 478 -9.19 -29.86 -9.26
N LEU B 479 -9.46 -29.40 -10.48
CA LEU B 479 -9.07 -28.08 -10.96
C LEU B 479 -9.60 -26.96 -10.05
N ARG B 480 -10.89 -26.98 -9.72
CA ARG B 480 -11.49 -26.00 -8.81
C ARG B 480 -11.01 -26.15 -7.37
N SER B 481 -10.70 -27.36 -6.92
CA SER B 481 -10.07 -27.59 -5.62
C SER B 481 -8.68 -26.96 -5.54
N MET B 482 -7.86 -27.09 -6.59
CA MET B 482 -6.56 -26.43 -6.67
C MET B 482 -6.72 -24.91 -6.67
N MET B 483 -7.74 -24.37 -7.31
CA MET B 483 -8.02 -22.93 -7.33
C MET B 483 -8.41 -22.39 -5.94
N TYR B 484 -9.37 -23.00 -5.25
CA TYR B 484 -9.79 -22.50 -3.95
C TYR B 484 -8.74 -22.70 -2.84
N SER B 485 -7.91 -23.74 -2.92
CA SER B 485 -6.80 -23.96 -1.98
C SER B 485 -5.53 -23.12 -2.27
N GLY B 486 -5.48 -22.36 -3.36
CA GLY B 486 -4.32 -21.57 -3.75
C GLY B 486 -3.15 -22.35 -4.38
N GLU B 487 -3.33 -23.65 -4.64
CA GLU B 487 -2.36 -24.45 -5.39
C GLU B 487 -2.29 -24.01 -6.87
N LEU B 488 -3.43 -23.70 -7.49
CA LEU B 488 -3.46 -23.18 -8.85
C LEU B 488 -3.00 -21.72 -8.87
N LYS B 489 -2.10 -21.37 -9.79
CA LYS B 489 -1.51 -20.04 -9.90
C LYS B 489 -1.84 -19.37 -11.23
N PHE B 490 -1.91 -18.06 -11.18
CA PHE B 490 -2.39 -17.18 -12.23
C PHE B 490 -1.40 -16.06 -12.50
N GLU B 491 -1.61 -15.35 -13.59
CA GLU B 491 -0.69 -14.33 -14.05
C GLU B 491 -1.47 -13.30 -14.84
N LYS B 492 -1.22 -12.03 -14.59
CA LYS B 492 -1.85 -10.98 -15.38
C LYS B 492 -1.13 -10.81 -16.71
N ARG B 493 -1.78 -10.09 -17.62
CA ARG B 493 -1.25 -9.83 -18.94
C ARG B 493 -1.43 -8.37 -19.28
N THR B 494 -0.33 -7.70 -19.57
CA THR B 494 -0.40 -6.38 -20.17
C THR B 494 -0.93 -6.50 -21.59
N MET B 495 -1.08 -5.37 -22.26
CA MET B 495 -1.48 -5.42 -23.66
C MET B 495 -0.35 -5.98 -24.52
N SER B 496 0.90 -5.65 -24.18
CA SER B 496 2.03 -6.21 -24.90
C SER B 496 2.12 -7.72 -24.67
N ALA B 497 1.74 -8.19 -23.48
CA ALA B 497 1.77 -9.62 -23.23
C ALA B 497 0.73 -10.34 -24.07
N GLN B 498 -0.42 -9.72 -24.28
CA GLN B 498 -1.44 -10.33 -25.12
C GLN B 498 -1.02 -10.31 -26.58
N ILE B 499 -0.34 -9.25 -27.02
CA ILE B 499 0.18 -9.22 -28.39
C ILE B 499 1.20 -10.33 -28.58
N GLU B 500 2.13 -10.48 -27.64
CA GLU B 500 3.11 -11.56 -27.71
C GLU B 500 2.44 -12.92 -27.68
N GLY B 501 1.31 -13.04 -26.97
CA GLY B 501 0.66 -14.33 -26.81
C GLY B 501 0.03 -14.86 -28.09
N GLY B 502 -0.33 -13.98 -29.02
CA GLY B 502 -0.88 -14.38 -30.29
C GLY B 502 0.20 -14.55 -31.36
N VAL B 503 -0.27 -14.71 -32.60
CA VAL B 503 0.64 -14.83 -33.71
C VAL B 503 1.22 -13.45 -34.04
N HIS B 504 2.50 -13.43 -34.40
CA HIS B 504 3.16 -12.16 -34.65
C HIS B 504 4.46 -12.41 -35.40
N GLY B 505 4.95 -11.37 -36.06
CA GLY B 505 6.26 -11.40 -36.66
C GLY B 505 6.36 -12.10 -38.00
N LEU B 506 5.29 -12.66 -38.52
CA LEU B 506 5.35 -13.38 -39.79
C LEU B 506 4.82 -12.52 -40.92
N HIS B 507 5.25 -12.86 -42.14
CA HIS B 507 4.76 -12.16 -43.31
C HIS B 507 3.34 -12.58 -43.66
N SER B 508 2.97 -13.81 -43.35
CA SER B 508 1.64 -14.35 -43.60
C SER B 508 1.52 -15.64 -42.80
N TYR B 509 0.29 -16.13 -42.66
CA TYR B 509 0.04 -17.41 -42.01
C TYR B 509 -1.40 -17.82 -42.26
N THR B 510 -1.69 -19.10 -42.05
CA THR B 510 -3.01 -19.67 -42.24
C THR B 510 -3.41 -20.44 -40.98
N PHE B 511 -4.62 -20.19 -40.50
CA PHE B 511 -5.12 -20.83 -39.28
C PHE B 511 -5.85 -22.12 -39.62
N LEU B 512 -5.64 -23.16 -38.81
CA LEU B 512 -6.33 -24.44 -38.98
C LEU B 512 -6.46 -25.10 -37.62
N PRO B 513 -7.61 -24.98 -36.98
CA PRO B 513 -7.78 -25.52 -35.62
C PRO B 513 -7.81 -27.04 -35.56
N PHE B 514 -8.52 -27.67 -36.48
CA PHE B 514 -8.76 -29.12 -36.47
C PHE B 514 -9.54 -29.54 -35.23
N MET C 1 43.60 10.14 3.86
CA MET C 1 42.65 11.20 4.28
C MET C 1 41.83 11.67 3.07
N ALA C 2 40.55 11.29 3.02
CA ALA C 2 39.64 11.57 1.89
C ALA C 2 38.18 11.28 2.28
N ASP C 3 37.24 11.52 1.37
CA ASP C 3 35.84 11.09 1.44
C ASP C 3 35.68 9.56 1.55
N TYR C 4 36.73 8.82 1.16
CA TYR C 4 36.85 7.36 1.27
C TYR C 4 36.56 6.81 2.67
N LEU C 5 36.82 7.59 3.73
CA LEU C 5 36.48 7.20 5.09
C LEU C 5 34.96 7.17 5.35
N ILE C 6 34.16 8.04 4.73
CA ILE C 6 32.69 7.97 4.88
C ILE C 6 32.18 6.66 4.27
N SER C 7 32.59 6.31 3.06
CA SER C 7 32.49 4.96 2.46
C SER C 7 33.52 4.79 1.35
N GLY C 8 34.08 3.58 1.21
CA GLY C 8 35.12 3.28 0.23
C GLY C 8 34.60 3.18 -1.21
N GLY C 9 34.38 1.97 -1.70
CA GLY C 9 33.89 1.72 -3.06
C GLY C 9 32.46 2.22 -3.33
N THR C 10 31.60 2.23 -2.31
CA THR C 10 30.20 2.69 -2.43
C THR C 10 30.11 4.21 -2.30
N GLY C 11 30.65 4.95 -3.29
CA GLY C 11 30.49 6.39 -3.44
C GLY C 11 29.04 6.79 -3.80
N TYR C 12 28.67 8.06 -3.64
CA TYR C 12 27.30 8.52 -3.87
C TYR C 12 26.91 8.46 -5.35
N VAL C 13 25.83 7.74 -5.64
CA VAL C 13 25.15 7.70 -6.94
C VAL C 13 23.66 7.98 -6.68
N PRO C 14 23.05 9.02 -7.28
CA PRO C 14 21.63 9.31 -7.13
C PRO C 14 20.75 8.11 -7.49
N GLU C 15 19.78 7.80 -6.63
CA GLU C 15 18.91 6.64 -6.80
C GLU C 15 17.74 6.97 -7.73
N ASP C 16 17.73 6.43 -8.96
CA ASP C 16 16.74 6.77 -9.98
C ASP C 16 16.36 5.54 -10.82
N GLY C 17 15.08 5.22 -10.95
CA GLY C 17 14.58 3.97 -11.57
C GLY C 17 14.50 2.76 -10.63
N LEU C 18 13.94 1.66 -11.10
CA LEU C 18 13.65 0.45 -10.32
C LEU C 18 14.74 -0.62 -10.48
N THR C 19 15.09 -1.35 -9.43
CA THR C 19 15.87 -2.59 -9.60
C THR C 19 15.00 -3.65 -10.30
N ALA C 20 15.60 -4.69 -10.86
CA ALA C 20 14.81 -5.80 -11.42
C ALA C 20 13.84 -6.37 -10.38
N GLN C 21 14.22 -6.46 -9.11
CA GLN C 21 13.34 -7.01 -8.09
C GLN C 21 12.10 -6.14 -7.93
N GLN C 22 12.26 -4.83 -7.91
CA GLN C 22 11.12 -3.94 -7.76
C GLN C 22 10.29 -3.81 -9.02
N LEU C 23 10.86 -4.12 -10.18
CA LEU C 23 10.10 -4.06 -11.42
C LEU C 23 9.09 -5.20 -11.50
N PHE C 24 9.45 -6.38 -11.03
CA PHE C 24 8.58 -7.53 -11.09
C PHE C 24 7.77 -7.74 -9.82
N ALA C 25 7.80 -6.77 -8.90
CA ALA C 25 7.09 -6.92 -7.64
C ALA C 25 5.60 -6.60 -7.77
N SER C 26 5.24 -5.79 -8.76
CA SER C 26 3.84 -5.37 -8.92
C SER C 26 2.97 -6.43 -9.56
N ALA C 27 3.53 -7.54 -10.01
CA ALA C 27 2.78 -8.68 -10.51
C ALA C 27 1.99 -8.37 -11.78
N ASP C 28 2.44 -7.39 -12.56
CA ASP C 28 1.95 -7.31 -13.92
C ASP C 28 2.64 -8.35 -14.77
N GLY C 29 1.96 -8.80 -15.80
CA GLY C 29 2.60 -9.71 -16.73
C GLY C 29 3.45 -8.98 -17.74
N LEU C 30 4.65 -8.58 -17.36
CA LEU C 30 5.50 -7.78 -18.24
C LEU C 30 6.16 -8.64 -19.31
N THR C 31 6.22 -8.10 -20.52
CA THR C 31 7.00 -8.67 -21.61
C THR C 31 8.10 -7.69 -21.97
N TYR C 32 8.87 -8.05 -23.01
CA TYR C 32 10.04 -7.27 -23.40
C TYR C 32 9.68 -5.84 -23.77
N ASN C 33 8.51 -5.62 -24.36
CA ASN C 33 8.13 -4.28 -24.77
C ASN C 33 7.64 -3.40 -23.63
N ASP C 34 7.44 -3.96 -22.45
CA ASP C 34 6.84 -3.21 -21.34
C ASP C 34 7.86 -2.39 -20.56
N PHE C 35 9.16 -2.57 -20.79
CA PHE C 35 10.15 -1.92 -19.95
C PHE C 35 11.36 -1.53 -20.78
N LEU C 36 12.23 -0.73 -20.18
CA LEU C 36 13.50 -0.32 -20.75
C LEU C 36 14.58 -0.47 -19.70
N ILE C 37 15.83 -0.47 -20.14
CA ILE C 37 17.00 -0.42 -19.27
C ILE C 37 17.52 1.03 -19.26
N LEU C 38 17.76 1.60 -18.09
CA LEU C 38 18.32 2.93 -17.96
C LEU C 38 19.82 2.93 -18.22
N PRO C 39 20.37 3.93 -18.94
CA PRO C 39 21.79 3.94 -19.28
C PRO C 39 22.68 4.19 -18.07
N GLY C 40 23.91 3.69 -18.16
CA GLY C 40 24.91 3.71 -17.10
C GLY C 40 26.02 4.72 -17.37
N PHE C 41 27.26 4.27 -17.16
CA PHE C 41 28.47 5.05 -17.37
C PHE C 41 29.37 4.34 -18.35
N ILE C 42 29.83 5.04 -19.37
CA ILE C 42 30.64 4.47 -20.44
C ILE C 42 32.11 4.78 -20.17
N ASP C 43 32.94 3.74 -20.10
CA ASP C 43 34.39 3.95 -20.03
C ASP C 43 35.16 2.93 -20.87
N PHE C 44 34.50 2.27 -21.81
CA PHE C 44 35.13 1.31 -22.69
C PHE C 44 34.50 1.50 -24.07
N ILE C 45 35.03 0.83 -25.07
CA ILE C 45 34.45 0.91 -26.40
C ILE C 45 33.61 -0.34 -26.64
N ALA C 46 32.64 -0.21 -27.55
CA ALA C 46 31.69 -1.30 -27.77
C ALA C 46 32.36 -2.57 -28.26
N ASP C 47 33.58 -2.49 -28.79
CA ASP C 47 34.25 -3.68 -29.29
C ASP C 47 34.90 -4.52 -28.20
N GLU C 48 35.13 -3.94 -27.02
CA GLU C 48 35.68 -4.73 -25.92
C GLU C 48 34.63 -5.55 -25.20
N VAL C 49 33.35 -5.38 -25.52
CA VAL C 49 32.28 -6.09 -24.80
C VAL C 49 32.38 -7.59 -25.06
N ASP C 50 32.62 -8.35 -24.00
CA ASP C 50 32.75 -9.80 -23.99
C ASP C 50 31.38 -10.49 -23.90
N LEU C 51 31.05 -11.31 -24.91
CA LEU C 51 29.78 -12.03 -25.00
C LEU C 51 29.84 -13.50 -24.57
N THR C 52 30.89 -13.92 -23.88
CA THR C 52 31.06 -15.31 -23.40
C THR C 52 29.87 -15.76 -22.54
N SER C 53 29.32 -16.93 -22.85
CA SER C 53 28.02 -17.38 -22.34
C SER C 53 28.04 -18.85 -21.94
N ALA C 54 27.49 -19.21 -20.78
CA ALA C 54 27.32 -20.62 -20.39
C ALA C 54 26.08 -21.20 -21.09
N LEU C 55 26.23 -22.28 -21.85
CA LEU C 55 25.09 -22.99 -22.41
C LEU C 55 24.56 -24.03 -21.43
N THR C 56 25.44 -24.80 -20.83
CA THR C 56 25.09 -25.76 -19.80
C THR C 56 26.02 -25.55 -18.62
N ARG C 57 26.00 -26.46 -17.65
CA ARG C 57 26.95 -26.38 -16.55
C ARG C 57 28.39 -26.53 -17.05
N LYS C 58 28.58 -27.27 -18.14
CA LYS C 58 29.91 -27.62 -18.60
C LYS C 58 30.30 -27.10 -19.96
N ILE C 59 29.42 -26.41 -20.68
CA ILE C 59 29.72 -25.96 -22.03
C ILE C 59 29.62 -24.45 -22.09
N THR C 60 30.63 -23.83 -22.70
CA THR C 60 30.69 -22.39 -22.88
C THR C 60 30.71 -22.04 -24.36
N LEU C 61 30.02 -20.98 -24.71
CA LEU C 61 30.09 -20.40 -26.04
C LEU C 61 30.71 -19.02 -25.96
N LYS C 62 31.17 -18.53 -27.12
CA LYS C 62 31.69 -17.17 -27.22
C LYS C 62 30.62 -16.15 -27.56
N THR C 63 29.45 -16.62 -27.98
CA THR C 63 28.33 -15.82 -28.43
C THR C 63 27.07 -16.40 -27.81
N PRO C 64 26.10 -15.58 -27.36
CA PRO C 64 24.89 -16.08 -26.70
C PRO C 64 23.81 -16.70 -27.60
N LEU C 65 24.00 -16.85 -28.92
CA LEU C 65 22.90 -17.11 -29.84
C LEU C 65 22.77 -18.59 -30.15
N ILE C 66 21.54 -19.10 -30.10
CA ILE C 66 21.22 -20.48 -30.43
C ILE C 66 20.13 -20.49 -31.48
N SER C 67 20.26 -21.37 -32.46
CA SER C 67 19.20 -21.58 -33.42
C SER C 67 18.27 -22.68 -32.91
N SER C 68 16.99 -22.48 -33.07
CA SER C 68 15.98 -23.32 -32.44
C SER C 68 15.81 -24.65 -33.19
N PRO C 69 15.54 -25.73 -32.47
CA PRO C 69 15.37 -27.06 -33.09
C PRO C 69 14.03 -27.22 -33.81
N MET C 70 13.87 -26.50 -34.90
CA MET C 70 12.66 -26.56 -35.72
C MET C 70 13.03 -26.98 -37.13
N ASP C 71 12.09 -27.64 -37.81
CA ASP C 71 12.39 -28.24 -39.10
C ASP C 71 12.43 -27.22 -40.23
N THR C 72 12.13 -25.97 -39.96
CA THR C 72 12.37 -24.89 -40.90
C THR C 72 13.49 -23.98 -40.45
N VAL C 73 14.25 -24.39 -39.44
CA VAL C 73 15.33 -23.54 -38.92
C VAL C 73 16.66 -24.27 -38.99
N THR C 74 16.77 -25.42 -38.32
CA THR C 74 18.08 -26.00 -38.04
C THR C 74 18.21 -27.40 -38.60
N GLU C 75 19.13 -27.55 -39.54
CA GLU C 75 19.68 -28.84 -39.96
C GLU C 75 21.18 -28.61 -40.03
N ALA C 76 21.90 -29.50 -40.69
CA ALA C 76 23.37 -29.45 -40.64
C ALA C 76 23.92 -28.08 -41.04
N ASP C 77 23.33 -27.42 -42.04
CA ASP C 77 23.89 -26.17 -42.54
C ASP C 77 23.75 -25.05 -41.51
N MET C 78 22.56 -24.90 -40.95
CA MET C 78 22.37 -23.89 -39.91
C MET C 78 23.24 -24.19 -38.69
N ALA C 79 23.42 -25.48 -38.36
CA ALA C 79 24.23 -25.83 -37.20
C ALA C 79 25.69 -25.51 -37.44
N ILE C 80 26.21 -25.80 -38.62
CA ILE C 80 27.59 -25.47 -38.94
C ILE C 80 27.80 -23.97 -38.89
N ALA C 81 26.87 -23.21 -39.46
CA ALA C 81 27.04 -21.75 -39.49
C ALA C 81 26.93 -21.15 -38.09
N MET C 82 25.97 -21.60 -37.29
CA MET C 82 25.86 -21.09 -35.92
C MET C 82 27.10 -21.41 -35.12
N ALA C 83 27.64 -22.62 -35.26
CA ALA C 83 28.87 -22.95 -34.56
C ALA C 83 30.02 -22.06 -35.02
N LEU C 84 30.13 -21.81 -36.33
CA LEU C 84 31.23 -20.99 -36.82
C LEU C 84 31.10 -19.55 -36.34
N MET C 85 29.89 -19.05 -36.18
CA MET C 85 29.74 -17.67 -35.72
C MET C 85 29.89 -17.51 -34.23
N GLY C 86 29.98 -18.60 -33.47
CA GLY C 86 30.17 -18.52 -32.04
C GLY C 86 29.05 -19.04 -31.19
N GLY C 87 27.98 -19.57 -31.79
CA GLY C 87 26.92 -20.16 -31.02
C GLY C 87 26.80 -21.64 -31.24
N ILE C 88 25.59 -22.11 -31.45
CA ILE C 88 25.33 -23.54 -31.61
C ILE C 88 23.93 -23.68 -32.19
N GLY C 89 23.69 -24.77 -32.89
CA GLY C 89 22.34 -25.10 -33.31
C GLY C 89 21.92 -26.44 -32.78
N PHE C 90 20.62 -26.67 -32.65
CA PHE C 90 20.08 -27.95 -32.23
C PHE C 90 19.34 -28.57 -33.40
N ILE C 91 19.81 -29.73 -33.88
CA ILE C 91 19.14 -30.41 -34.98
C ILE C 91 17.76 -30.84 -34.52
N HIS C 92 16.74 -30.50 -35.32
CA HIS C 92 15.39 -30.88 -34.99
C HIS C 92 15.19 -32.37 -35.17
N HIS C 93 14.10 -32.88 -34.58
CA HIS C 93 13.81 -34.29 -34.60
C HIS C 93 12.48 -34.61 -35.29
N ASN C 94 12.02 -33.75 -36.18
CA ASN C 94 10.85 -34.07 -37.00
C ASN C 94 11.30 -34.83 -38.24
N CYS C 95 11.87 -36.00 -38.01
CA CYS C 95 12.53 -36.79 -39.03
C CYS C 95 12.79 -38.17 -38.44
N THR C 96 13.40 -39.03 -39.23
CA THR C 96 13.80 -40.34 -38.72
C THR C 96 15.05 -40.21 -37.88
N PRO C 97 15.27 -41.14 -36.95
CA PRO C 97 16.53 -41.12 -36.18
C PRO C 97 17.76 -41.18 -37.07
N GLU C 98 17.70 -41.90 -38.18
CA GLU C 98 18.86 -42.02 -39.06
C GLU C 98 19.16 -40.71 -39.77
N PHE C 99 18.12 -40.00 -40.21
CA PHE C 99 18.31 -38.70 -40.84
C PHE C 99 18.95 -37.70 -39.86
N GLN C 100 18.45 -37.65 -38.63
CA GLN C 100 19.00 -36.73 -37.65
C GLN C 100 20.42 -37.10 -37.27
N ALA C 101 20.70 -38.40 -37.15
CA ALA C 101 22.08 -38.80 -36.86
C ALA C 101 23.01 -38.45 -38.01
N ASN C 102 22.51 -38.53 -39.25
CA ASN C 102 23.31 -38.14 -40.39
C ASN C 102 23.61 -36.65 -40.37
N GLU C 103 22.63 -35.82 -40.01
CA GLU C 103 22.88 -34.39 -39.88
C GLU C 103 23.93 -34.10 -38.83
N VAL C 104 23.81 -34.74 -37.67
CA VAL C 104 24.79 -34.52 -36.60
C VAL C 104 26.18 -34.94 -37.07
N ARG C 105 26.27 -36.08 -37.75
CA ARG C 105 27.56 -36.53 -38.26
C ARG C 105 28.15 -35.55 -39.26
N LYS C 106 27.32 -34.96 -40.11
CA LYS C 106 27.83 -33.96 -41.06
C LYS C 106 28.38 -32.75 -40.32
N VAL C 107 27.72 -32.33 -39.25
CA VAL C 107 28.26 -31.22 -38.47
C VAL C 107 29.57 -31.60 -37.80
N LYS C 108 29.65 -32.82 -37.27
CA LYS C 108 30.83 -33.20 -36.51
C LYS C 108 32.03 -33.56 -37.38
N LYS C 109 31.90 -33.55 -38.69
CA LYS C 109 33.00 -33.88 -39.59
C LYS C 109 33.31 -32.75 -40.57
N PHE C 110 33.09 -31.50 -40.16
CA PHE C 110 33.01 -30.41 -41.13
C PHE C 110 34.37 -30.02 -41.68
N GLU C 111 35.30 -29.60 -40.83
CA GLU C 111 36.69 -29.34 -41.21
C GLU C 111 36.76 -28.29 -42.33
N GLN C 112 36.46 -27.05 -41.94
CA GLN C 112 36.41 -25.90 -42.84
C GLN C 112 37.56 -25.87 -43.84
N GLY C 113 37.19 -25.71 -45.12
CA GLY C 113 38.14 -25.72 -46.21
C GLY C 113 38.03 -26.97 -47.05
N PHE C 114 37.79 -28.10 -46.40
CA PHE C 114 37.73 -29.39 -47.07
C PHE C 114 36.34 -29.61 -47.65
N ILE C 115 36.06 -30.85 -48.05
CA ILE C 115 34.75 -31.24 -48.55
C ILE C 115 34.23 -32.35 -47.65
N THR C 116 33.04 -32.14 -47.08
CA THR C 116 32.41 -33.17 -46.27
C THR C 116 31.55 -34.05 -47.16
N ASP C 117 31.71 -35.36 -47.01
CA ASP C 117 31.05 -36.37 -47.84
C ASP C 117 31.36 -36.14 -49.32
N PRO C 118 32.59 -36.38 -49.76
CA PRO C 118 32.90 -36.24 -51.18
C PRO C 118 32.29 -37.38 -51.99
N VAL C 119 31.95 -37.07 -53.24
CA VAL C 119 31.44 -38.08 -54.16
C VAL C 119 32.58 -38.78 -54.86
N ALA C 188 49.40 -36.33 -52.21
CA ALA C 188 48.31 -36.57 -51.27
C ALA C 188 48.85 -36.75 -49.86
N PRO C 189 49.24 -35.65 -49.22
CA PRO C 189 49.87 -35.75 -47.89
C PRO C 189 48.87 -36.00 -46.78
N ALA C 190 49.34 -35.97 -45.53
CA ALA C 190 48.52 -36.21 -44.35
C ALA C 190 47.70 -34.98 -44.01
N GLY C 191 47.30 -34.83 -42.76
CA GLY C 191 46.60 -33.63 -42.33
C GLY C 191 47.31 -32.35 -42.71
N VAL C 192 46.71 -31.57 -43.60
CA VAL C 192 47.34 -30.40 -44.18
C VAL C 192 46.65 -29.16 -43.61
N THR C 193 47.43 -28.28 -42.99
CA THR C 193 46.92 -26.97 -42.62
C THR C 193 46.51 -26.21 -43.86
N LEU C 194 45.45 -25.40 -43.74
CA LEU C 194 44.97 -24.65 -44.89
C LEU C 194 46.04 -23.72 -45.44
N LYS C 195 46.83 -23.11 -44.56
CA LYS C 195 47.82 -22.14 -45.00
C LYS C 195 48.85 -22.77 -45.93
N GLU C 196 49.07 -24.09 -45.81
CA GLU C 196 49.96 -24.77 -46.74
C GLU C 196 49.35 -24.80 -48.14
N ALA C 197 48.11 -25.28 -48.25
CA ALA C 197 47.49 -25.44 -49.56
C ALA C 197 47.25 -24.11 -50.25
N ASN C 198 47.21 -23.00 -49.52
CA ASN C 198 47.05 -21.70 -50.14
C ASN C 198 48.35 -21.25 -50.81
N LYS C 208 41.29 -29.05 -57.85
CA LYS C 208 41.16 -30.05 -56.79
C LYS C 208 42.52 -30.55 -56.33
N LEU C 209 42.66 -30.74 -55.03
CA LEU C 209 43.91 -31.19 -54.41
C LEU C 209 43.58 -32.32 -53.45
N PRO C 210 43.65 -33.56 -53.91
CA PRO C 210 43.35 -34.69 -53.02
C PRO C 210 44.37 -34.85 -51.92
N ILE C 211 43.89 -35.33 -50.78
CA ILE C 211 44.74 -35.55 -49.61
C ILE C 211 45.01 -37.03 -49.43
N LEU C 218 41.60 -39.80 -51.41
CA LEU C 218 41.31 -41.09 -50.79
C LEU C 218 40.71 -40.89 -49.41
N VAL C 219 41.28 -39.97 -48.64
CA VAL C 219 40.78 -39.66 -47.31
C VAL C 219 40.17 -38.26 -47.23
N ALA C 220 40.58 -37.34 -48.09
CA ALA C 220 40.06 -35.98 -48.08
C ALA C 220 40.34 -35.32 -49.41
N ILE C 221 39.45 -34.44 -49.82
CA ILE C 221 39.58 -33.69 -51.06
C ILE C 221 39.32 -32.23 -50.77
N ILE C 222 39.99 -31.36 -51.52
CA ILE C 222 39.79 -29.92 -51.43
C ILE C 222 39.41 -29.41 -52.81
N ALA C 223 38.46 -28.48 -52.86
CA ALA C 223 38.18 -27.69 -54.05
C ALA C 223 38.78 -26.31 -53.86
N ARG C 224 39.54 -25.84 -54.85
CA ARG C 224 40.32 -24.64 -54.64
C ARG C 224 39.44 -23.40 -54.50
N THR C 225 38.24 -23.42 -55.06
CA THR C 225 37.33 -22.29 -54.85
C THR C 225 36.92 -22.20 -53.39
N ASP C 226 36.67 -23.34 -52.75
CA ASP C 226 36.32 -23.32 -51.33
C ASP C 226 37.47 -22.79 -50.49
N LEU C 227 38.70 -22.93 -50.96
CA LEU C 227 39.86 -22.40 -50.27
C LEU C 227 40.09 -20.93 -50.57
N LYS C 228 39.67 -20.45 -51.74
CA LYS C 228 39.84 -19.03 -52.03
C LYS C 228 38.75 -18.20 -51.35
N LYS C 229 37.56 -18.77 -51.18
CA LYS C 229 36.51 -18.10 -50.40
C LYS C 229 36.59 -18.50 -48.92
N ASN C 230 37.80 -18.38 -48.38
CA ASN C 230 38.07 -18.76 -47.00
C ASN C 230 38.03 -17.56 -46.09
N ARG C 231 37.51 -17.76 -44.88
CA ARG C 231 37.43 -16.73 -43.87
C ARG C 231 38.03 -17.22 -42.56
N ASP C 232 38.26 -16.27 -41.66
CA ASP C 232 38.70 -16.60 -40.31
C ASP C 232 37.49 -16.70 -39.40
N TYR C 233 37.61 -17.52 -38.37
CA TYR C 233 36.54 -17.73 -37.40
C TYR C 233 37.13 -17.78 -36.01
N PRO C 234 37.44 -16.62 -35.44
CA PRO C 234 38.06 -16.60 -34.11
C PRO C 234 37.17 -17.15 -33.00
N LEU C 235 35.85 -17.23 -33.21
CA LEU C 235 34.91 -17.63 -32.17
C LEU C 235 34.23 -18.95 -32.47
N ALA C 236 34.91 -19.87 -33.17
CA ALA C 236 34.27 -20.96 -33.90
C ALA C 236 33.59 -22.02 -33.03
N SER C 237 33.57 -21.95 -31.70
CA SER C 237 32.69 -22.79 -30.88
C SER C 237 32.97 -24.29 -31.11
N LYS C 238 34.12 -24.73 -30.62
CA LYS C 238 34.61 -26.08 -30.88
C LYS C 238 34.75 -26.89 -29.59
N ASP C 239 34.86 -28.20 -29.74
CA ASP C 239 35.05 -29.10 -28.62
C ASP C 239 36.53 -29.42 -28.44
N SER C 240 36.82 -30.39 -27.58
CA SER C 240 38.21 -30.75 -27.28
C SER C 240 38.94 -31.24 -28.51
N GLN C 241 38.29 -32.06 -29.32
CA GLN C 241 38.89 -32.60 -30.55
C GLN C 241 38.82 -31.63 -31.72
N LYS C 242 38.58 -30.34 -31.45
CA LYS C 242 38.62 -29.28 -32.46
C LYS C 242 37.53 -29.44 -33.53
N GLN C 243 36.47 -30.15 -33.19
CA GLN C 243 35.30 -30.27 -34.05
C GLN C 243 34.23 -29.28 -33.61
N LEU C 244 33.33 -28.95 -34.53
CA LEU C 244 32.25 -28.04 -34.19
C LEU C 244 31.28 -28.70 -33.21
N LEU C 245 30.78 -27.89 -32.27
CA LEU C 245 29.77 -28.35 -31.34
C LEU C 245 28.43 -28.52 -32.03
N CYS C 246 27.64 -29.48 -31.56
CA CYS C 246 26.33 -29.72 -32.14
C CYS C 246 25.37 -30.19 -31.06
N GLY C 247 24.12 -29.73 -31.15
CA GLY C 247 23.06 -30.20 -30.30
C GLY C 247 22.03 -30.97 -31.10
N ALA C 248 21.10 -31.60 -30.38
CA ALA C 248 20.01 -32.32 -31.01
C ALA C 248 18.81 -32.34 -30.10
N ALA C 249 17.63 -32.26 -30.69
CA ALA C 249 16.39 -32.39 -29.95
C ALA C 249 15.92 -33.84 -29.93
N VAL C 250 15.22 -34.19 -28.87
CA VAL C 250 14.71 -35.54 -28.64
C VAL C 250 13.43 -35.41 -27.83
N GLY C 251 12.47 -36.29 -28.09
CA GLY C 251 11.24 -36.35 -27.32
C GLY C 251 11.39 -37.16 -26.05
N THR C 252 10.25 -37.45 -25.42
CA THR C 252 10.28 -38.19 -24.17
C THR C 252 9.52 -39.51 -24.27
N ARG C 253 9.40 -40.07 -25.46
CA ARG C 253 8.71 -41.34 -25.62
C ARG C 253 9.73 -42.48 -25.69
N GLU C 254 9.23 -43.70 -25.73
CA GLU C 254 10.13 -44.85 -25.66
C GLU C 254 10.94 -45.02 -26.93
N ASP C 255 10.43 -44.54 -28.06
CA ASP C 255 11.19 -44.63 -29.30
C ASP C 255 12.43 -43.75 -29.26
N ASP C 256 12.39 -42.70 -28.44
CA ASP C 256 13.49 -41.75 -28.40
C ASP C 256 14.76 -42.33 -27.80
N LYS C 257 14.67 -43.46 -27.11
CA LYS C 257 15.88 -44.08 -26.58
C LYS C 257 16.79 -44.58 -27.70
N TYR C 258 16.19 -45.14 -28.76
CA TYR C 258 16.99 -45.59 -29.89
C TYR C 258 17.55 -44.41 -30.68
N ARG C 259 16.76 -43.36 -30.85
CA ARG C 259 17.27 -42.14 -31.48
C ARG C 259 18.42 -41.57 -30.69
N LEU C 260 18.36 -41.65 -29.36
CA LEU C 260 19.43 -41.15 -28.52
C LEU C 260 20.68 -42.00 -28.66
N ASP C 261 20.54 -43.31 -28.76
CA ASP C 261 21.70 -44.16 -29.04
C ASP C 261 22.35 -43.74 -30.34
N LEU C 262 21.55 -43.56 -31.38
CA LEU C 262 22.09 -43.16 -32.68
C LEU C 262 22.78 -41.81 -32.60
N LEU C 263 22.23 -40.88 -31.82
CA LEU C 263 22.81 -39.55 -31.76
C LEU C 263 24.11 -39.52 -30.97
N THR C 264 24.22 -40.33 -29.91
CA THR C 264 25.48 -40.38 -29.19
C THR C 264 26.56 -41.08 -30.01
N GLN C 265 26.17 -42.05 -30.85
CA GLN C 265 27.17 -42.63 -31.74
C GLN C 265 27.68 -41.63 -32.76
N ALA C 266 26.85 -40.67 -33.16
CA ALA C 266 27.27 -39.68 -34.13
C ALA C 266 28.12 -38.57 -33.52
N GLY C 267 28.18 -38.47 -32.20
CA GLY C 267 29.05 -37.53 -31.54
C GLY C 267 28.41 -36.26 -31.02
N VAL C 268 27.11 -36.29 -30.71
CA VAL C 268 26.42 -35.09 -30.26
C VAL C 268 26.93 -34.67 -28.88
N ASP C 269 26.95 -33.36 -28.64
CA ASP C 269 27.52 -32.82 -27.42
C ASP C 269 26.50 -32.48 -26.36
N VAL C 270 25.31 -32.04 -26.75
CA VAL C 270 24.28 -31.63 -25.81
C VAL C 270 22.95 -32.02 -26.40
N ILE C 271 22.03 -32.43 -25.54
CA ILE C 271 20.69 -32.87 -25.92
C ILE C 271 19.69 -31.91 -25.30
N VAL C 272 18.70 -31.49 -26.07
CA VAL C 272 17.56 -30.77 -25.50
C VAL C 272 16.34 -31.67 -25.58
N LEU C 273 15.64 -31.79 -24.46
CA LEU C 273 14.38 -32.52 -24.42
C LEU C 273 13.25 -31.60 -24.85
N ASP C 274 12.63 -31.93 -25.97
CA ASP C 274 11.74 -31.03 -26.69
C ASP C 274 10.31 -31.26 -26.20
N SER C 275 9.76 -30.29 -25.50
CA SER C 275 8.40 -30.39 -25.01
C SER C 275 7.84 -29.00 -24.75
N SER C 276 6.53 -28.87 -24.90
CA SER C 276 5.87 -27.63 -24.54
C SER C 276 5.76 -27.45 -23.03
N GLN C 277 5.70 -28.55 -22.28
CA GLN C 277 5.57 -28.52 -20.83
C GLN C 277 6.49 -29.59 -20.27
N GLY C 278 7.68 -29.19 -19.82
CA GLY C 278 8.70 -30.11 -19.39
C GLY C 278 8.54 -30.70 -18.01
N ASN C 279 7.62 -30.19 -17.20
CA ASN C 279 7.46 -30.66 -15.83
C ASN C 279 6.50 -31.84 -15.79
N SER C 280 6.98 -32.98 -16.29
CA SER C 280 6.19 -34.19 -16.41
C SER C 280 6.98 -35.38 -15.87
N VAL C 281 6.26 -36.46 -15.56
CA VAL C 281 6.92 -37.71 -15.18
C VAL C 281 7.72 -38.28 -16.32
N TYR C 282 7.29 -38.02 -17.56
CA TYR C 282 7.96 -38.59 -18.73
C TYR C 282 9.32 -37.94 -18.94
N GLN C 283 9.38 -36.62 -18.89
CA GLN C 283 10.65 -35.95 -19.06
C GLN C 283 11.61 -36.24 -17.91
N ILE C 284 11.09 -36.40 -16.70
CA ILE C 284 11.96 -36.70 -15.57
C ILE C 284 12.52 -38.11 -15.66
N ALA C 285 11.67 -39.06 -16.06
CA ALA C 285 12.17 -40.39 -16.38
C ALA C 285 13.26 -40.35 -17.44
N MET C 286 13.06 -39.52 -18.48
CA MET C 286 14.03 -39.46 -19.55
C MET C 286 15.35 -38.85 -19.09
N VAL C 287 15.30 -37.81 -18.26
CA VAL C 287 16.50 -37.22 -17.71
C VAL C 287 17.26 -38.24 -16.88
N HIS C 288 16.54 -39.04 -16.10
CA HIS C 288 17.22 -40.06 -15.29
C HIS C 288 17.84 -41.15 -16.15
N TYR C 289 17.09 -41.61 -17.17
CA TYR C 289 17.62 -42.62 -18.09
C TYR C 289 18.90 -42.13 -18.76
N ILE C 290 18.90 -40.89 -19.25
CA ILE C 290 20.08 -40.38 -19.92
C ILE C 290 21.24 -40.26 -18.94
N LYS C 291 20.99 -39.72 -17.76
CA LYS C 291 22.11 -39.53 -16.84
C LYS C 291 22.69 -40.86 -16.39
N GLN C 292 21.89 -41.92 -16.37
CA GLN C 292 22.45 -43.22 -16.05
C GLN C 292 23.22 -43.82 -17.22
N LYS C 293 22.68 -43.72 -18.44
CA LYS C 293 23.32 -44.41 -19.56
C LYS C 293 24.48 -43.63 -20.18
N TYR C 294 24.41 -42.30 -20.21
CA TYR C 294 25.44 -41.48 -20.85
C TYR C 294 25.87 -40.37 -19.90
N PRO C 295 26.69 -40.70 -18.91
CA PRO C 295 27.02 -39.70 -17.88
C PRO C 295 27.78 -38.50 -18.41
N HIS C 296 28.43 -38.62 -19.57
CA HIS C 296 29.17 -37.51 -20.14
C HIS C 296 28.26 -36.49 -20.81
N LEU C 297 27.10 -36.93 -21.30
CA LEU C 297 26.20 -36.09 -22.07
C LEU C 297 25.62 -34.95 -21.24
N GLN C 298 25.42 -33.81 -21.88
CA GLN C 298 24.77 -32.67 -21.26
C GLN C 298 23.33 -32.60 -21.73
N VAL C 299 22.40 -32.39 -20.80
CA VAL C 299 20.97 -32.42 -21.07
C VAL C 299 20.36 -31.09 -20.68
N ILE C 300 19.49 -30.57 -21.54
CA ILE C 300 18.73 -29.36 -21.29
C ILE C 300 17.25 -29.74 -21.22
N GLY C 301 16.60 -29.41 -20.10
CA GLY C 301 15.19 -29.65 -19.94
C GLY C 301 14.34 -28.44 -20.24
N GLY C 302 13.05 -28.67 -20.43
CA GLY C 302 12.14 -27.60 -20.74
C GLY C 302 11.01 -28.10 -21.63
N ASN C 303 10.13 -27.17 -21.97
CA ASN C 303 10.19 -25.78 -21.56
C ASN C 303 9.51 -25.56 -20.22
N VAL C 304 9.95 -24.56 -19.48
CA VAL C 304 9.39 -24.21 -18.17
C VAL C 304 9.19 -22.71 -18.11
N VAL C 305 8.24 -22.23 -17.33
CA VAL C 305 7.97 -20.80 -17.10
C VAL C 305 7.83 -20.41 -15.62
N THR C 306 7.90 -21.36 -14.70
CA THR C 306 7.83 -21.10 -13.26
C THR C 306 8.97 -21.77 -12.50
N ALA C 307 9.30 -21.22 -11.33
CA ALA C 307 10.30 -21.79 -10.43
C ALA C 307 9.96 -23.22 -9.95
N ALA C 308 8.69 -23.62 -9.87
CA ALA C 308 8.29 -24.96 -9.43
C ALA C 308 8.65 -26.08 -10.44
N GLN C 309 8.40 -25.86 -11.73
CA GLN C 309 8.88 -26.71 -12.80
C GLN C 309 10.41 -26.77 -12.80
N ALA C 310 11.05 -25.60 -12.66
CA ALA C 310 12.49 -25.54 -12.67
C ALA C 310 13.08 -26.38 -11.55
N LYS C 311 12.49 -26.34 -10.35
CA LYS C 311 12.91 -27.15 -9.20
C LYS C 311 12.84 -28.63 -9.55
N ASN C 312 11.70 -29.10 -10.07
CA ASN C 312 11.58 -30.52 -10.41
C ASN C 312 12.66 -30.95 -11.39
N LEU C 313 12.90 -30.15 -12.42
CA LEU C 313 13.86 -30.55 -13.43
C LEU C 313 15.30 -30.45 -12.94
N ILE C 314 15.60 -29.47 -12.10
CA ILE C 314 16.96 -29.33 -11.59
C ILE C 314 17.27 -30.44 -10.59
N ASP C 315 16.28 -30.84 -9.80
CA ASP C 315 16.44 -32.01 -8.94
C ASP C 315 16.57 -33.29 -9.75
N ALA C 316 15.97 -33.35 -10.94
CA ALA C 316 16.23 -34.51 -11.79
C ALA C 316 17.67 -34.56 -12.27
N GLY C 317 18.31 -33.42 -12.46
CA GLY C 317 19.70 -33.39 -12.83
C GLY C 317 20.03 -32.77 -14.18
N VAL C 318 19.16 -31.91 -14.71
CA VAL C 318 19.49 -31.25 -15.97
C VAL C 318 20.63 -30.26 -15.76
N ASP C 319 21.31 -29.94 -16.85
CA ASP C 319 22.41 -28.99 -16.83
C ASP C 319 22.03 -27.64 -17.42
N GLY C 320 20.81 -27.51 -17.92
CA GLY C 320 20.33 -26.25 -18.42
C GLY C 320 18.82 -26.31 -18.53
N LEU C 321 18.21 -25.14 -18.62
CA LEU C 321 16.78 -25.03 -18.74
C LEU C 321 16.40 -24.18 -19.94
N ARG C 322 15.38 -24.60 -20.65
CA ARG C 322 14.80 -23.86 -21.76
C ARG C 322 13.51 -23.21 -21.28
N VAL C 323 13.43 -21.89 -21.37
CA VAL C 323 12.36 -21.11 -20.74
C VAL C 323 11.49 -20.50 -21.83
N GLY C 324 10.18 -20.63 -21.68
CA GLY C 324 9.23 -20.02 -22.59
C GLY C 324 8.03 -20.89 -22.91
N MET C 325 6.85 -20.30 -22.93
CA MET C 325 5.63 -21.05 -23.24
C MET C 325 4.63 -20.07 -23.82
N GLY C 326 4.30 -20.26 -25.10
CA GLY C 326 3.32 -19.43 -25.77
C GLY C 326 3.81 -18.07 -26.18
N CYS C 327 5.10 -17.80 -26.07
CA CYS C 327 5.65 -16.51 -26.46
C CYS C 327 6.19 -16.51 -27.88
N GLY C 328 6.31 -17.66 -28.50
CA GLY C 328 6.86 -17.74 -29.83
C GLY C 328 5.97 -17.06 -30.86
N SER C 329 6.59 -16.71 -31.98
CA SER C 329 5.87 -16.01 -33.04
C SER C 329 4.80 -16.88 -33.68
N ILE C 330 5.05 -18.18 -33.77
CA ILE C 330 4.14 -19.10 -34.45
C ILE C 330 3.19 -19.80 -33.48
N CYS C 331 3.25 -19.51 -32.19
CA CYS C 331 2.54 -20.27 -31.17
C CYS C 331 1.14 -19.71 -30.91
N ILE C 332 0.19 -20.61 -30.66
CA ILE C 332 -1.16 -20.21 -30.30
C ILE C 332 -1.61 -20.93 -29.03
N THR C 333 -0.66 -21.40 -28.23
CA THR C 333 -0.97 -22.26 -27.09
C THR C 333 -1.77 -21.50 -26.02
N GLN C 334 -1.34 -20.27 -25.70
CA GLN C 334 -2.04 -19.51 -24.66
C GLN C 334 -3.50 -19.32 -25.00
N GLU C 335 -3.82 -19.22 -26.29
CA GLU C 335 -5.18 -18.98 -26.73
C GLU C 335 -6.01 -20.25 -26.88
N VAL C 336 -5.38 -21.42 -26.97
CA VAL C 336 -6.12 -22.66 -27.11
C VAL C 336 -5.98 -23.57 -25.89
N MET C 337 -5.01 -23.33 -25.01
CA MET C 337 -4.91 -24.11 -23.78
C MET C 337 -4.93 -23.26 -22.52
N ALA C 338 -4.95 -21.93 -22.64
CA ALA C 338 -5.05 -20.99 -21.53
C ALA C 338 -3.84 -21.00 -20.59
N CYS C 339 -2.75 -21.65 -20.99
CA CYS C 339 -1.63 -21.87 -20.10
C CYS C 339 -0.36 -21.27 -20.70
N GLY C 340 0.38 -20.51 -19.89
CA GLY C 340 1.61 -19.90 -20.36
C GLY C 340 2.04 -18.80 -19.42
N ARG C 341 3.00 -17.99 -19.83
CA ARG C 341 3.43 -16.83 -19.05
C ARG C 341 4.00 -15.78 -19.98
N PRO C 342 3.85 -14.48 -19.66
CA PRO C 342 4.61 -13.44 -20.36
C PRO C 342 6.11 -13.66 -20.22
N GLN C 343 6.83 -13.49 -21.33
CA GLN C 343 8.16 -14.07 -21.45
C GLN C 343 9.21 -13.34 -20.60
N GLY C 344 9.11 -12.02 -20.47
CA GLY C 344 10.07 -11.31 -19.64
C GLY C 344 10.00 -11.72 -18.19
N THR C 345 8.79 -11.83 -17.66
CA THR C 345 8.60 -12.30 -16.29
C THR C 345 9.09 -13.72 -16.10
N ALA C 346 8.78 -14.60 -17.05
CA ALA C 346 9.20 -15.99 -16.94
C ALA C 346 10.72 -16.10 -16.95
N VAL C 347 11.38 -15.32 -17.81
CA VAL C 347 12.83 -15.35 -17.86
C VAL C 347 13.41 -14.87 -16.54
N TYR C 348 12.93 -13.75 -16.01
CA TYR C 348 13.44 -13.24 -14.73
C TYR C 348 13.23 -14.26 -13.60
N LYS C 349 12.02 -14.81 -13.46
CA LYS C 349 11.68 -15.71 -12.37
C LYS C 349 12.46 -17.02 -12.44
N VAL C 350 12.57 -17.64 -13.61
CA VAL C 350 13.27 -18.91 -13.71
C VAL C 350 14.77 -18.71 -13.61
N ALA C 351 15.33 -17.66 -14.20
CA ALA C 351 16.76 -17.40 -14.12
C ALA C 351 17.18 -17.11 -12.68
N GLU C 352 16.40 -16.32 -11.94
CA GLU C 352 16.69 -16.05 -10.54
C GLU C 352 16.61 -17.32 -9.69
N TYR C 353 15.66 -18.23 -9.95
CA TYR C 353 15.62 -19.49 -9.21
C TYR C 353 16.78 -20.41 -9.60
N ALA C 354 17.02 -20.60 -10.89
CA ALA C 354 18.03 -21.55 -11.36
C ALA C 354 19.45 -21.10 -11.06
N ARG C 355 19.70 -19.80 -10.88
CA ARG C 355 20.99 -19.26 -10.46
C ARG C 355 21.42 -19.79 -9.10
N ARG C 356 20.48 -20.12 -8.21
CA ARG C 356 20.77 -20.65 -6.86
C ARG C 356 21.50 -21.99 -6.91
N PHE C 357 21.37 -22.72 -8.02
CA PHE C 357 21.97 -24.03 -8.26
C PHE C 357 23.07 -24.00 -9.32
N GLY C 358 23.45 -22.84 -9.86
CA GLY C 358 24.43 -22.75 -10.92
C GLY C 358 23.98 -23.31 -12.24
N VAL C 359 22.71 -23.19 -12.57
CA VAL C 359 22.14 -23.71 -13.83
C VAL C 359 21.82 -22.51 -14.71
N PRO C 360 22.35 -22.45 -15.92
CA PRO C 360 21.97 -21.36 -16.84
C PRO C 360 20.70 -21.67 -17.63
N ILE C 361 20.00 -20.63 -18.03
CA ILE C 361 18.75 -20.82 -18.74
C ILE C 361 18.83 -20.19 -20.12
N ILE C 362 18.09 -20.76 -21.05
CA ILE C 362 17.93 -20.23 -22.41
C ILE C 362 16.58 -19.52 -22.49
N ALA C 363 16.60 -18.27 -22.93
CA ALA C 363 15.38 -17.53 -23.20
C ALA C 363 14.92 -17.86 -24.61
N ASP C 364 13.81 -18.58 -24.73
CA ASP C 364 13.39 -19.15 -26.01
C ASP C 364 12.00 -18.65 -26.38
N GLY C 365 11.93 -17.85 -27.44
CA GLY C 365 10.64 -17.45 -27.99
C GLY C 365 10.34 -15.98 -27.84
N GLY C 366 9.88 -15.35 -28.92
CA GLY C 366 9.45 -13.98 -28.86
C GLY C 366 10.52 -12.96 -29.08
N ILE C 367 11.67 -13.35 -29.61
CA ILE C 367 12.76 -12.43 -29.92
C ILE C 367 12.58 -11.95 -31.35
N GLN C 368 12.33 -10.65 -31.52
CA GLN C 368 12.23 -10.07 -32.85
C GLN C 368 13.35 -9.10 -33.18
N THR C 369 13.86 -8.39 -32.18
CA THR C 369 14.82 -7.32 -32.40
C THR C 369 16.08 -7.59 -31.59
N VAL C 370 17.11 -6.78 -31.83
CA VAL C 370 18.32 -6.84 -31.02
C VAL C 370 18.04 -6.38 -29.61
N GLY C 371 17.17 -5.38 -29.45
CA GLY C 371 16.83 -4.90 -28.14
C GLY C 371 16.18 -5.96 -27.28
N HIS C 372 15.43 -6.87 -27.90
CA HIS C 372 14.87 -8.00 -27.18
C HIS C 372 15.96 -8.92 -26.65
N VAL C 373 17.00 -9.16 -27.45
CA VAL C 373 18.11 -9.99 -27.01
C VAL C 373 18.79 -9.36 -25.81
N VAL C 374 19.05 -8.05 -25.87
CA VAL C 374 19.70 -7.34 -24.77
C VAL C 374 18.82 -7.38 -23.53
N LYS C 375 17.50 -7.21 -23.66
CA LYS C 375 16.60 -7.27 -22.52
C LYS C 375 16.57 -8.66 -21.90
N ALA C 376 16.59 -9.70 -22.73
CA ALA C 376 16.59 -11.06 -22.21
C ALA C 376 17.86 -11.37 -21.44
N LEU C 377 19.03 -11.01 -21.99
CA LEU C 377 20.31 -11.22 -21.31
C LEU C 377 20.40 -10.41 -20.01
N ALA C 378 19.91 -9.17 -20.00
CA ALA C 378 19.84 -8.34 -18.80
C ALA C 378 18.90 -8.90 -17.72
N LEU C 379 17.79 -9.54 -18.07
CA LEU C 379 16.88 -10.20 -17.13
C LEU C 379 17.41 -11.54 -16.56
N GLY C 380 18.60 -11.99 -16.94
CA GLY C 380 19.25 -13.16 -16.34
C GLY C 380 19.39 -14.37 -17.25
N ALA C 381 18.91 -14.34 -18.49
CA ALA C 381 19.20 -15.42 -19.44
C ALA C 381 20.70 -15.51 -19.75
N SER C 382 21.21 -16.72 -19.92
CA SER C 382 22.61 -16.92 -20.32
C SER C 382 22.76 -16.99 -21.84
N THR C 383 21.81 -17.59 -22.55
CA THR C 383 21.79 -17.66 -24.00
C THR C 383 20.39 -17.35 -24.48
N VAL C 384 20.27 -17.05 -25.77
CA VAL C 384 18.99 -16.72 -26.39
C VAL C 384 18.79 -17.65 -27.58
N MET C 385 17.59 -18.22 -27.68
CA MET C 385 17.24 -19.11 -28.78
C MET C 385 16.32 -18.39 -29.75
N MET C 386 16.61 -18.54 -31.04
CA MET C 386 15.86 -17.82 -32.07
C MET C 386 15.34 -18.80 -33.10
N GLY C 387 14.03 -18.78 -33.33
CA GLY C 387 13.49 -19.46 -34.48
C GLY C 387 13.26 -18.57 -35.68
N SER C 388 12.44 -17.54 -35.53
CA SER C 388 11.96 -16.79 -36.69
C SER C 388 12.93 -15.74 -37.16
N LEU C 389 13.80 -15.25 -36.29
CA LEU C 389 14.81 -14.29 -36.70
C LEU C 389 15.81 -14.90 -37.65
N LEU C 390 16.02 -16.22 -37.58
CA LEU C 390 16.97 -16.92 -38.43
C LEU C 390 16.30 -17.70 -39.54
N ALA C 391 14.97 -17.73 -39.58
CA ALA C 391 14.27 -18.32 -40.69
C ALA C 391 14.41 -17.43 -41.92
N ALA C 392 14.24 -18.02 -43.09
CA ALA C 392 14.43 -17.34 -44.37
C ALA C 392 15.84 -16.80 -44.52
N THR C 393 16.80 -17.44 -43.85
CA THR C 393 18.20 -17.25 -44.17
C THR C 393 18.64 -18.36 -45.10
N THR C 394 19.81 -18.19 -45.70
CA THR C 394 20.28 -19.15 -46.70
C THR C 394 20.49 -20.52 -46.10
N GLU C 395 21.04 -20.57 -44.88
CA GLU C 395 21.33 -21.84 -44.23
C GLU C 395 20.08 -22.57 -43.77
N ALA C 396 18.94 -21.90 -43.71
CA ALA C 396 17.73 -22.53 -43.22
C ALA C 396 17.28 -23.63 -44.18
N PRO C 397 16.64 -24.68 -43.67
CA PRO C 397 16.15 -25.74 -44.55
C PRO C 397 15.00 -25.24 -45.41
N GLY C 398 14.67 -26.03 -46.41
CA GLY C 398 13.56 -25.69 -47.28
C GLY C 398 14.01 -24.95 -48.52
N GLU C 399 13.02 -24.42 -49.23
CA GLU C 399 13.23 -23.81 -50.52
C GLU C 399 12.71 -22.37 -50.51
N TYR C 400 13.32 -21.53 -51.34
CA TYR C 400 12.80 -20.19 -51.54
C TYR C 400 11.65 -20.23 -52.54
N PHE C 401 10.70 -19.31 -52.35
CA PHE C 401 9.60 -19.16 -53.30
C PHE C 401 9.21 -17.70 -53.36
N PHE C 402 8.47 -17.35 -54.40
CA PHE C 402 8.09 -15.98 -54.67
C PHE C 402 6.60 -15.78 -54.47
N SER C 403 6.23 -14.60 -54.00
CA SER C 403 4.83 -14.26 -53.78
C SER C 403 4.73 -12.74 -53.74
N ASP C 404 4.07 -12.16 -54.75
CA ASP C 404 3.87 -10.71 -54.83
C ASP C 404 5.21 -9.96 -54.88
N GLY C 405 6.18 -10.55 -55.58
CA GLY C 405 7.46 -9.89 -55.76
C GLY C 405 8.33 -9.87 -54.53
N VAL C 406 8.08 -10.75 -53.57
CA VAL C 406 8.87 -10.85 -52.35
C VAL C 406 9.30 -12.28 -52.19
N ARG C 407 10.62 -12.52 -52.14
CA ARG C 407 11.11 -13.87 -51.92
C ARG C 407 10.81 -14.31 -50.49
N LEU C 408 10.30 -15.52 -50.34
CA LEU C 408 9.83 -15.99 -49.05
C LEU C 408 10.32 -17.41 -48.81
N LYS C 409 10.48 -17.75 -47.54
CA LYS C 409 10.72 -19.12 -47.11
C LYS C 409 9.65 -19.49 -46.09
N LYS C 410 9.26 -20.76 -46.09
CA LYS C 410 8.24 -21.22 -45.17
C LYS C 410 8.80 -21.33 -43.76
N TYR C 411 7.99 -20.97 -42.78
CA TYR C 411 8.37 -21.10 -41.37
C TYR C 411 7.12 -21.45 -40.57
N ARG C 412 7.11 -22.64 -39.99
CA ARG C 412 5.96 -23.15 -39.28
C ARG C 412 6.37 -23.58 -37.88
N GLY C 413 5.38 -23.70 -37.00
CA GLY C 413 5.62 -24.27 -35.70
C GLY C 413 5.63 -25.78 -35.73
N MET C 414 6.22 -26.37 -34.68
CA MET C 414 6.27 -27.82 -34.56
C MET C 414 4.92 -28.41 -34.15
N GLY C 415 4.03 -27.60 -33.60
CA GLY C 415 2.69 -28.00 -33.27
C GLY C 415 1.65 -27.66 -34.29
N SER C 416 2.02 -27.02 -35.39
CA SER C 416 1.06 -26.77 -36.46
C SER C 416 0.65 -28.09 -37.09
N LEU C 417 -0.54 -28.10 -37.67
CA LEU C 417 -1.09 -29.33 -38.23
C LEU C 417 -0.18 -29.89 -39.32
N ASP C 418 0.38 -29.01 -40.15
CA ASP C 418 1.28 -29.45 -41.20
C ASP C 418 2.48 -30.18 -40.62
N ALA C 419 3.08 -29.63 -39.56
CA ALA C 419 4.30 -30.22 -39.02
C ALA C 419 4.02 -31.51 -38.27
N MET C 420 2.83 -31.70 -37.73
CA MET C 420 2.49 -32.93 -37.04
C MET C 420 2.02 -34.03 -37.98
N GLU C 421 1.79 -33.70 -39.25
CA GLU C 421 1.36 -34.70 -40.21
C GLU C 421 2.55 -35.45 -40.80
N VAL C 437 -8.54 -37.20 -32.98
CA VAL C 437 -8.61 -35.76 -33.07
C VAL C 437 -7.29 -35.13 -32.63
N LYS C 438 -6.80 -34.16 -33.38
CA LYS C 438 -5.52 -33.53 -33.11
C LYS C 438 -5.73 -32.04 -32.91
N ILE C 439 -5.39 -31.54 -31.74
CA ILE C 439 -5.41 -30.11 -31.45
C ILE C 439 -4.13 -29.49 -32.01
N ALA C 440 -4.28 -28.39 -32.74
CA ALA C 440 -3.13 -27.67 -33.26
C ALA C 440 -2.67 -26.63 -32.26
N GLN C 441 -1.36 -26.58 -32.03
CA GLN C 441 -0.77 -25.65 -31.07
C GLN C 441 0.18 -24.67 -31.72
N GLY C 442 0.21 -24.61 -33.06
CA GLY C 442 1.05 -23.68 -33.76
C GLY C 442 0.46 -23.36 -35.11
N VAL C 443 1.01 -22.34 -35.74
CA VAL C 443 0.51 -21.83 -37.01
C VAL C 443 1.64 -21.91 -38.04
N SER C 444 1.26 -21.87 -39.31
CA SER C 444 2.22 -22.01 -40.41
C SER C 444 2.17 -20.76 -41.29
N GLY C 445 3.34 -20.22 -41.61
CA GLY C 445 3.44 -19.02 -42.40
C GLY C 445 4.70 -18.95 -43.21
N SER C 446 5.13 -17.73 -43.53
CA SER C 446 6.31 -17.50 -44.35
C SER C 446 7.05 -16.26 -43.87
N ILE C 447 8.36 -16.26 -44.09
CA ILE C 447 9.24 -15.17 -43.70
C ILE C 447 9.93 -14.64 -44.95
N GLN C 448 10.24 -13.35 -44.93
CA GLN C 448 10.91 -12.72 -46.05
C GLN C 448 12.42 -12.93 -45.96
N ASP C 449 13.05 -13.13 -47.11
CA ASP C 449 14.45 -13.55 -47.16
C ASP C 449 15.36 -12.54 -46.47
N LYS C 450 16.39 -13.06 -45.80
CA LYS C 450 17.33 -12.26 -45.04
C LYS C 450 18.79 -12.43 -45.45
N GLY C 451 19.12 -13.41 -46.26
CA GLY C 451 20.50 -13.60 -46.65
C GLY C 451 21.19 -14.70 -45.86
N SER C 452 22.49 -14.56 -45.65
CA SER C 452 23.28 -15.59 -45.01
C SER C 452 23.39 -15.34 -43.50
N ILE C 453 23.49 -16.44 -42.75
CA ILE C 453 23.72 -16.34 -41.32
C ILE C 453 25.04 -15.61 -41.03
N GLN C 454 26.04 -15.82 -41.87
CA GLN C 454 27.35 -15.24 -41.64
C GLN C 454 27.42 -13.75 -41.94
N LYS C 455 26.36 -13.18 -42.50
CA LYS C 455 26.19 -11.75 -42.59
C LYS C 455 25.28 -11.20 -41.51
N PHE C 456 24.28 -11.97 -41.10
CA PHE C 456 23.25 -11.47 -40.20
C PHE C 456 23.68 -11.56 -38.74
N VAL C 457 24.36 -12.63 -38.36
CA VAL C 457 24.78 -12.82 -36.98
C VAL C 457 25.79 -11.76 -36.54
N PRO C 458 26.75 -11.34 -37.38
CA PRO C 458 27.62 -10.22 -36.95
C PRO C 458 26.87 -8.93 -36.66
N TYR C 459 25.82 -8.65 -37.41
CA TYR C 459 25.00 -7.48 -37.12
C TYR C 459 24.36 -7.60 -35.74
N LEU C 460 23.85 -8.79 -35.41
CA LEU C 460 23.30 -9.03 -34.09
C LEU C 460 24.35 -8.83 -33.01
N ILE C 461 25.55 -9.36 -33.23
CA ILE C 461 26.60 -9.26 -32.22
C ILE C 461 26.96 -7.80 -31.98
N ALA C 462 27.05 -7.01 -33.05
CA ALA C 462 27.37 -5.60 -32.89
C ALA C 462 26.26 -4.87 -32.15
N GLY C 463 25.00 -5.15 -32.47
CA GLY C 463 23.91 -4.55 -31.73
C GLY C 463 23.93 -4.88 -30.26
N ILE C 464 24.24 -6.13 -29.91
CA ILE C 464 24.32 -6.57 -28.51
C ILE C 464 25.47 -5.84 -27.81
N GLN C 465 26.62 -5.72 -28.47
CA GLN C 465 27.76 -5.04 -27.86
C GLN C 465 27.46 -3.57 -27.62
N HIS C 466 26.73 -2.95 -28.55
CA HIS C 466 26.43 -1.54 -28.40
C HIS C 466 25.39 -1.29 -27.32
N GLY C 467 24.38 -2.16 -27.22
CA GLY C 467 23.46 -2.06 -26.11
C GLY C 467 24.14 -2.24 -24.77
N CYS C 468 25.06 -3.21 -24.65
CA CYS C 468 25.82 -3.40 -23.42
C CYS C 468 26.70 -2.20 -23.10
N GLN C 469 27.31 -1.57 -24.11
CA GLN C 469 28.12 -0.40 -23.84
C GLN C 469 27.27 0.78 -23.36
N ASP C 470 26.10 0.97 -23.97
CA ASP C 470 25.21 2.03 -23.52
C ASP C 470 24.73 1.78 -22.09
N ILE C 471 24.52 0.53 -21.69
CA ILE C 471 24.21 0.16 -20.31
C ILE C 471 25.40 0.38 -19.36
N GLY C 472 26.63 0.41 -19.88
CA GLY C 472 27.85 0.46 -19.07
C GLY C 472 28.32 -0.90 -18.55
N ALA C 473 27.93 -1.99 -19.19
CA ALA C 473 28.40 -3.34 -18.87
C ALA C 473 29.44 -3.82 -19.88
N ARG C 474 30.67 -4.14 -19.46
CA ARG C 474 31.74 -4.61 -20.36
C ARG C 474 31.73 -6.12 -20.67
N SER C 475 30.85 -6.89 -20.04
CA SER C 475 30.58 -8.29 -20.37
C SER C 475 29.17 -8.71 -19.96
N LEU C 476 28.67 -9.81 -20.48
CA LEU C 476 27.35 -10.32 -20.10
C LEU C 476 27.27 -10.84 -18.65
N SER C 477 28.35 -11.40 -18.10
CA SER C 477 28.39 -11.76 -16.69
C SER C 477 28.41 -10.54 -15.76
N VAL C 478 29.09 -9.45 -16.16
CA VAL C 478 29.01 -8.16 -15.47
C VAL C 478 27.60 -7.57 -15.55
N LEU C 479 26.94 -7.63 -16.71
CA LEU C 479 25.55 -7.17 -16.88
C LEU C 479 24.60 -7.83 -15.89
N ARG C 480 24.63 -9.15 -15.78
CA ARG C 480 23.79 -9.90 -14.84
C ARG C 480 24.18 -9.65 -13.38
N SER C 481 25.47 -9.43 -13.10
CA SER C 481 25.93 -9.02 -11.77
C SER C 481 25.35 -7.66 -11.37
N MET C 482 25.33 -6.69 -12.28
CA MET C 482 24.70 -5.39 -12.05
C MET C 482 23.19 -5.52 -11.82
N MET C 483 22.52 -6.45 -12.52
CA MET C 483 21.09 -6.71 -12.32
C MET C 483 20.79 -7.32 -10.94
N TYR C 484 21.47 -8.39 -10.54
CA TYR C 484 21.18 -9.02 -9.25
C TYR C 484 21.59 -8.15 -8.04
N SER C 485 22.62 -7.32 -8.17
CA SER C 485 23.04 -6.38 -7.11
C SER C 485 22.20 -5.08 -7.03
N GLY C 486 21.31 -4.82 -8.00
CA GLY C 486 20.50 -3.61 -8.04
C GLY C 486 21.20 -2.36 -8.60
N GLU C 487 22.42 -2.48 -9.10
CA GLU C 487 23.10 -1.41 -9.83
C GLU C 487 22.42 -1.10 -11.17
N LEU C 488 22.01 -2.12 -11.90
CA LEU C 488 21.25 -1.95 -13.13
C LEU C 488 19.82 -1.50 -12.83
N LYS C 489 19.34 -0.47 -13.52
CA LYS C 489 18.02 0.11 -13.30
C LYS C 489 17.13 -0.01 -14.53
N PHE C 490 15.84 -0.09 -14.26
CA PHE C 490 14.79 -0.39 -15.21
C PHE C 490 13.68 0.64 -15.12
N GLU C 491 12.79 0.61 -16.10
CA GLU C 491 11.73 1.60 -16.22
C GLU C 491 10.56 0.96 -16.94
N LYS C 492 9.36 1.16 -16.43
CA LYS C 492 8.18 0.67 -17.12
C LYS C 492 7.80 1.59 -18.27
N ARG C 493 6.92 1.10 -19.14
CA ARG C 493 6.47 1.85 -20.30
C ARG C 493 4.95 1.72 -20.40
N THR C 494 4.27 2.85 -20.39
CA THR C 494 2.87 2.87 -20.76
C THR C 494 2.73 2.58 -22.25
N MET C 495 1.50 2.54 -22.74
CA MET C 495 1.31 2.37 -24.17
C MET C 495 1.75 3.63 -24.92
N SER C 496 1.51 4.81 -24.33
CA SER C 496 1.98 6.03 -24.95
C SER C 496 3.50 6.09 -24.97
N ALA C 497 4.16 5.53 -23.95
CA ALA C 497 5.61 5.52 -23.94
C ALA C 497 6.15 4.62 -25.06
N GLN C 498 5.47 3.52 -25.33
CA GLN C 498 5.90 2.66 -26.41
C GLN C 498 5.65 3.30 -27.77
N ILE C 499 4.54 4.04 -27.91
CA ILE C 499 4.30 4.78 -29.15
C ILE C 499 5.39 5.82 -29.36
N GLU C 500 5.72 6.59 -28.32
CA GLU C 500 6.80 7.56 -28.42
C GLU C 500 8.13 6.89 -28.73
N GLY C 501 8.33 5.67 -28.24
CA GLY C 501 9.61 5.00 -28.42
C GLY C 501 9.90 4.59 -29.85
N GLY C 502 8.87 4.38 -30.66
CA GLY C 502 9.03 4.05 -32.05
C GLY C 502 9.05 5.27 -32.94
N VAL C 503 8.99 5.02 -34.25
CA VAL C 503 8.94 6.10 -35.22
C VAL C 503 7.56 6.72 -35.20
N HIS C 504 7.50 8.04 -35.34
CA HIS C 504 6.22 8.74 -35.26
C HIS C 504 6.39 10.14 -35.83
N GLY C 505 5.27 10.73 -36.23
CA GLY C 505 5.22 12.11 -36.63
C GLY C 505 5.69 12.43 -38.02
N LEU C 506 6.13 11.45 -38.79
CA LEU C 506 6.63 11.72 -40.13
C LEU C 506 5.58 11.38 -41.18
N HIS C 507 5.73 12.00 -42.35
CA HIS C 507 4.82 11.71 -43.45
C HIS C 507 5.14 10.36 -44.09
N SER C 508 6.40 9.94 -44.05
CA SER C 508 6.86 8.67 -44.58
C SER C 508 8.25 8.41 -44.04
N TYR C 509 8.74 7.19 -44.21
CA TYR C 509 10.09 6.83 -43.81
C TYR C 509 10.41 5.45 -44.36
N THR C 510 11.71 5.14 -44.40
CA THR C 510 12.21 3.85 -44.88
C THR C 510 13.16 3.27 -43.85
N PHE C 511 12.97 1.99 -43.52
CA PHE C 511 13.79 1.30 -42.54
C PHE C 511 14.98 0.63 -43.20
N LEU C 512 16.15 0.73 -42.57
CA LEU C 512 17.36 0.08 -43.05
C LEU C 512 18.25 -0.25 -41.86
N PRO C 513 18.23 -1.50 -41.40
CA PRO C 513 19.01 -1.85 -40.20
C PRO C 513 20.52 -1.89 -40.41
N PHE C 514 20.95 -2.46 -41.54
CA PHE C 514 22.37 -2.69 -41.83
C PHE C 514 22.98 -3.64 -40.80
N MET D 1 -9.02 42.62 13.03
CA MET D 1 -8.46 41.42 12.39
C MET D 1 -9.57 40.46 11.94
N ALA D 2 -9.25 39.51 11.06
CA ALA D 2 -10.19 38.55 10.46
C ALA D 2 -9.52 37.16 10.26
N ASP D 3 -9.92 36.41 9.24
CA ASP D 3 -9.44 35.06 8.88
C ASP D 3 -7.91 34.94 8.72
N TYR D 4 -7.24 36.07 8.44
CA TYR D 4 -5.78 36.20 8.39
C TYR D 4 -5.08 35.65 9.65
N LEU D 5 -5.72 35.74 10.82
CA LEU D 5 -5.17 35.17 12.05
C LEU D 5 -5.15 33.64 12.03
N ILE D 6 -6.13 32.96 11.44
CA ILE D 6 -6.09 31.49 11.34
C ILE D 6 -4.92 31.08 10.44
N SER D 7 -4.76 31.69 9.27
CA SER D 7 -3.54 31.65 8.45
C SER D 7 -3.46 32.88 7.53
N GLY D 8 -2.26 33.39 7.28
CA GLY D 8 -2.03 34.59 6.46
C GLY D 8 -2.27 34.36 4.96
N GLY D 9 -1.18 34.19 4.19
CA GLY D 9 -1.27 33.95 2.75
C GLY D 9 -1.88 32.61 2.35
N THR D 10 -1.72 31.58 3.19
CA THR D 10 -2.23 30.22 2.95
C THR D 10 -3.72 30.09 3.31
N GLY D 11 -4.60 30.80 2.59
CA GLY D 11 -6.06 30.65 2.67
C GLY D 11 -6.55 29.31 2.12
N TYR D 12 -7.77 28.90 2.45
CA TYR D 12 -8.29 27.58 2.07
C TYR D 12 -8.49 27.42 0.57
N VAL D 13 -7.85 26.41 -0.01
CA VAL D 13 -8.08 25.93 -1.38
C VAL D 13 -8.37 24.43 -1.30
N PRO D 14 -9.50 23.93 -1.82
CA PRO D 14 -9.78 22.50 -1.85
C PRO D 14 -8.68 21.70 -2.55
N GLU D 15 -8.23 20.61 -1.94
CA GLU D 15 -7.16 19.78 -2.50
C GLU D 15 -7.73 18.78 -3.53
N ASP D 16 -7.33 18.88 -4.79
CA ASP D 16 -7.89 18.11 -5.89
C ASP D 16 -6.85 17.88 -7.00
N GLY D 17 -6.54 16.62 -7.34
CA GLY D 17 -5.45 16.26 -8.25
C GLY D 17 -4.08 16.07 -7.57
N LEU D 18 -3.11 15.52 -8.30
CA LEU D 18 -1.79 15.13 -7.79
C LEU D 18 -0.75 16.25 -7.93
N THR D 19 0.18 16.43 -6.99
CA THR D 19 1.38 17.20 -7.25
C THR D 19 2.29 16.42 -8.19
N ALA D 20 3.25 17.12 -8.78
CA ALA D 20 4.18 16.45 -9.69
C ALA D 20 4.96 15.35 -8.97
N GLN D 21 5.28 15.52 -7.69
CA GLN D 21 5.94 14.48 -6.91
C GLN D 21 5.07 13.22 -6.81
N GLN D 22 3.76 13.38 -6.56
CA GLN D 22 2.87 12.23 -6.44
C GLN D 22 2.52 11.62 -7.78
N LEU D 23 2.63 12.37 -8.87
CA LEU D 23 2.35 11.82 -10.19
C LEU D 23 3.42 10.84 -10.61
N PHE D 24 4.68 11.14 -10.30
CA PHE D 24 5.79 10.28 -10.70
C PHE D 24 6.18 9.29 -9.62
N ALA D 25 5.36 9.13 -8.57
CA ALA D 25 5.70 8.23 -7.49
C ALA D 25 5.34 6.78 -7.81
N SER D 26 4.35 6.57 -8.68
CA SER D 26 3.86 5.24 -8.98
C SER D 26 4.78 4.47 -9.93
N ALA D 27 5.83 5.10 -10.45
CA ALA D 27 6.85 4.44 -11.26
C ALA D 27 6.31 3.88 -12.56
N ASP D 28 5.23 4.44 -13.08
CA ASP D 28 4.90 4.17 -14.47
C ASP D 28 5.80 5.01 -15.36
N GLY D 29 6.06 4.50 -16.55
CA GLY D 29 6.81 5.28 -17.50
C GLY D 29 5.95 6.28 -18.24
N LEU D 30 5.65 7.41 -17.60
CA LEU D 30 4.75 8.38 -18.18
C LEU D 30 5.42 9.21 -19.26
N THR D 31 4.69 9.46 -20.34
CA THR D 31 5.08 10.40 -21.37
C THR D 31 4.10 11.56 -21.38
N TYR D 32 4.30 12.48 -22.33
CA TYR D 32 3.49 13.70 -22.39
C TYR D 32 2.01 13.41 -22.56
N ASN D 33 1.66 12.34 -23.28
CA ASN D 33 0.25 12.04 -23.52
C ASN D 33 -0.42 11.37 -22.33
N ASP D 34 0.32 10.98 -21.31
CA ASP D 34 -0.25 10.21 -20.21
C ASP D 34 -0.90 11.09 -19.14
N PHE D 35 -0.73 12.40 -19.18
CA PHE D 35 -1.20 13.25 -18.10
C PHE D 35 -1.68 14.58 -18.65
N LEU D 36 -2.35 15.34 -17.79
CA LEU D 36 -2.81 16.69 -18.07
C LEU D 36 -2.45 17.59 -16.91
N ILE D 37 -2.52 18.89 -17.13
CA ILE D 37 -2.40 19.89 -16.08
C ILE D 37 -3.79 20.40 -15.76
N LEU D 38 -4.14 20.46 -14.48
CA LEU D 38 -5.41 20.99 -14.03
C LEU D 38 -5.41 22.52 -14.06
N PRO D 39 -6.50 23.17 -14.48
CA PRO D 39 -6.53 24.62 -14.59
C PRO D 39 -6.55 25.31 -13.23
N GLY D 40 -6.07 26.55 -13.22
CA GLY D 40 -5.95 27.33 -12.01
C GLY D 40 -6.88 28.51 -11.96
N PHE D 41 -6.35 29.68 -11.60
CA PHE D 41 -7.12 30.91 -11.47
C PHE D 41 -6.56 31.96 -12.41
N ILE D 42 -7.41 32.57 -13.22
CA ILE D 42 -7.00 33.55 -14.21
C ILE D 42 -7.22 34.95 -13.67
N ASP D 43 -6.17 35.76 -13.64
CA ASP D 43 -6.32 37.17 -13.31
C ASP D 43 -5.45 38.07 -14.17
N PHE D 44 -4.97 37.58 -15.31
CA PHE D 44 -4.14 38.34 -16.23
C PHE D 44 -4.59 37.96 -17.63
N ILE D 45 -4.07 38.64 -18.64
CA ILE D 45 -4.40 38.27 -20.01
C ILE D 45 -3.24 37.48 -20.59
N ALA D 46 -3.54 36.67 -21.60
CA ALA D 46 -2.54 35.76 -22.15
C ALA D 46 -1.35 36.49 -22.74
N ASP D 47 -1.47 37.79 -23.03
CA ASP D 47 -0.35 38.51 -23.63
C ASP D 47 0.66 39.01 -22.61
N GLU D 48 0.30 39.06 -21.33
CA GLU D 48 1.27 39.42 -20.31
C GLU D 48 2.18 38.28 -19.92
N VAL D 49 1.94 37.07 -20.45
CA VAL D 49 2.70 35.91 -20.01
C VAL D 49 4.14 36.07 -20.49
N ASP D 50 5.07 36.03 -19.54
CA ASP D 50 6.48 36.23 -19.78
C ASP D 50 7.14 34.89 -20.05
N LEU D 51 7.87 34.78 -21.16
CA LEU D 51 8.44 33.50 -21.58
C LEU D 51 9.95 33.47 -21.45
N THR D 52 10.52 34.34 -20.60
CA THR D 52 11.96 34.44 -20.37
C THR D 52 12.54 33.14 -19.80
N SER D 53 13.63 32.66 -20.38
CA SER D 53 14.14 31.29 -20.18
C SER D 53 15.66 31.25 -20.05
N ALA D 54 16.20 30.51 -19.07
CA ALA D 54 17.64 30.27 -18.98
C ALA D 54 18.06 29.17 -19.95
N LEU D 55 18.99 29.43 -20.87
CA LEU D 55 19.56 28.39 -21.70
C LEU D 55 20.74 27.71 -21.02
N THR D 56 21.63 28.49 -20.43
CA THR D 56 22.74 27.96 -19.65
C THR D 56 22.76 28.69 -18.31
N ARG D 57 23.81 28.52 -17.53
CA ARG D 57 23.94 29.29 -16.30
C ARG D 57 24.05 30.77 -16.58
N LYS D 58 24.59 31.15 -17.73
CA LYS D 58 24.91 32.53 -18.02
C LYS D 58 24.17 33.14 -19.20
N ILE D 59 23.35 32.39 -19.92
CA ILE D 59 22.68 32.90 -21.12
C ILE D 59 21.18 32.81 -20.93
N THR D 60 20.47 33.90 -21.23
CA THR D 60 19.01 33.98 -21.17
C THR D 60 18.42 34.27 -22.55
N LEU D 61 17.35 33.58 -22.89
CA LEU D 61 16.53 33.79 -24.07
C LEU D 61 15.19 34.41 -23.65
N LYS D 62 14.54 35.15 -24.55
CA LYS D 62 13.21 35.69 -24.34
C LYS D 62 12.12 34.68 -24.67
N THR D 63 12.47 33.60 -25.34
CA THR D 63 11.58 32.56 -25.82
C THR D 63 12.21 31.22 -25.52
N PRO D 64 11.44 30.23 -25.15
CA PRO D 64 12.02 28.94 -24.77
C PRO D 64 12.33 27.95 -25.89
N LEU D 65 12.39 28.37 -27.16
CA LEU D 65 12.46 27.44 -28.27
C LEU D 65 13.86 27.36 -28.86
N ILE D 66 14.34 26.14 -29.09
CA ILE D 66 15.64 25.87 -29.70
C ILE D 66 15.43 24.97 -30.89
N SER D 67 16.14 25.26 -31.98
CA SER D 67 16.16 24.36 -33.11
C SER D 67 17.31 23.37 -32.96
N SER D 68 17.04 22.12 -33.28
CA SER D 68 17.95 21.04 -32.97
C SER D 68 19.13 20.98 -33.95
N PRO D 69 20.30 20.59 -33.48
CA PRO D 69 21.51 20.53 -34.34
C PRO D 69 21.51 19.33 -35.28
N MET D 70 20.61 19.34 -36.25
CA MET D 70 20.50 18.28 -37.24
C MET D 70 20.68 18.87 -38.63
N ASP D 71 21.19 18.06 -39.55
CA ASP D 71 21.58 18.55 -40.87
C ASP D 71 20.38 18.79 -41.78
N THR D 72 19.18 18.44 -41.36
CA THR D 72 17.97 18.84 -42.04
C THR D 72 17.18 19.87 -41.27
N VAL D 73 17.76 20.45 -40.23
CA VAL D 73 17.06 21.43 -39.42
C VAL D 73 17.80 22.76 -39.40
N THR D 74 19.05 22.76 -38.93
CA THR D 74 19.71 24.00 -38.54
C THR D 74 20.99 24.22 -39.30
N GLU D 75 21.01 25.29 -40.10
CA GLU D 75 22.22 25.88 -40.63
C GLU D 75 22.04 27.38 -40.42
N ALA D 76 22.83 28.21 -41.09
CA ALA D 76 22.83 29.64 -40.79
C ALA D 76 21.43 30.25 -40.88
N ASP D 77 20.61 29.82 -41.83
CA ASP D 77 19.31 30.46 -42.01
C ASP D 77 18.36 30.17 -40.85
N MET D 78 18.25 28.90 -40.47
CA MET D 78 17.44 28.54 -39.32
C MET D 78 17.95 29.20 -38.05
N ALA D 79 19.28 29.32 -37.91
CA ALA D 79 19.84 29.94 -36.72
C ALA D 79 19.53 31.42 -36.65
N ILE D 80 19.63 32.12 -37.78
CA ILE D 80 19.29 33.54 -37.81
C ILE D 80 17.83 33.74 -37.47
N ALA D 81 16.95 32.91 -38.05
CA ALA D 81 15.53 33.07 -37.79
C ALA D 81 15.16 32.74 -36.35
N MET D 82 15.72 31.68 -35.80
CA MET D 82 15.44 31.34 -34.41
C MET D 82 15.92 32.43 -33.47
N ALA D 83 17.10 32.99 -33.74
CA ALA D 83 17.57 34.09 -32.92
C ALA D 83 16.66 35.30 -33.02
N LEU D 84 16.20 35.62 -34.24
CA LEU D 84 15.34 36.78 -34.40
C LEU D 84 13.99 36.58 -33.71
N MET D 85 13.50 35.36 -33.66
CA MET D 85 12.21 35.13 -33.00
C MET D 85 12.31 35.05 -31.50
N GLY D 86 13.51 35.01 -30.93
CA GLY D 86 13.69 34.98 -29.50
C GLY D 86 14.31 33.72 -28.94
N GLY D 87 14.69 32.77 -29.78
CA GLY D 87 15.38 31.59 -29.30
C GLY D 87 16.80 31.51 -29.80
N ILE D 88 17.19 30.35 -30.27
CA ILE D 88 18.55 30.13 -30.71
C ILE D 88 18.56 28.83 -31.52
N GLY D 89 19.52 28.71 -32.43
CA GLY D 89 19.73 27.45 -33.11
C GLY D 89 21.13 26.94 -32.89
N PHE D 90 21.34 25.64 -33.01
CA PHE D 90 22.66 25.04 -32.91
C PHE D 90 23.04 24.50 -34.27
N ILE D 91 24.12 25.04 -34.86
CA ILE D 91 24.59 24.56 -36.14
C ILE D 91 25.06 23.12 -36.00
N HIS D 92 24.55 22.26 -36.87
CA HIS D 92 24.94 20.85 -36.85
C HIS D 92 26.38 20.69 -37.30
N HIS D 93 26.94 19.52 -36.98
CA HIS D 93 28.34 19.23 -37.30
C HIS D 93 28.49 18.03 -38.23
N ASN D 94 27.48 17.72 -39.02
CA ASN D 94 27.63 16.71 -40.07
C ASN D 94 28.18 17.35 -41.33
N CYS D 95 29.39 17.87 -41.21
CA CYS D 95 30.02 18.68 -42.23
C CYS D 95 31.48 18.85 -41.85
N THR D 96 32.23 19.58 -42.67
CA THR D 96 33.60 19.88 -42.34
C THR D 96 33.65 20.99 -41.29
N PRO D 97 34.72 21.06 -40.51
CA PRO D 97 34.86 22.18 -39.57
C PRO D 97 34.81 23.54 -40.24
N GLU D 98 35.33 23.65 -41.46
CA GLU D 98 35.33 24.94 -42.14
C GLU D 98 33.93 25.35 -42.58
N PHE D 99 33.13 24.40 -43.05
CA PHE D 99 31.74 24.69 -43.39
C PHE D 99 30.94 25.17 -42.18
N GLN D 100 31.09 24.47 -41.05
CA GLN D 100 30.37 24.85 -39.85
C GLN D 100 30.84 26.19 -39.31
N ALA D 101 32.15 26.46 -39.37
CA ALA D 101 32.63 27.76 -38.94
C ALA D 101 32.11 28.86 -39.85
N ASN D 102 31.97 28.58 -41.15
CA ASN D 102 31.41 29.55 -42.07
C ASN D 102 29.95 29.84 -41.74
N GLU D 103 29.17 28.81 -41.42
CA GLU D 103 27.79 29.04 -41.00
C GLU D 103 27.71 29.91 -39.75
N VAL D 104 28.53 29.60 -38.76
CA VAL D 104 28.52 30.39 -37.53
C VAL D 104 28.89 31.84 -37.84
N ARG D 105 29.91 32.05 -38.67
CA ARG D 105 30.30 33.40 -39.04
C ARG D 105 29.18 34.15 -39.75
N LYS D 106 28.44 33.46 -40.61
CA LYS D 106 27.31 34.12 -41.28
C LYS D 106 26.25 34.54 -40.27
N VAL D 107 26.00 33.72 -39.25
CA VAL D 107 25.05 34.12 -38.23
C VAL D 107 25.58 35.30 -37.43
N LYS D 108 26.87 35.30 -37.11
CA LYS D 108 27.40 36.34 -36.24
C LYS D 108 27.65 37.66 -36.96
N LYS D 109 27.40 37.76 -38.26
CA LYS D 109 27.62 38.99 -39.01
C LYS D 109 26.35 39.45 -39.72
N PHE D 110 25.18 39.17 -39.15
CA PHE D 110 23.94 39.24 -39.91
C PHE D 110 23.49 40.69 -40.18
N GLU D 111 23.25 41.46 -39.11
CA GLU D 111 22.96 42.89 -39.24
C GLU D 111 21.74 43.14 -40.13
N GLN D 112 20.58 42.77 -39.58
CA GLN D 112 19.30 42.87 -40.27
C GLN D 112 19.13 44.16 -41.06
N GLY D 113 18.75 44.01 -42.33
CA GLY D 113 18.61 45.14 -43.24
C GLY D 113 19.70 45.16 -44.29
N PHE D 114 20.93 44.81 -43.92
CA PHE D 114 22.09 44.79 -44.82
C PHE D 114 22.24 43.47 -45.56
N ILE D 115 23.21 43.37 -46.49
CA ILE D 115 23.56 42.11 -47.16
C ILE D 115 24.76 41.48 -46.45
N THR D 116 24.64 40.24 -45.99
CA THR D 116 25.77 39.48 -45.45
C THR D 116 26.47 38.78 -46.61
N ASP D 117 27.79 38.93 -46.67
CA ASP D 117 28.62 38.42 -47.76
C ASP D 117 28.16 38.94 -49.10
N PRO D 118 28.33 40.24 -49.38
CA PRO D 118 27.93 40.76 -50.69
C PRO D 118 28.86 40.26 -51.79
N VAL D 119 28.28 40.00 -52.95
CA VAL D 119 29.05 39.59 -54.11
C VAL D 119 29.69 40.80 -54.78
N ALA D 188 30.57 57.26 -49.89
CA ALA D 188 29.57 56.51 -49.13
C ALA D 188 29.66 56.77 -47.61
N PRO D 189 28.54 56.68 -46.86
CA PRO D 189 28.53 56.85 -45.40
C PRO D 189 29.23 55.71 -44.65
N ALA D 190 29.58 55.97 -43.38
CA ALA D 190 29.94 54.96 -42.39
C ALA D 190 28.67 54.27 -41.80
N GLY D 191 28.84 53.36 -40.83
CA GLY D 191 27.75 52.59 -40.22
C GLY D 191 26.57 53.45 -39.76
N VAL D 192 25.35 53.11 -40.21
CA VAL D 192 24.17 53.98 -40.17
C VAL D 192 22.89 53.20 -39.85
N THR D 193 21.98 53.80 -39.07
CA THR D 193 20.76 53.16 -38.63
C THR D 193 19.81 52.97 -39.79
N LEU D 194 18.96 51.95 -39.71
CA LEU D 194 18.01 51.69 -40.77
C LEU D 194 17.04 52.85 -40.96
N LYS D 195 16.59 53.45 -39.85
CA LYS D 195 15.62 54.53 -39.96
C LYS D 195 16.22 55.76 -40.65
N GLU D 196 17.54 55.96 -40.64
CA GLU D 196 18.12 57.07 -41.42
C GLU D 196 18.04 56.76 -42.92
N ALA D 197 18.32 55.51 -43.30
CA ALA D 197 18.12 55.02 -44.67
C ALA D 197 16.62 54.95 -45.08
N ASN D 198 15.69 54.78 -44.13
CA ASN D 198 14.26 54.81 -44.36
C ASN D 198 13.52 55.48 -43.20
N LYS D 208 19.46 50.13 -54.32
CA LYS D 208 20.72 49.89 -53.62
C LYS D 208 21.24 51.15 -52.92
N LEU D 209 21.95 50.96 -51.81
CA LEU D 209 22.52 52.02 -50.98
C LEU D 209 23.86 51.52 -50.37
N PRO D 210 25.02 51.88 -50.95
CA PRO D 210 26.34 51.51 -50.43
C PRO D 210 26.73 52.28 -49.16
N ILE D 211 27.54 51.66 -48.29
CA ILE D 211 27.99 52.21 -47.00
C ILE D 211 29.52 52.15 -46.90
N LEU D 218 34.35 51.05 -49.36
CA LEU D 218 33.14 50.26 -49.14
C LEU D 218 33.32 49.29 -47.96
N VAL D 219 32.35 49.24 -47.04
CA VAL D 219 32.32 48.31 -45.91
C VAL D 219 31.02 47.49 -45.83
N ALA D 220 29.91 48.00 -46.36
CA ALA D 220 28.63 47.30 -46.39
C ALA D 220 27.72 47.82 -47.51
N ILE D 221 26.66 47.08 -47.84
CA ILE D 221 25.68 47.42 -48.87
C ILE D 221 24.27 47.00 -48.44
N ILE D 222 23.28 47.83 -48.73
CA ILE D 222 21.85 47.53 -48.59
C ILE D 222 21.25 47.37 -49.98
N ALA D 223 20.45 46.33 -50.22
CA ALA D 223 19.50 46.27 -51.33
C ALA D 223 18.14 46.82 -50.86
N ARG D 224 17.62 47.87 -51.50
CA ARG D 224 16.47 48.63 -50.95
C ARG D 224 15.20 47.81 -50.69
N THR D 225 14.95 46.75 -51.46
CA THR D 225 13.83 45.83 -51.22
C THR D 225 13.88 45.14 -49.84
N ASP D 226 15.06 44.74 -49.36
CA ASP D 226 15.23 44.19 -48.03
C ASP D 226 14.91 45.21 -46.95
N LEU D 227 15.09 46.51 -47.25
CA LEU D 227 14.74 47.60 -46.36
C LEU D 227 13.23 47.87 -46.37
N LYS D 228 12.51 47.60 -47.47
CA LYS D 228 11.06 47.81 -47.49
C LYS D 228 10.33 46.64 -46.84
N LYS D 229 10.88 45.43 -46.95
CA LYS D 229 10.32 44.28 -46.25
C LYS D 229 10.98 44.10 -44.88
N ASN D 230 11.00 45.20 -44.13
CA ASN D 230 11.65 45.23 -42.83
C ASN D 230 10.61 45.04 -41.73
N ARG D 231 11.01 44.34 -40.68
CA ARG D 231 10.15 44.06 -39.54
C ARG D 231 10.86 44.44 -38.24
N ASP D 232 10.08 44.53 -37.18
CA ASP D 232 10.62 44.73 -35.85
C ASP D 232 10.85 43.39 -35.18
N TYR D 233 11.84 43.34 -34.30
CA TYR D 233 12.18 42.12 -33.58
C TYR D 233 12.49 42.48 -32.13
N PRO D 234 11.44 42.68 -31.33
CA PRO D 234 11.67 43.08 -29.94
C PRO D 234 12.36 42.03 -29.08
N LEU D 235 12.37 40.77 -29.52
CA LEU D 235 12.91 39.67 -28.72
C LEU D 235 14.16 39.04 -29.35
N ALA D 236 14.96 39.83 -30.07
CA ALA D 236 15.89 39.31 -31.07
C ALA D 236 17.06 38.51 -30.51
N SER D 237 17.21 38.27 -29.21
CA SER D 237 18.17 37.27 -28.70
C SER D 237 19.61 37.57 -29.13
N LYS D 238 20.16 38.63 -28.56
CA LYS D 238 21.45 39.15 -28.96
C LYS D 238 22.47 39.08 -27.83
N ASP D 239 23.74 39.23 -28.18
CA ASP D 239 24.82 39.23 -27.21
C ASP D 239 25.21 40.66 -26.85
N SER D 240 26.33 40.80 -26.13
CA SER D 240 26.76 42.13 -25.67
C SER D 240 27.06 43.05 -26.84
N GLN D 241 27.72 42.54 -27.88
CA GLN D 241 28.06 43.32 -29.05
C GLN D 241 26.91 43.46 -30.04
N LYS D 242 25.69 43.16 -29.62
CA LYS D 242 24.47 43.38 -30.40
C LYS D 242 24.41 42.47 -31.64
N GLN D 243 25.11 41.35 -31.60
CA GLN D 243 25.05 40.34 -32.64
C GLN D 243 24.13 39.22 -32.21
N LEU D 244 23.61 38.49 -33.20
CA LEU D 244 22.76 37.37 -32.90
C LEU D 244 23.54 36.26 -32.19
N LEU D 245 22.88 35.60 -31.25
CA LEU D 245 23.47 34.45 -30.56
C LEU D 245 23.47 33.24 -31.48
N CYS D 246 24.49 32.40 -31.31
CA CYS D 246 24.59 31.19 -32.12
C CYS D 246 25.22 30.08 -31.31
N GLY D 247 24.72 28.86 -31.52
CA GLY D 247 25.30 27.67 -30.94
C GLY D 247 25.89 26.77 -32.02
N ALA D 248 26.59 25.75 -31.56
CA ALA D 248 27.17 24.78 -32.48
C ALA D 248 27.30 23.43 -31.78
N ALA D 249 27.10 22.37 -32.54
CA ALA D 249 27.31 21.02 -32.04
C ALA D 249 28.73 20.56 -32.34
N VAL D 250 29.24 19.69 -31.48
CA VAL D 250 30.59 19.16 -31.57
C VAL D 250 30.57 17.76 -30.96
N GLY D 251 31.37 16.85 -31.52
CA GLY D 251 31.52 15.52 -30.98
C GLY D 251 32.53 15.47 -29.85
N THR D 252 32.90 14.25 -29.47
CA THR D 252 33.85 14.05 -28.39
C THR D 252 35.11 13.32 -28.84
N ARG D 253 35.46 13.41 -30.11
CA ARG D 253 36.66 12.76 -30.58
C ARG D 253 37.79 13.78 -30.67
N GLU D 254 38.98 13.30 -31.00
CA GLU D 254 40.14 14.18 -30.99
C GLU D 254 40.12 15.19 -32.13
N ASP D 255 39.44 14.86 -33.23
CA ASP D 255 39.34 15.80 -34.33
C ASP D 255 38.51 17.01 -33.94
N ASP D 256 37.61 16.85 -32.98
CA ASP D 256 36.71 17.92 -32.59
C ASP D 256 37.42 19.08 -31.89
N LYS D 257 38.66 18.87 -31.44
CA LYS D 257 39.39 19.98 -30.84
C LYS D 257 39.73 21.05 -31.88
N TYR D 258 40.07 20.64 -33.09
CA TYR D 258 40.35 21.61 -34.14
C TYR D 258 39.07 22.30 -34.62
N ARG D 259 37.98 21.54 -34.73
CA ARG D 259 36.69 22.14 -35.05
C ARG D 259 36.29 23.15 -34.00
N LEU D 260 36.60 22.87 -32.73
CA LEU D 260 36.28 23.79 -31.66
C LEU D 260 37.12 25.05 -31.74
N ASP D 261 38.39 24.91 -32.07
CA ASP D 261 39.21 26.11 -32.31
C ASP D 261 38.60 26.98 -33.40
N LEU D 262 38.23 26.35 -34.52
CA LEU D 262 37.63 27.09 -35.62
C LEU D 262 36.33 27.76 -35.21
N LEU D 263 35.53 27.10 -34.37
CA LEU D 263 34.23 27.65 -33.99
C LEU D 263 34.38 28.81 -33.02
N THR D 264 35.35 28.74 -32.09
CA THR D 264 35.55 29.87 -31.20
C THR D 264 36.15 31.06 -31.94
N GLN D 265 36.95 30.81 -32.97
CA GLN D 265 37.41 31.94 -33.78
C GLN D 265 36.27 32.61 -34.53
N ALA D 266 35.24 31.86 -34.89
CA ALA D 266 34.11 32.43 -35.60
C ALA D 266 33.15 33.18 -34.68
N GLY D 267 33.26 33.02 -33.37
CA GLY D 267 32.46 33.78 -32.44
C GLY D 267 31.28 33.06 -31.82
N VAL D 268 31.32 31.73 -31.73
CA VAL D 268 30.20 30.97 -31.19
C VAL D 268 30.02 31.26 -29.71
N ASP D 269 28.78 31.23 -29.24
CA ASP D 269 28.47 31.60 -27.87
C ASP D 269 28.29 30.42 -26.94
N VAL D 270 27.76 29.31 -27.45
CA VAL D 270 27.48 28.15 -26.62
C VAL D 270 27.73 26.91 -27.47
N ILE D 271 28.26 25.87 -26.86
CA ILE D 271 28.59 24.62 -27.52
C ILE D 271 27.72 23.53 -26.91
N VAL D 272 27.15 22.68 -27.74
CA VAL D 272 26.50 21.47 -27.25
C VAL D 272 27.34 20.27 -27.68
N LEU D 273 27.62 19.40 -26.72
CA LEU D 273 28.32 18.15 -27.01
C LEU D 273 27.31 17.10 -27.45
N ASP D 274 27.42 16.67 -28.69
CA ASP D 274 26.39 15.91 -29.38
C ASP D 274 26.67 14.42 -29.18
N SER D 275 25.81 13.76 -28.41
CA SER D 275 25.96 12.33 -28.17
C SER D 275 24.62 11.75 -27.76
N SER D 276 24.43 10.48 -28.10
CA SER D 276 23.24 9.78 -27.64
C SER D 276 23.32 9.42 -26.16
N GLN D 277 24.53 9.25 -25.62
CA GLN D 277 24.74 8.88 -24.23
C GLN D 277 25.92 9.69 -23.72
N GLY D 278 25.63 10.79 -23.03
CA GLY D 278 26.65 11.73 -22.61
C GLY D 278 27.45 11.34 -21.39
N ASN D 279 27.05 10.31 -20.66
CA ASN D 279 27.75 9.93 -19.44
C ASN D 279 28.89 8.98 -19.76
N SER D 280 29.94 9.53 -20.36
CA SER D 280 31.09 8.77 -20.81
C SER D 280 32.37 9.46 -20.37
N VAL D 281 33.47 8.70 -20.36
CA VAL D 281 34.79 9.29 -20.10
C VAL D 281 35.17 10.27 -21.18
N TYR D 282 34.70 10.05 -22.41
CA TYR D 282 35.08 10.89 -23.53
C TYR D 282 34.45 12.27 -23.41
N GLN D 283 33.15 12.32 -23.13
CA GLN D 283 32.50 13.60 -22.97
C GLN D 283 33.01 14.36 -21.75
N ILE D 284 33.36 13.65 -20.69
CA ILE D 284 33.86 14.33 -19.50
C ILE D 284 35.25 14.89 -19.74
N ALA D 285 36.10 14.12 -20.43
CA ALA D 285 37.38 14.67 -20.88
C ALA D 285 37.18 15.91 -21.74
N MET D 286 36.19 15.88 -22.63
CA MET D 286 35.97 17.02 -23.51
C MET D 286 35.48 18.24 -22.75
N VAL D 287 34.59 18.05 -21.78
CA VAL D 287 34.14 19.16 -20.94
C VAL D 287 35.31 19.77 -20.19
N HIS D 288 36.21 18.94 -19.68
CA HIS D 288 37.37 19.47 -18.97
C HIS D 288 38.32 20.21 -19.89
N TYR D 289 38.57 19.65 -21.08
CA TYR D 289 39.42 20.32 -22.05
C TYR D 289 38.87 21.69 -22.42
N ILE D 290 37.57 21.77 -22.69
CA ILE D 290 36.98 23.05 -23.06
C ILE D 290 37.06 24.03 -21.92
N LYS D 291 36.71 23.60 -20.70
CA LYS D 291 36.71 24.55 -19.60
C LYS D 291 38.12 25.06 -19.29
N GLN D 292 39.14 24.25 -19.59
CA GLN D 292 40.49 24.75 -19.41
C GLN D 292 40.91 25.71 -20.52
N LYS D 293 40.58 25.38 -21.78
CA LYS D 293 41.10 26.19 -22.88
C LYS D 293 40.26 27.42 -23.17
N TYR D 294 38.94 27.37 -22.97
CA TYR D 294 38.05 28.49 -23.29
C TYR D 294 37.14 28.76 -22.11
N PRO D 295 37.65 29.40 -21.07
CA PRO D 295 36.85 29.57 -19.86
C PRO D 295 35.60 30.41 -20.04
N HIS D 296 35.54 31.23 -21.08
CA HIS D 296 34.36 32.05 -21.33
C HIS D 296 33.22 31.26 -21.96
N LEU D 297 33.54 30.19 -22.69
CA LEU D 297 32.56 29.44 -23.44
C LEU D 297 31.56 28.72 -22.53
N GLN D 298 30.33 28.63 -22.99
CA GLN D 298 29.28 27.90 -22.30
C GLN D 298 29.10 26.54 -22.98
N VAL D 299 29.02 25.48 -22.18
CA VAL D 299 28.96 24.12 -22.68
C VAL D 299 27.70 23.44 -22.17
N ILE D 300 27.03 22.73 -23.06
CA ILE D 300 25.86 21.92 -22.72
C ILE D 300 26.20 20.46 -22.96
N GLY D 301 26.05 19.64 -21.92
CA GLY D 301 26.27 18.22 -22.02
C GLY D 301 25.00 17.43 -22.25
N GLY D 302 25.16 16.19 -22.68
CA GLY D 302 24.03 15.34 -22.94
C GLY D 302 24.33 14.38 -24.06
N ASN D 303 23.35 13.56 -24.39
CA ASN D 303 22.04 13.55 -23.74
C ASN D 303 22.03 12.66 -22.51
N VAL D 304 21.18 12.98 -21.55
CA VAL D 304 21.05 12.22 -20.30
C VAL D 304 19.57 12.00 -20.02
N VAL D 305 19.21 10.94 -19.32
CA VAL D 305 17.84 10.65 -18.89
C VAL D 305 17.69 10.25 -17.43
N THR D 306 18.79 10.16 -16.67
CA THR D 306 18.78 9.85 -15.23
C THR D 306 19.59 10.85 -14.43
N ALA D 307 19.26 10.99 -13.15
CA ALA D 307 20.00 11.83 -12.21
C ALA D 307 21.48 11.42 -12.05
N ALA D 308 21.85 10.15 -12.24
CA ALA D 308 23.24 9.69 -12.11
C ALA D 308 24.17 10.22 -13.23
N GLN D 309 23.73 10.19 -14.48
CA GLN D 309 24.40 10.84 -15.59
C GLN D 309 24.50 12.35 -15.36
N ALA D 310 23.40 12.95 -14.92
CA ALA D 310 23.38 14.38 -14.68
C ALA D 310 24.41 14.78 -13.65
N LYS D 311 24.55 14.01 -12.56
CA LYS D 311 25.57 14.22 -11.52
C LYS D 311 26.95 14.22 -12.13
N ASN D 312 27.30 13.18 -12.90
CA ASN D 312 28.63 13.11 -13.49
C ASN D 312 28.92 14.34 -14.34
N LEU D 313 27.96 14.75 -15.16
CA LEU D 313 28.22 15.86 -16.07
C LEU D 313 28.24 17.20 -15.34
N ILE D 314 27.42 17.37 -14.30
CA ILE D 314 27.41 18.62 -13.57
C ILE D 314 28.67 18.77 -12.74
N ASP D 315 29.18 17.65 -12.20
CA ASP D 315 30.48 17.67 -11.54
C ASP D 315 31.62 17.93 -12.52
N ALA D 316 31.46 17.54 -13.79
CA ALA D 316 32.45 17.92 -14.77
C ALA D 316 32.47 19.42 -15.01
N GLY D 317 31.33 20.09 -14.92
CA GLY D 317 31.28 21.52 -15.05
C GLY D 317 30.45 22.07 -16.19
N VAL D 318 29.50 21.30 -16.70
CA VAL D 318 28.63 21.82 -17.75
C VAL D 318 27.73 22.92 -17.20
N ASP D 319 27.25 23.77 -18.10
CA ASP D 319 26.34 24.84 -17.73
C ASP D 319 24.91 24.57 -18.14
N GLY D 320 24.66 23.45 -18.80
CA GLY D 320 23.32 23.05 -19.14
C GLY D 320 23.31 21.59 -19.50
N LEU D 321 22.13 20.99 -19.49
CA LEU D 321 21.97 19.60 -19.82
C LEU D 321 20.92 19.43 -20.90
N ARG D 322 21.18 18.52 -21.83
CA ARG D 322 20.25 18.13 -22.87
C ARG D 322 19.65 16.78 -22.50
N VAL D 323 18.34 16.72 -22.37
CA VAL D 323 17.65 15.57 -21.80
C VAL D 323 16.83 14.88 -22.89
N GLY D 324 16.95 13.56 -22.97
CA GLY D 324 16.17 12.77 -23.91
C GLY D 324 16.94 11.64 -24.57
N MET D 325 16.32 10.47 -24.67
CA MET D 325 16.97 9.33 -25.29
C MET D 325 15.89 8.43 -25.86
N GLY D 326 15.85 8.31 -27.18
CA GLY D 326 14.89 7.46 -27.84
C GLY D 326 13.49 8.01 -27.93
N CYS D 327 13.28 9.26 -27.58
CA CYS D 327 11.96 9.87 -27.64
C CYS D 327 11.73 10.63 -28.93
N GLY D 328 12.77 10.85 -29.72
CA GLY D 328 12.63 11.61 -30.94
C GLY D 328 11.77 10.89 -31.97
N SER D 329 11.26 11.69 -32.90
CA SER D 329 10.36 11.16 -33.92
C SER D 329 11.08 10.20 -34.85
N ILE D 330 12.36 10.46 -35.14
CA ILE D 330 13.12 9.67 -36.08
C ILE D 330 13.95 8.57 -35.43
N CYS D 331 13.88 8.43 -34.11
CA CYS D 331 14.79 7.56 -33.36
C CYS D 331 14.24 6.14 -33.24
N ILE D 332 15.15 5.16 -33.30
CA ILE D 332 14.78 3.76 -33.10
C ILE D 332 15.69 3.11 -32.07
N THR D 333 16.31 3.93 -31.21
CA THR D 333 17.34 3.43 -30.30
C THR D 333 16.74 2.48 -29.26
N GLN D 334 15.61 2.84 -28.65
CA GLN D 334 15.01 1.99 -27.64
C GLN D 334 14.72 0.60 -28.17
N GLU D 335 14.40 0.49 -29.45
CA GLU D 335 14.04 -0.77 -30.06
C GLU D 335 15.24 -1.58 -30.55
N VAL D 336 16.39 -0.94 -30.73
CA VAL D 336 17.57 -1.66 -31.20
C VAL D 336 18.68 -1.73 -30.16
N MET D 337 18.63 -0.92 -29.10
CA MET D 337 19.60 -1.01 -28.01
C MET D 337 18.97 -1.24 -26.65
N ALA D 338 17.65 -1.22 -26.53
CA ALA D 338 16.91 -1.50 -25.31
C ALA D 338 17.11 -0.45 -24.23
N CYS D 339 17.71 0.67 -24.54
CA CYS D 339 18.11 1.65 -23.53
C CYS D 339 17.46 3.00 -23.81
N GLY D 340 16.87 3.59 -22.78
CA GLY D 340 16.21 4.89 -22.94
C GLY D 340 15.31 5.16 -21.77
N ARG D 341 14.47 6.18 -21.88
CA ARG D 341 13.46 6.48 -20.86
C ARG D 341 12.28 7.19 -21.49
N PRO D 342 11.06 6.99 -20.98
CA PRO D 342 9.94 7.85 -21.36
C PRO D 342 10.22 9.31 -21.02
N GLN D 343 9.88 10.19 -21.95
CA GLN D 343 10.46 11.53 -21.95
C GLN D 343 9.92 12.43 -20.84
N GLY D 344 8.64 12.31 -20.50
CA GLY D 344 8.10 13.12 -19.42
C GLY D 344 8.76 12.81 -18.09
N THR D 345 8.92 11.53 -17.78
CA THR D 345 9.60 11.12 -16.56
C THR D 345 11.05 11.58 -16.54
N ALA D 346 11.75 11.42 -17.67
CA ALA D 346 13.15 11.83 -17.73
C ALA D 346 13.30 13.32 -17.52
N VAL D 347 12.40 14.12 -18.11
CA VAL D 347 12.47 15.56 -17.94
C VAL D 347 12.23 15.92 -16.48
N TYR D 348 11.21 15.34 -15.86
CA TYR D 348 10.95 15.64 -14.47
C TYR D 348 12.13 15.27 -13.58
N LYS D 349 12.65 14.05 -13.70
CA LYS D 349 13.72 13.53 -12.85
C LYS D 349 15.01 14.31 -13.02
N VAL D 350 15.44 14.61 -14.25
CA VAL D 350 16.69 15.31 -14.44
C VAL D 350 16.55 16.79 -14.07
N ALA D 351 15.43 17.43 -14.39
CA ALA D 351 15.23 18.83 -14.03
C ALA D 351 15.20 19.03 -12.51
N GLU D 352 14.52 18.14 -11.79
CA GLU D 352 14.50 18.16 -10.33
C GLU D 352 15.90 17.97 -9.72
N TYR D 353 16.72 17.07 -10.29
CA TYR D 353 18.08 16.91 -9.78
C TYR D 353 18.95 18.12 -10.14
N ALA D 354 18.94 18.59 -11.40
CA ALA D 354 19.79 19.67 -11.88
C ALA D 354 19.49 21.04 -11.26
N ARG D 355 18.24 21.29 -10.88
CA ARG D 355 17.80 22.47 -10.12
C ARG D 355 18.55 22.65 -8.79
N ARG D 356 18.96 21.56 -8.13
CA ARG D 356 19.75 21.61 -6.87
C ARG D 356 21.10 22.32 -7.04
N PHE D 357 21.62 22.39 -8.26
CA PHE D 357 22.88 23.02 -8.62
C PHE D 357 22.71 24.28 -9.47
N GLY D 358 21.48 24.73 -9.72
CA GLY D 358 21.22 25.89 -10.58
C GLY D 358 21.50 25.65 -12.06
N VAL D 359 21.44 24.39 -12.54
CA VAL D 359 21.69 24.05 -13.94
C VAL D 359 20.35 23.91 -14.67
N PRO D 360 20.06 24.72 -15.72
CA PRO D 360 18.86 24.54 -16.54
C PRO D 360 18.97 23.32 -17.47
N ILE D 361 17.84 22.73 -17.85
CA ILE D 361 17.82 21.57 -18.76
C ILE D 361 17.00 21.84 -20.01
N ILE D 362 17.41 21.26 -21.13
CA ILE D 362 16.65 21.32 -22.38
C ILE D 362 15.90 20.01 -22.55
N ALA D 363 14.59 20.09 -22.77
CA ALA D 363 13.79 18.93 -23.09
C ALA D 363 13.86 18.70 -24.60
N ASP D 364 14.51 17.63 -25.02
CA ASP D 364 14.85 17.43 -26.42
C ASP D 364 14.26 16.12 -26.92
N GLY D 365 13.29 16.21 -27.81
CA GLY D 365 12.77 15.04 -28.48
C GLY D 365 11.32 14.72 -28.15
N GLY D 366 10.52 14.44 -29.16
CA GLY D 366 9.17 14.00 -28.93
C GLY D 366 8.15 15.11 -28.81
N ILE D 367 8.48 16.32 -29.20
CA ILE D 367 7.55 17.43 -29.17
C ILE D 367 6.83 17.50 -30.51
N GLN D 368 5.52 17.28 -30.50
CA GLN D 368 4.72 17.40 -31.71
C GLN D 368 3.73 18.55 -31.68
N THR D 369 3.23 18.90 -30.51
CA THR D 369 2.15 19.87 -30.38
C THR D 369 2.60 20.99 -29.44
N VAL D 370 1.78 22.03 -29.38
CA VAL D 370 2.01 23.09 -28.42
C VAL D 370 1.79 22.60 -27.00
N GLY D 371 0.81 21.72 -26.81
CA GLY D 371 0.55 21.17 -25.49
C GLY D 371 1.72 20.39 -24.95
N HIS D 372 2.49 19.75 -25.83
CA HIS D 372 3.71 19.08 -25.42
C HIS D 372 4.73 20.07 -24.89
N VAL D 373 4.86 21.22 -25.54
CA VAL D 373 5.79 22.25 -25.07
C VAL D 373 5.39 22.72 -23.69
N VAL D 374 4.09 22.97 -23.49
CA VAL D 374 3.63 23.43 -22.19
C VAL D 374 3.88 22.36 -21.13
N LYS D 375 3.59 21.10 -21.44
CA LYS D 375 3.82 20.03 -20.48
C LYS D 375 5.29 19.91 -20.12
N ALA D 376 6.19 20.05 -21.11
CA ALA D 376 7.62 19.97 -20.84
C ALA D 376 8.08 21.10 -19.94
N LEU D 377 7.66 22.34 -20.25
CA LEU D 377 8.05 23.47 -19.42
C LEU D 377 7.47 23.37 -18.01
N ALA D 378 6.28 22.80 -17.87
CA ALA D 378 5.71 22.64 -16.54
C ALA D 378 6.37 21.53 -15.74
N LEU D 379 7.01 20.57 -16.40
CA LEU D 379 7.68 19.48 -15.71
C LEU D 379 9.08 19.84 -15.25
N GLY D 380 9.54 21.07 -15.48
CA GLY D 380 10.82 21.56 -15.01
C GLY D 380 11.81 21.95 -16.10
N ALA D 381 11.54 21.68 -17.38
CA ALA D 381 12.45 22.11 -18.43
C ALA D 381 12.50 23.62 -18.52
N SER D 382 13.67 24.16 -18.84
CA SER D 382 13.86 25.60 -19.05
C SER D 382 13.68 25.99 -20.50
N THR D 383 14.13 25.18 -21.45
CA THR D 383 13.96 25.40 -22.87
C THR D 383 13.54 24.08 -23.51
N VAL D 384 13.01 24.18 -24.73
CA VAL D 384 12.55 23.02 -25.48
C VAL D 384 13.26 23.01 -26.83
N MET D 385 13.77 21.85 -27.21
CA MET D 385 14.45 21.68 -28.49
C MET D 385 13.55 20.93 -29.46
N MET D 386 13.49 21.42 -30.69
CA MET D 386 12.59 20.85 -31.69
C MET D 386 13.36 20.50 -32.95
N GLY D 387 13.28 19.25 -33.37
CA GLY D 387 13.73 18.91 -34.70
C GLY D 387 12.65 18.87 -35.75
N SER D 388 11.63 18.03 -35.56
CA SER D 388 10.69 17.74 -36.63
C SER D 388 9.60 18.79 -36.76
N LEU D 389 9.29 19.50 -35.68
CA LEU D 389 8.30 20.56 -35.75
C LEU D 389 8.78 21.71 -36.63
N LEU D 390 10.08 21.90 -36.75
CA LEU D 390 10.66 22.97 -37.54
C LEU D 390 11.23 22.49 -38.86
N ALA D 391 11.21 21.19 -39.12
CA ALA D 391 11.58 20.68 -40.43
C ALA D 391 10.49 21.02 -41.43
N ALA D 392 10.88 21.04 -42.70
CA ALA D 392 9.99 21.43 -43.79
C ALA D 392 9.48 22.86 -43.61
N THR D 393 10.25 23.69 -42.93
CA THR D 393 10.05 25.12 -42.98
C THR D 393 11.00 25.71 -44.01
N THR D 394 10.76 26.96 -44.37
CA THR D 394 11.55 27.58 -45.44
C THR D 394 13.01 27.69 -45.05
N GLU D 395 13.28 28.03 -43.79
CA GLU D 395 14.65 28.22 -43.33
C GLU D 395 15.41 26.91 -43.20
N ALA D 396 14.73 25.77 -43.20
CA ALA D 396 15.41 24.50 -43.04
C ALA D 396 16.31 24.21 -44.24
N PRO D 397 17.41 23.50 -44.03
CA PRO D 397 18.29 23.16 -45.15
C PRO D 397 17.61 22.16 -46.08
N GLY D 398 18.20 21.99 -47.24
CA GLY D 398 17.68 21.04 -48.20
C GLY D 398 16.76 21.69 -49.21
N GLU D 399 16.12 20.83 -50.00
CA GLU D 399 15.30 21.26 -51.12
C GLU D 399 13.88 20.72 -50.96
N TYR D 400 12.92 21.48 -51.46
CA TYR D 400 11.55 21.00 -51.51
C TYR D 400 11.38 20.03 -52.67
N PHE D 401 10.50 19.06 -52.48
CA PHE D 401 10.17 18.13 -53.55
C PHE D 401 8.70 17.74 -53.43
N PHE D 402 8.15 17.22 -54.51
CA PHE D 402 6.74 16.88 -54.59
C PHE D 402 6.55 15.38 -54.61
N SER D 403 5.46 14.93 -54.00
CA SER D 403 5.11 13.52 -53.99
C SER D 403 3.62 13.41 -53.69
N ASP D 404 2.86 12.90 -54.66
CA ASP D 404 1.42 12.71 -54.52
C ASP D 404 0.71 14.04 -54.23
N GLY D 405 1.19 15.11 -54.86
CA GLY D 405 0.54 16.40 -54.72
C GLY D 405 0.75 17.07 -53.38
N VAL D 406 1.77 16.65 -52.63
CA VAL D 406 2.08 17.23 -51.32
C VAL D 406 3.55 17.63 -51.35
N ARG D 407 3.82 18.92 -51.14
CA ARG D 407 5.20 19.38 -51.08
C ARG D 407 5.86 18.86 -49.81
N LEU D 408 7.07 18.32 -49.96
CA LEU D 408 7.75 17.65 -48.85
C LEU D 408 9.21 18.09 -48.79
N LYS D 409 9.76 18.06 -47.58
CA LYS D 409 11.18 18.21 -47.36
C LYS D 409 11.68 17.00 -46.59
N LYS D 410 12.92 16.61 -46.89
CA LYS D 410 13.51 15.45 -46.24
C LYS D 410 13.87 15.78 -44.79
N TYR D 411 13.67 14.82 -43.90
CA TYR D 411 14.04 14.96 -42.50
C TYR D 411 14.49 13.60 -41.98
N ARG D 412 15.76 13.49 -41.62
CA ARG D 412 16.35 12.24 -41.19
C ARG D 412 17.02 12.42 -39.84
N GLY D 413 17.26 11.31 -39.16
CA GLY D 413 18.04 11.34 -37.96
C GLY D 413 19.53 11.36 -38.24
N MET D 414 20.30 11.76 -37.23
CA MET D 414 21.75 11.79 -37.37
C MET D 414 22.36 10.40 -37.27
N GLY D 415 21.63 9.43 -36.73
CA GLY D 415 22.06 8.05 -36.69
C GLY D 415 21.52 7.18 -37.80
N SER D 416 20.71 7.72 -38.71
CA SER D 416 20.26 6.95 -39.85
C SER D 416 21.44 6.66 -40.76
N LEU D 417 21.33 5.58 -41.53
CA LEU D 417 22.44 5.15 -42.36
C LEU D 417 22.81 6.22 -43.37
N ASP D 418 21.81 6.90 -43.94
CA ASP D 418 22.06 7.96 -44.89
C ASP D 418 22.90 9.07 -44.26
N ALA D 419 22.59 9.44 -43.03
CA ALA D 419 23.31 10.54 -42.40
C ALA D 419 24.71 10.16 -41.97
N MET D 420 24.98 8.88 -41.74
CA MET D 420 26.30 8.44 -41.30
C MET D 420 27.25 8.16 -42.46
N GLU D 421 26.79 8.22 -43.70
CA GLU D 421 27.68 8.02 -44.84
C GLU D 421 28.08 9.36 -45.43
N VAL D 437 30.80 -3.06 -39.74
CA VAL D 437 29.36 -3.14 -39.58
C VAL D 437 28.84 -1.94 -38.82
N LYS D 438 27.86 -1.26 -39.39
CA LYS D 438 27.29 -0.05 -38.82
C LYS D 438 25.84 -0.29 -38.43
N ILE D 439 25.54 -0.18 -37.14
CA ILE D 439 24.17 -0.25 -36.67
C ILE D 439 23.52 1.11 -36.86
N ALA D 440 22.32 1.12 -37.41
CA ALA D 440 21.55 2.35 -37.59
C ALA D 440 20.73 2.63 -36.35
N GLN D 441 20.75 3.88 -35.91
CA GLN D 441 20.02 4.30 -34.72
C GLN D 441 18.95 5.33 -35.03
N GLY D 442 18.67 5.58 -36.30
CA GLY D 442 17.66 6.52 -36.70
C GLY D 442 17.10 6.15 -38.06
N VAL D 443 16.00 6.80 -38.40
CA VAL D 443 15.27 6.51 -39.63
C VAL D 443 15.22 7.78 -40.46
N SER D 444 14.95 7.63 -41.76
CA SER D 444 14.93 8.74 -42.69
C SER D 444 13.55 8.83 -43.34
N GLY D 445 13.01 10.03 -43.38
CA GLY D 445 11.67 10.26 -43.92
C GLY D 445 11.51 11.64 -44.50
N SER D 446 10.26 12.12 -44.54
CA SER D 446 9.94 13.41 -45.11
C SER D 446 8.82 14.06 -44.30
N ILE D 447 8.80 15.40 -44.33
CA ILE D 447 7.82 16.20 -43.63
C ILE D 447 7.11 17.09 -44.65
N GLN D 448 5.85 17.38 -44.37
CA GLN D 448 5.06 18.24 -45.25
C GLN D 448 5.31 19.70 -44.94
N ASP D 449 5.35 20.52 -46.00
CA ASP D 449 5.79 21.91 -45.88
C ASP D 449 4.94 22.69 -44.89
N LYS D 450 5.60 23.61 -44.17
CA LYS D 450 4.96 24.40 -43.13
C LYS D 450 5.10 25.89 -43.32
N GLY D 451 5.94 26.36 -44.23
CA GLY D 451 6.10 27.79 -44.41
C GLY D 451 7.34 28.35 -43.72
N SER D 452 7.26 29.59 -43.29
CA SER D 452 8.42 30.26 -42.70
C SER D 452 8.43 30.13 -41.18
N ILE D 453 9.63 30.11 -40.63
CA ILE D 453 9.79 30.10 -39.17
C ILE D 453 9.16 31.35 -38.57
N GLN D 454 9.25 32.48 -39.26
CA GLN D 454 8.75 33.74 -38.72
C GLN D 454 7.23 33.84 -38.75
N LYS D 455 6.55 32.89 -39.37
CA LYS D 455 5.11 32.74 -39.24
C LYS D 455 4.73 31.67 -38.23
N PHE D 456 5.53 30.61 -38.13
CA PHE D 456 5.17 29.46 -37.33
C PHE D 456 5.51 29.65 -35.86
N VAL D 457 6.65 30.25 -35.56
CA VAL D 457 7.07 30.45 -34.18
C VAL D 457 6.14 31.38 -33.42
N PRO D 458 5.60 32.47 -34.00
CA PRO D 458 4.61 33.26 -33.26
C PRO D 458 3.37 32.47 -32.88
N TYR D 459 2.93 31.54 -33.73
CA TYR D 459 1.80 30.68 -33.37
C TYR D 459 2.14 29.83 -32.16
N LEU D 460 3.34 29.29 -32.13
CA LEU D 460 3.80 28.52 -30.96
C LEU D 460 3.82 29.38 -29.71
N ILE D 461 4.33 30.60 -29.83
CA ILE D 461 4.42 31.48 -28.66
C ILE D 461 3.04 31.79 -28.12
N ALA D 462 2.08 32.05 -29.02
CA ALA D 462 0.72 32.34 -28.58
C ALA D 462 0.10 31.13 -27.90
N GLY D 463 0.29 29.93 -28.46
CA GLY D 463 -0.21 28.74 -27.81
C GLY D 463 0.37 28.52 -26.43
N ILE D 464 1.66 28.79 -26.27
CA ILE D 464 2.31 28.63 -24.97
C ILE D 464 1.72 29.63 -23.98
N GLN D 465 1.57 30.88 -24.40
CA GLN D 465 1.05 31.91 -23.52
C GLN D 465 -0.37 31.57 -23.08
N HIS D 466 -1.16 31.01 -23.99
CA HIS D 466 -2.54 30.69 -23.67
C HIS D 466 -2.62 29.49 -22.72
N GLY D 467 -1.79 28.48 -22.95
CA GLY D 467 -1.73 27.38 -21.99
C GLY D 467 -1.31 27.85 -20.62
N CYS D 468 -0.33 28.75 -20.55
CA CYS D 468 0.10 29.27 -19.26
C CYS D 468 -1.02 30.07 -18.59
N GLN D 469 -1.76 30.86 -19.35
CA GLN D 469 -2.85 31.62 -18.76
C GLN D 469 -3.95 30.69 -18.23
N ASP D 470 -4.28 29.64 -18.98
CA ASP D 470 -5.27 28.69 -18.49
C ASP D 470 -4.80 27.98 -17.23
N ILE D 471 -3.51 27.69 -17.13
CA ILE D 471 -2.95 27.11 -15.92
C ILE D 471 -3.02 28.10 -14.77
N GLY D 472 -2.83 29.38 -15.04
CA GLY D 472 -2.80 30.39 -14.02
C GLY D 472 -1.43 30.91 -13.66
N ALA D 473 -0.48 30.88 -14.58
CA ALA D 473 0.89 31.28 -14.33
C ALA D 473 1.27 32.40 -15.28
N ARG D 474 1.75 33.51 -14.74
CA ARG D 474 2.05 34.67 -15.56
C ARG D 474 3.45 34.65 -16.16
N SER D 475 4.31 33.74 -15.74
CA SER D 475 5.60 33.52 -16.37
C SER D 475 5.97 32.05 -16.26
N LEU D 476 7.04 31.64 -16.92
CA LEU D 476 7.54 30.26 -16.87
C LEU D 476 8.31 29.95 -15.57
N SER D 477 9.01 30.92 -15.00
CA SER D 477 9.62 30.77 -13.67
C SER D 477 8.56 30.63 -12.58
N VAL D 478 7.45 31.38 -12.65
CA VAL D 478 6.30 31.20 -11.76
C VAL D 478 5.65 29.83 -11.97
N LEU D 479 5.56 29.34 -13.21
CA LEU D 479 4.97 28.03 -13.47
C LEU D 479 5.77 26.92 -12.80
N ARG D 480 7.10 26.91 -12.96
CA ARG D 480 7.96 25.91 -12.30
C ARG D 480 7.97 26.07 -10.80
N SER D 481 7.84 27.29 -10.28
CA SER D 481 7.66 27.53 -8.84
C SER D 481 6.37 26.92 -8.32
N MET D 482 5.26 27.08 -9.04
CA MET D 482 4.00 26.41 -8.71
C MET D 482 4.14 24.91 -8.77
N MET D 483 4.95 24.36 -9.68
CA MET D 483 5.09 22.92 -9.77
C MET D 483 5.92 22.37 -8.61
N TYR D 484 7.04 22.99 -8.25
CA TYR D 484 7.90 22.47 -7.18
C TYR D 484 7.27 22.66 -5.78
N SER D 485 6.46 23.70 -5.59
CA SER D 485 5.73 23.94 -4.34
C SER D 485 4.45 23.12 -4.15
N GLY D 486 3.98 22.37 -5.16
CA GLY D 486 2.76 21.60 -5.04
C GLY D 486 1.48 22.33 -5.38
N GLU D 487 1.55 23.61 -5.74
CA GLU D 487 0.36 24.34 -6.14
C GLU D 487 -0.18 23.83 -7.47
N LEU D 488 0.71 23.60 -8.43
CA LEU D 488 0.30 23.05 -9.71
C LEU D 488 -0.13 21.61 -9.56
N LYS D 489 -1.29 21.25 -10.10
CA LYS D 489 -1.87 19.90 -9.98
C LYS D 489 -1.98 19.23 -11.34
N PHE D 490 -1.87 17.91 -11.32
CA PHE D 490 -1.81 17.10 -12.52
C PHE D 490 -2.85 16.00 -12.43
N GLU D 491 -2.97 15.24 -13.50
CA GLU D 491 -3.99 14.21 -13.62
C GLU D 491 -3.51 13.17 -14.62
N LYS D 492 -3.65 11.90 -14.28
CA LYS D 492 -3.32 10.84 -15.23
C LYS D 492 -4.43 10.66 -16.25
N ARG D 493 -4.12 9.93 -17.31
CA ARG D 493 -5.06 9.66 -18.39
C ARG D 493 -4.99 8.20 -18.74
N THR D 494 -6.12 7.51 -18.66
CA THR D 494 -6.25 6.19 -19.23
C THR D 494 -6.23 6.30 -20.75
N MET D 495 -6.29 5.17 -21.44
CA MET D 495 -6.38 5.22 -22.88
C MET D 495 -7.73 5.77 -23.32
N SER D 496 -8.80 5.44 -22.60
CA SER D 496 -10.10 6.00 -22.91
C SER D 496 -10.12 7.51 -22.68
N ALA D 497 -9.38 7.99 -21.68
CA ALA D 497 -9.32 9.42 -21.45
C ALA D 497 -8.61 10.13 -22.59
N GLN D 498 -7.59 9.51 -23.16
CA GLN D 498 -6.91 10.11 -24.30
C GLN D 498 -7.78 10.07 -25.54
N ILE D 499 -8.57 9.02 -25.71
CA ILE D 499 -9.52 8.97 -26.83
C ILE D 499 -10.54 10.09 -26.69
N GLU D 500 -11.11 10.24 -25.49
CA GLU D 500 -12.05 11.32 -25.26
C GLU D 500 -11.42 12.69 -25.45
N GLY D 501 -10.12 12.80 -25.15
CA GLY D 501 -9.45 14.09 -25.24
C GLY D 501 -9.28 14.61 -26.65
N GLY D 502 -9.24 13.72 -27.64
CA GLY D 502 -9.15 14.11 -29.03
C GLY D 502 -10.51 14.27 -29.68
N VAL D 503 -10.48 14.41 -31.00
CA VAL D 503 -11.71 14.53 -31.76
C VAL D 503 -12.36 13.16 -31.87
N HIS D 504 -13.69 13.12 -31.79
CA HIS D 504 -14.40 11.86 -31.79
C HIS D 504 -15.86 12.11 -32.08
N GLY D 505 -16.55 11.07 -32.54
CA GLY D 505 -17.98 11.09 -32.69
C GLY D 505 -18.51 11.79 -33.93
N LEU D 506 -17.65 12.34 -34.78
CA LEU D 506 -18.14 13.05 -35.96
C LEU D 506 -18.01 12.16 -37.20
N HIS D 507 -18.82 12.50 -38.21
CA HIS D 507 -18.75 11.78 -39.47
C HIS D 507 -17.52 12.20 -40.27
N SER D 508 -17.06 13.44 -40.09
CA SER D 508 -15.88 13.97 -40.77
C SER D 508 -15.50 15.26 -40.07
N TYR D 509 -14.30 15.76 -40.35
CA TYR D 509 -13.85 17.03 -39.82
C TYR D 509 -12.56 17.43 -40.53
N THR D 510 -12.23 18.71 -40.44
CA THR D 510 -11.02 19.28 -41.05
C THR D 510 -10.25 20.06 -39.99
N PHE D 511 -8.95 19.80 -39.91
CA PHE D 511 -8.09 20.45 -38.93
C PHE D 511 -7.49 21.73 -39.51
N LEU D 512 -7.46 22.79 -38.69
CA LEU D 512 -6.87 24.06 -39.09
C LEU D 512 -6.31 24.74 -37.85
N PRO D 513 -4.99 24.65 -37.64
CA PRO D 513 -4.40 25.24 -36.42
C PRO D 513 -4.38 26.76 -36.43
N PHE D 514 -4.08 27.36 -37.58
CA PHE D 514 -3.85 28.80 -37.71
C PHE D 514 -2.67 29.24 -36.85
N MET E 1 19.24 37.85 -14.01
CA MET E 1 19.93 36.75 -14.74
C MET E 1 20.59 35.80 -13.73
N ALA E 2 19.89 34.75 -13.31
CA ALA E 2 20.31 33.83 -12.23
C ALA E 2 19.48 32.52 -12.24
N ASP E 3 19.68 31.68 -11.22
CA ASP E 3 18.87 30.48 -10.91
C ASP E 3 17.38 30.77 -10.69
N TYR E 4 17.05 32.04 -10.42
CA TYR E 4 15.68 32.57 -10.30
C TYR E 4 14.79 32.24 -11.52
N LEU E 5 15.37 32.09 -12.71
CA LEU E 5 14.62 31.66 -13.89
C LEU E 5 14.14 30.20 -13.79
N ILE E 6 14.89 29.29 -13.16
CA ILE E 6 14.43 27.90 -12.98
C ILE E 6 13.20 27.89 -12.05
N SER E 7 13.26 28.55 -10.90
CA SER E 7 12.11 28.93 -10.06
C SER E 7 12.46 30.14 -9.18
N GLY E 8 11.48 30.96 -8.82
CA GLY E 8 11.67 32.22 -8.10
C GLY E 8 11.94 32.04 -6.60
N GLY E 9 10.96 32.40 -5.75
CA GLY E 9 11.05 32.19 -4.31
C GLY E 9 11.11 30.71 -3.89
N THR E 10 10.58 29.81 -4.74
CA THR E 10 10.59 28.35 -4.57
C THR E 10 11.96 27.75 -4.93
N GLY E 11 13.02 28.20 -4.27
CA GLY E 11 14.37 27.63 -4.35
C GLY E 11 14.44 26.23 -3.72
N TYR E 12 15.49 25.46 -4.02
CA TYR E 12 15.60 24.08 -3.57
C TYR E 12 15.75 23.95 -2.05
N VAL E 13 14.86 23.18 -1.42
CA VAL E 13 14.94 22.74 -0.02
C VAL E 13 14.79 21.22 -0.01
N PRO E 14 15.74 20.45 0.56
CA PRO E 14 15.62 19.00 0.68
C PRO E 14 14.34 18.59 1.42
N GLU E 15 13.61 17.62 0.87
CA GLU E 15 12.35 17.14 1.44
C GLU E 15 12.62 16.11 2.54
N ASP E 16 12.33 16.44 3.80
CA ASP E 16 12.64 15.58 4.94
C ASP E 16 11.57 15.71 6.04
N GLY E 17 10.96 14.61 6.47
CA GLY E 17 9.80 14.59 7.38
C GLY E 17 8.43 14.70 6.68
N LEU E 18 7.35 14.52 7.44
CA LEU E 18 5.97 14.47 6.96
C LEU E 18 5.27 15.84 7.02
N THR E 19 4.41 16.20 6.07
CA THR E 19 3.48 17.28 6.27
C THR E 19 2.40 16.84 7.25
N ALA E 20 1.66 17.81 7.79
CA ALA E 20 0.60 17.47 8.72
C ALA E 20 -0.46 16.59 8.06
N GLN E 21 -0.73 16.77 6.78
CA GLN E 21 -1.66 15.92 6.05
C GLN E 21 -1.16 14.47 6.01
N GLN E 22 0.12 14.24 5.78
CA GLN E 22 0.66 12.89 5.72
C GLN E 22 0.84 12.28 7.10
N LEU E 23 0.94 13.09 8.15
CA LEU E 23 1.08 12.56 9.50
C LEU E 23 -0.23 11.94 9.96
N PHE E 24 -1.36 12.53 9.63
CA PHE E 24 -2.65 12.04 10.07
C PHE E 24 -3.31 11.12 9.05
N ALA E 25 -2.58 10.73 8.00
CA ALA E 25 -3.17 9.89 6.97
C ALA E 25 -3.19 8.42 7.37
N SER E 26 -2.31 8.00 8.26
CA SER E 26 -2.21 6.61 8.65
C SER E 26 -3.30 6.17 9.61
N ALA E 27 -4.12 7.09 10.10
CA ALA E 27 -5.28 6.78 10.94
C ALA E 27 -4.90 6.16 12.28
N ASP E 28 -3.70 6.43 12.77
CA ASP E 28 -3.44 6.16 14.17
C ASP E 28 -4.08 7.26 15.02
N GLY E 29 -4.46 6.91 16.23
CA GLY E 29 -4.96 7.92 17.13
C GLY E 29 -3.85 8.68 17.81
N LEU E 30 -3.25 9.64 17.12
CA LEU E 30 -2.10 10.37 17.65
C LEU E 30 -2.52 11.41 18.68
N THR E 31 -1.75 11.51 19.74
CA THR E 31 -1.85 12.57 20.72
C THR E 31 -0.58 13.41 20.67
N TYR E 32 -0.51 14.41 21.57
CA TYR E 32 0.59 15.35 21.56
C TYR E 32 1.94 14.67 21.76
N ASN E 33 2.00 13.59 22.54
CA ASN E 33 3.26 12.93 22.81
C ASN E 33 3.72 12.03 21.67
N ASP E 34 2.89 11.81 20.66
CA ASP E 34 3.22 10.85 19.61
C ASP E 34 4.07 11.45 18.50
N PHE E 35 4.27 12.77 18.47
CA PHE E 35 4.95 13.39 17.35
C PHE E 35 5.78 14.56 17.82
N LEU E 36 6.62 15.05 16.92
CA LEU E 36 7.45 16.24 17.14
C LEU E 36 7.35 17.15 15.92
N ILE E 37 7.77 18.38 16.08
CA ILE E 37 7.92 19.31 14.97
C ILE E 37 9.40 19.41 14.63
N LEU E 38 9.74 19.29 13.35
CA LEU E 38 11.11 19.42 12.89
C LEU E 38 11.52 20.90 12.84
N PRO E 39 12.76 21.24 13.22
CA PRO E 39 13.19 22.63 13.25
C PRO E 39 13.38 23.21 11.85
N GLY E 40 13.27 24.53 11.77
CA GLY E 40 13.36 25.24 10.52
C GLY E 40 14.58 26.13 10.41
N PHE E 41 14.39 27.37 9.99
CA PHE E 41 15.46 28.33 9.79
C PHE E 41 15.22 29.54 10.66
N ILE E 42 16.22 29.94 11.44
CA ILE E 42 16.10 31.05 12.38
C ILE E 42 16.69 32.30 11.76
N ASP E 43 15.91 33.36 11.68
CA ASP E 43 16.44 34.66 11.27
C ASP E 43 15.85 35.81 12.08
N PHE E 44 15.26 35.54 13.23
CA PHE E 44 14.69 36.55 14.11
C PHE E 44 15.02 36.13 15.53
N ILE E 45 14.72 36.99 16.49
CA ILE E 45 14.95 36.62 17.88
C ILE E 45 13.61 36.21 18.50
N ALA E 46 13.69 35.41 19.56
CA ALA E 46 12.49 34.87 20.16
C ALA E 46 11.55 35.93 20.69
N ASP E 47 12.03 37.14 20.92
CA ASP E 47 11.16 38.19 21.46
C ASP E 47 10.32 38.88 20.39
N GLU E 48 10.66 38.74 19.13
CA GLU E 48 9.81 39.30 18.08
C GLU E 48 8.62 38.42 17.75
N VAL E 49 8.53 37.24 18.33
CA VAL E 49 7.46 36.31 17.96
C VAL E 49 6.14 36.89 18.42
N ASP E 50 5.23 37.06 17.47
CA ASP E 50 3.92 37.65 17.68
C ASP E 50 2.92 36.56 18.02
N LEU E 51 2.21 36.72 19.13
CA LEU E 51 1.31 35.69 19.61
C LEU E 51 -0.16 36.06 19.48
N THR E 52 -0.47 37.00 18.58
CA THR E 52 -1.83 37.48 18.33
C THR E 52 -2.76 36.36 17.84
N SER E 53 -3.93 36.22 18.43
CA SER E 53 -4.80 35.04 18.30
C SER E 53 -6.28 35.42 18.16
N ALA E 54 -7.01 34.81 17.22
CA ALA E 54 -8.46 34.99 17.14
C ALA E 54 -9.15 34.08 18.15
N LEU E 55 -9.97 34.64 19.05
CA LEU E 55 -10.80 33.85 19.94
C LEU E 55 -12.13 33.48 19.29
N THR E 56 -12.77 34.45 18.64
CA THR E 56 -13.98 34.20 17.88
C THR E 56 -13.81 34.83 16.51
N ARG E 57 -14.88 34.91 15.73
CA ARG E 57 -14.81 35.61 14.46
C ARG E 57 -14.49 37.09 14.66
N LYS E 58 -14.90 37.66 15.78
CA LYS E 58 -14.82 39.10 15.98
C LYS E 58 -13.93 39.54 17.14
N ILE E 59 -13.35 38.63 17.91
CA ILE E 59 -12.55 39.00 19.08
C ILE E 59 -11.14 38.50 18.91
N THR E 60 -10.15 39.36 19.16
CA THR E 60 -8.73 39.03 19.10
C THR E 60 -8.07 39.21 20.47
N LEU E 61 -7.23 38.26 20.84
CA LEU E 61 -6.37 38.30 22.02
C LEU E 61 -4.91 38.52 21.59
N LYS E 62 -4.08 39.11 22.45
CA LYS E 62 -2.65 39.24 22.23
C LYS E 62 -1.88 38.00 22.61
N THR E 63 -2.51 37.09 23.34
CA THR E 63 -1.93 35.87 23.89
C THR E 63 -2.92 34.75 23.65
N PRO E 64 -2.45 33.56 23.34
CA PRO E 64 -3.37 32.47 23.03
C PRO E 64 -3.93 31.66 24.20
N LEU E 65 -3.86 32.15 25.44
CA LEU E 65 -4.18 31.34 26.61
C LEU E 65 -5.55 31.68 27.18
N ILE E 66 -6.34 30.65 27.48
CA ILE E 66 -7.66 30.79 28.09
C ILE E 66 -7.70 29.93 29.34
N SER E 67 -8.29 30.47 30.40
CA SER E 67 -8.55 29.67 31.58
C SER E 67 -9.93 29.03 31.46
N SER E 68 -10.02 27.78 31.87
CA SER E 68 -11.18 26.97 31.61
C SER E 68 -12.32 27.30 32.58
N PRO E 69 -13.57 27.22 32.12
CA PRO E 69 -14.72 27.54 32.98
C PRO E 69 -15.06 26.44 33.98
N MET E 70 -14.19 26.26 34.95
CA MET E 70 -14.37 25.27 36.00
C MET E 70 -14.37 25.96 37.36
N ASP E 71 -15.08 25.38 38.32
CA ASP E 71 -15.29 26.04 39.60
C ASP E 71 -14.08 25.98 40.51
N THR E 72 -13.02 25.29 40.10
CA THR E 72 -11.74 25.37 40.79
C THR E 72 -10.70 26.10 39.96
N VAL E 73 -11.11 26.76 38.89
CA VAL E 73 -10.17 27.46 38.03
C VAL E 73 -10.52 28.94 37.93
N THR E 74 -11.72 29.26 37.45
CA THR E 74 -12.01 30.61 36.99
C THR E 74 -13.18 31.22 37.73
N GLU E 75 -12.90 32.29 38.47
CA GLU E 75 -13.89 33.24 38.96
C GLU E 75 -13.30 34.61 38.66
N ALA E 76 -13.82 35.66 39.29
CA ALA E 76 -13.43 37.01 38.91
C ALA E 76 -11.92 37.22 38.96
N ASP E 77 -11.23 36.63 39.95
CA ASP E 77 -9.80 36.89 40.11
C ASP E 77 -8.99 36.29 38.97
N MET E 78 -9.25 35.02 38.66
CA MET E 78 -8.57 34.39 37.54
C MET E 78 -8.90 35.09 36.23
N ALA E 79 -10.14 35.57 36.07
CA ALA E 79 -10.51 36.24 34.84
C ALA E 79 -9.80 37.57 34.70
N ILE E 80 -9.71 38.34 35.77
CA ILE E 80 -8.99 39.60 35.74
C ILE E 80 -7.52 39.37 35.40
N ALA E 81 -6.91 38.37 36.02
CA ALA E 81 -5.49 38.13 35.77
C ALA E 81 -5.24 37.63 34.35
N MET E 82 -6.08 36.72 33.86
CA MET E 82 -5.92 36.24 32.49
C MET E 82 -6.09 37.38 31.50
N ALA E 83 -7.07 38.25 31.72
CA ALA E 83 -7.23 39.39 30.83
C ALA E 83 -6.01 40.30 30.88
N LEU E 84 -5.47 40.55 32.08
CA LEU E 84 -4.32 41.44 32.17
C LEU E 84 -3.09 40.84 31.51
N MET E 85 -2.94 39.53 31.53
CA MET E 85 -1.77 38.92 30.90
C MET E 85 -1.90 38.78 29.40
N GLY E 86 -3.08 39.04 28.83
CA GLY E 86 -3.27 38.98 27.40
C GLY E 86 -4.22 37.91 26.91
N GLY E 87 -4.84 37.15 27.80
CA GLY E 87 -5.83 36.19 27.38
C GLY E 87 -7.21 36.53 27.87
N ILE E 88 -7.91 35.55 28.40
CA ILE E 88 -9.29 35.73 28.85
C ILE E 88 -9.64 34.54 29.72
N GLY E 89 -10.58 34.73 30.63
CA GLY E 89 -11.13 33.63 31.38
C GLY E 89 -12.62 33.51 31.17
N PHE E 90 -13.18 32.33 31.37
CA PHE E 90 -14.61 32.11 31.29
C PHE E 90 -15.12 31.77 32.67
N ILE E 91 -15.99 32.62 33.22
CA ILE E 91 -16.57 32.35 34.52
C ILE E 91 -17.42 31.11 34.46
N HIS E 92 -17.17 30.18 35.39
CA HIS E 92 -17.92 28.94 35.44
C HIS E 92 -19.35 29.20 35.88
N HIS E 93 -20.22 28.23 35.62
CA HIS E 93 -21.64 28.36 35.94
C HIS E 93 -22.11 27.30 36.93
N ASN E 94 -21.22 26.76 37.75
CA ASN E 94 -21.63 25.89 38.85
C ASN E 94 -21.96 26.73 40.08
N CYS E 95 -23.00 27.55 39.91
CA CYS E 95 -23.36 28.57 40.89
C CYS E 95 -24.73 29.11 40.49
N THR E 96 -25.23 30.06 41.26
CA THR E 96 -26.47 30.71 40.90
C THR E 96 -26.22 31.73 39.80
N PRO E 97 -27.25 32.04 39.01
CA PRO E 97 -27.08 33.11 38.00
C PRO E 97 -26.65 34.43 38.60
N GLU E 98 -27.10 34.75 39.80
CA GLU E 98 -26.75 36.02 40.43
C GLU E 98 -25.28 36.05 40.84
N PHE E 99 -24.76 34.94 41.36
CA PHE E 99 -23.35 34.86 41.70
C PHE E 99 -22.46 35.03 40.48
N GLN E 100 -22.81 34.34 39.38
CA GLN E 100 -22.01 34.44 38.16
C GLN E 100 -22.10 35.83 37.56
N ALA E 101 -23.28 36.44 37.59
CA ALA E 101 -23.39 37.81 37.08
C ALA E 101 -22.60 38.78 37.94
N ASN E 102 -22.52 38.53 39.24
CA ASN E 102 -21.70 39.36 40.12
C ASN E 102 -20.22 39.22 39.79
N GLU E 103 -19.76 38.00 39.51
CA GLU E 103 -18.37 37.81 39.11
C GLU E 103 -18.07 38.56 37.81
N VAL E 104 -18.95 38.43 36.83
CA VAL E 104 -18.73 39.12 35.56
C VAL E 104 -18.69 40.63 35.78
N ARG E 105 -19.60 41.15 36.60
CA ARG E 105 -19.60 42.58 36.88
C ARG E 105 -18.31 43.03 37.55
N LYS E 106 -17.78 42.23 38.47
CA LYS E 106 -16.52 42.58 39.09
C LYS E 106 -15.38 42.64 38.07
N VAL E 107 -15.38 41.72 37.12
CA VAL E 107 -14.36 41.78 36.08
C VAL E 107 -14.55 43.02 35.21
N LYS E 108 -15.79 43.35 34.88
CA LYS E 108 -16.04 44.46 33.95
C LYS E 108 -15.90 45.83 34.58
N LYS E 109 -15.62 45.92 35.89
CA LYS E 109 -15.49 47.19 36.57
C LYS E 109 -14.13 47.34 37.26
N PHE E 110 -13.09 46.70 36.72
CA PHE E 110 -11.87 46.49 37.48
C PHE E 110 -11.05 47.76 37.64
N GLU E 111 -10.61 48.36 36.54
CA GLU E 111 -9.94 49.66 36.56
C GLU E 111 -8.69 49.63 37.46
N GLN E 112 -7.67 48.93 36.95
CA GLN E 112 -6.42 48.71 37.67
C GLN E 112 -5.89 49.94 38.38
N GLY E 113 -5.56 49.76 39.67
CA GLY E 113 -5.09 50.84 40.51
C GLY E 113 -6.12 51.23 41.55
N PHE E 114 -7.38 51.21 41.15
CA PHE E 114 -8.47 51.63 42.03
C PHE E 114 -8.90 50.46 42.91
N ILE E 115 -10.05 50.61 43.57
CA ILE E 115 -10.64 49.56 44.39
C ILE E 115 -12.00 49.22 43.82
N THR E 116 -12.21 47.95 43.49
CA THR E 116 -13.51 47.50 43.01
C THR E 116 -14.36 47.07 44.20
N ASP E 117 -15.59 47.57 44.24
CA ASP E 117 -16.51 47.37 45.35
C ASP E 117 -15.91 47.85 46.67
N PRO E 118 -15.74 49.16 46.85
CA PRO E 118 -15.21 49.66 48.12
C PRO E 118 -16.25 49.50 49.24
N VAL E 119 -15.75 49.17 50.43
CA VAL E 119 -16.60 49.06 51.60
C VAL E 119 -16.85 50.44 52.20
N ALA E 188 -11.66 65.46 45.34
CA ALA E 188 -12.40 64.45 44.59
C ALA E 188 -12.43 64.79 43.10
N PRO E 189 -11.32 64.58 42.40
CA PRO E 189 -11.28 64.93 40.98
C PRO E 189 -12.07 63.95 40.12
N ALA E 190 -12.08 64.17 38.82
CA ALA E 190 -12.76 63.27 37.89
C ALA E 190 -11.88 62.07 37.59
N GLY E 191 -12.17 61.36 36.51
CA GLY E 191 -11.32 60.27 36.10
C GLY E 191 -9.89 60.72 36.03
N VAL E 192 -9.09 60.30 37.00
CA VAL E 192 -7.73 60.78 37.18
C VAL E 192 -6.80 59.64 36.81
N THR E 193 -5.92 59.89 35.84
CA THR E 193 -4.93 58.89 35.46
C THR E 193 -4.06 58.55 36.65
N LEU E 194 -3.68 57.27 36.75
CA LEU E 194 -2.91 56.83 37.91
C LEU E 194 -1.56 57.51 37.97
N LYS E 195 -0.98 57.85 36.82
CA LYS E 195 0.28 58.60 36.83
C LYS E 195 0.13 59.94 37.52
N GLU E 196 -1.04 60.58 37.37
CA GLU E 196 -1.33 61.80 38.13
C GLU E 196 -1.51 61.47 39.61
N ALA E 197 -2.23 60.39 39.90
CA ALA E 197 -2.56 60.05 41.28
C ALA E 197 -1.32 59.78 42.13
N ASN E 198 -0.18 59.54 41.50
CA ASN E 198 1.06 59.29 42.24
C ASN E 198 1.51 60.52 43.03
N LYS E 208 -4.75 56.92 51.31
CA LYS E 208 -6.01 56.84 50.59
C LYS E 208 -6.34 58.16 49.91
N LEU E 209 -6.79 58.07 48.66
CA LEU E 209 -7.09 59.24 47.83
C LEU E 209 -8.48 59.04 47.25
N PRO E 210 -9.51 59.54 47.92
CA PRO E 210 -10.87 59.40 47.37
C PRO E 210 -11.07 60.25 46.14
N ILE E 211 -11.81 59.69 45.18
CA ILE E 211 -12.13 60.40 43.94
C ILE E 211 -13.52 61.01 44.04
N LEU E 218 -19.08 60.24 46.54
CA LEU E 218 -17.95 59.34 46.40
C LEU E 218 -18.17 58.34 45.28
N VAL E 219 -17.27 58.33 44.31
CA VAL E 219 -17.38 57.44 43.17
C VAL E 219 -16.23 56.45 43.07
N ALA E 220 -15.07 56.75 43.64
CA ALA E 220 -13.93 55.85 43.56
C ALA E 220 -12.96 56.16 44.68
N ILE E 221 -12.25 55.13 45.12
CA ILE E 221 -11.24 55.25 46.17
C ILE E 221 -9.98 54.54 45.71
N ILE E 222 -8.84 55.04 46.15
CA ILE E 222 -7.54 54.45 45.87
C ILE E 222 -6.85 54.16 47.20
N ALA E 223 -6.20 53.01 47.28
CA ALA E 223 -5.27 52.73 48.37
C ALA E 223 -3.85 52.88 47.84
N ARG E 224 -3.02 53.62 48.56
CA ARG E 224 -1.72 53.99 48.00
C ARG E 224 -0.80 52.80 47.83
N THR E 225 -0.97 51.75 48.64
CA THR E 225 -0.18 50.55 48.44
C THR E 225 -0.49 49.90 47.10
N ASP E 226 -1.77 49.88 46.71
CA ASP E 226 -2.16 49.32 45.42
C ASP E 226 -1.55 50.11 44.28
N LEU E 227 -1.29 51.40 44.49
CA LEU E 227 -0.64 52.23 43.50
C LEU E 227 0.88 52.09 43.51
N LYS E 228 1.48 51.74 44.64
CA LYS E 228 2.92 51.55 44.67
C LYS E 228 3.31 50.20 44.11
N LYS E 229 2.46 49.19 44.29
CA LYS E 229 2.68 47.89 43.65
C LYS E 229 1.98 47.83 42.30
N ASN E 230 2.28 48.82 41.47
CA ASN E 230 1.70 48.95 40.14
C ASN E 230 2.62 48.37 39.09
N ARG E 231 2.04 47.76 38.07
CA ARG E 231 2.77 47.21 36.93
C ARG E 231 2.17 47.73 35.63
N ASP E 232 2.91 47.53 34.56
CA ASP E 232 2.42 47.83 33.23
C ASP E 232 1.83 46.56 32.62
N TYR E 233 0.85 46.75 31.74
CA TYR E 233 0.18 45.64 31.08
C TYR E 233 -0.03 45.99 29.62
N PRO E 234 1.02 45.86 28.81
CA PRO E 234 0.89 46.23 27.40
C PRO E 234 -0.06 45.35 26.61
N LEU E 235 -0.41 44.17 27.10
CA LEU E 235 -1.23 43.22 26.37
C LEU E 235 -2.59 43.00 27.01
N ALA E 236 -3.14 44.01 27.68
CA ALA E 236 -4.17 43.83 28.70
C ALA E 236 -5.53 43.35 28.19
N SER E 237 -5.75 43.10 26.90
CA SER E 237 -6.94 42.37 26.44
C SER E 237 -8.24 43.09 26.84
N LYS E 238 -8.48 44.23 26.20
CA LYS E 238 -9.58 45.11 26.57
C LYS E 238 -10.58 45.25 25.43
N ASP E 239 -11.76 45.75 25.77
CA ASP E 239 -12.80 46.00 24.79
C ASP E 239 -12.80 47.46 24.35
N SER E 240 -13.84 47.86 23.62
CA SER E 240 -13.90 49.22 23.09
C SER E 240 -13.91 50.26 24.20
N GLN E 241 -14.68 50.00 25.26
CA GLN E 241 -14.77 50.92 26.39
C GLN E 241 -13.61 50.79 27.37
N LYS E 242 -12.52 50.15 26.96
CA LYS E 242 -11.29 50.05 27.75
C LYS E 242 -11.47 49.24 29.03
N GLN E 243 -12.48 48.37 29.07
CA GLN E 243 -12.69 47.45 30.16
C GLN E 243 -12.11 46.08 29.80
N LEU E 244 -11.81 45.29 30.82
CA LEU E 244 -11.30 43.96 30.59
C LEU E 244 -12.36 43.08 29.94
N LEU E 245 -11.93 42.21 29.03
CA LEU E 245 -12.81 41.24 28.41
C LEU E 245 -13.14 40.13 29.40
N CYS E 246 -14.35 39.58 29.27
CA CYS E 246 -14.77 38.50 30.15
C CYS E 246 -15.69 37.55 29.39
N GLY E 247 -15.55 36.26 29.67
CA GLY E 247 -16.44 35.25 29.16
C GLY E 247 -17.24 34.61 30.28
N ALA E 248 -18.20 33.80 29.88
CA ALA E 248 -19.02 33.08 30.84
C ALA E 248 -19.52 31.79 30.22
N ALA E 249 -19.62 30.75 31.03
CA ALA E 249 -20.20 29.49 30.61
C ALA E 249 -21.69 29.46 30.92
N VAL E 250 -22.43 28.72 30.10
CA VAL E 250 -23.87 28.59 30.22
C VAL E 250 -24.23 27.21 29.69
N GLY E 251 -25.25 26.58 30.29
CA GLY E 251 -25.77 25.31 29.82
C GLY E 251 -26.76 25.48 28.69
N THR E 252 -27.46 24.39 28.38
CA THR E 252 -28.42 24.41 27.29
C THR E 252 -29.84 24.08 27.77
N ARG E 253 -30.14 24.33 29.03
CA ARG E 253 -31.47 24.06 29.53
C ARG E 253 -32.28 25.36 29.56
N GLU E 254 -33.56 25.24 29.92
CA GLU E 254 -34.44 26.40 29.85
C GLU E 254 -34.12 27.43 30.92
N ASP E 255 -33.56 26.99 32.04
CA ASP E 255 -33.19 27.94 33.09
C ASP E 255 -32.05 28.84 32.64
N ASP E 256 -31.24 28.38 31.69
CA ASP E 256 -30.08 29.14 31.24
C ASP E 256 -30.46 30.40 30.49
N LYS E 257 -31.70 30.53 30.04
CA LYS E 257 -32.09 31.76 29.37
C LYS E 257 -32.11 32.94 30.34
N TYR E 258 -32.56 32.71 31.57
CA TYR E 258 -32.54 33.77 32.58
C TYR E 258 -31.13 34.10 33.02
N ARG E 259 -30.28 33.08 33.19
CA ARG E 259 -28.88 33.32 33.49
C ARG E 259 -28.22 34.13 32.38
N LEU E 260 -28.61 33.87 31.13
CA LEU E 260 -28.05 34.60 30.00
C LEU E 260 -28.51 36.05 30.00
N ASP E 261 -29.77 36.30 30.35
CA ASP E 261 -30.22 37.68 30.50
C ASP E 261 -29.39 38.40 31.55
N LEU E 262 -29.19 37.76 32.70
CA LEU E 262 -28.40 38.36 33.77
C LEU E 262 -26.98 38.62 33.32
N LEU E 263 -26.40 37.72 32.54
CA LEU E 263 -25.01 37.88 32.14
C LEU E 263 -24.84 38.98 31.10
N THR E 264 -25.79 39.12 30.18
CA THR E 264 -25.69 40.22 29.22
C THR E 264 -25.91 41.57 29.90
N GLN E 265 -26.75 41.62 30.94
CA GLN E 265 -26.86 42.87 31.68
C GLN E 265 -25.57 43.23 32.40
N ALA E 266 -24.78 42.24 32.80
CA ALA E 266 -23.53 42.52 33.48
C ALA E 266 -22.41 42.91 32.53
N GLY E 267 -22.59 42.73 31.23
CA GLY E 267 -21.62 43.17 30.26
C GLY E 267 -20.69 42.13 29.69
N VAL E 268 -21.10 40.85 29.67
CA VAL E 268 -20.24 39.79 29.19
C VAL E 268 -20.00 39.93 27.69
N ASP E 269 -18.81 39.54 27.23
CA ASP E 269 -18.41 39.74 25.85
C ASP E 269 -18.58 38.49 24.99
N VAL E 270 -18.37 37.32 25.56
CA VAL E 270 -18.44 36.08 24.80
C VAL E 270 -19.01 35.02 25.72
N ILE E 271 -19.81 34.12 25.16
CA ILE E 271 -20.47 33.04 25.88
C ILE E 271 -19.93 31.73 25.34
N VAL E 272 -19.62 30.80 26.22
CA VAL E 272 -19.33 29.42 25.81
C VAL E 272 -20.46 28.54 26.30
N LEU E 273 -20.99 27.72 25.38
CA LEU E 273 -22.00 26.73 25.73
C LEU E 273 -21.32 25.48 26.23
N ASP E 274 -21.53 25.17 27.51
CA ASP E 274 -20.75 24.18 28.23
C ASP E 274 -21.42 22.82 28.12
N SER E 275 -20.79 21.91 27.39
CA SER E 275 -21.33 20.56 27.24
C SER E 275 -20.20 19.62 26.87
N SER E 276 -20.36 18.36 27.28
CA SER E 276 -19.42 17.33 26.87
C SER E 276 -19.61 16.93 25.41
N GLN E 277 -20.82 17.08 24.89
CA GLN E 277 -21.14 16.70 23.51
C GLN E 277 -22.05 17.77 22.94
N GLY E 278 -21.48 18.71 22.19
CA GLY E 278 -22.20 19.87 21.71
C GLY E 278 -23.09 19.65 20.51
N ASN E 279 -22.99 18.51 19.84
CA ASN E 279 -23.78 18.27 18.64
C ASN E 279 -25.14 17.69 19.01
N SER E 280 -25.99 18.55 19.56
CA SER E 280 -27.31 18.16 20.03
C SER E 280 -28.35 19.15 19.55
N VAL E 281 -29.61 18.72 19.58
CA VAL E 281 -30.71 19.63 19.27
C VAL E 281 -30.81 20.74 20.31
N TYR E 282 -30.41 20.46 21.54
CA TYR E 282 -30.53 21.44 22.61
C TYR E 282 -29.54 22.58 22.42
N GLN E 283 -28.28 22.26 22.15
CA GLN E 283 -27.30 23.30 21.93
C GLN E 283 -27.59 24.10 20.66
N ILE E 284 -28.13 23.46 19.63
CA ILE E 284 -28.44 24.18 18.40
C ILE E 284 -29.62 25.12 18.61
N ALA E 285 -30.64 24.65 19.33
CA ALA E 285 -31.71 25.55 19.74
C ALA E 285 -31.17 26.74 20.53
N MET E 286 -30.21 26.49 21.43
CA MET E 286 -29.69 27.57 22.25
C MET E 286 -28.89 28.57 21.42
N VAL E 287 -28.09 28.08 20.47
CA VAL E 287 -27.36 28.97 19.58
C VAL E 287 -28.33 29.85 18.78
N HIS E 288 -29.42 29.26 18.30
CA HIS E 288 -30.40 30.05 17.56
C HIS E 288 -31.09 31.08 18.43
N TYR E 289 -31.49 30.68 19.65
CA TYR E 289 -32.11 31.61 20.58
C TYR E 289 -31.19 32.79 20.88
N ILE E 290 -29.92 32.53 21.15
CA ILE E 290 -29.00 33.60 21.46
C ILE E 290 -28.82 34.51 20.26
N LYS E 291 -28.62 33.93 19.07
CA LYS E 291 -28.37 34.79 17.92
C LYS E 291 -29.58 35.63 17.57
N GLN E 292 -30.77 35.17 17.91
CA GLN E 292 -31.94 36.02 17.68
C GLN E 292 -32.06 37.10 18.74
N LYS E 293 -31.84 36.77 20.02
CA LYS E 293 -32.10 37.74 21.07
C LYS E 293 -30.95 38.72 21.30
N TYR E 294 -29.69 38.29 21.12
CA TYR E 294 -28.53 39.14 21.37
C TYR E 294 -27.58 39.08 20.19
N PRO E 295 -27.90 39.77 19.10
CA PRO E 295 -27.09 39.64 17.89
C PRO E 295 -25.66 40.12 18.04
N HIS E 296 -25.37 40.95 19.04
CA HIS E 296 -24.01 41.43 19.26
C HIS E 296 -23.13 40.39 19.93
N LEU E 297 -23.73 39.49 20.71
CA LEU E 297 -22.99 38.54 21.51
C LEU E 297 -22.23 37.53 20.65
N GLN E 298 -21.07 37.12 21.13
CA GLN E 298 -20.27 36.09 20.49
C GLN E 298 -20.46 34.78 21.24
N VAL E 299 -20.69 33.69 20.50
CA VAL E 299 -21.01 32.40 21.08
C VAL E 299 -19.98 31.37 20.61
N ILE E 300 -19.53 30.55 21.54
CA ILE E 300 -18.62 29.44 21.26
C ILE E 300 -19.35 28.14 21.58
N GLY E 301 -19.44 27.25 20.59
CA GLY E 301 -20.05 25.96 20.77
C GLY E 301 -19.05 24.87 21.05
N GLY E 302 -19.54 23.74 21.54
CA GLY E 302 -18.69 22.63 21.86
C GLY E 302 -19.24 21.85 23.05
N ASN E 303 -18.51 20.81 23.42
CA ASN E 303 -17.26 20.41 22.78
C ASN E 303 -17.51 19.48 21.60
N VAL E 304 -16.61 19.49 20.62
CA VAL E 304 -16.70 18.66 19.43
C VAL E 304 -15.35 18.04 19.17
N VAL E 305 -15.34 16.86 18.56
CA VAL E 305 -14.09 16.21 18.19
C VAL E 305 -14.08 15.79 16.73
N THR E 306 -15.22 15.86 16.05
CA THR E 306 -15.26 15.47 14.65
C THR E 306 -15.75 16.63 13.79
N ALA E 307 -15.58 16.47 12.47
CA ALA E 307 -15.95 17.51 11.54
C ALA E 307 -17.45 17.57 11.30
N ALA E 308 -18.18 16.48 11.54
CA ALA E 308 -19.62 16.49 11.37
C ALA E 308 -20.31 17.31 12.46
N GLN E 309 -19.89 17.13 13.70
CA GLN E 309 -20.34 18.01 14.77
C GLN E 309 -20.02 19.47 14.46
N ALA E 310 -18.80 19.72 14.00
CA ALA E 310 -18.38 21.07 13.68
C ALA E 310 -19.27 21.68 12.62
N LYS E 311 -19.66 20.89 11.61
CA LYS E 311 -20.53 21.41 10.57
C LYS E 311 -21.90 21.78 11.11
N ASN E 312 -22.49 20.89 11.93
CA ASN E 312 -23.79 21.24 12.51
C ASN E 312 -23.73 22.54 13.29
N LEU E 313 -22.69 22.71 14.10
CA LEU E 313 -22.62 23.90 14.94
C LEU E 313 -22.28 25.15 14.14
N ILE E 314 -21.45 25.03 13.10
CA ILE E 314 -21.10 26.19 12.30
C ILE E 314 -22.29 26.62 11.45
N ASP E 315 -23.08 25.67 10.97
CA ASP E 315 -24.33 26.02 10.30
C ASP E 315 -25.33 26.63 11.26
N ALA E 316 -25.29 26.28 12.55
CA ALA E 316 -26.15 26.98 13.50
C ALA E 316 -25.74 28.43 13.66
N GLY E 317 -24.46 28.75 13.52
CA GLY E 317 -24.01 30.12 13.57
C GLY E 317 -23.06 30.49 14.70
N VAL E 318 -22.34 29.51 15.26
CA VAL E 318 -21.36 29.83 16.29
C VAL E 318 -20.19 30.60 15.68
N ASP E 319 -19.49 31.33 16.53
CA ASP E 319 -18.33 32.10 16.12
C ASP E 319 -17.02 31.46 16.55
N GLY E 320 -17.08 30.35 17.28
CA GLY E 320 -15.90 29.61 17.66
C GLY E 320 -16.30 28.23 18.09
N LEU E 321 -15.32 27.34 18.12
CA LEU E 321 -15.55 25.97 18.53
C LEU E 321 -14.59 25.58 19.62
N ARG E 322 -15.08 24.83 20.60
CA ARG E 322 -14.28 24.26 21.66
C ARG E 322 -14.08 22.78 21.38
N VAL E 323 -12.84 22.35 21.26
CA VAL E 323 -12.49 21.01 20.76
C VAL E 323 -11.89 20.20 21.89
N GLY E 324 -12.37 18.96 22.05
CA GLY E 324 -11.83 18.04 23.04
C GLY E 324 -12.88 17.21 23.75
N MET E 325 -12.61 15.93 23.92
CA MET E 325 -13.55 15.04 24.60
C MET E 325 -12.74 13.91 25.22
N GLY E 326 -12.73 13.86 26.55
CA GLY E 326 -12.04 12.81 27.26
C GLY E 326 -10.54 12.96 27.35
N CYS E 327 -10.00 14.09 26.91
CA CYS E 327 -8.56 14.31 26.95
C CYS E 327 -8.12 15.04 28.20
N GLY E 328 -9.05 15.59 28.96
CA GLY E 328 -8.70 16.35 30.14
C GLY E 328 -8.05 15.48 31.22
N SER E 329 -7.34 16.15 32.11
CA SER E 329 -6.61 15.45 33.16
C SER E 329 -7.57 14.78 34.14
N ILE E 330 -8.72 15.40 34.40
CA ILE E 330 -9.66 14.90 35.40
C ILE E 330 -10.77 14.05 34.78
N CYS E 331 -10.75 13.81 33.47
CA CYS E 331 -11.87 13.19 32.77
C CYS E 331 -11.73 11.67 32.74
N ILE E 332 -12.86 10.98 32.84
CA ILE E 332 -12.90 9.53 32.71
C ILE E 332 -13.96 9.10 31.72
N THR E 333 -14.35 10.01 30.81
CA THR E 333 -15.48 9.76 29.91
C THR E 333 -15.17 8.63 28.94
N GLN E 334 -13.99 8.63 28.32
CA GLN E 334 -13.66 7.59 27.36
C GLN E 334 -13.77 6.20 27.97
N GLU E 335 -13.48 6.08 29.27
CA GLU E 335 -13.50 4.80 29.95
C GLU E 335 -14.87 4.40 30.46
N VAL E 336 -15.80 5.34 30.60
CA VAL E 336 -17.14 5.01 31.09
C VAL E 336 -18.22 5.20 30.05
N MET E 337 -17.96 5.91 28.95
CA MET E 337 -18.93 6.00 27.86
C MET E 337 -18.39 5.55 26.52
N ALA E 338 -17.11 5.19 26.43
CA ALA E 338 -16.47 4.64 25.23
C ALA E 338 -16.38 5.63 24.09
N CYS E 339 -16.64 6.91 24.33
CA CYS E 339 -16.77 7.89 23.26
C CYS E 339 -15.77 9.03 23.47
N GLY E 340 -15.04 9.38 22.42
CA GLY E 340 -14.06 10.44 22.51
C GLY E 340 -13.11 10.38 21.32
N ARG E 341 -11.98 11.07 21.45
CA ARG E 341 -10.99 11.10 20.39
C ARG E 341 -9.64 11.50 20.95
N PRO E 342 -8.54 10.93 20.47
CA PRO E 342 -7.22 11.46 20.81
C PRO E 342 -7.09 12.92 20.39
N GLN E 343 -6.52 13.74 21.27
CA GLN E 343 -6.71 15.17 21.18
C GLN E 343 -5.95 15.82 20.04
N GLY E 344 -4.75 15.34 19.72
CA GLY E 344 -4.01 15.90 18.60
C GLY E 344 -4.74 15.72 17.28
N THR E 345 -5.26 14.52 17.04
CA THR E 345 -6.03 14.24 15.84
C THR E 345 -7.30 15.08 15.79
N ALA E 346 -8.01 15.19 16.91
CA ALA E 346 -9.24 15.96 16.94
C ALA E 346 -8.97 17.43 16.65
N VAL E 347 -7.88 17.98 17.20
CA VAL E 347 -7.55 19.37 16.95
C VAL E 347 -7.23 19.57 15.47
N TYR E 348 -6.41 18.69 14.90
CA TYR E 348 -6.09 18.84 13.49
C TYR E 348 -7.34 18.76 12.61
N LYS E 349 -8.16 17.74 12.82
CA LYS E 349 -9.34 17.53 11.97
C LYS E 349 -10.32 18.70 12.07
N VAL E 350 -10.69 19.07 13.29
CA VAL E 350 -11.70 20.11 13.43
C VAL E 350 -11.17 21.46 12.98
N ALA E 351 -9.91 21.79 13.28
CA ALA E 351 -9.34 23.06 12.85
C ALA E 351 -9.25 23.15 11.32
N GLU E 352 -8.84 22.06 10.66
CA GLU E 352 -8.82 22.01 9.21
C GLU E 352 -10.22 22.16 8.61
N TYR E 353 -11.27 21.57 9.22
CA TYR E 353 -12.61 21.78 8.69
C TYR E 353 -13.09 23.21 8.96
N ALA E 354 -12.96 23.72 10.18
CA ALA E 354 -13.49 25.01 10.62
C ALA E 354 -12.82 26.21 9.92
N ARG E 355 -11.55 26.09 9.56
CA ARG E 355 -10.79 27.04 8.73
C ARG E 355 -11.49 27.34 7.39
N ARG E 356 -12.19 26.36 6.80
CA ARG E 356 -12.95 26.56 5.55
C ARG E 356 -14.04 27.63 5.68
N PHE E 357 -14.50 27.94 6.90
CA PHE E 357 -15.54 28.92 7.14
C PHE E 357 -15.05 30.09 7.97
N GLY E 358 -13.74 30.23 8.18
CA GLY E 358 -13.17 31.31 8.97
C GLY E 358 -13.47 31.25 10.46
N VAL E 359 -13.76 30.06 11.01
CA VAL E 359 -14.08 29.87 12.42
C VAL E 359 -12.82 29.40 13.18
N PRO E 360 -12.33 30.14 14.18
CA PRO E 360 -11.22 29.69 15.02
C PRO E 360 -11.65 28.59 16.00
N ILE E 361 -10.74 27.73 16.42
CA ILE E 361 -11.03 26.66 17.39
C ILE E 361 -10.15 26.76 18.63
N ILE E 362 -10.70 26.38 19.78
CA ILE E 362 -9.95 26.30 21.03
C ILE E 362 -9.58 24.84 21.28
N ALA E 363 -8.30 24.57 21.50
CA ALA E 363 -7.84 23.26 21.90
C ALA E 363 -7.96 23.14 23.41
N ASP E 364 -8.90 22.32 23.87
CA ASP E 364 -9.26 22.30 25.28
C ASP E 364 -9.05 20.91 25.86
N GLY E 365 -8.08 20.78 26.78
CA GLY E 365 -7.90 19.55 27.51
C GLY E 365 -6.62 18.81 27.20
N GLY E 366 -5.90 18.39 28.22
CA GLY E 366 -4.73 17.58 28.04
C GLY E 366 -3.44 18.34 27.86
N ILE E 367 -3.42 19.62 28.18
CA ILE E 367 -2.22 20.43 28.10
C ILE E 367 -1.51 20.37 29.44
N GLN E 368 -0.30 19.80 29.45
CA GLN E 368 0.51 19.76 30.65
C GLN E 368 1.78 20.59 30.57
N THR E 369 2.35 20.72 29.39
CA THR E 369 3.64 21.34 29.20
C THR E 369 3.53 22.49 28.20
N VAL E 370 4.61 23.26 28.09
CA VAL E 370 4.66 24.29 27.07
C VAL E 370 4.73 23.68 25.68
N GLY E 371 5.43 22.55 25.55
CA GLY E 371 5.52 21.88 24.27
C GLY E 371 4.17 21.42 23.76
N HIS E 372 3.26 21.07 24.68
CA HIS E 372 1.90 20.74 24.29
C HIS E 372 1.18 21.95 23.69
N VAL E 373 1.38 23.12 24.28
CA VAL E 373 0.78 24.33 23.75
C VAL E 373 1.28 24.61 22.35
N VAL E 374 2.59 24.47 22.15
CA VAL E 374 3.15 24.71 20.82
C VAL E 374 2.61 23.70 19.83
N LYS E 375 2.54 22.43 20.21
CA LYS E 375 2.01 21.42 19.31
C LYS E 375 0.56 21.67 18.94
N ALA E 376 -0.25 22.12 19.91
CA ALA E 376 -1.64 22.43 19.64
C ALA E 376 -1.79 23.58 18.67
N LEU E 377 -1.04 24.67 18.92
CA LEU E 377 -1.11 25.82 18.02
C LEU E 377 -0.59 25.49 16.63
N ALA E 378 0.39 24.60 16.52
CA ALA E 378 0.90 24.21 15.21
C ALA E 378 -0.06 23.29 14.47
N LEU E 379 -0.93 22.59 15.18
CA LEU E 379 -1.88 21.69 14.54
C LEU E 379 -3.13 22.39 14.06
N GLY E 380 -3.23 23.71 14.21
CA GLY E 380 -4.33 24.51 13.70
C GLY E 380 -5.18 25.21 14.76
N ALA E 381 -4.97 24.95 16.06
CA ALA E 381 -5.72 25.68 17.07
C ALA E 381 -5.35 27.14 17.08
N SER E 382 -6.32 28.01 17.36
CA SER E 382 -6.11 29.45 17.49
C SER E 382 -5.80 29.86 18.93
N THR E 383 -6.46 29.25 19.90
CA THR E 383 -6.23 29.49 21.31
C THR E 383 -6.18 28.15 22.03
N VAL E 384 -5.64 28.16 23.25
CA VAL E 384 -5.51 26.97 24.06
C VAL E 384 -6.19 27.23 25.40
N MET E 385 -7.00 26.28 25.85
CA MET E 385 -7.69 26.38 27.13
C MET E 385 -7.02 25.46 28.15
N MET E 386 -6.80 25.99 29.35
CA MET E 386 -6.10 25.24 30.39
C MET E 386 -6.93 25.19 31.65
N GLY E 387 -7.19 23.99 32.15
CA GLY E 387 -7.71 23.86 33.48
C GLY E 387 -6.67 23.59 34.55
N SER E 388 -5.93 22.49 34.41
CA SER E 388 -5.09 22.01 35.50
C SER E 388 -3.75 22.72 35.58
N LEU E 389 -3.27 23.26 34.47
CA LEU E 389 -2.02 24.01 34.49
C LEU E 389 -2.15 25.28 35.30
N LEU E 390 -3.36 25.84 35.40
CA LEU E 390 -3.61 27.07 36.12
C LEU E 390 -4.28 26.84 37.45
N ALA E 391 -4.62 25.60 37.78
CA ALA E 391 -5.11 25.29 39.11
C ALA E 391 -3.96 25.35 40.11
N ALA E 392 -4.32 25.56 41.37
CA ALA E 392 -3.35 25.75 42.44
C ALA E 392 -2.47 26.97 42.20
N THR E 393 -2.98 27.94 41.47
CA THR E 393 -2.39 29.26 41.45
C THR E 393 -3.14 30.14 42.43
N THR E 394 -2.55 31.30 42.73
CA THR E 394 -3.13 32.18 43.75
C THR E 394 -4.51 32.67 43.34
N GLU E 395 -4.68 33.01 42.07
CA GLU E 395 -5.95 33.54 41.59
C GLU E 395 -7.05 32.50 41.52
N ALA E 396 -6.71 31.22 41.59
CA ALA E 396 -7.70 30.17 41.49
C ALA E 396 -8.65 30.20 42.69
N PRO E 397 -9.89 29.80 42.52
CA PRO E 397 -10.84 29.78 43.64
C PRO E 397 -10.46 28.68 44.62
N GLY E 398 -11.07 28.75 45.79
CA GLY E 398 -10.82 27.75 46.81
C GLY E 398 -9.75 28.17 47.78
N GLU E 399 -9.34 27.20 48.60
CA GLU E 399 -8.41 27.43 49.70
C GLU E 399 -7.20 26.54 49.57
N TYR E 400 -6.08 27.00 50.09
CA TYR E 400 -4.90 26.16 50.18
C TYR E 400 -4.99 25.25 51.40
N PHE E 401 -4.41 24.06 51.26
CA PHE E 401 -4.34 23.13 52.38
C PHE E 401 -3.03 22.35 52.28
N PHE E 402 -2.64 21.76 53.40
CA PHE E 402 -1.38 21.06 53.51
C PHE E 402 -1.61 19.56 53.62
N SER E 403 -0.69 18.80 53.03
CA SER E 403 -0.75 17.34 53.08
C SER E 403 0.64 16.80 52.80
N ASP E 404 1.25 16.18 53.82
CA ASP E 404 2.59 15.59 53.71
C ASP E 404 3.62 16.65 53.34
N GLY E 405 3.47 17.85 53.89
CA GLY E 405 4.45 18.90 53.67
C GLY E 405 4.42 19.52 52.30
N VAL E 406 3.31 19.37 51.57
CA VAL E 406 3.15 19.95 50.25
C VAL E 406 1.86 20.74 50.25
N ARG E 407 1.95 22.04 49.97
CA ARG E 407 0.74 22.86 49.88
C ARG E 407 -0.05 22.47 48.64
N LEU E 408 -1.35 22.29 48.81
CA LEU E 408 -2.20 21.78 47.74
C LEU E 408 -3.48 22.60 47.63
N LYS E 409 -4.03 22.65 46.43
CA LYS E 409 -5.35 23.19 46.18
C LYS E 409 -6.18 22.12 45.48
N LYS E 410 -7.47 22.12 45.77
CA LYS E 410 -8.37 21.13 45.19
C LYS E 410 -8.64 21.46 43.73
N TYR E 411 -8.70 20.43 42.90
CA TYR E 411 -9.04 20.59 41.48
C TYR E 411 -9.85 19.38 41.04
N ARG E 412 -11.10 19.61 40.67
CA ARG E 412 -12.02 18.55 40.31
C ARG E 412 -12.62 18.83 38.95
N GLY E 413 -13.16 17.79 38.34
CA GLY E 413 -13.92 17.97 37.13
C GLY E 413 -15.34 18.41 37.39
N MET E 414 -15.98 18.96 36.36
CA MET E 414 -17.37 19.38 36.47
C MET E 414 -18.34 18.22 36.46
N GLY E 415 -17.90 17.06 35.99
CA GLY E 415 -18.70 15.86 36.02
C GLY E 415 -18.41 14.93 37.18
N SER E 416 -17.47 15.28 38.05
CA SER E 416 -17.24 14.48 39.24
C SER E 416 -18.45 14.58 40.17
N LEU E 417 -18.64 13.54 40.97
CA LEU E 417 -19.82 13.48 41.82
C LEU E 417 -19.89 14.66 42.77
N ASP E 418 -18.73 15.07 43.31
CA ASP E 418 -18.71 16.21 44.21
C ASP E 418 -19.21 17.47 43.52
N ALA E 419 -18.79 17.70 42.28
CA ALA E 419 -19.17 18.92 41.59
C ALA E 419 -20.61 18.90 41.12
N MET E 420 -21.20 17.73 40.93
CA MET E 420 -22.59 17.65 40.50
C MET E 420 -23.58 17.73 41.66
N GLU E 421 -23.10 17.86 42.88
CA GLU E 421 -23.98 18.06 44.03
C GLU E 421 -23.58 19.29 44.82
N VAL E 437 -30.14 7.83 39.59
CA VAL E 437 -28.78 7.33 39.47
C VAL E 437 -27.93 8.29 38.63
N LYS E 438 -26.80 8.72 39.18
CA LYS E 438 -25.91 9.67 38.53
C LYS E 438 -24.60 9.00 38.18
N ILE E 439 -24.30 8.94 36.89
CA ILE E 439 -22.99 8.47 36.44
C ILE E 439 -21.99 9.61 36.56
N ALA E 440 -20.84 9.32 37.14
CA ALA E 440 -19.76 10.29 37.24
C ALA E 440 -18.90 10.26 35.98
N GLN E 441 -18.60 11.45 35.47
CA GLN E 441 -17.79 11.58 34.27
C GLN E 441 -16.48 12.29 34.53
N GLY E 442 -16.13 12.52 35.79
CA GLY E 442 -14.89 13.17 36.14
C GLY E 442 -14.44 12.73 37.52
N VAL E 443 -13.20 13.08 37.85
CA VAL E 443 -12.58 12.66 39.08
C VAL E 443 -12.17 13.91 39.85
N SER E 444 -11.95 13.76 41.15
CA SER E 444 -11.60 14.87 42.03
C SER E 444 -10.25 14.63 42.68
N GLY E 445 -9.39 15.63 42.64
CA GLY E 445 -8.05 15.51 43.18
C GLY E 445 -7.50 16.82 43.68
N SER E 446 -6.17 16.93 43.70
CA SER E 446 -5.49 18.11 44.21
C SER E 446 -4.25 18.39 43.38
N ILE E 447 -3.88 19.66 43.31
CA ILE E 447 -2.71 20.13 42.57
C ILE E 447 -1.78 20.84 43.55
N GLN E 448 -0.48 20.75 43.26
CA GLN E 448 0.52 21.41 44.09
C GLN E 448 0.68 22.87 43.70
N ASP E 449 0.88 23.72 44.72
CA ASP E 449 0.84 25.16 44.52
C ASP E 449 1.86 25.63 43.50
N LYS E 450 1.48 26.64 42.72
CA LYS E 450 2.30 27.17 41.65
C LYS E 450 2.58 28.66 41.75
N GLY E 451 1.91 29.39 42.63
CA GLY E 451 2.16 30.81 42.74
C GLY E 451 1.12 31.64 42.02
N SER E 452 1.52 32.81 41.52
CA SER E 452 0.59 33.74 40.89
C SER E 452 0.54 33.53 39.38
N ILE E 453 -0.63 33.81 38.81
CA ILE E 453 -0.80 33.76 37.36
C ILE E 453 0.15 34.74 36.69
N GLN E 454 0.39 35.89 37.31
CA GLN E 454 1.22 36.94 36.71
C GLN E 454 2.70 36.62 36.75
N LYS E 455 3.09 35.56 37.44
CA LYS E 455 4.43 35.01 37.32
C LYS E 455 4.49 33.82 36.38
N PHE E 456 3.44 33.03 36.34
CA PHE E 456 3.46 31.77 35.61
C PHE E 456 3.17 31.96 34.11
N VAL E 457 2.24 32.84 33.77
CA VAL E 457 1.87 33.07 32.38
C VAL E 457 3.03 33.66 31.58
N PRO E 458 3.84 34.57 32.10
CA PRO E 458 5.01 35.02 31.31
C PRO E 458 5.98 33.90 30.99
N TYR E 459 6.16 32.95 31.90
CA TYR E 459 7.00 31.79 31.60
C TYR E 459 6.43 31.00 30.43
N LEU E 460 5.11 30.80 30.42
CA LEU E 460 4.47 30.13 29.30
C LEU E 460 4.68 30.89 28.00
N ILE E 461 4.52 32.21 28.04
CA ILE E 461 4.67 33.01 26.83
C ILE E 461 6.08 32.90 26.29
N ALA E 462 7.07 32.94 27.16
CA ALA E 462 8.45 32.81 26.72
C ALA E 462 8.72 31.44 26.11
N GLY E 463 8.21 30.38 26.75
CA GLY E 463 8.35 29.06 26.17
C GLY E 463 7.73 28.94 24.80
N ILE E 464 6.55 29.54 24.62
CA ILE E 464 5.89 29.50 23.32
C ILE E 464 6.71 30.24 22.28
N GLN E 465 7.20 31.42 22.64
CA GLN E 465 7.99 32.21 21.70
C GLN E 465 9.27 31.47 21.29
N HIS E 466 9.86 30.76 22.24
CA HIS E 466 11.10 30.05 21.93
C HIS E 466 10.84 28.83 21.07
N GLY E 467 9.76 28.10 21.34
CA GLY E 467 9.39 27.02 20.45
C GLY E 467 9.10 27.50 19.04
N CYS E 468 8.41 28.64 18.91
CA CYS E 468 8.14 29.19 17.60
C CYS E 468 9.42 29.60 16.88
N GLN E 469 10.37 30.19 17.61
CA GLN E 469 11.62 30.58 16.99
C GLN E 469 12.42 29.38 16.52
N ASP E 470 12.45 28.30 17.33
CA ASP E 470 13.13 27.08 16.91
C ASP E 470 12.47 26.48 15.67
N ILE E 471 11.15 26.55 15.59
CA ILE E 471 10.44 26.08 14.41
C ILE E 471 10.77 26.95 13.20
N GLY E 472 10.95 28.24 13.41
CA GLY E 472 11.19 29.16 12.33
C GLY E 472 10.01 30.02 11.93
N ALA E 473 9.10 30.31 12.86
CA ALA E 473 7.89 31.06 12.56
C ALA E 473 7.84 32.29 13.45
N ARG E 474 7.68 33.45 12.84
CA ARG E 474 7.72 34.69 13.61
C ARG E 474 6.37 35.09 14.19
N SER E 475 5.28 34.44 13.81
CA SER E 475 3.99 34.62 14.44
C SER E 475 3.24 33.31 14.40
N LEU E 476 2.10 33.24 15.08
CA LEU E 476 1.22 32.06 15.09
C LEU E 476 0.41 31.90 13.80
N SER E 477 -0.01 33.00 13.18
CA SER E 477 -0.64 32.97 11.85
C SER E 477 0.34 32.49 10.77
N VAL E 478 1.61 32.90 10.82
CA VAL E 478 2.68 32.34 9.98
C VAL E 478 2.91 30.86 10.26
N LEU E 479 2.85 30.42 11.51
CA LEU E 479 3.06 29.02 11.85
C LEU E 479 1.98 28.14 11.24
N ARG E 480 0.70 28.51 11.39
CA ARG E 480 -0.40 27.74 10.80
C ARG E 480 -0.39 27.83 9.28
N SER E 481 0.02 28.95 8.71
CA SER E 481 0.27 29.09 7.27
C SER E 481 1.33 28.11 6.78
N MET E 482 2.46 27.97 7.49
CA MET E 482 3.49 26.96 7.19
C MET E 482 2.95 25.55 7.33
N MET E 483 2.05 25.28 8.28
CA MET E 483 1.51 23.94 8.44
C MET E 483 0.55 23.58 7.30
N TYR E 484 -0.35 24.47 6.90
CA TYR E 484 -1.32 24.15 5.84
C TYR E 484 -0.67 24.08 4.45
N SER E 485 0.40 24.84 4.21
CA SER E 485 1.15 24.81 2.95
C SER E 485 2.16 23.66 2.83
N GLY E 486 2.39 22.85 3.87
CA GLY E 486 3.35 21.77 3.81
C GLY E 486 4.78 22.14 4.12
N GLU E 487 5.06 23.41 4.40
CA GLU E 487 6.42 23.80 4.77
C GLU E 487 6.81 23.23 6.14
N LEU E 488 5.90 23.31 7.10
CA LEU E 488 6.15 22.74 8.41
C LEU E 488 6.16 21.23 8.34
N LYS E 489 7.18 20.59 8.92
CA LYS E 489 7.37 19.14 8.87
C LYS E 489 7.30 18.53 10.26
N PHE E 490 6.83 17.30 10.32
CA PHE E 490 6.56 16.60 11.56
C PHE E 490 7.26 15.25 11.54
N GLU E 491 7.15 14.55 12.66
CA GLU E 491 7.86 13.29 12.84
C GLU E 491 7.12 12.48 13.89
N LYS E 492 6.91 11.20 13.63
CA LYS E 492 6.30 10.33 14.63
C LYS E 492 7.33 9.90 15.66
N ARG E 493 6.83 9.36 16.76
CA ARG E 493 7.67 8.90 17.86
C ARG E 493 7.21 7.52 18.29
N THR E 494 8.11 6.56 18.25
CA THR E 494 7.86 5.29 18.90
C THR E 494 7.88 5.48 20.42
N MET E 495 7.64 4.42 21.15
CA MET E 495 7.75 4.52 22.60
C MET E 495 9.21 4.70 23.03
N SER E 496 10.13 4.04 22.33
CA SER E 496 11.54 4.24 22.61
C SER E 496 11.97 5.67 22.30
N ALA E 497 11.39 6.28 21.27
CA ALA E 497 11.73 7.66 20.96
C ALA E 497 11.25 8.60 22.06
N GLN E 498 10.10 8.31 22.66
CA GLN E 498 9.62 9.14 23.75
C GLN E 498 10.47 8.94 25.00
N ILE E 499 10.92 7.71 25.24
CA ILE E 499 11.83 7.47 26.36
C ILE E 499 13.12 8.25 26.17
N GLU E 500 13.70 8.17 24.97
CA GLU E 500 14.90 8.94 24.68
C GLU E 500 14.67 10.44 24.80
N GLY E 501 13.45 10.88 24.48
CA GLY E 501 13.17 12.31 24.49
C GLY E 501 13.15 12.93 25.87
N GLY E 502 12.89 12.15 26.90
CA GLY E 502 12.91 12.63 28.27
C GLY E 502 14.27 12.44 28.92
N VAL E 503 14.29 12.67 30.24
CA VAL E 503 15.51 12.47 31.00
C VAL E 503 15.76 10.99 31.18
N HIS E 504 17.02 10.58 31.11
CA HIS E 504 17.35 9.17 31.20
C HIS E 504 18.83 9.02 31.48
N GLY E 505 19.20 7.84 31.99
CA GLY E 505 20.58 7.48 32.15
C GLY E 505 21.31 8.06 33.34
N LEU E 506 20.65 8.88 34.16
CA LEU E 506 21.31 9.49 35.29
C LEU E 506 20.95 8.78 36.58
N HIS E 507 21.83 8.92 37.58
CA HIS E 507 21.57 8.33 38.88
C HIS E 507 20.50 9.10 39.65
N SER E 508 20.42 10.41 39.42
CA SER E 508 19.44 11.28 40.05
C SER E 508 19.43 12.60 39.29
N TYR E 509 18.40 13.41 39.53
CA TYR E 509 18.32 14.74 38.92
C TYR E 509 17.21 15.51 39.60
N THR E 510 17.25 16.83 39.43
CA THR E 510 16.27 17.74 40.00
C THR E 510 15.73 18.65 38.91
N PHE E 511 14.40 18.78 38.85
CA PHE E 511 13.75 19.60 37.84
C PHE E 511 13.55 21.02 38.33
N LEU E 512 13.78 21.99 37.45
CA LEU E 512 13.57 23.40 37.77
C LEU E 512 13.20 24.14 36.49
N PRO E 513 11.90 24.40 36.29
CA PRO E 513 11.46 25.03 35.03
C PRO E 513 11.85 26.50 34.90
N PHE E 514 11.69 27.26 35.98
CA PHE E 514 11.88 28.71 35.98
C PHE E 514 10.88 29.39 35.03
N MET F 1 32.64 -20.76 -17.04
CA MET F 1 33.25 -21.99 -16.56
C MET F 1 32.48 -22.52 -15.36
N ALA F 2 31.79 -21.60 -14.70
CA ALA F 2 31.14 -21.86 -13.43
C ALA F 2 29.93 -20.97 -13.24
N ASP F 3 29.51 -20.81 -11.98
CA ASP F 3 28.57 -19.74 -11.65
C ASP F 3 29.12 -18.38 -12.05
N TYR F 4 30.42 -18.20 -12.28
CA TYR F 4 31.01 -16.91 -12.65
C TYR F 4 30.41 -16.27 -13.92
N LEU F 5 30.00 -17.07 -14.91
CA LEU F 5 29.33 -16.53 -16.11
C LEU F 5 27.87 -16.12 -15.84
N ILE F 6 27.14 -16.82 -14.96
CA ILE F 6 25.80 -16.36 -14.58
C ILE F 6 25.93 -15.00 -13.87
N SER F 7 26.82 -14.85 -12.89
CA SER F 7 27.30 -13.56 -12.36
C SER F 7 28.66 -13.71 -11.66
N GLY F 8 29.52 -12.69 -11.76
CA GLY F 8 30.91 -12.73 -11.31
C GLY F 8 31.06 -12.72 -9.78
N GLY F 9 31.19 -11.53 -9.20
CA GLY F 9 31.23 -11.36 -7.74
C GLY F 9 29.88 -11.55 -7.06
N THR F 10 28.79 -11.23 -7.77
CA THR F 10 27.41 -11.23 -7.28
C THR F 10 26.80 -12.65 -7.24
N GLY F 11 27.35 -13.54 -6.40
CA GLY F 11 26.79 -14.86 -6.17
C GLY F 11 25.51 -14.81 -5.37
N TYR F 12 24.82 -15.94 -5.32
CA TYR F 12 23.51 -15.95 -4.70
C TYR F 12 23.61 -15.86 -3.19
N VAL F 13 22.95 -14.85 -2.63
CA VAL F 13 22.84 -14.68 -1.19
C VAL F 13 21.36 -14.51 -0.91
N PRO F 14 20.75 -15.39 -0.12
CA PRO F 14 19.33 -15.22 0.20
C PRO F 14 19.06 -13.87 0.84
N GLU F 15 17.97 -13.24 0.42
CA GLU F 15 17.63 -11.90 0.90
C GLU F 15 16.77 -12.03 2.15
N ASP F 16 17.26 -11.47 3.25
CA ASP F 16 16.55 -11.53 4.52
C ASP F 16 16.85 -10.27 5.31
N GLY F 17 15.81 -9.57 5.72
CA GLY F 17 15.96 -8.30 6.41
C GLY F 17 15.83 -7.12 5.47
N LEU F 18 15.81 -5.93 6.08
CA LEU F 18 15.60 -4.70 5.35
C LEU F 18 16.91 -3.96 5.16
N THR F 19 17.08 -3.31 4.02
CA THR F 19 18.15 -2.36 3.88
C THR F 19 17.84 -1.12 4.72
N ALA F 20 18.87 -0.32 4.97
CA ALA F 20 18.65 0.89 5.75
C ALA F 20 17.66 1.82 5.08
N GLN F 21 17.62 1.89 3.75
CA GLN F 21 16.63 2.67 3.01
C GLN F 21 15.21 2.17 3.30
N GLN F 22 14.98 0.86 3.33
CA GLN F 22 13.65 0.33 3.59
C GLN F 22 13.27 0.38 5.06
N LEU F 23 14.24 0.45 5.96
CA LEU F 23 13.95 0.57 7.38
C LEU F 23 13.36 1.93 7.71
N PHE F 24 13.86 2.98 7.11
CA PHE F 24 13.41 4.33 7.39
C PHE F 24 12.34 4.81 6.43
N ALA F 25 11.80 3.91 5.61
CA ALA F 25 10.79 4.32 4.64
C ALA F 25 9.40 4.42 5.25
N SER F 26 9.15 3.69 6.34
CA SER F 26 7.83 3.67 6.96
C SER F 26 7.53 4.90 7.79
N ALA F 27 8.50 5.79 7.98
CA ALA F 27 8.30 7.07 8.65
C ALA F 27 7.90 6.92 10.11
N ASP F 28 8.28 5.83 10.75
CA ASP F 28 8.25 5.82 12.20
C ASP F 28 9.45 6.59 12.73
N GLY F 29 9.28 7.16 13.91
CA GLY F 29 10.41 7.81 14.54
C GLY F 29 11.30 6.83 15.26
N LEU F 30 12.16 6.13 14.53
CA LEU F 30 12.99 5.08 15.12
C LEU F 30 14.17 5.68 15.89
N THR F 31 14.46 5.09 17.04
CA THR F 31 15.67 5.37 17.79
C THR F 31 16.52 4.11 17.83
N TYR F 32 17.64 4.19 18.55
CA TYR F 32 18.61 3.10 18.58
C TYR F 32 18.01 1.80 19.12
N ASN F 33 17.07 1.88 20.05
CA ASN F 33 16.48 0.68 20.63
C ASN F 33 15.44 0.04 19.74
N ASP F 34 15.03 0.68 18.66
CA ASP F 34 13.93 0.18 17.85
C ASP F 34 14.37 -0.85 16.82
N PHE F 35 15.67 -1.05 16.61
CA PHE F 35 16.12 -1.91 15.53
C PHE F 35 17.37 -2.65 15.94
N LEU F 36 17.74 -3.64 15.13
CA LEU F 36 18.96 -4.41 15.28
C LEU F 36 19.66 -4.52 13.94
N ILE F 37 20.92 -4.91 13.96
CA ILE F 37 21.66 -5.25 12.76
C ILE F 37 21.75 -6.76 12.67
N LEU F 38 21.48 -7.29 11.50
CA LEU F 38 21.58 -8.73 11.28
C LEU F 38 23.04 -9.14 11.07
N PRO F 39 23.43 -10.31 11.57
CA PRO F 39 24.81 -10.73 11.44
C PRO F 39 25.16 -11.16 10.02
N GLY F 40 26.45 -11.06 9.71
CA GLY F 40 26.96 -11.36 8.39
C GLY F 40 27.85 -12.59 8.34
N PHE F 41 29.00 -12.47 7.69
CA PHE F 41 29.95 -13.56 7.54
C PHE F 41 31.27 -13.17 8.14
N ILE F 42 31.82 -14.02 9.01
CA ILE F 42 33.06 -13.75 9.72
C ILE F 42 34.21 -14.44 9.01
N ASP F 43 35.23 -13.68 8.64
CA ASP F 43 36.45 -14.27 8.12
C ASP F 43 37.71 -13.56 8.61
N PHE F 44 37.60 -12.78 9.68
CA PHE F 44 38.73 -12.07 10.27
C PHE F 44 38.55 -12.15 11.77
N ILE F 45 39.54 -11.67 12.52
CA ILE F 45 39.40 -11.66 13.97
C ILE F 45 39.06 -10.25 14.41
N ALA F 46 38.44 -10.15 15.58
CA ALA F 46 37.95 -8.86 16.05
C ALA F 46 39.05 -7.84 16.25
N ASP F 47 40.31 -8.28 16.33
CA ASP F 47 41.40 -7.32 16.56
C ASP F 47 41.91 -6.68 15.27
N GLU F 48 41.57 -7.24 14.12
CA GLU F 48 41.94 -6.59 12.87
C GLU F 48 40.99 -5.46 12.49
N VAL F 49 39.91 -5.28 13.23
CA VAL F 49 38.91 -4.29 12.84
C VAL F 49 39.51 -2.90 12.95
N ASP F 50 39.50 -2.17 11.86
CA ASP F 50 40.09 -0.84 11.75
C ASP F 50 39.03 0.20 12.09
N LEU F 51 39.35 1.10 13.02
CA LEU F 51 38.38 2.05 13.51
C LEU F 51 38.68 3.48 13.06
N THR F 52 39.46 3.64 11.99
CA THR F 52 39.86 4.94 11.43
C THR F 52 38.64 5.76 10.98
N SER F 53 38.57 7.02 11.38
CA SER F 53 37.36 7.86 11.28
C SER F 53 37.68 9.29 10.84
N ALA F 54 36.91 9.85 9.90
CA ALA F 54 37.02 11.26 9.55
C ALA F 54 36.27 12.12 10.58
N LEU F 55 36.95 13.08 11.23
CA LEU F 55 36.28 14.05 12.08
C LEU F 55 35.78 15.24 11.28
N THR F 56 36.61 15.77 10.39
CA THR F 56 36.22 16.83 9.49
C THR F 56 36.62 16.43 8.08
N ARG F 57 36.54 17.36 7.13
CA ARG F 57 37.03 17.06 5.79
C ARG F 57 38.53 16.79 5.80
N LYS F 58 39.27 17.38 6.73
CA LYS F 58 40.72 17.33 6.72
C LYS F 58 41.37 16.65 7.91
N ILE F 59 40.61 16.21 8.90
CA ILE F 59 41.18 15.63 10.11
C ILE F 59 40.69 14.20 10.26
N THR F 60 41.62 13.28 10.53
CA THR F 60 41.33 11.85 10.75
C THR F 60 41.75 11.44 12.17
N LEU F 61 40.89 10.70 12.84
CA LEU F 61 41.14 10.04 14.12
C LEU F 61 41.33 8.54 13.91
N LYS F 62 42.06 7.86 14.80
CA LYS F 62 42.20 6.41 14.80
C LYS F 62 41.05 5.71 15.51
N THR F 63 40.25 6.47 16.26
CA THR F 63 39.16 5.99 17.09
C THR F 63 37.98 6.92 16.87
N PRO F 64 36.77 6.40 16.84
CA PRO F 64 35.62 7.26 16.56
C PRO F 64 35.00 8.01 17.73
N LEU F 65 35.68 8.15 18.87
CA LEU F 65 35.06 8.67 20.08
C LEU F 65 35.45 10.11 20.36
N ILE F 66 34.46 10.94 20.68
CA ILE F 66 34.66 12.34 21.03
C ILE F 66 34.01 12.60 22.37
N SER F 67 34.69 13.36 23.22
CA SER F 67 34.09 13.82 24.45
C SER F 67 33.39 15.16 24.21
N SER F 68 32.21 15.31 24.78
CA SER F 68 31.35 16.43 24.48
C SER F 68 31.80 17.71 25.18
N PRO F 69 31.62 18.86 24.53
CA PRO F 69 32.03 20.14 25.12
C PRO F 69 31.10 20.65 26.21
N MET F 70 31.10 19.95 27.33
CA MET F 70 30.28 20.31 28.48
C MET F 70 31.19 20.54 29.69
N ASP F 71 30.74 21.40 30.60
CA ASP F 71 31.59 21.84 31.70
C ASP F 71 31.71 20.79 32.80
N THR F 72 31.00 19.68 32.71
CA THR F 72 31.22 18.54 33.57
C THR F 72 31.84 17.37 32.82
N VAL F 73 32.31 17.59 31.60
CA VAL F 73 32.89 16.52 30.81
C VAL F 73 34.32 16.85 30.41
N THR F 74 34.53 17.95 29.69
CA THR F 74 35.78 18.15 28.97
C THR F 74 36.47 19.43 29.40
N GLU F 75 37.65 19.28 29.99
CA GLU F 75 38.63 20.34 30.15
C GLU F 75 39.95 19.71 29.73
N ALA F 76 41.07 20.34 30.08
CA ALA F 76 42.36 19.89 29.56
C ALA F 76 42.61 18.40 29.84
N ASP F 77 42.21 17.90 31.00
CA ASP F 77 42.53 16.52 31.36
C ASP F 77 41.78 15.53 30.49
N MET F 78 40.47 15.72 30.34
CA MET F 78 39.69 14.86 29.48
C MET F 78 40.16 14.96 28.04
N ALA F 79 40.58 16.15 27.60
CA ALA F 79 41.04 16.32 26.23
C ALA F 79 42.35 15.59 25.99
N ILE F 80 43.28 15.68 26.93
CA ILE F 80 44.54 14.96 26.81
C ILE F 80 44.30 13.47 26.77
N ALA F 81 43.42 12.97 27.65
CA ALA F 81 43.18 11.53 27.68
C ALA F 81 42.47 11.04 26.42
N MET F 82 41.47 11.78 25.94
CA MET F 82 40.79 11.38 24.72
C MET F 82 41.74 11.38 23.54
N ALA F 83 42.61 12.38 23.45
CA ALA F 83 43.59 12.39 22.38
C ALA F 83 44.54 11.20 22.49
N LEU F 84 44.98 10.87 23.69
CA LEU F 84 45.91 9.75 23.84
C LEU F 84 45.24 8.43 23.50
N MET F 85 43.95 8.29 23.76
CA MET F 85 43.29 7.04 23.44
C MET F 85 42.91 6.91 21.98
N GLY F 86 43.04 7.96 21.18
CA GLY F 86 42.75 7.90 19.77
C GLY F 86 41.59 8.75 19.30
N GLY F 87 40.97 9.53 20.19
CA GLY F 87 39.92 10.42 19.77
C GLY F 87 40.30 11.87 19.96
N ILE F 88 39.40 12.65 20.52
CA ILE F 88 39.60 14.07 20.69
C ILE F 88 38.56 14.58 21.68
N GLY F 89 38.87 15.66 22.37
CA GLY F 89 37.88 16.33 23.18
C GLY F 89 37.70 17.76 22.75
N PHE F 90 36.54 18.34 23.03
CA PHE F 90 36.28 19.74 22.75
C PHE F 90 36.15 20.49 24.06
N ILE F 91 37.06 21.44 24.31
CA ILE F 91 36.98 22.23 25.53
C ILE F 91 35.71 23.05 25.53
N HIS F 92 34.95 22.97 26.62
CA HIS F 92 33.72 23.72 26.73
C HIS F 92 34.01 25.20 26.89
N HIS F 93 32.98 26.02 26.65
CA HIS F 93 33.11 27.46 26.71
C HIS F 93 32.22 28.10 27.77
N ASN F 94 31.84 27.35 28.80
CA ASN F 94 31.15 27.96 29.94
C ASN F 94 32.16 28.50 30.94
N CYS F 95 32.92 29.48 30.47
CA CYS F 95 34.07 30.00 31.19
C CYS F 95 34.50 31.28 30.48
N THR F 96 35.55 31.90 30.99
CA THR F 96 36.10 33.07 30.32
C THR F 96 36.93 32.64 29.13
N PRO F 97 37.09 33.51 28.14
CA PRO F 97 37.98 33.18 27.02
C PRO F 97 39.40 32.85 27.46
N GLU F 98 39.90 33.51 28.49
CA GLU F 98 41.26 33.26 28.94
C GLU F 98 41.40 31.89 29.59
N PHE F 99 40.40 31.47 30.36
CA PHE F 99 40.41 30.14 30.96
C PHE F 99 40.41 29.06 29.88
N GLN F 100 39.53 29.19 28.89
CA GLN F 100 39.46 28.21 27.81
C GLN F 100 40.74 28.19 26.99
N ALA F 101 41.32 29.36 26.71
CA ALA F 101 42.57 29.38 25.98
C ALA F 101 43.69 28.74 26.79
N ASN F 102 43.66 28.89 28.11
CA ASN F 102 44.65 28.24 28.96
C ASN F 102 44.50 26.72 28.91
N GLU F 103 43.26 26.22 28.92
CA GLU F 103 43.05 24.78 28.79
C GLU F 103 43.58 24.26 27.47
N VAL F 104 43.28 24.97 26.38
CA VAL F 104 43.77 24.52 25.07
C VAL F 104 45.29 24.52 25.05
N ARG F 105 45.91 25.57 25.61
CA ARG F 105 47.37 25.61 25.66
C ARG F 105 47.95 24.46 26.46
N LYS F 106 47.30 24.09 27.56
CA LYS F 106 47.79 22.94 28.33
C LYS F 106 47.73 21.67 27.51
N VAL F 107 46.66 21.49 26.74
CA VAL F 107 46.59 20.31 25.88
C VAL F 107 47.67 20.35 24.81
N LYS F 108 47.92 21.52 24.23
CA LYS F 108 48.85 21.60 23.11
C LYS F 108 50.31 21.57 23.52
N LYS F 109 50.61 21.53 24.82
CA LYS F 109 51.99 21.50 25.30
C LYS F 109 52.26 20.29 26.18
N PHE F 110 51.59 19.17 25.93
CA PHE F 110 51.52 18.09 26.91
C PHE F 110 52.82 17.32 27.01
N GLU F 111 53.27 16.69 25.92
CA GLU F 111 54.58 16.04 25.86
C GLU F 111 54.71 14.96 26.94
N GLN F 112 53.98 13.88 26.71
CA GLN F 112 53.90 12.75 27.64
C GLN F 112 55.24 12.36 28.23
N GLY F 113 55.28 12.26 29.56
CA GLY F 113 56.50 11.94 30.28
C GLY F 113 57.02 13.13 31.06
N PHE F 114 56.90 14.30 30.47
CA PHE F 114 57.42 15.53 31.05
C PHE F 114 56.41 16.11 32.04
N ILE F 115 56.62 17.36 32.45
CA ILE F 115 55.70 18.07 33.33
C ILE F 115 55.24 19.32 32.60
N THR F 116 53.94 19.47 32.44
CA THR F 116 53.37 20.66 31.82
C THR F 116 53.12 21.70 32.91
N ASP F 117 53.58 22.93 32.66
CA ASP F 117 53.52 24.04 33.61
C ASP F 117 54.22 23.67 34.91
N PRO F 118 55.54 23.54 34.91
CA PRO F 118 56.25 23.23 36.16
C PRO F 118 56.25 24.43 37.10
N VAL F 119 56.15 24.14 38.40
CA VAL F 119 56.20 25.18 39.41
C VAL F 119 57.65 25.53 39.73
N ALA F 188 71.65 19.62 31.21
CA ALA F 188 70.42 20.13 30.59
C ALA F 188 70.45 19.91 29.08
N PRO F 189 70.20 18.69 28.64
CA PRO F 189 70.27 18.39 27.20
C PRO F 189 69.05 18.91 26.45
N ALA F 190 69.03 18.69 25.13
CA ALA F 190 67.93 19.11 24.28
C ALA F 190 66.76 18.14 24.41
N GLY F 191 65.90 18.07 23.40
CA GLY F 191 64.83 17.10 23.42
C GLY F 191 65.32 15.68 23.66
N VAL F 192 64.93 15.11 24.80
CA VAL F 192 65.39 13.79 25.21
C VAL F 192 64.23 12.82 25.00
N THR F 193 64.45 11.81 24.17
CA THR F 193 63.50 10.73 24.07
C THR F 193 63.37 10.03 25.42
N LEU F 194 62.16 9.56 25.73
CA LEU F 194 61.94 8.93 27.02
C LEU F 194 62.83 7.73 27.23
N LYS F 195 63.07 6.95 26.18
CA LYS F 195 63.91 5.76 26.32
C LYS F 195 65.32 6.14 26.72
N GLU F 196 65.80 7.30 26.29
CA GLU F 196 67.07 7.82 26.76
C GLU F 196 66.99 8.20 28.23
N ALA F 197 65.91 8.91 28.60
CA ALA F 197 65.80 9.44 29.96
C ALA F 197 65.76 8.34 31.02
N ASN F 198 65.53 7.09 30.62
CA ASN F 198 65.51 5.98 31.58
C ASN F 198 66.92 5.47 31.87
N LYS F 208 64.07 13.64 40.07
CA LYS F 208 63.88 14.68 39.07
C LYS F 208 65.09 14.80 38.16
N LEU F 209 64.84 15.02 36.87
CA LEU F 209 65.88 15.14 35.86
C LEU F 209 65.58 16.38 35.04
N PRO F 210 66.14 17.52 35.42
CA PRO F 210 65.89 18.76 34.66
C PRO F 210 66.52 18.69 33.27
N ILE F 211 65.84 19.33 32.32
CA ILE F 211 66.32 19.36 30.94
C ILE F 211 66.90 20.72 30.63
N LEU F 218 66.32 26.75 32.30
CA LEU F 218 65.46 25.59 32.50
C LEU F 218 64.28 25.63 31.53
N VAL F 219 64.17 24.58 30.71
CA VAL F 219 63.11 24.50 29.73
C VAL F 219 62.14 23.35 29.99
N ALA F 220 62.57 22.31 30.69
CA ALA F 220 61.71 21.16 30.93
C ALA F 220 62.21 20.40 32.15
N ILE F 221 61.28 19.78 32.86
CA ILE F 221 61.58 18.97 34.04
C ILE F 221 60.84 17.65 33.91
N ILE F 222 61.44 16.59 34.45
CA ILE F 222 60.84 15.27 34.49
C ILE F 222 60.79 14.82 35.94
N ALA F 223 59.68 14.20 36.34
CA ALA F 223 59.59 13.48 37.59
C ALA F 223 59.69 11.98 37.30
N ARG F 224 60.57 11.29 38.00
CA ARG F 224 60.89 9.92 37.61
C ARG F 224 59.71 8.98 37.81
N THR F 225 58.80 9.29 38.73
CA THR F 225 57.60 8.46 38.87
C THR F 225 56.74 8.54 37.62
N ASP F 226 56.62 9.74 37.03
CA ASP F 226 55.86 9.89 35.80
C ASP F 226 56.47 9.08 34.67
N LEU F 227 57.79 8.88 34.70
CA LEU F 227 58.46 8.06 33.72
C LEU F 227 58.36 6.57 34.04
N LYS F 228 58.21 6.21 35.30
CA LYS F 228 58.07 4.80 35.64
C LYS F 228 56.66 4.31 35.34
N LYS F 229 55.66 5.16 35.49
CA LYS F 229 54.29 4.82 35.11
C LYS F 229 54.01 5.30 33.67
N ASN F 230 54.89 4.87 32.78
CA ASN F 230 54.80 5.23 31.37
C ASN F 230 54.10 4.12 30.59
N ARG F 231 53.30 4.53 29.60
CA ARG F 231 52.61 3.61 28.71
C ARG F 231 52.87 3.97 27.27
N ASP F 232 52.52 3.04 26.39
CA ASP F 232 52.58 3.29 24.96
C ASP F 232 51.22 3.78 24.49
N TYR F 233 51.22 4.58 23.43
CA TYR F 233 50.00 5.12 22.84
C TYR F 233 50.11 5.07 21.33
N PRO F 234 49.87 3.90 20.75
CA PRO F 234 50.00 3.77 19.30
C PRO F 234 48.99 4.59 18.51
N LEU F 235 47.90 5.03 19.12
CA LEU F 235 46.83 5.72 18.41
C LEU F 235 46.67 7.18 18.86
N ALA F 236 47.77 7.83 19.24
CA ALA F 236 47.71 9.01 20.09
C ALA F 236 47.12 10.26 19.44
N SER F 237 46.65 10.27 18.20
CA SER F 237 45.83 11.38 17.68
C SER F 237 46.57 12.71 17.73
N LYS F 238 47.58 12.83 16.87
CA LYS F 238 48.49 13.97 16.89
C LYS F 238 48.42 14.76 15.60
N ASP F 239 48.94 15.99 15.65
CA ASP F 239 48.99 16.85 14.48
C ASP F 239 50.37 16.77 13.82
N SER F 240 50.63 17.66 12.87
CA SER F 240 51.89 17.63 12.13
C SER F 240 53.09 17.84 13.04
N GLN F 241 52.99 18.78 13.97
CA GLN F 241 54.07 19.08 14.90
C GLN F 241 54.13 18.12 16.08
N LYS F 242 53.45 16.98 15.99
CA LYS F 242 53.54 15.90 16.97
C LYS F 242 52.91 16.28 18.31
N GLN F 243 52.02 17.26 18.31
CA GLN F 243 51.27 17.65 19.48
C GLN F 243 49.89 17.02 19.46
N LEU F 244 49.29 16.90 20.63
CA LEU F 244 47.94 16.35 20.71
C LEU F 244 46.95 17.30 20.04
N LEU F 245 45.96 16.71 19.38
CA LEU F 245 44.87 17.48 18.79
C LEU F 245 43.92 17.97 19.86
N CYS F 246 43.34 19.14 19.62
CA CYS F 246 42.40 19.70 20.58
C CYS F 246 41.32 20.48 19.85
N GLY F 247 40.09 20.39 20.36
CA GLY F 247 38.99 21.18 19.86
C GLY F 247 38.51 22.16 20.92
N ALA F 248 37.61 23.05 20.50
CA ALA F 248 37.04 24.01 21.41
C ALA F 248 35.64 24.40 20.94
N ALA F 249 34.76 24.63 21.88
CA ALA F 249 33.42 25.13 21.57
C ALA F 249 33.40 26.65 21.63
N VAL F 250 32.52 27.23 20.82
CA VAL F 250 32.37 28.68 20.72
C VAL F 250 30.92 28.95 20.37
N GLY F 251 30.37 30.05 20.88
CA GLY F 251 29.03 30.49 20.55
C GLY F 251 28.98 31.27 19.25
N THR F 252 27.84 31.91 19.01
CA THR F 252 27.66 32.67 17.79
C THR F 252 27.37 34.15 18.07
N ARG F 253 27.81 34.66 19.20
CA ARG F 253 27.58 36.06 19.51
C ARG F 253 28.84 36.86 19.19
N GLU F 254 28.75 38.17 19.33
CA GLU F 254 29.85 39.03 18.93
C GLU F 254 31.04 38.91 19.86
N ASP F 255 30.82 38.54 21.12
CA ASP F 255 31.93 38.36 22.05
C ASP F 255 32.78 37.16 21.65
N ASP F 256 32.21 36.20 20.94
CA ASP F 256 32.90 34.99 20.58
C ASP F 256 34.02 35.22 19.59
N LYS F 257 34.04 36.37 18.91
CA LYS F 257 35.14 36.65 18.00
C LYS F 257 36.46 36.83 18.74
N TYR F 258 36.41 37.47 19.91
CA TYR F 258 37.62 37.63 20.72
C TYR F 258 38.06 36.31 21.33
N ARG F 259 37.10 35.51 21.80
CA ARG F 259 37.43 34.18 22.29
C ARG F 259 38.06 33.34 21.19
N LEU F 260 37.60 33.51 19.96
CA LEU F 260 38.15 32.77 18.83
C LEU F 260 39.57 33.22 18.52
N ASP F 261 39.84 34.52 18.60
CA ASP F 261 41.22 34.99 18.45
C ASP F 261 42.12 34.34 19.49
N LEU F 262 41.67 34.35 20.75
CA LEU F 262 42.46 33.75 21.82
C LEU F 262 42.68 32.27 21.59
N LEU F 263 41.68 31.57 21.07
CA LEU F 263 41.82 30.13 20.88
C LEU F 263 42.73 29.78 19.73
N THR F 264 42.72 30.58 18.65
CA THR F 264 43.65 30.31 17.56
C THR F 264 45.07 30.64 17.96
N GLN F 265 45.26 31.64 18.82
CA GLN F 265 46.62 31.88 19.32
C GLN F 265 47.12 30.73 20.18
N ALA F 266 46.23 30.02 20.87
CA ALA F 266 46.65 28.91 21.70
C ALA F 266 46.92 27.64 20.90
N GLY F 267 46.52 27.59 19.63
CA GLY F 267 46.83 26.47 18.77
C GLY F 267 45.73 25.46 18.55
N VAL F 268 44.47 25.86 18.67
CA VAL F 268 43.36 24.93 18.52
C VAL F 268 43.27 24.43 17.07
N ASP F 269 42.84 23.19 16.90
CA ASP F 269 42.82 22.57 15.59
C ASP F 269 41.46 22.58 14.92
N VAL F 270 40.39 22.47 15.70
CA VAL F 270 39.05 22.40 15.16
C VAL F 270 38.12 23.12 16.12
N ILE F 271 37.14 23.81 15.59
CA ILE F 271 36.17 24.59 16.36
C ILE F 271 34.80 23.97 16.13
N VAL F 272 34.03 23.81 17.20
CA VAL F 272 32.62 23.46 17.06
C VAL F 272 31.79 24.65 17.49
N LEU F 273 30.83 25.02 16.65
CA LEU F 273 29.88 26.07 16.97
C LEU F 273 28.74 25.49 17.79
N ASP F 274 28.63 25.92 19.03
CA ASP F 274 27.80 25.27 20.04
C ASP F 274 26.42 25.91 20.03
N SER F 275 25.41 25.16 19.58
CA SER F 275 24.05 25.67 19.55
C SER F 275 23.09 24.50 19.54
N SER F 276 21.91 24.73 20.11
CA SER F 276 20.86 23.72 20.04
C SER F 276 20.22 23.67 18.66
N GLN F 277 20.25 24.76 17.92
CA GLN F 277 19.64 24.84 16.59
C GLN F 277 20.59 25.65 15.71
N GLY F 278 21.41 24.95 14.92
CA GLY F 278 22.46 25.58 14.14
C GLY F 278 22.02 26.25 12.86
N ASN F 279 20.80 26.05 12.41
CA ASN F 279 20.34 26.61 11.15
C ASN F 279 19.79 28.02 11.38
N SER F 280 20.70 28.95 11.64
CA SER F 280 20.35 30.32 11.94
C SER F 280 21.23 31.27 11.13
N VAL F 281 20.78 32.52 11.01
CA VAL F 281 21.60 33.55 10.38
C VAL F 281 22.85 33.82 11.19
N TYR F 282 22.79 33.63 12.50
CA TYR F 282 23.92 33.94 13.36
C TYR F 282 25.05 32.93 13.16
N GLN F 283 24.71 31.65 13.16
CA GLN F 283 25.73 30.64 12.94
C GLN F 283 26.31 30.72 11.53
N ILE F 284 25.50 31.07 10.54
CA ILE F 284 26.01 31.16 9.18
C ILE F 284 26.93 32.36 9.03
N ALA F 285 26.56 33.49 9.63
CA ALA F 285 27.48 34.61 9.70
C ALA F 285 28.80 34.22 10.37
N MET F 286 28.72 33.43 11.45
CA MET F 286 29.93 33.05 12.16
C MET F 286 30.81 32.13 11.32
N VAL F 287 30.20 31.18 10.61
CA VAL F 287 30.95 30.30 9.73
C VAL F 287 31.66 31.12 8.65
N HIS F 288 30.98 32.12 8.09
CA HIS F 288 31.62 32.95 7.08
C HIS F 288 32.75 33.78 7.64
N TYR F 289 32.53 34.38 8.82
CA TYR F 289 33.59 35.15 9.47
C TYR F 289 34.82 34.30 9.72
N ILE F 290 34.64 33.09 10.25
CA ILE F 290 35.78 32.24 10.52
C ILE F 290 36.49 31.85 9.24
N LYS F 291 35.73 31.45 8.21
CA LYS F 291 36.39 31.00 7.00
C LYS F 291 37.15 32.14 6.32
N GLN F 292 36.71 33.38 6.51
CA GLN F 292 37.47 34.49 5.97
C GLN F 292 38.71 34.79 6.80
N LYS F 293 38.59 34.79 8.13
CA LYS F 293 39.72 35.23 8.94
C LYS F 293 40.75 34.13 9.21
N TYR F 294 40.33 32.87 9.32
CA TYR F 294 41.24 31.77 9.64
C TYR F 294 41.02 30.63 8.64
N PRO F 295 41.52 30.77 7.42
CA PRO F 295 41.22 29.76 6.40
C PRO F 295 41.75 28.38 6.71
N HIS F 296 42.74 28.25 7.59
CA HIS F 296 43.29 26.95 7.95
C HIS F 296 42.39 26.20 8.93
N LEU F 297 41.62 26.92 9.74
CA LEU F 297 40.83 26.33 10.79
C LEU F 297 39.71 25.43 10.25
N GLN F 298 39.42 24.37 10.97
CA GLN F 298 38.32 23.48 10.65
C GLN F 298 37.14 23.79 11.56
N VAL F 299 35.95 23.89 10.98
CA VAL F 299 34.75 24.30 11.70
C VAL F 299 33.69 23.22 11.59
N ILE F 300 33.04 22.92 12.70
CA ILE F 300 31.93 21.98 12.76
C ILE F 300 30.68 22.75 13.15
N GLY F 301 29.64 22.68 12.32
CA GLY F 301 28.38 23.30 12.61
C GLY F 301 27.37 22.36 13.23
N GLY F 302 26.33 22.93 13.80
CA GLY F 302 25.30 22.15 14.44
C GLY F 302 24.71 22.88 15.62
N ASN F 303 23.76 22.24 16.28
CA ASN F 303 23.30 20.90 15.93
C ASN F 303 22.19 20.94 14.89
N VAL F 304 22.07 19.89 14.09
CA VAL F 304 21.05 19.78 13.05
C VAL F 304 20.43 18.40 13.13
N VAL F 305 19.19 18.24 12.70
CA VAL F 305 18.48 16.95 12.64
C VAL F 305 17.77 16.68 11.31
N THR F 306 17.80 17.62 10.36
CA THR F 306 17.20 17.46 9.03
C THR F 306 18.18 17.82 7.92
N ALA F 307 17.95 17.28 6.73
CA ALA F 307 18.71 17.60 5.53
C ALA F 307 18.64 19.08 5.12
N ALA F 308 17.57 19.82 5.43
CA ALA F 308 17.43 21.24 5.10
C ALA F 308 18.40 22.15 5.89
N GLN F 309 18.54 21.94 7.19
CA GLN F 309 19.57 22.56 8.01
C GLN F 309 20.96 22.20 7.52
N ALA F 310 21.17 20.91 7.25
CA ALA F 310 22.47 20.45 6.79
C ALA F 310 22.87 21.14 5.50
N LYS F 311 21.94 21.32 4.55
CA LYS F 311 22.17 22.05 3.30
C LYS F 311 22.64 23.46 3.59
N ASN F 312 21.91 24.21 4.41
CA ASN F 312 22.29 25.58 4.71
C ASN F 312 23.71 25.65 5.27
N LEU F 313 24.03 24.76 6.20
CA LEU F 313 25.34 24.84 6.83
C LEU F 313 26.46 24.36 5.92
N ILE F 314 26.19 23.38 5.06
CA ILE F 314 27.22 22.89 4.15
C ILE F 314 27.48 23.92 3.06
N ASP F 315 26.44 24.62 2.61
CA ASP F 315 26.64 25.73 1.69
C ASP F 315 27.37 26.89 2.35
N ALA F 316 27.23 27.06 3.68
CA ALA F 316 28.05 28.06 4.34
C ALA F 316 29.53 27.69 4.33
N GLY F 317 29.85 26.40 4.37
CA GLY F 317 31.22 25.97 4.27
C GLY F 317 31.78 25.22 5.46
N VAL F 318 30.93 24.62 6.29
CA VAL F 318 31.44 23.82 7.40
C VAL F 318 32.14 22.58 6.88
N ASP F 319 33.02 22.03 7.71
CA ASP F 319 33.73 20.81 7.38
C ASP F 319 33.21 19.60 8.13
N GLY F 320 32.23 19.78 9.00
CA GLY F 320 31.60 18.68 9.69
C GLY F 320 30.29 19.15 10.26
N LEU F 321 29.44 18.20 10.60
CA LEU F 321 28.15 18.50 11.19
C LEU F 321 27.96 17.72 12.48
N ARG F 322 27.37 18.38 13.46
CA ARG F 322 27.00 17.77 14.73
C ARG F 322 25.50 17.53 14.72
N VAL F 323 25.09 16.28 14.89
CA VAL F 323 23.71 15.86 14.68
C VAL F 323 23.10 15.46 16.01
N GLY F 324 21.89 15.96 16.28
CA GLY F 324 21.15 15.59 17.48
C GLY F 324 20.42 16.75 18.13
N MET F 325 19.19 16.51 18.55
CA MET F 325 18.39 17.55 19.20
C MET F 325 17.40 16.86 20.12
N GLY F 326 17.56 17.08 21.42
CA GLY F 326 16.66 16.52 22.39
C GLY F 326 16.86 15.05 22.71
N CYS F 327 17.92 14.45 22.19
CA CYS F 327 18.18 13.04 22.44
C CYS F 327 19.12 12.82 23.61
N GLY F 328 19.76 13.86 24.10
CA GLY F 328 20.70 13.72 25.19
C GLY F 328 20.03 13.27 26.48
N SER F 329 20.85 12.71 27.36
CA SER F 329 20.35 12.19 28.63
C SER F 329 19.82 13.29 29.52
N ILE F 330 20.45 14.47 29.48
CA ILE F 330 20.09 15.57 30.37
C ILE F 330 19.12 16.56 29.73
N CYS F 331 18.68 16.31 28.49
CA CYS F 331 17.92 17.29 27.73
C CYS F 331 16.41 17.15 27.96
N ILE F 332 15.72 18.29 27.98
CA ILE F 332 14.27 18.30 28.09
C ILE F 332 13.66 19.18 27.01
N THR F 333 14.40 19.41 25.93
CA THR F 333 13.98 20.36 24.90
C THR F 333 12.71 19.90 24.18
N GLN F 334 12.65 18.63 23.79
CA GLN F 334 11.48 18.14 23.08
C GLN F 334 10.21 18.34 23.88
N GLU F 335 10.30 18.27 25.19
CA GLU F 335 9.13 18.40 26.06
C GLU F 335 8.79 19.84 26.40
N VAL F 336 9.71 20.78 26.25
CA VAL F 336 9.43 22.17 26.55
C VAL F 336 9.41 23.06 25.32
N MET F 337 9.93 22.61 24.17
CA MET F 337 9.84 23.39 22.95
C MET F 337 9.20 22.63 21.79
N ALA F 338 8.86 21.36 21.98
CA ALA F 338 8.15 20.53 20.99
C ALA F 338 8.95 20.26 19.73
N CYS F 339 10.24 20.55 19.72
CA CYS F 339 11.04 20.50 18.51
C CYS F 339 12.21 19.55 18.70
N GLY F 340 12.41 18.65 17.74
CA GLY F 340 13.51 17.70 17.82
C GLY F 340 13.29 16.57 16.84
N ARG F 341 14.07 15.51 16.95
CA ARG F 341 13.89 14.31 16.14
C ARG F 341 14.41 13.09 16.88
N PRO F 342 13.81 11.91 16.69
CA PRO F 342 14.43 10.67 17.16
C PRO F 342 15.81 10.47 16.53
N GLN F 343 16.76 10.05 17.36
CA GLN F 343 18.17 10.22 17.01
C GLN F 343 18.65 9.28 15.92
N GLY F 344 18.15 8.04 15.88
CA GLY F 344 18.55 7.13 14.83
C GLY F 344 18.14 7.63 13.45
N THR F 345 16.90 8.09 13.33
CA THR F 345 16.41 8.64 12.08
C THR F 345 17.20 9.89 11.67
N ALA F 346 17.46 10.78 12.63
CA ALA F 346 18.20 11.99 12.33
C ALA F 346 19.61 11.68 11.85
N VAL F 347 20.27 10.71 12.48
CA VAL F 347 21.61 10.33 12.06
C VAL F 347 21.58 9.77 10.65
N TYR F 348 20.65 8.86 10.38
CA TYR F 348 20.57 8.31 9.03
C TYR F 348 20.32 9.39 7.99
N LYS F 349 19.31 10.24 8.19
CA LYS F 349 18.91 11.26 7.22
C LYS F 349 19.99 12.29 6.98
N VAL F 350 20.64 12.81 8.03
CA VAL F 350 21.66 13.82 7.83
C VAL F 350 22.94 13.22 7.26
N ALA F 351 23.35 12.04 7.71
CA ALA F 351 24.56 11.40 7.19
C ALA F 351 24.40 11.07 5.71
N GLU F 352 23.24 10.55 5.30
CA GLU F 352 22.95 10.27 3.90
C GLU F 352 22.96 11.55 3.06
N TYR F 353 22.42 12.68 3.53
CA TYR F 353 22.53 13.93 2.79
C TYR F 353 23.97 14.45 2.74
N ALA F 354 24.66 14.51 3.87
CA ALA F 354 25.99 15.11 3.99
C ALA F 354 27.09 14.33 3.25
N ARG F 355 26.95 13.01 3.13
CA ARG F 355 27.77 12.13 2.28
C ARG F 355 27.84 12.58 0.83
N ARG F 356 26.78 13.19 0.28
CA ARG F 356 26.76 13.70 -1.10
C ARG F 356 27.80 14.80 -1.34
N PHE F 357 28.24 15.46 -0.30
CA PHE F 357 29.22 16.56 -0.33
C PHE F 357 30.56 16.19 0.31
N GLY F 358 30.75 14.93 0.74
CA GLY F 358 31.98 14.51 1.42
C GLY F 358 32.13 15.06 2.83
N VAL F 359 31.04 15.44 3.51
CA VAL F 359 31.06 16.00 4.86
C VAL F 359 30.76 14.88 5.88
N PRO F 360 31.67 14.57 6.82
CA PRO F 360 31.39 13.62 7.89
C PRO F 360 30.45 14.22 8.95
N ILE F 361 29.70 13.38 9.67
CA ILE F 361 28.78 13.84 10.72
C ILE F 361 29.10 13.19 12.06
N ILE F 362 28.90 13.92 13.15
CA ILE F 362 29.03 13.39 14.51
C ILE F 362 27.64 13.08 15.05
N ALA F 363 27.45 11.85 15.52
CA ALA F 363 26.22 11.47 16.20
C ALA F 363 26.35 11.85 17.66
N ASP F 364 25.59 12.84 18.10
CA ASP F 364 25.77 13.44 19.42
C ASP F 364 24.50 13.33 20.24
N GLY F 365 24.55 12.54 21.30
CA GLY F 365 23.46 12.49 22.25
C GLY F 365 22.72 11.17 22.28
N GLY F 366 22.49 10.64 23.47
CA GLY F 366 21.70 9.45 23.61
C GLY F 366 22.45 8.15 23.53
N ILE F 367 23.77 8.19 23.66
CA ILE F 367 24.58 6.99 23.64
C ILE F 367 24.76 6.51 25.07
N GLN F 368 24.23 5.33 25.37
CA GLN F 368 24.40 4.73 26.69
C GLN F 368 25.25 3.48 26.68
N THR F 369 25.20 2.70 25.61
CA THR F 369 25.83 1.41 25.55
C THR F 369 26.79 1.34 24.37
N VAL F 370 27.57 0.28 24.32
CA VAL F 370 28.43 0.04 23.17
C VAL F 370 27.59 -0.26 21.93
N GLY F 371 26.49 -0.98 22.11
CA GLY F 371 25.62 -1.29 20.99
C GLY F 371 25.05 -0.05 20.34
N HIS F 372 24.82 1.00 21.13
CA HIS F 372 24.40 2.28 20.57
C HIS F 372 25.47 2.88 19.68
N VAL F 373 26.73 2.79 20.10
CA VAL F 373 27.83 3.30 19.28
C VAL F 373 27.88 2.56 17.96
N VAL F 374 27.76 1.23 18.00
CA VAL F 374 27.80 0.45 16.77
C VAL F 374 26.63 0.82 15.87
N LYS F 375 25.43 0.95 16.44
CA LYS F 375 24.27 1.32 15.64
C LYS F 375 24.43 2.68 15.00
N ALA F 376 25.00 3.64 15.73
CA ALA F 376 25.22 4.97 15.18
C ALA F 376 26.20 4.95 14.03
N LEU F 377 27.33 4.25 14.22
CA LEU F 377 28.33 4.17 13.16
C LEU F 377 27.79 3.42 11.93
N ALA F 378 26.92 2.44 12.14
CA ALA F 378 26.35 1.72 11.02
C ALA F 378 25.29 2.53 10.29
N LEU F 379 24.68 3.51 10.94
CA LEU F 379 23.67 4.34 10.30
C LEU F 379 24.25 5.49 9.51
N GLY F 380 25.58 5.61 9.44
CA GLY F 380 26.26 6.60 8.62
C GLY F 380 27.09 7.61 9.40
N ALA F 381 27.05 7.64 10.73
CA ALA F 381 27.90 8.55 11.47
C ALA F 381 29.37 8.19 11.30
N SER F 382 30.23 9.20 11.27
CA SER F 382 31.68 9.01 11.20
C SER F 382 32.32 8.95 12.57
N THR F 383 31.86 9.77 13.52
CA THR F 383 32.33 9.77 14.89
C THR F 383 31.13 9.85 15.81
N VAL F 384 31.35 9.53 17.09
CA VAL F 384 30.30 9.54 18.09
C VAL F 384 30.75 10.43 19.24
N MET F 385 29.86 11.31 19.69
CA MET F 385 30.14 12.21 20.81
C MET F 385 29.42 11.72 22.06
N MET F 386 30.13 11.71 23.17
CA MET F 386 29.59 11.20 24.42
C MET F 386 29.72 12.24 25.52
N GLY F 387 28.61 12.58 26.15
CA GLY F 387 28.67 13.32 27.39
C GLY F 387 28.60 12.48 28.64
N SER F 388 27.52 11.72 28.81
CA SER F 388 27.25 11.09 30.09
C SER F 388 27.99 9.78 30.28
N LEU F 389 28.37 9.11 29.19
CA LEU F 389 29.14 7.88 29.30
C LEU F 389 30.53 8.15 29.86
N LEU F 390 31.06 9.36 29.66
CA LEU F 390 32.38 9.73 30.13
C LEU F 390 32.35 10.62 31.35
N ALA F 391 31.17 11.00 31.81
CA ALA F 391 31.06 11.71 33.08
C ALA F 391 31.33 10.76 34.22
N ALA F 392 31.71 11.33 35.36
CA ALA F 392 32.10 10.56 36.54
C ALA F 392 33.28 9.65 36.25
N THR F 393 34.11 10.02 35.29
CA THR F 393 35.43 9.44 35.14
C THR F 393 36.44 10.34 35.84
N THR F 394 37.64 9.82 36.04
CA THR F 394 38.65 10.56 36.79
C THR F 394 39.02 11.85 36.08
N GLU F 395 39.14 11.81 34.75
CA GLU F 395 39.56 12.97 33.99
C GLU F 395 38.48 14.04 33.91
N ALA F 396 37.24 13.71 34.25
CA ALA F 396 36.16 14.69 34.15
C ALA F 396 36.36 15.81 35.17
N PRO F 397 35.91 17.02 34.83
CA PRO F 397 36.05 18.14 35.77
C PRO F 397 35.15 17.94 36.97
N GLY F 398 35.38 18.74 37.99
CA GLY F 398 34.58 18.67 39.19
C GLY F 398 35.17 17.78 40.25
N GLU F 399 34.35 17.52 41.27
CA GLU F 399 34.79 16.80 42.44
C GLU F 399 33.92 15.57 42.68
N TYR F 400 34.49 14.56 43.30
CA TYR F 400 33.71 13.41 43.72
C TYR F 400 33.00 13.71 45.03
N PHE F 401 31.82 13.11 45.19
CA PHE F 401 31.09 13.24 46.45
C PHE F 401 30.35 11.93 46.70
N PHE F 402 29.92 11.75 47.94
CA PHE F 402 29.29 10.52 48.37
C PHE F 402 27.82 10.76 48.68
N SER F 403 27.01 9.75 48.40
CA SER F 403 25.57 9.80 48.68
C SER F 403 25.05 8.38 48.73
N ASP F 404 24.62 7.95 49.92
CA ASP F 404 24.06 6.61 50.13
C ASP F 404 25.08 5.53 49.77
N GLY F 405 26.34 5.76 50.11
CA GLY F 405 27.36 4.75 49.90
C GLY F 405 27.75 4.56 48.45
N VAL F 406 27.49 5.53 47.59
CA VAL F 406 27.83 5.46 46.19
C VAL F 406 28.56 6.74 45.82
N ARG F 407 29.79 6.62 45.35
CA ARG F 407 30.54 7.79 44.92
C ARG F 407 29.94 8.36 43.64
N LEU F 408 29.76 9.68 43.60
CA LEU F 408 29.06 10.32 42.51
C LEU F 408 29.81 11.56 42.06
N LYS F 409 29.66 11.90 40.79
CA LYS F 409 30.12 13.16 40.24
C LYS F 409 28.93 13.87 39.59
N LYS F 410 28.93 15.19 39.67
CA LYS F 410 27.83 15.97 39.11
C LYS F 410 27.92 15.98 37.58
N TYR F 411 26.77 15.91 36.93
CA TYR F 411 26.69 16.00 35.47
C TYR F 411 25.40 16.72 35.10
N ARG F 412 25.54 17.89 34.50
CA ARG F 412 24.41 18.73 34.17
C ARG F 412 24.45 19.09 32.69
N GLY F 413 23.31 19.52 32.17
CA GLY F 413 23.27 20.06 30.84
C GLY F 413 23.71 21.51 30.78
N MET F 414 24.07 21.96 29.59
CA MET F 414 24.47 23.34 29.39
C MET F 414 23.29 24.30 29.40
N GLY F 415 22.08 23.79 29.20
CA GLY F 415 20.87 24.57 29.30
C GLY F 415 20.16 24.49 30.62
N SER F 416 20.67 23.71 31.57
CA SER F 416 20.08 23.69 32.90
C SER F 416 20.28 25.03 33.58
N LEU F 417 19.38 25.36 34.50
CA LEU F 417 19.42 26.67 35.14
C LEU F 417 20.75 26.89 35.85
N ASP F 418 21.27 25.85 36.50
CA ASP F 418 22.54 25.98 37.19
C ASP F 418 23.65 26.35 36.23
N ALA F 419 23.70 25.73 35.06
CA ALA F 419 24.78 25.99 34.12
C ALA F 419 24.65 27.34 33.44
N MET F 420 23.45 27.89 33.36
CA MET F 420 23.27 29.18 32.71
C MET F 420 23.51 30.36 33.64
N GLU F 421 23.79 30.11 34.91
CA GLU F 421 24.15 31.19 35.83
C GLU F 421 25.60 31.05 36.26
N VAL F 437 13.21 36.52 32.15
CA VAL F 437 12.79 35.14 32.38
C VAL F 437 13.64 34.18 31.56
N LYS F 438 14.09 33.10 32.17
CA LYS F 438 14.96 32.13 31.53
C LYS F 438 14.26 30.78 31.48
N ILE F 439 14.04 30.28 30.27
CA ILE F 439 13.54 28.93 30.08
C ILE F 439 14.69 27.95 30.22
N ALA F 440 14.49 26.90 31.01
CA ALA F 440 15.49 25.87 31.18
C ALA F 440 15.31 24.78 30.13
N GLN F 441 16.42 24.39 29.50
CA GLN F 441 16.40 23.38 28.45
C GLN F 441 17.19 22.13 28.81
N GLY F 442 17.62 22.01 30.07
CA GLY F 442 18.35 20.85 30.51
C GLY F 442 18.15 20.65 31.99
N VAL F 443 18.57 19.48 32.45
CA VAL F 443 18.39 19.08 33.83
C VAL F 443 19.75 18.79 34.45
N SER F 444 19.81 18.80 35.77
CA SER F 444 21.07 18.60 36.50
C SER F 444 20.97 17.39 37.39
N GLY F 445 21.97 16.54 37.35
CA GLY F 445 21.98 15.31 38.12
C GLY F 445 23.37 14.86 38.49
N SER F 446 23.51 13.55 38.71
CA SER F 446 24.79 12.97 39.12
C SER F 446 24.96 11.60 38.48
N ILE F 447 26.21 11.21 38.27
CA ILE F 447 26.59 9.94 37.67
C ILE F 447 27.46 9.19 38.66
N GLN F 448 27.39 7.86 38.62
CA GLN F 448 28.18 7.02 39.50
C GLN F 448 29.57 6.79 38.92
N ASP F 449 30.57 6.78 39.79
CA ASP F 449 31.97 6.79 39.37
C ASP F 449 32.29 5.60 38.46
N LYS F 450 33.15 5.84 37.48
CA LYS F 450 33.54 4.84 36.49
C LYS F 450 35.02 4.59 36.40
N GLY F 451 35.86 5.40 37.02
CA GLY F 451 37.29 5.19 36.92
C GLY F 451 37.97 6.08 35.91
N SER F 452 39.04 5.59 35.30
CA SER F 452 39.83 6.39 34.38
C SER F 452 39.39 6.20 32.94
N ILE F 453 39.54 7.25 32.14
CA ILE F 453 39.26 7.16 30.72
C ILE F 453 40.15 6.12 30.07
N GLN F 454 41.39 6.00 30.53
CA GLN F 454 42.34 5.09 29.90
C GLN F 454 42.09 3.63 30.25
N LYS F 455 41.16 3.35 31.15
CA LYS F 455 40.63 2.01 31.35
C LYS F 455 39.31 1.79 30.64
N PHE F 456 38.49 2.82 30.55
CA PHE F 456 37.13 2.68 30.04
C PHE F 456 37.07 2.71 28.52
N VAL F 457 37.86 3.56 27.89
CA VAL F 457 37.85 3.69 26.44
C VAL F 457 38.34 2.42 25.74
N PRO F 458 39.35 1.71 26.26
CA PRO F 458 39.70 0.41 25.62
C PRO F 458 38.57 -0.60 25.65
N TYR F 459 37.78 -0.62 26.72
CA TYR F 459 36.61 -1.49 26.75
C TYR F 459 35.63 -1.14 25.65
N LEU F 460 35.39 0.16 25.45
CA LEU F 460 34.53 0.60 24.36
C LEU F 460 35.08 0.17 23.01
N ILE F 461 36.39 0.34 22.81
CA ILE F 461 36.99 -0.01 21.52
C ILE F 461 36.83 -1.49 21.25
N ALA F 462 37.05 -2.33 22.27
CA ALA F 462 36.88 -3.76 22.08
C ALA F 462 35.44 -4.12 21.76
N GLY F 463 34.48 -3.52 22.47
CA GLY F 463 33.09 -3.76 22.15
C GLY F 463 32.73 -3.37 20.72
N ILE F 464 33.26 -2.25 20.25
CA ILE F 464 33.00 -1.82 18.89
C ILE F 464 33.58 -2.80 17.89
N GLN F 465 34.82 -3.23 18.13
CA GLN F 465 35.47 -4.17 17.22
C GLN F 465 34.71 -5.49 17.16
N HIS F 466 34.18 -5.92 18.30
CA HIS F 466 33.46 -7.18 18.33
C HIS F 466 32.11 -7.08 17.64
N GLY F 467 31.40 -5.97 17.84
CA GLY F 467 30.18 -5.76 17.09
C GLY F 467 30.42 -5.71 15.59
N CYS F 468 31.51 -5.05 15.17
CA CYS F 468 31.84 -5.02 13.75
C CYS F 468 32.17 -6.40 13.21
N GLN F 469 32.90 -7.20 13.98
CA GLN F 469 33.22 -8.54 13.52
C GLN F 469 31.97 -9.41 13.39
N ASP F 470 31.05 -9.30 14.35
CA ASP F 470 29.80 -10.05 14.26
C ASP F 470 28.98 -9.61 13.05
N ILE F 471 29.00 -8.32 12.74
CA ILE F 471 28.33 -7.82 11.54
C ILE F 471 29.00 -8.36 10.28
N GLY F 472 30.31 -8.49 10.30
CA GLY F 472 31.05 -8.92 9.15
C GLY F 472 31.80 -7.83 8.42
N ALA F 473 32.21 -6.77 9.12
CA ALA F 473 32.87 -5.63 8.51
C ALA F 473 34.22 -5.43 9.16
N ARG F 474 35.27 -5.37 8.36
CA ARG F 474 36.62 -5.29 8.91
C ARG F 474 37.07 -3.85 9.18
N SER F 475 36.34 -2.85 8.73
CA SER F 475 36.58 -1.47 9.10
C SER F 475 35.25 -0.73 9.15
N LEU F 476 35.27 0.51 9.63
CA LEU F 476 34.08 1.37 9.69
C LEU F 476 33.70 1.97 8.34
N SER F 477 34.67 2.28 7.47
CA SER F 477 34.41 2.66 6.08
C SER F 477 33.78 1.52 5.28
N VAL F 478 34.23 0.27 5.48
CA VAL F 478 33.58 -0.93 4.91
C VAL F 478 32.17 -1.11 5.46
N LEU F 479 31.93 -0.84 6.74
CA LEU F 479 30.61 -0.99 7.34
C LEU F 479 29.61 -0.03 6.70
N ARG F 480 29.96 1.25 6.60
CA ARG F 480 29.08 2.24 5.95
C ARG F 480 28.92 1.97 4.46
N SER F 481 29.96 1.46 3.80
CA SER F 481 29.86 0.98 2.42
C SER F 481 28.85 -0.15 2.26
N MET F 482 28.85 -1.14 3.16
CA MET F 482 27.85 -2.20 3.20
C MET F 482 26.45 -1.64 3.48
N MET F 483 26.32 -0.60 4.30
CA MET F 483 25.00 -0.04 4.58
C MET F 483 24.44 0.71 3.37
N TYR F 484 25.24 1.53 2.69
CA TYR F 484 24.73 2.29 1.54
C TYR F 484 24.45 1.41 0.32
N SER F 485 25.20 0.32 0.13
CA SER F 485 24.98 -0.63 -0.96
C SER F 485 23.85 -1.64 -0.71
N GLY F 486 23.23 -1.70 0.46
CA GLY F 486 22.18 -2.65 0.74
C GLY F 486 22.63 -4.01 1.23
N GLU F 487 23.95 -4.24 1.34
CA GLU F 487 24.42 -5.51 1.86
C GLU F 487 24.09 -5.66 3.35
N LEU F 488 24.30 -4.60 4.12
CA LEU F 488 23.95 -4.63 5.53
C LEU F 488 22.44 -4.65 5.70
N LYS F 489 21.95 -5.55 6.55
CA LYS F 489 20.53 -5.72 6.76
C LYS F 489 20.15 -5.39 8.20
N PHE F 490 18.90 -4.96 8.38
CA PHE F 490 18.41 -4.48 9.66
C PHE F 490 17.09 -5.18 9.98
N GLU F 491 16.56 -4.89 11.16
CA GLU F 491 15.37 -5.54 11.66
C GLU F 491 14.73 -4.64 12.68
N LYS F 492 13.41 -4.48 12.60
CA LYS F 492 12.71 -3.71 13.61
C LYS F 492 12.48 -4.54 14.87
N ARG F 493 12.10 -3.87 15.93
CA ARG F 493 11.85 -4.52 17.22
C ARG F 493 10.55 -3.98 17.79
N THR F 494 9.61 -4.87 18.05
CA THR F 494 8.45 -4.51 18.85
C THR F 494 8.89 -4.28 20.29
N MET F 495 7.94 -3.92 21.14
CA MET F 495 8.27 -3.77 22.55
C MET F 495 8.56 -5.13 23.18
N SER F 496 7.83 -6.16 22.76
CA SER F 496 8.12 -7.50 23.25
C SER F 496 9.48 -7.98 22.78
N ALA F 497 9.91 -7.58 21.58
CA ALA F 497 11.23 -7.97 21.11
C ALA F 497 12.32 -7.31 21.95
N GLN F 498 12.10 -6.08 22.37
CA GLN F 498 13.07 -5.42 23.22
C GLN F 498 13.10 -6.03 24.62
N ILE F 499 11.94 -6.44 25.13
CA ILE F 499 11.91 -7.14 26.42
C ILE F 499 12.68 -8.45 26.32
N GLU F 500 12.43 -9.23 25.26
CA GLU F 500 13.17 -10.47 25.06
C GLU F 500 14.66 -10.21 24.89
N GLY F 501 15.02 -9.07 24.31
CA GLY F 501 16.42 -8.79 24.03
C GLY F 501 17.25 -8.54 25.27
N GLY F 502 16.64 -8.10 26.36
CA GLY F 502 17.33 -7.89 27.61
C GLY F 502 17.30 -9.11 28.51
N VAL F 503 17.72 -8.91 29.75
CA VAL F 503 17.69 -9.98 30.73
C VAL F 503 16.26 -10.19 31.19
N HIS F 504 15.88 -11.45 31.40
CA HIS F 504 14.51 -11.76 31.77
C HIS F 504 14.45 -13.18 32.32
N GLY F 505 13.40 -13.45 33.08
CA GLY F 505 13.10 -14.78 33.53
C GLY F 505 13.89 -15.28 34.72
N LEU F 506 14.81 -14.50 35.27
CA LEU F 506 15.61 -14.95 36.38
C LEU F 506 15.09 -14.39 37.70
N HIS F 507 15.41 -15.08 38.78
CA HIS F 507 15.03 -14.60 40.11
C HIS F 507 15.90 -13.44 40.55
N SER F 508 17.14 -13.39 40.08
CA SER F 508 18.08 -12.32 40.39
C SER F 508 19.25 -12.43 39.41
N TYR F 509 20.07 -11.39 39.37
CA TYR F 509 21.28 -11.41 38.54
C TYR F 509 22.13 -10.20 38.89
N THR F 510 23.40 -10.26 38.52
CA THR F 510 24.36 -9.19 38.75
C THR F 510 25.06 -8.84 37.44
N PHE F 511 25.14 -7.55 37.14
CA PHE F 511 25.76 -7.08 35.91
C PHE F 511 27.24 -6.79 36.13
N LEU F 512 28.06 -7.17 35.15
CA LEU F 512 29.51 -6.91 35.20
C LEU F 512 30.01 -6.77 33.77
N PRO F 513 30.17 -5.54 33.28
CA PRO F 513 30.58 -5.33 31.89
C PRO F 513 32.01 -5.72 31.60
N PHE F 514 32.94 -5.37 32.48
CA PHE F 514 34.37 -5.55 32.28
C PHE F 514 34.86 -4.73 31.09
N MET G 1 -22.71 -36.44 -7.20
CA MET G 1 -23.86 -35.54 -7.24
C MET G 1 -23.96 -34.78 -5.93
N ALA G 2 -22.94 -33.97 -5.64
CA ALA G 2 -22.91 -33.23 -4.39
C ALA G 2 -22.10 -31.94 -4.52
N ASP G 3 -21.71 -31.38 -3.37
CA ASP G 3 -20.69 -30.34 -3.38
C ASP G 3 -19.36 -30.87 -3.88
N TYR G 4 -19.14 -32.19 -3.92
CA TYR G 4 -17.88 -32.79 -4.36
C TYR G 4 -17.47 -32.39 -5.79
N LEU G 5 -18.45 -32.19 -6.69
CA LEU G 5 -18.18 -31.72 -8.04
C LEU G 5 -17.75 -30.25 -8.10
N ILE G 6 -18.29 -29.37 -7.26
CA ILE G 6 -17.81 -27.98 -7.21
C ILE G 6 -16.36 -27.95 -6.74
N SER G 7 -16.02 -28.65 -5.64
CA SER G 7 -14.64 -29.01 -5.25
C SER G 7 -14.65 -30.23 -4.33
N GLY G 8 -13.61 -31.07 -4.39
CA GLY G 8 -13.56 -32.36 -3.68
C GLY G 8 -13.35 -32.23 -2.17
N GLY G 9 -12.10 -32.36 -1.72
CA GLY G 9 -11.75 -32.14 -0.31
C GLY G 9 -11.78 -30.67 0.12
N THR G 10 -11.59 -29.75 -0.84
CA THR G 10 -11.49 -28.29 -0.62
C THR G 10 -12.88 -27.64 -0.45
N GLY G 11 -13.63 -28.03 0.58
CA GLY G 11 -14.91 -27.46 0.93
C GLY G 11 -14.76 -26.05 1.48
N TYR G 12 -15.89 -25.36 1.60
CA TYR G 12 -15.85 -23.96 1.98
C TYR G 12 -15.50 -23.81 3.45
N VAL G 13 -14.45 -23.06 3.72
CA VAL G 13 -14.05 -22.71 5.07
C VAL G 13 -13.87 -21.20 5.07
N PRO G 14 -14.64 -20.47 5.88
CA PRO G 14 -14.45 -19.01 5.92
C PRO G 14 -13.03 -18.64 6.28
N GLU G 15 -12.50 -17.64 5.59
CA GLU G 15 -11.12 -17.21 5.78
C GLU G 15 -11.06 -16.16 6.87
N ASP G 16 -10.32 -16.46 7.93
CA ASP G 16 -10.20 -15.54 9.05
C ASP G 16 -8.82 -15.69 9.67
N GLY G 17 -8.09 -14.60 9.78
CA GLY G 17 -6.73 -14.63 10.27
C GLY G 17 -5.71 -14.67 9.15
N LEU G 18 -4.45 -14.54 9.54
CA LEU G 18 -3.35 -14.45 8.59
C LEU G 18 -2.62 -15.79 8.51
N THR G 19 -2.16 -16.14 7.32
CA THR G 19 -1.20 -17.22 7.22
C THR G 19 0.14 -16.77 7.78
N ALA G 20 1.01 -17.74 8.06
CA ALA G 20 2.32 -17.39 8.59
C ALA G 20 3.10 -16.52 7.61
N GLN G 21 2.93 -16.72 6.30
CA GLN G 21 3.57 -15.86 5.31
C GLN G 21 3.10 -14.41 5.43
N GLN G 22 1.80 -14.19 5.62
CA GLN G 22 1.27 -12.83 5.75
C GLN G 22 1.55 -12.21 7.09
N LEU G 23 1.79 -13.02 8.12
CA LEU G 23 2.11 -12.48 9.43
C LEU G 23 3.49 -11.85 9.44
N PHE G 24 4.45 -12.46 8.77
CA PHE G 24 5.81 -11.96 8.75
C PHE G 24 6.10 -11.07 7.55
N ALA G 25 5.08 -10.66 6.82
CA ALA G 25 5.28 -9.83 5.64
C ALA G 25 5.46 -8.37 5.99
N SER G 26 4.90 -7.93 7.12
CA SER G 26 4.94 -6.52 7.50
C SER G 26 6.28 -6.09 8.06
N ALA G 27 7.21 -7.00 8.26
CA ALA G 27 8.59 -6.69 8.66
C ALA G 27 8.66 -6.06 10.04
N ASP G 28 7.69 -6.32 10.91
CA ASP G 28 7.91 -6.04 12.31
C ASP G 28 8.79 -7.13 12.91
N GLY G 29 9.55 -6.77 13.92
CA GLY G 29 10.31 -7.78 14.62
C GLY G 29 9.49 -8.53 15.64
N LEU G 30 8.70 -9.50 15.18
CA LEU G 30 7.80 -10.21 16.07
C LEU G 30 8.53 -11.25 16.92
N THR G 31 8.14 -11.33 18.17
CA THR G 31 8.56 -12.40 19.08
C THR G 31 7.36 -13.23 19.46
N TYR G 32 7.58 -14.22 20.33
CA TYR G 32 6.54 -15.16 20.70
C TYR G 32 5.33 -14.48 21.32
N ASN G 33 5.53 -13.39 22.07
CA ASN G 33 4.42 -12.72 22.73
C ASN G 33 3.62 -11.84 21.78
N ASP G 34 4.06 -11.61 20.57
CA ASP G 34 3.41 -10.67 19.67
C ASP G 34 2.25 -11.28 18.91
N PHE G 35 2.05 -12.60 18.96
CA PHE G 35 1.04 -13.23 18.13
C PHE G 35 0.41 -14.40 18.86
N LEU G 36 -0.69 -14.90 18.30
CA LEU G 36 -1.39 -16.07 18.77
C LEU G 36 -1.69 -16.99 17.60
N ILE G 37 -2.04 -18.22 17.90
CA ILE G 37 -2.54 -19.17 16.91
C ILE G 37 -4.05 -19.26 17.08
N LEU G 38 -4.77 -19.20 15.98
CA LEU G 38 -6.22 -19.34 16.02
C LEU G 38 -6.61 -20.81 16.14
N PRO G 39 -7.68 -21.11 16.87
CA PRO G 39 -8.08 -22.50 17.04
C PRO G 39 -8.72 -23.08 15.79
N GLY G 40 -8.63 -24.41 15.69
CA GLY G 40 -9.13 -25.13 14.54
C GLY G 40 -10.31 -26.01 14.85
N PHE G 41 -10.27 -27.26 14.40
CA PHE G 41 -11.35 -28.22 14.58
C PHE G 41 -10.84 -29.43 15.33
N ILE G 42 -11.52 -29.81 16.40
CA ILE G 42 -11.10 -30.92 17.26
C ILE G 42 -11.86 -32.17 16.87
N ASP G 43 -11.14 -33.24 16.55
CA ASP G 43 -11.78 -34.53 16.35
C ASP G 43 -10.96 -35.68 16.93
N PHE G 44 -10.03 -35.40 17.83
CA PHE G 44 -9.20 -36.40 18.47
C PHE G 44 -9.04 -35.97 19.91
N ILE G 45 -8.44 -36.81 20.74
CA ILE G 45 -8.19 -36.44 22.13
C ILE G 45 -6.74 -36.03 22.26
N ALA G 46 -6.47 -35.21 23.28
CA ALA G 46 -5.13 -34.65 23.44
C ALA G 46 -4.06 -35.70 23.66
N ASP G 47 -4.44 -36.93 24.02
CA ASP G 47 -3.44 -37.96 24.26
C ASP G 47 -2.99 -38.68 23.00
N GLU G 48 -3.73 -38.56 21.91
CA GLU G 48 -3.29 -39.13 20.65
C GLU G 48 -2.26 -38.26 19.95
N VAL G 49 -1.99 -37.06 20.44
CA VAL G 49 -1.11 -36.15 19.74
C VAL G 49 0.30 -36.72 19.74
N ASP G 50 0.85 -36.89 18.54
CA ASP G 50 2.15 -37.49 18.32
C ASP G 50 3.21 -36.40 18.30
N LEU G 51 4.25 -36.55 19.12
CA LEU G 51 5.25 -35.51 19.27
C LEU G 51 6.60 -35.88 18.66
N THR G 52 6.60 -36.83 17.72
CA THR G 52 7.80 -37.32 17.04
C THR G 52 8.51 -36.21 16.27
N SER G 53 9.82 -36.07 16.45
CA SER G 53 10.58 -34.88 16.03
C SER G 53 11.94 -35.26 15.41
N ALA G 54 12.32 -34.66 14.29
CA ALA G 54 13.65 -34.84 13.72
C ALA G 54 14.65 -33.93 14.45
N LEU G 55 15.72 -34.49 15.03
CA LEU G 55 16.79 -33.69 15.59
C LEU G 55 17.83 -33.33 14.53
N THR G 56 18.23 -34.30 13.72
CA THR G 56 19.13 -34.06 12.60
C THR G 56 18.51 -34.71 11.37
N ARG G 57 19.27 -34.79 10.28
CA ARG G 57 18.78 -35.51 9.11
C ARG G 57 18.55 -36.98 9.42
N LYS G 58 19.31 -37.54 10.35
CA LYS G 58 19.30 -38.97 10.59
C LYS G 58 18.84 -39.41 11.97
N ILE G 59 18.54 -38.49 12.87
CA ILE G 59 18.18 -38.85 14.25
C ILE G 59 16.78 -38.34 14.54
N THR G 60 15.94 -39.21 15.10
CA THR G 60 14.57 -38.88 15.51
C THR G 60 14.41 -39.05 17.02
N LEU G 61 13.72 -38.09 17.65
CA LEU G 61 13.30 -38.12 19.05
C LEU G 61 11.79 -38.35 19.11
N LYS G 62 11.28 -38.92 20.21
CA LYS G 62 9.86 -39.04 20.46
C LYS G 62 9.26 -37.79 21.07
N THR G 63 10.09 -36.89 21.55
CA THR G 63 9.72 -35.67 22.25
C THR G 63 10.57 -34.54 21.69
N PRO G 64 10.03 -33.36 21.54
CA PRO G 64 10.79 -32.27 20.93
C PRO G 64 11.70 -31.46 21.85
N LEU G 65 12.04 -31.93 23.05
CA LEU G 65 12.73 -31.11 24.03
C LEU G 65 14.21 -31.45 24.13
N ILE G 66 15.05 -30.42 24.15
CA ILE G 66 16.50 -30.55 24.29
C ILE G 66 16.94 -29.69 25.45
N SER G 67 17.86 -30.21 26.26
CA SER G 67 18.49 -29.41 27.28
C SER G 67 19.74 -28.76 26.71
N SER G 68 19.95 -27.52 27.06
CA SER G 68 20.98 -26.70 26.43
C SER G 68 22.37 -27.03 26.98
N PRO G 69 23.40 -26.96 26.13
CA PRO G 69 24.78 -27.28 26.56
C PRO G 69 25.42 -26.17 27.39
N MET G 70 24.91 -25.98 28.59
CA MET G 70 25.42 -24.97 29.51
C MET G 70 25.87 -25.66 30.80
N ASP G 71 26.86 -25.06 31.47
CA ASP G 71 27.49 -25.70 32.61
C ASP G 71 26.63 -25.64 33.87
N THR G 72 25.51 -24.95 33.83
CA THR G 72 24.52 -25.03 34.90
C THR G 72 23.27 -25.76 34.46
N VAL G 73 23.30 -26.44 33.32
CA VAL G 73 22.13 -27.14 32.82
C VAL G 73 22.43 -28.62 32.63
N THR G 74 23.41 -28.94 31.78
CA THR G 74 23.54 -30.30 31.26
C THR G 74 24.89 -30.90 31.58
N GLU G 75 24.86 -31.97 32.39
CA GLU G 75 25.96 -32.91 32.53
C GLU G 75 25.31 -34.28 32.45
N ALA G 76 26.01 -35.32 32.88
CA ALA G 76 25.52 -36.68 32.66
C ALA G 76 24.11 -36.88 33.21
N ASP G 77 23.79 -36.29 34.36
CA ASP G 77 22.49 -36.55 34.99
C ASP G 77 21.35 -35.95 34.17
N MET G 78 21.48 -34.69 33.79
CA MET G 78 20.48 -34.06 32.94
C MET G 78 20.35 -34.78 31.61
N ALA G 79 21.48 -35.26 31.05
CA ALA G 79 21.43 -35.95 29.78
C ALA G 79 20.71 -37.28 29.88
N ILE G 80 20.97 -38.04 30.95
CA ILE G 80 20.28 -39.30 31.15
C ILE G 80 18.79 -39.07 31.31
N ALA G 81 18.41 -38.06 32.10
CA ALA G 81 16.99 -37.81 32.32
C ALA G 81 16.29 -37.33 31.06
N MET G 82 16.91 -36.43 30.31
CA MET G 82 16.31 -35.96 29.07
C MET G 82 16.14 -37.11 28.08
N ALA G 83 17.14 -37.98 27.98
CA ALA G 83 17.00 -39.13 27.10
C ALA G 83 15.88 -40.04 27.56
N LEU G 84 15.76 -40.27 28.86
CA LEU G 84 14.71 -41.15 29.34
C LEU G 84 13.32 -40.56 29.11
N MET G 85 13.19 -39.24 29.17
CA MET G 85 11.88 -38.65 28.95
C MET G 85 11.51 -38.52 27.49
N GLY G 86 12.43 -38.79 26.56
CA GLY G 86 12.13 -38.73 25.15
C GLY G 86 12.87 -37.68 24.36
N GLY G 87 13.75 -36.91 24.99
CA GLY G 87 14.55 -35.95 24.27
C GLY G 87 16.01 -36.29 24.27
N ILE G 88 16.85 -35.31 24.54
CA ILE G 88 18.29 -35.49 24.52
C ILE G 88 18.91 -34.29 25.22
N GLY G 89 20.10 -34.48 25.77
CA GLY G 89 20.86 -33.36 26.28
C GLY G 89 22.20 -33.26 25.60
N PHE G 90 22.79 -32.07 25.59
CA PHE G 90 24.12 -31.86 25.04
C PHE G 90 25.05 -31.51 26.17
N ILE G 91 26.06 -32.35 26.41
CA ILE G 91 27.03 -32.07 27.46
C ILE G 91 27.81 -30.83 27.10
N HIS G 92 27.87 -29.89 28.05
CA HIS G 92 28.61 -28.65 27.84
C HIS G 92 30.10 -28.91 27.79
N HIS G 93 30.84 -27.93 27.26
CA HIS G 93 32.28 -28.06 27.10
C HIS G 93 33.05 -27.00 27.88
N ASN G 94 32.47 -26.45 28.93
CA ASN G 94 33.23 -25.58 29.83
C ASN G 94 33.95 -26.41 30.89
N CYS G 95 34.87 -27.23 30.40
CA CYS G 95 35.53 -28.24 31.21
C CYS G 95 36.69 -28.78 30.38
N THR G 96 37.41 -29.73 30.95
CA THR G 96 38.48 -30.38 30.21
C THR G 96 37.88 -31.41 29.26
N PRO G 97 38.59 -31.74 28.18
CA PRO G 97 38.11 -32.81 27.30
C PRO G 97 37.89 -34.13 28.01
N GLU G 98 38.72 -34.45 29.00
CA GLU G 98 38.59 -35.71 29.71
C GLU G 98 37.34 -35.73 30.58
N PHE G 99 37.02 -34.62 31.24
CA PHE G 99 35.81 -34.53 32.03
C PHE G 99 34.56 -34.71 31.15
N GLN G 100 34.52 -34.02 30.02
CA GLN G 100 33.37 -34.13 29.12
C GLN G 100 33.26 -35.53 28.54
N ALA G 101 34.38 -36.14 28.18
CA ALA G 101 34.32 -37.51 27.68
C ALA G 101 33.84 -38.47 28.77
N ASN G 102 34.21 -38.22 30.02
CA ASN G 102 33.73 -39.04 31.11
C ASN G 102 32.22 -38.90 31.30
N GLU G 103 31.69 -37.68 31.17
CA GLU G 103 30.24 -37.50 31.24
C GLU G 103 29.53 -38.25 30.12
N VAL G 104 30.05 -38.13 28.90
CA VAL G 104 29.42 -38.84 27.78
C VAL G 104 29.46 -40.34 28.03
N ARG G 105 30.58 -40.86 28.51
CA ARG G 105 30.68 -42.28 28.78
C ARG G 105 29.69 -42.72 29.84
N LYS G 106 29.47 -41.91 30.87
CA LYS G 106 28.49 -42.24 31.88
C LYS G 106 27.10 -42.32 31.29
N VAL G 107 26.76 -41.40 30.38
CA VAL G 107 25.47 -41.48 29.73
C VAL G 107 25.37 -42.73 28.86
N LYS G 108 26.43 -43.07 28.14
CA LYS G 108 26.35 -44.17 27.20
C LYS G 108 26.45 -45.54 27.86
N LYS G 109 26.60 -45.62 29.17
CA LYS G 109 26.70 -46.90 29.87
C LYS G 109 25.65 -47.02 30.97
N PHE G 110 24.48 -46.40 30.80
CA PHE G 110 23.58 -46.17 31.92
C PHE G 110 22.86 -47.44 32.36
N GLU G 111 22.08 -48.04 31.46
CA GLU G 111 21.45 -49.35 31.71
C GLU G 111 20.57 -49.31 32.97
N GLN G 112 19.45 -48.60 32.83
CA GLN G 112 18.49 -48.38 33.90
C GLN G 112 18.24 -49.61 34.76
N GLY G 113 18.35 -49.43 36.08
CA GLY G 113 18.19 -50.50 37.03
C GLY G 113 19.50 -50.86 37.71
N PHE G 114 20.59 -50.88 36.94
CA PHE G 114 21.94 -51.21 37.42
C PHE G 114 22.66 -50.00 38.03
N ILE G 115 23.87 -50.20 38.56
CA ILE G 115 24.75 -49.12 39.03
C ILE G 115 25.78 -48.81 37.94
N THR G 116 25.88 -47.56 37.48
CA THR G 116 26.95 -47.15 36.58
C THR G 116 28.15 -46.71 37.42
N ASP G 117 29.32 -47.22 37.07
CA ASP G 117 30.57 -47.01 37.81
C ASP G 117 30.43 -47.46 39.26
N PRO G 118 30.33 -48.76 39.52
CA PRO G 118 30.29 -49.23 40.90
C PRO G 118 31.63 -49.04 41.57
N VAL G 119 31.59 -48.71 42.86
CA VAL G 119 32.81 -48.49 43.63
C VAL G 119 33.61 -49.79 43.78
N ALA G 188 28.02 -65.60 40.13
CA ALA G 188 26.99 -64.64 39.72
C ALA G 188 26.50 -64.89 38.27
N PRO G 189 25.24 -64.55 37.95
CA PRO G 189 24.68 -64.74 36.60
C PRO G 189 25.31 -63.81 35.55
N ALA G 190 25.11 -64.15 34.27
CA ALA G 190 25.35 -63.24 33.13
C ALA G 190 24.25 -62.17 33.01
N GLY G 191 24.38 -61.25 32.04
CA GLY G 191 23.44 -60.14 31.82
C GLY G 191 21.97 -60.60 31.74
N VAL G 192 21.10 -59.95 32.51
CA VAL G 192 19.74 -60.43 32.82
C VAL G 192 18.71 -59.29 32.91
N THR G 193 17.47 -59.56 32.49
CA THR G 193 16.40 -58.59 32.41
C THR G 193 15.96 -58.17 33.81
N LEU G 194 15.46 -56.94 33.92
CA LEU G 194 15.01 -56.44 35.21
C LEU G 194 13.88 -57.28 35.77
N LYS G 195 12.94 -57.70 34.93
CA LYS G 195 11.79 -58.46 35.42
C LYS G 195 12.22 -59.79 36.03
N GLU G 196 13.32 -60.40 35.59
CA GLU G 196 13.78 -61.64 36.22
C GLU G 196 14.43 -61.36 37.59
N ALA G 197 15.13 -60.24 37.72
CA ALA G 197 15.74 -59.79 38.96
C ALA G 197 14.73 -59.38 40.05
N ASN G 198 13.46 -59.13 39.72
CA ASN G 198 12.40 -58.84 40.68
C ASN G 198 11.84 -60.13 41.27
N LYS G 208 21.19 -55.67 47.35
CA LYS G 208 22.31 -55.97 46.47
C LYS G 208 22.13 -57.30 45.73
N LEU G 209 22.46 -57.33 44.45
CA LEU G 209 22.35 -58.48 43.55
C LEU G 209 23.45 -58.38 42.47
N PRO G 210 24.59 -59.10 42.63
CA PRO G 210 25.68 -59.10 41.65
C PRO G 210 25.39 -59.91 40.38
N ILE G 211 26.03 -59.56 39.27
CA ILE G 211 25.81 -60.13 37.93
C ILE G 211 27.15 -60.48 37.28
N LEU G 218 32.73 -61.08 38.04
CA LEU G 218 31.81 -59.96 38.14
C LEU G 218 31.84 -59.08 36.88
N VAL G 219 30.67 -58.64 36.40
CA VAL G 219 30.54 -57.67 35.31
C VAL G 219 29.61 -56.50 35.63
N ALA G 220 28.61 -56.68 36.51
CA ALA G 220 27.69 -55.62 36.91
C ALA G 220 27.08 -55.89 38.31
N ILE G 221 26.47 -54.88 38.90
CA ILE G 221 25.81 -54.93 40.21
C ILE G 221 24.51 -54.11 40.20
N ILE G 222 23.48 -54.64 40.84
CA ILE G 222 22.22 -53.97 41.15
C ILE G 222 22.17 -53.69 42.64
N ALA G 223 21.75 -52.50 43.05
CA ALA G 223 21.25 -52.25 44.41
C ALA G 223 19.71 -52.40 44.42
N ARG G 224 19.17 -53.26 45.28
CA ARG G 224 17.75 -53.66 45.20
C ARG G 224 16.76 -52.50 45.32
N THR G 225 17.11 -51.43 46.04
CA THR G 225 16.24 -50.24 46.15
C THR G 225 16.01 -49.54 44.80
N ASP G 226 17.05 -49.39 43.96
CA ASP G 226 16.92 -48.84 42.62
C ASP G 226 15.99 -49.68 41.75
N LEU G 227 15.91 -50.99 42.01
CA LEU G 227 15.01 -51.92 41.35
C LEU G 227 13.57 -51.80 41.86
N LYS G 228 13.35 -51.36 43.11
CA LYS G 228 12.00 -51.19 43.62
C LYS G 228 11.42 -49.85 43.19
N LYS G 229 12.26 -48.83 43.08
CA LYS G 229 11.82 -47.54 42.54
C LYS G 229 12.06 -47.49 41.03
N ASN G 230 11.54 -48.49 40.34
CA ASN G 230 11.67 -48.61 38.90
C ASN G 230 10.44 -48.06 38.20
N ARG G 231 10.66 -47.46 37.03
CA ARG G 231 9.60 -46.92 36.21
C ARG G 231 9.73 -47.43 34.79
N ASP G 232 8.67 -47.25 34.02
CA ASP G 232 8.70 -47.55 32.60
C ASP G 232 9.05 -46.29 31.82
N TYR G 233 9.69 -46.47 30.67
CA TYR G 233 10.10 -45.37 29.82
C TYR G 233 9.80 -45.73 28.37
N PRO G 234 8.55 -45.60 27.95
CA PRO G 234 8.20 -45.98 26.58
C PRO G 234 8.84 -45.11 25.51
N LEU G 235 9.35 -43.93 25.86
CA LEU G 235 9.89 -42.99 24.88
C LEU G 235 11.39 -42.77 25.04
N ALA G 236 12.12 -43.77 25.51
CA ALA G 236 13.43 -43.57 26.13
C ALA G 236 14.54 -43.10 25.19
N SER G 237 14.33 -42.87 23.90
CA SER G 237 15.31 -42.14 23.07
C SER G 237 16.66 -42.86 23.03
N LYS G 238 16.67 -44.01 22.35
CA LYS G 238 17.83 -44.89 22.34
C LYS G 238 18.40 -45.05 20.94
N ASP G 239 19.63 -45.54 20.88
CA ASP G 239 20.29 -45.80 19.61
C ASP G 239 20.14 -47.28 19.22
N SER G 240 20.88 -47.69 18.19
CA SER G 240 20.76 -49.06 17.68
C SER G 240 21.16 -50.08 18.74
N GLN G 241 22.23 -49.81 19.47
CA GLN G 241 22.70 -50.72 20.51
C GLN G 241 21.93 -50.58 21.83
N LYS G 242 20.78 -49.93 21.81
CA LYS G 242 19.87 -49.84 22.95
C LYS G 242 20.44 -49.00 24.09
N GLN G 243 21.39 -48.14 23.77
CA GLN G 243 21.95 -47.19 24.73
C GLN G 243 21.29 -45.84 24.57
N LEU G 244 21.34 -45.04 25.63
CA LEU G 244 20.78 -43.71 25.57
C LEU G 244 21.57 -42.83 24.60
N LEU G 245 20.86 -41.97 23.88
CA LEU G 245 21.49 -41.00 23.00
C LEU G 245 22.13 -39.88 23.80
N CYS G 246 23.22 -39.35 23.28
CA CYS G 246 23.90 -38.26 23.96
C CYS G 246 24.52 -37.32 22.94
N GLY G 247 24.47 -36.02 23.24
CA GLY G 247 25.14 -35.01 22.45
C GLY G 247 26.28 -34.37 23.24
N ALA G 248 27.04 -33.55 22.54
CA ALA G 248 28.14 -32.83 23.17
C ALA G 248 28.40 -31.55 22.41
N ALA G 249 28.76 -30.51 23.14
CA ALA G 249 29.17 -29.25 22.54
C ALA G 249 30.67 -29.21 22.34
N VAL G 250 31.11 -28.48 21.32
CA VAL G 250 32.50 -28.35 20.96
C VAL G 250 32.68 -26.97 20.32
N GLY G 251 33.83 -26.35 20.55
CA GLY G 251 34.17 -25.09 19.93
C GLY G 251 34.74 -25.27 18.54
N THR G 252 35.29 -24.18 18.00
CA THR G 252 35.85 -24.20 16.66
C THR G 252 37.34 -23.88 16.65
N ARG G 253 38.04 -24.12 17.74
CA ARG G 253 39.46 -23.84 17.77
C ARG G 253 40.23 -25.15 17.55
N GLU G 254 41.55 -25.03 17.47
CA GLU G 254 42.35 -26.20 17.11
C GLU G 254 42.41 -27.21 18.24
N ASP G 255 42.25 -26.76 19.49
CA ASP G 255 42.24 -27.69 20.61
C ASP G 255 41.03 -28.60 20.56
N ASP G 256 39.94 -28.15 19.92
CA ASP G 256 38.71 -28.91 19.89
C ASP G 256 38.82 -30.18 19.07
N LYS G 257 39.84 -30.31 18.23
CA LYS G 257 40.00 -31.55 17.48
C LYS G 257 40.34 -32.72 18.41
N TYR G 258 41.16 -32.48 19.42
CA TYR G 258 41.48 -33.53 20.38
C TYR G 258 40.29 -33.86 21.26
N ARG G 259 39.55 -32.84 21.69
CA ARG G 259 38.32 -33.07 22.44
C ARG G 259 37.34 -33.88 21.62
N LEU G 260 37.29 -33.63 20.30
CA LEU G 260 36.40 -34.38 19.43
C LEU G 260 36.82 -35.83 19.30
N ASP G 261 38.13 -36.08 19.21
CA ASP G 261 38.62 -37.46 19.22
C ASP G 261 38.17 -38.17 20.49
N LEU G 262 38.36 -37.51 21.63
CA LEU G 262 37.97 -38.11 22.91
C LEU G 262 36.48 -38.37 22.97
N LEU G 263 35.67 -37.47 22.40
CA LEU G 263 34.23 -37.63 22.48
C LEU G 263 33.72 -38.73 21.56
N THR G 264 34.33 -38.90 20.38
CA THR G 264 33.92 -40.00 19.52
C THR G 264 34.35 -41.34 20.10
N GLN G 265 35.47 -41.38 20.82
CA GLN G 265 35.83 -42.62 21.48
C GLN G 265 34.85 -42.98 22.59
N ALA G 266 34.24 -41.99 23.23
CA ALA G 266 33.28 -42.25 24.29
C ALA G 266 31.91 -42.66 23.76
N GLY G 267 31.65 -42.49 22.46
CA GLY G 267 30.42 -42.94 21.86
C GLY G 267 29.35 -41.89 21.62
N VAL G 268 29.73 -40.62 21.46
CA VAL G 268 28.75 -39.56 21.28
C VAL G 268 28.04 -39.73 19.94
N ASP G 269 26.77 -39.33 19.90
CA ASP G 269 25.94 -39.53 18.72
C ASP G 269 25.81 -38.30 17.84
N VAL G 270 25.80 -37.12 18.43
CA VAL G 270 25.61 -35.88 17.69
C VAL G 270 26.45 -34.81 18.36
N ILE G 271 27.01 -33.93 17.56
CA ILE G 271 27.88 -32.84 18.02
C ILE G 271 27.20 -31.53 17.67
N VAL G 272 27.18 -30.59 18.60
CA VAL G 272 26.78 -29.23 18.29
C VAL G 272 28.00 -28.34 18.37
N LEU G 273 28.20 -27.53 17.33
CA LEU G 273 29.27 -26.54 17.32
C LEU G 273 28.78 -25.28 18.00
N ASP G 274 29.40 -24.95 19.13
CA ASP G 274 28.90 -23.96 20.06
C ASP G 274 29.49 -22.60 19.72
N SER G 275 28.66 -21.70 19.24
CA SER G 275 29.11 -20.36 18.91
C SER G 275 27.93 -19.41 18.93
N SER G 276 28.21 -18.15 19.24
CA SER G 276 27.19 -17.13 19.16
C SER G 276 26.89 -16.73 17.71
N GLN G 277 27.86 -16.87 16.82
CA GLN G 277 27.70 -16.52 15.42
C GLN G 277 28.39 -17.60 14.60
N GLY G 278 27.60 -18.54 14.07
CA GLY G 278 28.12 -19.71 13.39
C GLY G 278 28.57 -19.50 11.97
N ASN G 279 28.26 -18.37 11.35
CA ASN G 279 28.60 -18.14 9.96
C ASN G 279 30.01 -17.55 9.85
N SER G 280 30.99 -18.41 10.11
CA SER G 280 32.39 -18.02 10.13
C SER G 280 33.22 -19.02 9.33
N VAL G 281 34.43 -18.59 8.93
CA VAL G 281 35.37 -19.51 8.29
C VAL G 281 35.79 -20.61 9.25
N TYR G 282 35.82 -20.32 10.54
CA TYR G 282 36.29 -21.29 11.52
C TYR G 282 35.29 -22.43 11.68
N GLN G 283 34.02 -22.10 11.83
CA GLN G 283 33.02 -23.14 11.95
C GLN G 283 32.88 -23.95 10.67
N ILE G 284 33.05 -23.33 9.51
CA ILE G 284 32.94 -24.06 8.26
C ILE G 284 34.12 -25.00 8.07
N ALA G 285 35.32 -24.53 8.42
CA ALA G 285 36.47 -25.42 8.46
C ALA G 285 36.22 -26.60 9.39
N MET G 286 35.62 -26.34 10.55
CA MET G 286 35.39 -27.41 11.51
C MET G 286 34.36 -28.42 11.00
N VAL G 287 33.30 -27.94 10.35
CA VAL G 287 32.31 -28.84 9.76
C VAL G 287 32.96 -29.72 8.71
N HIS G 288 33.84 -29.14 7.88
CA HIS G 288 34.52 -29.94 6.87
C HIS G 288 35.47 -30.96 7.48
N TYR G 289 36.23 -30.55 8.49
CA TYR G 289 37.13 -31.48 9.18
C TYR G 289 36.36 -32.65 9.76
N ILE G 290 35.25 -32.38 10.44
CA ILE G 290 34.48 -33.46 11.04
C ILE G 290 33.92 -34.37 9.97
N LYS G 291 33.33 -33.80 8.92
CA LYS G 291 32.72 -34.66 7.92
C LYS G 291 33.75 -35.53 7.20
N GLN G 292 34.99 -35.06 7.11
CA GLN G 292 36.02 -35.90 6.53
C GLN G 292 36.49 -36.98 7.50
N LYS G 293 36.70 -36.63 8.78
CA LYS G 293 37.29 -37.61 9.69
C LYS G 293 36.28 -38.57 10.29
N TYR G 294 35.04 -38.14 10.53
CA TYR G 294 34.02 -38.99 11.17
C TYR G 294 32.74 -38.94 10.36
N PRO G 295 32.69 -39.65 9.23
CA PRO G 295 31.53 -39.53 8.34
C PRO G 295 30.23 -40.00 8.97
N HIS G 296 30.28 -40.82 10.01
CA HIS G 296 29.06 -41.29 10.67
C HIS G 296 28.45 -40.24 11.58
N LEU G 297 29.27 -39.34 12.12
CA LEU G 297 28.83 -38.38 13.11
C LEU G 297 27.83 -37.38 12.54
N GLN G 298 26.89 -36.96 13.36
CA GLN G 298 25.92 -35.94 13.02
C GLN G 298 26.35 -34.62 13.65
N VAL G 299 26.32 -33.54 12.87
CA VAL G 299 26.80 -32.25 13.30
C VAL G 299 25.69 -31.22 13.19
N ILE G 300 25.56 -30.39 14.21
CA ILE G 300 24.62 -29.28 14.23
C ILE G 300 25.40 -27.98 14.27
N GLY G 301 25.16 -27.11 13.31
CA GLY G 301 25.79 -25.80 13.26
C GLY G 301 24.94 -24.71 13.85
N GLY G 302 25.56 -23.58 14.14
CA GLY G 302 24.86 -22.46 14.72
C GLY G 302 25.76 -21.68 15.65
N ASN G 303 25.20 -20.63 16.23
CA ASN G 303 23.81 -20.23 16.03
C ASN G 303 23.66 -19.32 14.82
N VAL G 304 22.49 -19.34 14.20
CA VAL G 304 22.18 -18.52 13.03
C VAL G 304 20.81 -17.89 13.23
N VAL G 305 20.61 -16.72 12.64
CA VAL G 305 19.30 -16.07 12.69
C VAL G 305 18.82 -15.66 11.31
N THR G 306 19.66 -15.74 10.30
CA THR G 306 19.25 -15.36 8.96
C THR G 306 19.42 -16.53 8.00
N ALA G 307 18.83 -16.38 6.81
CA ALA G 307 18.88 -17.44 5.81
C ALA G 307 20.22 -17.50 5.10
N ALA G 308 20.98 -16.41 5.08
CA ALA G 308 22.29 -16.42 4.44
C ALA G 308 23.30 -17.23 5.25
N GLN G 309 23.31 -17.04 6.57
CA GLN G 309 24.09 -17.91 7.43
C GLN G 309 23.69 -19.37 7.25
N ALA G 310 22.38 -19.62 7.22
CA ALA G 310 21.88 -20.98 7.07
C ALA G 310 22.37 -21.60 5.78
N LYS G 311 22.41 -20.83 4.70
CA LYS G 311 22.89 -21.35 3.43
C LYS G 311 24.36 -21.72 3.50
N ASN G 312 25.20 -20.83 4.06
CA ASN G 312 26.61 -21.16 4.19
C ASN G 312 26.81 -22.46 4.97
N LEU G 313 26.09 -22.62 6.07
CA LEU G 313 26.30 -23.80 6.89
C LEU G 313 25.72 -25.06 6.27
N ILE G 314 24.60 -24.95 5.55
CA ILE G 314 24.01 -26.11 4.92
C ILE G 314 24.84 -26.56 3.73
N ASP G 315 25.44 -25.61 3.01
CA ASP G 315 26.40 -25.96 1.97
C ASP G 315 27.67 -26.57 2.55
N ALA G 316 28.04 -26.20 3.78
CA ALA G 316 29.16 -26.89 4.41
C ALA G 316 28.83 -28.35 4.70
N GLY G 317 27.57 -28.67 5.01
CA GLY G 317 27.18 -30.04 5.20
C GLY G 317 26.64 -30.39 6.58
N VAL G 318 26.16 -29.41 7.34
CA VAL G 318 25.56 -29.72 8.64
C VAL G 318 24.27 -30.49 8.45
N ASP G 319 23.88 -31.21 9.50
CA ASP G 319 22.65 -31.98 9.49
C ASP G 319 21.55 -31.33 10.32
N GLY G 320 21.85 -30.22 10.98
CA GLY G 320 20.86 -29.48 11.72
C GLY G 320 21.37 -28.10 11.98
N LEU G 321 20.46 -27.19 12.33
CA LEU G 321 20.81 -25.83 12.63
C LEU G 321 20.25 -25.43 13.98
N ARG G 322 21.04 -24.67 14.72
CA ARG G 322 20.64 -24.09 15.99
C ARG G 322 20.35 -22.61 15.77
N VAL G 323 19.14 -22.18 16.07
CA VAL G 323 18.65 -20.86 15.70
C VAL G 323 18.45 -20.02 16.95
N GLY G 324 18.95 -18.79 16.93
CA GLY G 324 18.77 -17.86 18.04
C GLY G 324 19.98 -17.02 18.35
N MET G 325 19.78 -15.73 18.59
CA MET G 325 20.89 -14.84 18.92
C MET G 325 20.33 -13.71 19.76
N GLY G 326 20.76 -13.65 21.02
CA GLY G 326 20.34 -12.59 21.91
C GLY G 326 18.95 -12.73 22.48
N CYS G 327 18.30 -13.86 22.26
CA CYS G 327 16.95 -14.08 22.77
C CYS G 327 16.95 -14.81 24.10
N GLY G 328 18.08 -15.35 24.52
CA GLY G 328 18.13 -16.09 25.76
C GLY G 328 17.88 -15.21 26.98
N SER G 329 17.49 -15.87 28.06
CA SER G 329 17.16 -15.16 29.29
C SER G 329 18.37 -14.49 29.89
N ILE G 330 19.55 -15.11 29.77
CA ILE G 330 20.77 -14.60 30.39
C ILE G 330 21.61 -13.76 29.44
N CYS G 331 21.16 -13.53 28.21
CA CYS G 331 21.99 -12.92 27.18
C CYS G 331 21.84 -11.40 27.17
N ILE G 332 22.96 -10.71 26.89
CA ILE G 332 22.95 -9.26 26.75
C ILE G 332 23.62 -8.84 25.45
N THR G 333 23.69 -9.76 24.48
CA THR G 333 24.46 -9.52 23.26
C THR G 333 23.85 -8.39 22.43
N GLN G 334 22.53 -8.40 22.25
CA GLN G 334 21.90 -7.37 21.42
C GLN G 334 22.19 -5.98 21.96
N GLU G 335 22.34 -5.85 23.27
CA GLU G 335 22.56 -4.56 23.90
C GLU G 335 24.03 -4.14 23.94
N VAL G 336 24.96 -5.09 23.78
CA VAL G 336 26.38 -4.74 23.80
C VAL G 336 27.05 -4.94 22.45
N MET G 337 26.45 -5.66 21.51
CA MET G 337 27.00 -5.78 20.17
C MET G 337 26.06 -5.34 19.07
N ALA G 338 24.82 -4.97 19.39
CA ALA G 338 23.84 -4.44 18.46
C ALA G 338 23.38 -5.44 17.41
N CYS G 339 23.71 -6.72 17.57
CA CYS G 339 23.49 -7.71 16.53
C CYS G 339 22.62 -8.85 17.07
N GLY G 340 21.58 -9.20 16.33
CA GLY G 340 20.68 -10.26 16.74
C GLY G 340 19.40 -10.21 15.92
N ARG G 341 18.37 -10.90 16.43
CA ARG G 341 17.09 -10.94 15.75
C ARG G 341 16.00 -11.32 16.73
N PRO G 342 14.80 -10.76 16.62
CA PRO G 342 13.67 -11.29 17.39
C PRO G 342 13.42 -12.75 17.04
N GLN G 343 13.15 -13.55 18.07
CA GLN G 343 13.31 -15.00 17.94
C GLN G 343 12.22 -15.65 17.11
N GLY G 344 10.98 -15.17 17.20
CA GLY G 344 9.91 -15.74 16.39
C GLY G 344 10.17 -15.58 14.90
N THR G 345 10.58 -14.37 14.49
CA THR G 345 10.91 -14.11 13.11
C THR G 345 12.10 -14.96 12.65
N ALA G 346 13.13 -15.05 13.48
CA ALA G 346 14.31 -15.83 13.11
C ALA G 346 13.96 -17.30 12.93
N VAL G 347 13.12 -17.84 13.82
CA VAL G 347 12.72 -19.23 13.70
C VAL G 347 11.94 -19.44 12.41
N TYR G 348 10.98 -18.57 12.13
CA TYR G 348 10.21 -18.73 10.91
C TYR G 348 11.10 -18.66 9.67
N LYS G 349 11.94 -17.64 9.58
CA LYS G 349 12.77 -17.44 8.40
C LYS G 349 13.73 -18.61 8.18
N VAL G 350 14.49 -18.97 9.21
CA VAL G 350 15.50 -20.00 9.02
C VAL G 350 14.84 -21.36 8.79
N ALA G 351 13.75 -21.69 9.49
CA ALA G 351 13.07 -22.96 9.27
C ALA G 351 12.49 -23.05 7.86
N GLU G 352 11.88 -21.98 7.36
CA GLU G 352 11.39 -21.94 5.99
C GLU G 352 12.51 -22.10 4.97
N TYR G 353 13.70 -21.51 5.20
CA TYR G 353 14.79 -21.72 4.26
C TYR G 353 15.33 -23.15 4.37
N ALA G 354 15.62 -23.64 5.57
CA ALA G 354 16.28 -24.93 5.81
C ALA G 354 15.42 -26.14 5.40
N ARG G 355 14.10 -26.01 5.46
CA ARG G 355 13.13 -26.98 4.94
C ARG G 355 13.33 -27.29 3.46
N ARG G 356 13.79 -26.33 2.66
CA ARG G 356 14.09 -26.53 1.23
C ARG G 356 15.16 -27.60 1.00
N PHE G 357 16.00 -27.90 2.00
CA PHE G 357 17.06 -28.88 1.89
C PHE G 357 16.88 -30.04 2.85
N GLY G 358 15.70 -30.18 3.49
CA GLY G 358 15.42 -31.26 4.43
C GLY G 358 16.21 -31.17 5.74
N VAL G 359 16.65 -29.98 6.15
CA VAL G 359 17.42 -29.77 7.37
C VAL G 359 16.49 -29.30 8.49
N PRO G 360 16.35 -30.04 9.61
CA PRO G 360 15.57 -29.58 10.76
C PRO G 360 16.31 -28.47 11.54
N ILE G 361 15.57 -27.60 12.24
CA ILE G 361 16.17 -26.53 13.04
C ILE G 361 15.74 -26.61 14.50
N ILE G 362 16.64 -26.22 15.40
CA ILE G 362 16.34 -26.13 16.83
C ILE G 362 16.07 -24.67 17.17
N ALA G 363 14.93 -24.40 17.80
CA ALA G 363 14.63 -23.07 18.31
C ALA G 363 15.24 -22.95 19.70
N ASP G 364 16.27 -22.12 19.83
CA ASP G 364 17.08 -22.09 21.04
C ASP G 364 17.06 -20.69 21.64
N GLY G 365 16.45 -20.55 22.82
CA GLY G 365 16.53 -19.31 23.56
C GLY G 365 15.20 -18.58 23.68
N GLY G 366 14.87 -18.15 24.88
CA GLY G 366 13.69 -17.34 25.09
C GLY G 366 12.43 -18.10 25.35
N ILE G 367 12.51 -19.37 25.67
CA ILE G 367 11.35 -20.19 25.99
C ILE G 367 11.11 -20.12 27.49
N GLN G 368 9.98 -19.54 27.89
CA GLN G 368 9.61 -19.48 29.30
C GLN G 368 8.38 -20.32 29.64
N THR G 369 7.45 -20.45 28.71
CA THR G 369 6.17 -21.09 28.97
C THR G 369 5.96 -22.24 28.00
N VAL G 370 4.91 -23.00 28.25
CA VAL G 370 4.52 -24.04 27.32
C VAL G 370 4.00 -23.44 26.01
N GLY G 371 3.29 -22.32 26.12
CA GLY G 371 2.79 -21.66 24.93
C GLY G 371 3.89 -21.21 24.00
N HIS G 372 5.05 -20.85 24.56
CA HIS G 372 6.21 -20.53 23.75
C HIS G 372 6.69 -21.74 22.96
N VAL G 373 6.70 -22.91 23.60
CA VAL G 373 7.10 -24.13 22.90
C VAL G 373 6.16 -24.41 21.75
N VAL G 374 4.86 -24.27 21.99
CA VAL G 374 3.89 -24.52 20.92
C VAL G 374 4.08 -23.52 19.79
N LYS G 375 4.27 -22.25 20.12
CA LYS G 375 4.47 -21.24 19.09
C LYS G 375 5.72 -21.51 18.27
N ALA G 376 6.80 -21.95 18.92
CA ALA G 376 8.03 -22.25 18.21
C ALA G 376 7.85 -23.42 17.26
N LEU G 377 7.22 -24.50 17.74
CA LEU G 377 7.00 -25.66 16.88
C LEU G 377 6.05 -25.34 15.73
N ALA G 378 5.09 -24.45 15.95
CA ALA G 378 4.19 -24.08 14.88
C ALA G 378 4.84 -23.16 13.85
N LEU G 379 5.89 -22.45 14.23
CA LEU G 379 6.58 -21.56 13.31
C LEU G 379 7.61 -22.27 12.45
N GLY G 380 7.75 -23.59 12.57
CA GLY G 380 8.62 -24.40 11.74
C GLY G 380 9.76 -25.09 12.47
N ALA G 381 10.00 -24.82 13.76
CA ALA G 381 11.04 -25.53 14.48
C ALA G 381 10.70 -27.00 14.61
N SER G 382 11.71 -27.86 14.57
CA SER G 382 11.56 -29.30 14.76
C SER G 382 11.74 -29.70 16.22
N THR G 383 12.68 -29.08 16.93
CA THR G 383 12.92 -29.31 18.35
C THR G 383 13.11 -27.97 19.03
N VAL G 384 13.00 -27.97 20.35
CA VAL G 384 13.14 -26.76 21.16
C VAL G 384 14.22 -27.01 22.20
N MET G 385 15.13 -26.06 22.35
CA MET G 385 16.20 -26.15 23.33
C MET G 385 15.90 -25.22 24.51
N MET G 386 16.09 -25.73 25.71
CA MET G 386 15.77 -24.98 26.92
C MET G 386 16.97 -24.92 27.84
N GLY G 387 17.38 -23.72 28.22
CA GLY G 387 18.31 -23.57 29.31
C GLY G 387 17.68 -23.29 30.65
N SER G 388 16.92 -22.20 30.75
CA SER G 388 16.50 -21.71 32.06
C SER G 388 15.26 -22.41 32.57
N LEU G 389 14.44 -22.96 31.69
CA LEU G 389 13.26 -23.70 32.13
C LEU G 389 13.66 -24.98 32.85
N LEU G 390 14.83 -25.53 32.56
CA LEU G 390 15.31 -26.76 33.18
C LEU G 390 16.38 -26.51 34.22
N ALA G 391 16.80 -25.27 34.41
CA ALA G 391 17.70 -24.95 35.49
C ALA G 391 16.95 -25.02 36.81
N ALA G 392 17.70 -25.20 37.89
CA ALA G 392 17.14 -25.39 39.23
C ALA G 392 16.22 -26.60 39.29
N THR G 393 16.48 -27.59 38.44
CA THR G 393 15.92 -28.91 38.62
C THR G 393 16.93 -29.78 39.31
N THR G 394 16.49 -30.94 39.80
CA THR G 394 17.37 -31.79 40.58
C THR G 394 18.54 -32.29 39.74
N GLU G 395 18.28 -32.64 38.49
CA GLU G 395 19.32 -33.17 37.62
C GLU G 395 20.33 -32.12 37.20
N ALA G 396 20.04 -30.85 37.36
CA ALA G 396 20.94 -29.80 36.92
C ALA G 396 22.23 -29.82 37.76
N PRO G 397 23.35 -29.43 37.17
CA PRO G 397 24.60 -29.40 37.93
C PRO G 397 24.57 -28.30 38.98
N GLY G 398 25.52 -28.36 39.88
CA GLY G 398 25.62 -27.35 40.92
C GLY G 398 24.93 -27.76 42.20
N GLU G 399 24.83 -26.80 43.11
CA GLU G 399 24.32 -27.02 44.45
C GLU G 399 23.15 -26.11 44.73
N TYR G 400 22.22 -26.59 45.54
CA TYR G 400 21.13 -25.76 46.01
C TYR G 400 21.62 -24.83 47.12
N PHE G 401 21.04 -23.64 47.17
CA PHE G 401 21.33 -22.71 48.25
C PHE G 401 20.07 -21.93 48.57
N PHE G 402 20.07 -21.31 49.75
CA PHE G 402 18.92 -20.59 50.25
C PHE G 402 19.17 -19.10 50.28
N SER G 403 18.10 -18.34 50.05
CA SER G 403 18.18 -16.88 50.12
C SER G 403 16.78 -16.34 50.33
N ASP G 404 16.54 -15.72 51.49
CA ASP G 404 15.24 -15.16 51.85
C ASP G 404 14.14 -16.23 51.81
N GLY G 405 14.49 -17.43 52.26
CA GLY G 405 13.49 -18.48 52.37
C GLY G 405 13.05 -19.07 51.05
N VAL G 406 13.85 -18.91 50.00
CA VAL G 406 13.56 -19.49 48.69
C VAL G 406 14.78 -20.29 48.27
N ARG G 407 14.59 -21.59 48.03
CA ARG G 407 15.69 -22.42 47.56
C ARG G 407 16.03 -22.04 46.12
N LEU G 408 17.33 -21.87 45.85
CA LEU G 408 17.78 -21.37 44.56
C LEU G 408 18.95 -22.19 44.05
N LYS G 409 19.07 -22.25 42.73
CA LYS G 409 20.25 -22.79 42.07
C LYS G 409 20.80 -21.73 41.14
N LYS G 410 22.11 -21.71 40.99
CA LYS G 410 22.76 -20.74 40.13
C LYS G 410 22.54 -21.08 38.66
N TYR G 411 22.33 -20.06 37.84
CA TYR G 411 22.19 -20.23 36.39
C TYR G 411 22.80 -19.03 35.71
N ARG G 412 23.87 -19.27 34.95
CA ARG G 412 24.61 -18.21 34.30
C ARG G 412 24.73 -18.51 32.81
N GLY G 413 25.05 -17.47 32.04
CA GLY G 413 25.36 -17.66 30.65
C GLY G 413 26.79 -18.11 30.45
N MET G 414 27.05 -18.66 29.27
CA MET G 414 28.40 -19.09 28.92
C MET G 414 29.31 -17.93 28.58
N GLY G 415 28.75 -16.77 28.25
CA GLY G 415 29.51 -15.57 28.02
C GLY G 415 29.62 -14.63 29.20
N SER G 416 29.02 -14.97 30.34
CA SER G 416 29.19 -14.16 31.53
C SER G 416 30.64 -14.25 32.00
N LEU G 417 31.07 -13.21 32.70
CA LEU G 417 32.47 -13.15 33.12
C LEU G 417 32.83 -14.33 34.01
N ASP G 418 31.91 -14.73 34.89
CA ASP G 418 32.16 -15.86 35.77
C ASP G 418 32.41 -17.13 34.96
N ALA G 419 31.63 -17.34 33.89
CA ALA G 419 31.77 -18.57 33.14
C ALA G 419 33.01 -18.57 32.26
N MET G 420 33.54 -17.40 31.90
CA MET G 420 34.72 -17.34 31.05
C MET G 420 36.02 -17.38 31.83
N GLU G 421 35.97 -17.38 33.16
CA GLU G 421 37.17 -17.50 33.96
C GLU G 421 37.30 -18.90 34.54
N VAL G 437 41.50 -7.45 27.60
CA VAL G 437 40.16 -6.98 27.90
C VAL G 437 39.12 -7.96 27.39
N LYS G 438 38.21 -8.37 28.28
CA LYS G 438 37.18 -9.35 27.96
C LYS G 438 35.81 -8.69 28.03
N ILE G 439 35.11 -8.68 26.91
CA ILE G 439 33.73 -8.21 26.85
C ILE G 439 32.82 -9.32 27.35
N ALA G 440 31.90 -8.99 28.25
CA ALA G 440 30.93 -9.94 28.75
C ALA G 440 29.70 -9.95 27.86
N GLN G 441 29.23 -11.14 27.51
CA GLN G 441 28.08 -11.30 26.64
C GLN G 441 26.93 -12.01 27.32
N GLY G 442 27.01 -12.22 28.63
CA GLY G 442 25.95 -12.87 29.37
C GLY G 442 25.98 -12.42 30.81
N VAL G 443 24.92 -12.76 31.52
CA VAL G 443 24.73 -12.33 32.90
C VAL G 443 24.59 -13.58 33.77
N SER G 444 24.80 -13.42 35.07
CA SER G 444 24.77 -14.52 36.01
C SER G 444 23.71 -14.26 37.07
N GLY G 445 22.89 -15.26 37.34
CA GLY G 445 21.80 -15.14 38.29
C GLY G 445 21.45 -16.44 38.96
N SER G 446 20.20 -16.55 39.41
CA SER G 446 19.74 -17.73 40.11
C SER G 446 18.28 -18.02 39.74
N ILE G 447 17.91 -19.29 39.84
CA ILE G 447 16.57 -19.75 39.52
C ILE G 447 16.01 -20.45 40.75
N GLN G 448 14.69 -20.37 40.92
CA GLN G 448 14.02 -21.02 42.04
C GLN G 448 13.75 -22.48 41.74
N ASP G 449 13.89 -23.32 42.76
CA ASP G 449 13.87 -24.77 42.58
C ASP G 449 12.56 -25.24 41.95
N LYS G 450 12.67 -26.26 41.09
CA LYS G 450 11.54 -26.80 40.35
C LYS G 450 11.31 -28.28 40.56
N GLY G 451 12.24 -29.01 41.17
CA GLY G 451 12.05 -30.44 41.36
C GLY G 451 12.78 -31.27 40.33
N SER G 452 12.24 -32.43 40.01
CA SER G 452 12.91 -33.37 39.12
C SER G 452 12.47 -33.18 37.67
N ILE G 453 13.39 -33.46 36.75
CA ILE G 453 13.06 -33.44 35.33
C ILE G 453 11.95 -34.43 35.02
N GLN G 454 11.94 -35.57 35.69
CA GLN G 454 10.96 -36.62 35.40
C GLN G 454 9.57 -36.30 35.92
N LYS G 455 9.43 -35.22 36.68
CA LYS G 455 8.12 -34.68 37.00
C LYS G 455 7.75 -33.49 36.13
N PHE G 456 8.74 -32.69 35.73
CA PHE G 456 8.47 -31.45 35.04
C PHE G 456 8.25 -31.65 33.55
N VAL G 457 9.02 -32.54 32.92
CA VAL G 457 8.91 -32.78 31.49
C VAL G 457 7.56 -33.38 31.11
N PRO G 458 6.96 -34.30 31.89
CA PRO G 458 5.60 -34.74 31.53
C PRO G 458 4.58 -33.63 31.54
N TYR G 459 4.70 -32.66 32.45
CA TYR G 459 3.81 -31.50 32.43
C TYR G 459 3.96 -30.72 31.13
N LEU G 460 5.20 -30.53 30.69
CA LEU G 460 5.44 -29.87 29.42
C LEU G 460 4.82 -30.63 28.26
N ILE G 461 4.99 -31.96 28.26
CA ILE G 461 4.45 -32.77 27.16
C ILE G 461 2.94 -32.66 27.11
N ALA G 462 2.29 -32.69 28.28
CA ALA G 462 0.83 -32.57 28.30
C ALA G 462 0.39 -31.20 27.81
N GLY G 463 1.07 -30.13 28.23
CA GLY G 463 0.75 -28.82 27.72
C GLY G 463 0.88 -28.71 26.22
N ILE G 464 1.94 -29.31 25.67
CA ILE G 464 2.14 -29.29 24.22
C ILE G 464 1.02 -30.03 23.51
N GLN G 465 0.67 -31.21 24.02
CA GLN G 465 -0.37 -32.01 23.40
C GLN G 465 -1.70 -31.27 23.43
N HIS G 466 -1.97 -30.56 24.52
CA HIS G 466 -3.23 -29.84 24.63
C HIS G 466 -3.28 -28.63 23.71
N GLY G 467 -2.17 -27.89 23.62
CA GLY G 467 -2.12 -26.82 22.64
C GLY G 467 -2.31 -27.32 21.22
N CYS G 468 -1.70 -28.45 20.89
CA CYS G 468 -1.87 -29.02 19.55
C CYS G 468 -3.31 -29.44 19.31
N GLN G 469 -3.96 -30.03 20.31
CA GLN G 469 -5.35 -30.42 20.14
C GLN G 469 -6.26 -29.21 19.94
N ASP G 470 -6.02 -28.14 20.71
CA ASP G 470 -6.81 -26.93 20.52
C ASP G 470 -6.60 -26.33 19.13
N ILE G 471 -5.37 -26.40 18.62
CA ILE G 471 -5.09 -25.94 17.26
C ILE G 471 -5.80 -26.82 16.25
N GLY G 472 -5.90 -28.11 16.51
CA GLY G 472 -6.48 -29.04 15.58
C GLY G 472 -5.50 -29.89 14.83
N ALA G 473 -4.34 -30.18 15.40
CA ALA G 473 -3.28 -30.93 14.73
C ALA G 473 -2.95 -32.16 15.56
N ARG G 474 -3.00 -33.33 14.95
CA ARG G 474 -2.78 -34.56 15.69
C ARG G 474 -1.32 -34.96 15.80
N SER G 475 -0.42 -34.30 15.08
CA SER G 475 1.02 -34.49 15.26
C SER G 475 1.72 -33.17 14.96
N LEU G 476 3.02 -33.11 15.24
CA LEU G 476 3.83 -31.92 14.96
C LEU G 476 4.19 -31.76 13.47
N SER G 477 4.39 -32.87 12.75
CA SER G 477 4.55 -32.83 11.30
C SER G 477 3.27 -32.36 10.59
N VAL G 478 2.09 -32.78 11.04
CA VAL G 478 0.80 -32.25 10.59
C VAL G 478 0.66 -30.77 10.92
N LEU G 479 1.13 -30.31 12.08
CA LEU G 479 1.04 -28.91 12.45
C LEU G 479 1.86 -28.03 11.52
N ARG G 480 3.12 -28.40 11.25
CA ARG G 480 3.97 -27.65 10.32
C ARG G 480 3.45 -27.74 8.89
N SER G 481 2.87 -28.87 8.50
CA SER G 481 2.17 -29.01 7.22
C SER G 481 1.00 -28.04 7.09
N MET G 482 0.16 -27.89 8.13
CA MET G 482 -0.90 -26.88 8.17
C MET G 482 -0.35 -25.47 8.11
N MET G 483 0.82 -25.20 8.72
CA MET G 483 1.38 -23.86 8.68
C MET G 483 1.91 -23.51 7.29
N TYR G 484 2.64 -24.40 6.62
CA TYR G 484 3.21 -24.09 5.31
C TYR G 484 2.15 -24.03 4.21
N SER G 485 1.06 -24.79 4.32
CA SER G 485 -0.07 -24.77 3.38
C SER G 485 -1.07 -23.62 3.59
N GLY G 486 -0.96 -22.82 4.66
CA GLY G 486 -1.88 -21.73 4.89
C GLY G 486 -3.13 -22.09 5.66
N GLU G 487 -3.30 -23.37 6.03
CA GLU G 487 -4.46 -23.75 6.82
C GLU G 487 -4.38 -23.17 8.24
N LEU G 488 -3.21 -23.24 8.85
CA LEU G 488 -3.02 -22.65 10.16
C LEU G 488 -3.05 -21.14 10.09
N LYS G 489 -3.82 -20.51 10.97
CA LYS G 489 -3.99 -19.07 10.96
C LYS G 489 -3.45 -18.45 12.25
N PHE G 490 -3.04 -17.20 12.14
CA PHE G 490 -2.37 -16.49 13.22
C PHE G 490 -3.05 -15.14 13.42
N GLU G 491 -2.59 -14.43 14.44
CA GLU G 491 -3.19 -13.16 14.83
C GLU G 491 -2.15 -12.34 15.57
N LYS G 492 -2.04 -11.07 15.24
CA LYS G 492 -1.14 -10.20 15.98
C LYS G 492 -1.77 -9.76 17.29
N ARG G 493 -0.94 -9.20 18.16
CA ARG G 493 -1.37 -8.73 19.47
C ARG G 493 -0.79 -7.35 19.72
N THR G 494 -1.66 -6.39 19.96
CA THR G 494 -1.22 -5.11 20.49
C THR G 494 -0.74 -5.29 21.92
N MET G 495 -0.27 -4.21 22.53
CA MET G 495 0.11 -4.30 23.93
C MET G 495 -1.12 -4.48 24.81
N SER G 496 -2.23 -3.82 24.45
CA SER G 496 -3.47 -4.02 25.19
C SER G 496 -3.98 -5.45 25.05
N ALA G 497 -3.77 -6.07 23.89
CA ALA G 497 -4.18 -7.45 23.71
C ALA G 497 -3.38 -8.38 24.60
N GLN G 498 -2.09 -8.10 24.78
CA GLN G 498 -1.28 -8.92 25.66
C GLN G 498 -1.66 -8.70 27.11
N ILE G 499 -2.01 -7.47 27.49
CA ILE G 499 -2.50 -7.23 28.85
C ILE G 499 -3.78 -7.99 29.10
N GLU G 500 -4.72 -7.94 28.15
CA GLU G 500 -5.96 -8.70 28.29
C GLU G 500 -5.69 -10.20 28.33
N GLY G 501 -4.65 -10.66 27.64
CA GLY G 501 -4.38 -12.07 27.57
C GLY G 501 -3.91 -12.68 28.87
N GLY G 502 -3.32 -11.89 29.75
CA GLY G 502 -2.90 -12.36 31.05
C GLY G 502 -3.96 -12.16 32.11
N VAL G 503 -3.55 -12.37 33.36
CA VAL G 503 -4.46 -12.18 34.49
C VAL G 503 -4.64 -10.69 34.72
N HIS G 504 -5.85 -10.28 35.07
CA HIS G 504 -6.14 -8.87 35.24
C HIS G 504 -7.45 -8.71 36.00
N GLY G 505 -7.62 -7.55 36.61
CA GLY G 505 -8.89 -7.18 37.21
C GLY G 505 -9.16 -7.76 38.59
N LEU G 506 -8.27 -8.56 39.14
CA LEU G 506 -8.52 -9.16 40.44
C LEU G 506 -7.77 -8.42 41.53
N HIS G 507 -8.27 -8.55 42.76
CA HIS G 507 -7.59 -7.95 43.90
C HIS G 507 -6.34 -8.73 44.28
N SER G 508 -6.33 -10.03 44.02
CA SER G 508 -5.21 -10.91 44.31
C SER G 508 -5.44 -12.22 43.57
N TYR G 509 -4.40 -13.06 43.50
CA TYR G 509 -4.51 -14.38 42.90
C TYR G 509 -3.25 -15.15 43.18
N THR G 510 -3.33 -16.47 43.05
CA THR G 510 -2.20 -17.37 43.26
C THR G 510 -2.05 -18.29 42.06
N PHE G 511 -0.83 -18.42 41.56
CA PHE G 511 -0.54 -19.23 40.39
C PHE G 511 -0.18 -20.66 40.80
N LEU G 512 -0.70 -21.63 40.05
CA LEU G 512 -0.39 -23.04 40.29
C LEU G 512 -0.46 -23.79 38.97
N PRO G 513 0.68 -24.06 38.33
CA PRO G 513 0.67 -24.71 37.01
C PRO G 513 0.26 -26.17 37.04
N PHE G 514 0.79 -26.92 38.01
CA PHE G 514 0.62 -28.37 38.09
C PHE G 514 1.24 -29.06 36.88
N MET H 1 -36.70 20.37 -5.46
CA MET H 1 -37.11 21.70 -5.03
C MET H 1 -35.96 22.34 -4.25
N ALA H 2 -35.07 21.48 -3.77
CA ALA H 2 -34.05 21.86 -2.81
C ALA H 2 -32.82 20.96 -2.97
N ASP H 3 -32.00 20.89 -1.92
CA ASP H 3 -30.96 19.87 -1.87
C ASP H 3 -31.55 18.46 -2.01
N TYR H 4 -32.85 18.25 -1.79
CA TYR H 4 -33.49 16.93 -1.90
C TYR H 4 -33.35 16.26 -3.29
N LEU H 5 -33.21 17.04 -4.37
CA LEU H 5 -32.97 16.47 -5.70
C LEU H 5 -31.52 16.05 -5.94
N ILE H 6 -30.54 16.73 -5.37
CA ILE H 6 -29.14 16.26 -5.46
C ILE H 6 -29.03 14.91 -4.74
N SER H 7 -29.55 14.78 -3.52
CA SER H 7 -29.85 13.50 -2.84
C SER H 7 -30.94 13.67 -1.79
N GLY H 8 -31.75 12.64 -1.55
CA GLY H 8 -32.94 12.71 -0.68
C GLY H 8 -32.58 12.74 0.81
N GLY H 9 -32.57 11.57 1.45
CA GLY H 9 -32.12 11.45 2.85
C GLY H 9 -30.60 11.61 3.02
N THR H 10 -29.82 11.27 2.00
CA THR H 10 -28.36 11.23 2.03
C THR H 10 -27.72 12.63 1.85
N GLY H 11 -27.95 13.53 2.81
CA GLY H 11 -27.36 14.86 2.84
C GLY H 11 -25.88 14.80 3.18
N TYR H 12 -25.22 15.93 2.99
CA TYR H 12 -23.77 15.96 3.14
C TYR H 12 -23.38 15.86 4.60
N VAL H 13 -22.57 14.86 4.92
CA VAL H 13 -22.00 14.71 6.24
C VAL H 13 -20.50 14.53 6.03
N PRO H 14 -19.67 15.42 6.57
CA PRO H 14 -18.22 15.25 6.39
C PRO H 14 -17.75 13.91 6.93
N GLU H 15 -16.86 13.27 6.18
CA GLU H 15 -16.37 11.94 6.52
C GLU H 15 -15.15 12.07 7.43
N ASP H 16 -15.26 11.52 8.64
CA ASP H 16 -14.17 11.60 9.60
C ASP H 16 -14.19 10.35 10.46
N GLY H 17 -13.07 9.64 10.51
CA GLY H 17 -12.98 8.38 11.22
C GLY H 17 -13.17 7.19 10.30
N LEU H 18 -12.95 6.01 10.88
CA LEU H 18 -13.00 4.77 10.13
C LEU H 18 -14.29 4.03 10.40
N THR H 19 -14.82 3.37 9.37
CA THR H 19 -15.88 2.42 9.61
C THR H 19 -15.31 1.19 10.31
N ALA H 20 -16.19 0.38 10.88
CA ALA H 20 -15.73 -0.82 11.56
C ALA H 20 -15.00 -1.76 10.61
N GLN H 21 -15.41 -1.82 9.34
CA GLN H 21 -14.71 -2.62 8.35
C GLN H 21 -13.27 -2.13 8.14
N GLN H 22 -13.06 -0.81 8.07
CA GLN H 22 -11.72 -0.28 7.88
C GLN H 22 -10.88 -0.32 9.14
N LEU H 23 -11.50 -0.38 10.31
CA LEU H 23 -10.75 -0.47 11.55
C LEU H 23 -10.09 -1.84 11.69
N PHE H 24 -10.76 -2.90 11.29
CA PHE H 24 -10.23 -4.25 11.42
C PHE H 24 -9.54 -4.73 10.17
N ALA H 25 -9.30 -3.84 9.20
CA ALA H 25 -8.66 -4.26 7.96
C ALA H 25 -7.16 -4.35 8.08
N SER H 26 -6.56 -3.62 9.03
CA SER H 26 -5.12 -3.58 9.17
C SER H 26 -4.55 -4.81 9.88
N ALA H 27 -5.39 -5.70 10.39
CA ALA H 27 -4.98 -6.97 10.95
C ALA H 27 -4.13 -6.82 12.21
N ASP H 28 -4.28 -5.72 12.94
CA ASP H 28 -3.77 -5.69 14.29
C ASP H 28 -4.73 -6.46 15.19
N GLY H 29 -4.20 -7.03 16.26
CA GLY H 29 -5.05 -7.67 17.22
C GLY H 29 -5.66 -6.68 18.19
N LEU H 30 -6.71 -5.98 17.77
CA LEU H 30 -7.30 -4.93 18.60
C LEU H 30 -8.16 -5.51 19.71
N THR H 31 -8.06 -4.92 20.89
CA THR H 31 -8.95 -5.17 22.00
C THR H 31 -9.75 -3.92 22.30
N TYR H 32 -10.57 -4.00 23.35
CA TYR H 32 -11.47 -2.91 23.68
C TYR H 32 -10.73 -1.61 23.98
N ASN H 33 -9.54 -1.68 24.56
CA ASN H 33 -8.80 -0.48 24.90
C ASN H 33 -8.10 0.16 23.72
N ASP H 34 -8.07 -0.50 22.57
CA ASP H 34 -7.30 0.00 21.43
C ASP H 34 -8.05 1.02 20.59
N PHE H 35 -9.35 1.22 20.82
CA PHE H 35 -10.13 2.07 19.94
C PHE H 35 -11.18 2.82 20.74
N LEU H 36 -11.80 3.80 20.09
CA LEU H 36 -12.90 4.57 20.63
C LEU H 36 -14.00 4.66 19.58
N ILE H 37 -15.18 5.06 20.01
CA ILE H 37 -16.28 5.39 19.12
C ILE H 37 -16.39 6.91 19.04
N LEU H 38 -16.53 7.43 17.85
CA LEU H 38 -16.70 8.86 17.67
C LEU H 38 -18.14 9.27 17.95
N PRO H 39 -18.35 10.45 18.53
CA PRO H 39 -19.70 10.87 18.85
C PRO H 39 -20.50 11.29 17.63
N GLY H 40 -21.82 11.19 17.76
CA GLY H 40 -22.73 11.48 16.68
C GLY H 40 -23.58 12.70 16.91
N PHE H 41 -24.89 12.58 16.69
CA PHE H 41 -25.83 13.68 16.83
C PHE H 41 -26.89 13.30 17.85
N ILE H 42 -27.12 14.15 18.83
CA ILE H 42 -28.06 13.88 19.92
C ILE H 42 -29.38 14.57 19.62
N ASP H 43 -30.46 13.81 19.60
CA ASP H 43 -31.79 14.40 19.51
C ASP H 43 -32.81 13.69 20.40
N PHE H 44 -32.37 12.92 21.38
CA PHE H 44 -33.23 12.22 22.31
C PHE H 44 -32.57 12.31 23.67
N ILE H 45 -33.26 11.86 24.71
CA ILE H 45 -32.66 11.86 26.03
C ILE H 45 -32.19 10.45 26.35
N ALA H 46 -31.22 10.36 27.25
CA ALA H 46 -30.60 9.07 27.53
C ALA H 46 -31.57 8.04 28.09
N ASP H 47 -32.73 8.48 28.59
CA ASP H 47 -33.68 7.52 29.16
C ASP H 47 -34.58 6.88 28.13
N GLU H 48 -34.65 7.42 26.92
CA GLU H 48 -35.40 6.76 25.87
C GLU H 48 -34.63 5.63 25.21
N VAL H 49 -33.36 5.45 25.56
CA VAL H 49 -32.55 4.46 24.87
C VAL H 49 -33.07 3.07 25.19
N ASP H 50 -33.42 2.33 24.15
CA ASP H 50 -34.01 1.01 24.26
C ASP H 50 -32.90 -0.04 24.24
N LEU H 51 -32.89 -0.92 25.23
CA LEU H 51 -31.82 -1.89 25.38
C LEU H 51 -32.25 -3.31 25.07
N THR H 52 -33.34 -3.48 24.32
CA THR H 52 -33.90 -4.78 23.94
C THR H 52 -32.90 -5.61 23.13
N SER H 53 -32.69 -6.87 23.49
CA SER H 53 -31.58 -7.70 23.01
C SER H 53 -31.99 -9.14 22.71
N ALA H 54 -31.59 -9.69 21.57
CA ALA H 54 -31.80 -11.11 21.29
C ALA H 54 -30.77 -11.96 22.03
N LEU H 55 -31.20 -12.92 22.85
CA LEU H 55 -30.29 -13.88 23.45
C LEU H 55 -30.08 -15.08 22.54
N THR H 56 -31.14 -15.61 21.97
CA THR H 56 -31.07 -16.69 21.00
C THR H 56 -31.92 -16.30 19.80
N ARG H 57 -32.16 -17.23 18.88
CA ARG H 57 -33.06 -16.95 17.78
C ARG H 57 -34.47 -16.67 18.28
N LYS H 58 -34.86 -17.26 19.40
CA LYS H 58 -36.24 -17.21 19.86
C LYS H 58 -36.45 -16.52 21.20
N ILE H 59 -35.41 -16.07 21.88
CA ILE H 59 -35.57 -15.48 23.21
C ILE H 59 -35.06 -14.06 23.18
N THR H 60 -35.84 -13.12 23.73
CA THR H 60 -35.48 -11.70 23.84
C THR H 60 -35.43 -11.26 25.29
N LEU H 61 -34.38 -10.53 25.66
CA LEU H 61 -34.20 -9.85 26.94
C LEU H 61 -34.48 -8.35 26.78
N LYS H 62 -34.86 -7.66 27.86
CA LYS H 62 -34.99 -6.22 27.88
C LYS H 62 -33.68 -5.52 28.17
N THR H 63 -32.68 -6.26 28.63
CA THR H 63 -31.37 -5.78 29.05
C THR H 63 -30.33 -6.71 28.47
N PRO H 64 -29.20 -6.20 28.04
CA PRO H 64 -28.20 -7.06 27.40
C PRO H 64 -27.23 -7.80 28.31
N LEU H 65 -27.50 -7.93 29.62
CA LEU H 65 -26.51 -8.44 30.56
C LEU H 65 -26.79 -9.88 30.96
N ILE H 66 -25.75 -10.70 30.95
CA ILE H 66 -25.82 -12.11 31.35
C ILE H 66 -24.76 -12.35 32.41
N SER H 67 -25.13 -13.11 33.44
CA SER H 67 -24.14 -13.56 34.41
C SER H 67 -23.57 -14.90 33.96
N SER H 68 -22.28 -15.05 34.13
CA SER H 68 -21.56 -16.16 33.56
C SER H 68 -21.75 -17.44 34.38
N PRO H 69 -21.78 -18.59 33.72
CA PRO H 69 -21.98 -19.88 34.42
C PRO H 69 -20.74 -20.37 35.15
N MET H 70 -20.38 -19.66 36.21
CA MET H 70 -19.22 -20.01 37.04
C MET H 70 -19.68 -20.23 38.46
N ASP H 71 -18.96 -21.09 39.19
CA ASP H 71 -19.40 -21.51 40.51
C ASP H 71 -19.15 -20.45 41.58
N THR H 72 -18.51 -19.35 41.24
CA THR H 72 -18.44 -18.20 42.12
C THR H 72 -19.27 -17.04 41.61
N VAL H 73 -20.12 -17.27 40.61
CA VAL H 73 -20.93 -16.20 40.05
C VAL H 73 -22.41 -16.53 40.14
N THR H 74 -22.84 -17.64 39.54
CA THR H 74 -24.25 -17.85 39.28
C THR H 74 -24.76 -19.13 39.91
N GLU H 75 -25.69 -18.96 40.86
CA GLU H 75 -26.56 -20.02 41.34
C GLU H 75 -27.95 -19.39 41.38
N ALA H 76 -28.89 -20.01 42.08
CA ALA H 76 -30.27 -19.55 42.00
C ALA H 76 -30.43 -18.07 42.34
N ASP H 77 -29.66 -17.56 43.30
CA ASP H 77 -29.85 -16.18 43.73
C ASP H 77 -29.43 -15.19 42.65
N MET H 78 -28.24 -15.39 42.10
CA MET H 78 -27.79 -14.55 41.00
C MET H 78 -28.71 -14.65 39.80
N ALA H 79 -29.24 -15.86 39.53
CA ALA H 79 -30.13 -16.03 38.39
C ALA H 79 -31.45 -15.30 38.59
N ILE H 80 -32.02 -15.38 39.79
CA ILE H 80 -33.25 -14.66 40.08
C ILE H 80 -33.03 -13.16 39.94
N ALA H 81 -31.92 -12.66 40.49
CA ALA H 81 -31.68 -11.22 40.42
C ALA H 81 -31.42 -10.75 38.99
N MET H 82 -30.64 -11.49 38.23
CA MET H 82 -30.40 -11.10 36.84
C MET H 82 -31.68 -11.11 36.04
N ALA H 83 -32.53 -12.11 36.25
CA ALA H 83 -33.81 -12.12 35.56
C ALA H 83 -34.67 -10.93 35.96
N LEU H 84 -34.70 -10.59 37.24
CA LEU H 84 -35.52 -9.48 37.68
C LEU H 84 -35.01 -8.15 37.12
N MET H 85 -33.70 -8.01 36.94
CA MET H 85 -33.18 -6.77 36.41
C MET H 85 -33.30 -6.65 34.91
N GLY H 86 -33.69 -7.71 34.21
CA GLY H 86 -33.87 -7.66 32.78
C GLY H 86 -32.93 -8.52 31.97
N GLY H 87 -32.05 -9.28 32.60
CA GLY H 87 -31.20 -10.19 31.87
C GLY H 87 -31.50 -11.63 32.18
N ILE H 88 -30.46 -12.41 32.43
CA ILE H 88 -30.60 -13.83 32.67
C ILE H 88 -29.29 -14.33 33.26
N GLY H 89 -29.35 -15.40 34.03
CA GLY H 89 -28.15 -16.06 34.49
C GLY H 89 -28.12 -17.50 34.02
N PHE H 90 -26.93 -18.08 33.92
CA PHE H 90 -26.77 -19.49 33.57
C PHE H 90 -26.22 -20.21 34.78
N ILE H 91 -26.98 -21.17 35.32
CA ILE H 91 -26.51 -21.94 36.45
C ILE H 91 -25.32 -22.77 36.04
N HIS H 92 -24.25 -22.67 36.82
CA HIS H 92 -23.04 -23.43 36.53
C HIS H 92 -23.26 -24.91 36.79
N HIS H 93 -22.37 -25.73 36.23
CA HIS H 93 -22.47 -27.17 36.34
C HIS H 93 -21.28 -27.81 37.05
N ASN H 94 -20.59 -27.06 37.90
CA ASN H 94 -19.55 -27.64 38.75
C ASN H 94 -20.19 -28.18 40.02
N CYS H 95 -21.05 -29.16 39.84
CA CYS H 95 -21.90 -29.67 40.91
C CYS H 95 -22.54 -30.96 40.40
N THR H 96 -23.36 -31.58 41.23
CA THR H 96 -24.10 -32.75 40.79
C THR H 96 -25.28 -32.33 39.93
N PRO H 97 -25.75 -33.21 39.05
CA PRO H 97 -26.96 -32.89 38.29
C PRO H 97 -28.15 -32.55 39.16
N GLU H 98 -28.29 -33.20 40.31
CA GLU H 98 -29.42 -32.94 41.18
C GLU H 98 -29.34 -31.56 41.83
N PHE H 99 -28.15 -31.14 42.23
CA PHE H 99 -27.97 -29.81 42.78
C PHE H 99 -28.32 -28.73 41.75
N GLN H 100 -27.83 -28.89 40.52
CA GLN H 100 -28.11 -27.90 39.47
C GLN H 100 -29.58 -27.89 39.12
N ALA H 101 -30.21 -29.06 39.06
CA ALA H 101 -31.65 -29.09 38.78
C ALA H 101 -32.43 -28.43 39.90
N ASN H 102 -31.97 -28.58 41.14
CA ASN H 102 -32.62 -27.92 42.27
C ASN H 102 -32.50 -26.40 42.16
N GLU H 103 -31.33 -25.90 41.75
CA GLU H 103 -31.17 -24.46 41.55
C GLU H 103 -32.11 -23.95 40.47
N VAL H 104 -32.18 -24.67 39.35
CA VAL H 104 -33.07 -24.25 38.27
C VAL H 104 -34.52 -24.24 38.76
N ARG H 105 -34.92 -25.27 39.49
CA ARG H 105 -36.28 -25.32 40.01
C ARG H 105 -36.57 -24.16 40.95
N LYS H 106 -35.60 -23.78 41.78
CA LYS H 106 -35.81 -22.63 42.65
C LYS H 106 -36.02 -21.36 41.86
N VAL H 107 -35.27 -21.19 40.77
CA VAL H 107 -35.48 -20.02 39.92
C VAL H 107 -36.85 -20.06 39.26
N LYS H 108 -37.27 -21.23 38.81
CA LYS H 108 -38.52 -21.33 38.05
C LYS H 108 -39.77 -21.29 38.93
N LYS H 109 -39.63 -21.24 40.24
CA LYS H 109 -40.76 -21.21 41.15
C LYS H 109 -40.75 -19.99 42.06
N PHE H 110 -40.20 -18.87 41.60
CA PHE H 110 -39.82 -17.78 42.48
C PHE H 110 -41.02 -17.00 43.00
N GLU H 111 -41.79 -16.38 42.09
CA GLU H 111 -43.04 -15.73 42.44
C GLU H 111 -42.84 -14.64 43.50
N GLN H 112 -42.20 -13.57 43.07
CA GLN H 112 -41.82 -12.44 43.91
C GLN H 112 -42.90 -12.04 44.91
N GLY H 113 -42.49 -11.92 46.18
CA GLY H 113 -43.40 -11.58 47.26
C GLY H 113 -43.63 -12.77 48.17
N PHE H 114 -43.72 -13.95 47.59
CA PHE H 114 -44.02 -15.17 48.33
C PHE H 114 -42.74 -15.74 48.93
N ILE H 115 -42.80 -16.97 49.41
CA ILE H 115 -41.65 -17.68 49.94
C ILE H 115 -41.45 -18.94 49.12
N THR H 116 -40.26 -19.08 48.53
CA THR H 116 -39.94 -20.27 47.77
C THR H 116 -39.35 -21.31 48.72
N ASP H 117 -39.86 -22.53 48.64
CA ASP H 117 -39.50 -23.63 49.53
C ASP H 117 -39.73 -23.25 50.99
N PRO H 118 -40.98 -23.11 51.43
CA PRO H 118 -41.23 -22.85 52.84
C PRO H 118 -40.92 -24.07 53.69
N VAL H 119 -40.39 -23.82 54.89
CA VAL H 119 -40.04 -24.90 55.81
C VAL H 119 -41.27 -25.65 56.26
N ALA H 188 -56.93 -17.94 53.72
CA ALA H 188 -56.05 -18.62 52.79
C ALA H 188 -56.66 -18.71 51.40
N PRO H 189 -56.68 -17.59 50.68
CA PRO H 189 -57.33 -17.56 49.37
C PRO H 189 -56.53 -18.26 48.30
N ALA H 190 -57.00 -18.20 47.05
CA ALA H 190 -56.29 -18.79 45.92
C ALA H 190 -55.18 -17.85 45.45
N GLY H 191 -54.72 -18.03 44.22
CA GLY H 191 -53.70 -17.15 43.69
C GLY H 191 -54.09 -15.69 43.87
N VAL H 192 -53.39 -15.02 44.76
CA VAL H 192 -53.79 -13.71 45.26
C VAL H 192 -52.72 -12.71 44.85
N THR H 193 -53.14 -11.65 44.16
CA THR H 193 -52.22 -10.60 43.77
C THR H 193 -51.58 -9.95 45.00
N LEU H 194 -50.36 -9.44 44.83
CA LEU H 194 -49.68 -8.79 45.93
C LEU H 194 -50.46 -7.57 46.43
N LYS H 195 -51.05 -6.81 45.51
CA LYS H 195 -51.73 -5.59 45.91
C LYS H 195 -52.92 -5.88 46.82
N GLU H 196 -53.50 -7.07 46.71
CA GLU H 196 -54.53 -7.45 47.67
C GLU H 196 -53.94 -7.55 49.07
N ALA H 197 -52.90 -8.36 49.23
CA ALA H 197 -52.26 -8.51 50.53
C ALA H 197 -51.56 -7.23 50.97
N ASN H 198 -51.24 -6.34 50.03
CA ASN H 198 -50.54 -5.07 50.26
C ASN H 198 -49.49 -5.14 51.36
N LYS H 208 -47.50 -13.05 58.96
CA LYS H 208 -47.61 -14.14 57.99
C LYS H 208 -49.04 -14.29 57.49
N LEU H 209 -49.19 -14.53 56.19
CA LEU H 209 -50.50 -14.69 55.55
C LEU H 209 -50.43 -15.97 54.72
N PRO H 210 -50.86 -17.09 55.29
CA PRO H 210 -50.87 -18.34 54.52
C PRO H 210 -51.89 -18.32 53.40
N ILE H 211 -51.53 -18.96 52.29
CA ILE H 211 -52.40 -19.06 51.14
C ILE H 211 -53.01 -20.46 51.08
N LEU H 218 -51.78 -26.58 52.56
CA LEU H 218 -51.08 -25.31 52.38
C LEU H 218 -50.30 -25.30 51.07
N VAL H 219 -50.46 -24.24 50.29
CA VAL H 219 -49.80 -24.13 49.00
C VAL H 219 -48.80 -22.99 48.94
N ALA H 220 -48.97 -21.94 49.74
CA ALA H 220 -48.06 -20.81 49.69
C ALA H 220 -48.16 -20.02 50.99
N ILE H 221 -47.04 -19.39 51.35
CA ILE H 221 -46.95 -18.57 52.54
C ILE H 221 -46.30 -17.24 52.17
N ILE H 222 -46.70 -16.18 52.86
CA ILE H 222 -46.12 -14.86 52.70
C ILE H 222 -45.59 -14.40 54.05
N ALA H 223 -44.42 -13.77 54.05
CA ALA H 223 -43.92 -13.04 55.20
C ALA H 223 -44.12 -11.55 54.93
N ARG H 224 -44.71 -10.85 55.89
CA ARG H 224 -45.16 -9.48 55.62
C ARG H 224 -43.97 -8.54 55.41
N THR H 225 -42.80 -8.86 55.97
CA THR H 225 -41.63 -8.04 55.70
C THR H 225 -41.22 -8.14 54.24
N ASP H 226 -41.30 -9.33 53.66
CA ASP H 226 -40.98 -9.50 52.24
C ASP H 226 -41.93 -8.71 51.37
N LEU H 227 -43.16 -8.49 51.84
CA LEU H 227 -44.12 -7.66 51.12
C LEU H 227 -43.93 -6.18 51.37
N LYS H 228 -43.38 -5.79 52.52
CA LYS H 228 -43.12 -4.39 52.78
C LYS H 228 -41.90 -3.90 52.02
N LYS H 229 -40.91 -4.78 51.85
CA LYS H 229 -39.75 -4.44 51.03
C LYS H 229 -39.95 -4.92 49.59
N ASN H 230 -41.07 -4.49 49.01
CA ASN H 230 -41.45 -4.86 47.66
C ASN H 230 -41.04 -3.76 46.69
N ARG H 231 -40.62 -4.17 45.50
CA ARG H 231 -40.24 -3.27 44.42
C ARG H 231 -40.98 -3.63 43.15
N ASP H 232 -40.93 -2.72 42.20
CA ASP H 232 -41.45 -2.98 40.86
C ASP H 232 -40.33 -3.48 39.98
N TYR H 233 -40.68 -4.29 38.99
CA TYR H 233 -39.72 -4.85 38.05
C TYR H 233 -40.31 -4.80 36.64
N PRO H 234 -40.29 -3.64 36.01
CA PRO H 234 -40.89 -3.52 34.68
C PRO H 234 -40.20 -4.36 33.61
N LEU H 235 -38.97 -4.80 33.83
CA LEU H 235 -38.18 -5.49 32.82
C LEU H 235 -37.89 -6.94 33.20
N ALA H 236 -38.79 -7.59 33.94
CA ALA H 236 -38.46 -8.76 34.73
C ALA H 236 -38.11 -10.02 33.93
N SER H 237 -38.09 -10.03 32.60
CA SER H 237 -37.48 -11.14 31.84
C SER H 237 -38.16 -12.48 32.15
N LYS H 238 -39.39 -12.62 31.68
CA LYS H 238 -40.23 -13.76 32.01
C LYS H 238 -40.59 -14.56 30.77
N ASP H 239 -41.06 -15.78 31.00
CA ASP H 239 -41.50 -16.66 29.92
C ASP H 239 -43.02 -16.57 29.75
N SER H 240 -43.58 -17.47 28.95
CA SER H 240 -45.01 -17.44 28.65
C SER H 240 -45.84 -17.65 29.91
N GLN H 241 -45.42 -18.58 30.76
CA GLN H 241 -46.14 -18.87 31.99
C GLN H 241 -45.83 -17.90 33.12
N LYS H 242 -45.21 -16.76 32.81
CA LYS H 242 -44.98 -15.67 33.76
C LYS H 242 -43.95 -16.04 34.81
N GLN H 243 -43.11 -17.02 34.53
CA GLN H 243 -42.01 -17.40 35.41
C GLN H 243 -40.72 -16.78 34.92
N LEU H 244 -39.76 -16.64 35.82
CA LEU H 244 -38.46 -16.10 35.45
C LEU H 244 -37.74 -17.05 34.50
N LEU H 245 -37.03 -16.47 33.54
CA LEU H 245 -36.19 -17.24 32.63
C LEU H 245 -34.95 -17.73 33.34
N CYS H 246 -34.46 -18.90 32.93
CA CYS H 246 -33.26 -19.46 33.53
C CYS H 246 -32.48 -20.24 32.49
N GLY H 247 -31.16 -20.15 32.56
CA GLY H 247 -30.28 -20.95 31.75
C GLY H 247 -29.48 -21.92 32.60
N ALA H 248 -28.76 -22.80 31.92
CA ALA H 248 -27.92 -23.77 32.60
C ALA H 248 -26.77 -24.16 31.70
N ALA H 249 -25.61 -24.39 32.29
CA ALA H 249 -24.45 -24.89 31.57
C ALA H 249 -24.42 -26.41 31.63
N VAL H 250 -23.84 -27.01 30.60
CA VAL H 250 -23.73 -28.45 30.45
C VAL H 250 -22.47 -28.73 29.64
N GLY H 251 -21.79 -29.82 29.96
CA GLY H 251 -20.63 -30.26 29.21
C GLY H 251 -21.00 -31.07 27.98
N THR H 252 -20.00 -31.69 27.37
CA THR H 252 -20.23 -32.48 26.17
C THR H 252 -19.87 -33.94 26.35
N ARG H 253 -19.93 -34.44 27.57
CA ARG H 253 -19.61 -35.84 27.80
C ARG H 253 -20.91 -36.65 27.92
N GLU H 254 -20.77 -37.96 28.04
CA GLU H 254 -21.96 -38.81 28.03
C GLU H 254 -22.77 -38.67 29.30
N ASP H 255 -22.13 -38.31 30.41
CA ASP H 255 -22.87 -38.11 31.65
C ASP H 255 -23.80 -36.91 31.55
N ASP H 256 -23.49 -35.96 30.68
CA ASP H 256 -24.28 -34.75 30.55
C ASP H 256 -25.66 -35.00 29.98
N LYS H 257 -25.89 -36.15 29.36
CA LYS H 257 -27.23 -36.44 28.86
C LYS H 257 -28.23 -36.61 30.00
N TYR H 258 -27.80 -37.24 31.09
CA TYR H 258 -28.68 -37.39 32.24
C TYR H 258 -28.90 -36.06 32.96
N ARG H 259 -27.84 -35.26 33.07
CA ARG H 259 -27.99 -33.92 33.63
C ARG H 259 -28.95 -33.10 32.80
N LEU H 260 -28.91 -33.27 31.48
CA LEU H 260 -29.81 -32.54 30.61
C LEU H 260 -31.25 -32.99 30.78
N ASP H 261 -31.47 -34.30 30.94
CA ASP H 261 -32.81 -34.77 31.26
C ASP H 261 -33.33 -34.12 32.55
N LEU H 262 -32.49 -34.11 33.58
CA LEU H 262 -32.89 -33.51 34.84
C LEU H 262 -33.18 -32.02 34.69
N LEU H 263 -32.41 -31.32 33.86
CA LEU H 263 -32.59 -29.88 33.72
C LEU H 263 -33.84 -29.55 32.93
N THR H 264 -34.17 -30.34 31.90
CA THR H 264 -35.40 -30.08 31.17
C THR H 264 -36.63 -30.42 32.01
N GLN H 265 -36.52 -31.41 32.90
CA GLN H 265 -37.63 -31.65 33.81
C GLN H 265 -37.83 -30.50 34.78
N ALA H 266 -36.78 -29.78 35.14
CA ALA H 266 -36.90 -28.66 36.06
C ALA H 266 -37.42 -27.40 35.38
N GLY H 267 -37.46 -27.36 34.05
CA GLY H 267 -38.04 -26.24 33.34
C GLY H 267 -37.07 -25.23 32.76
N VAL H 268 -35.83 -25.63 32.46
CA VAL H 268 -34.84 -24.70 31.95
C VAL H 268 -35.23 -24.22 30.55
N ASP H 269 -34.89 -22.97 30.23
CA ASP H 269 -35.30 -22.37 28.98
C ASP H 269 -34.23 -22.38 27.91
N VAL H 270 -32.97 -22.27 28.29
CA VAL H 270 -31.87 -22.21 27.34
C VAL H 270 -30.69 -22.93 27.95
N ILE H 271 -29.92 -23.63 27.13
CA ILE H 271 -28.76 -24.39 27.54
C ILE H 271 -27.54 -23.78 26.88
N VAL H 272 -26.46 -23.61 27.63
CA VAL H 272 -25.17 -23.25 27.03
C VAL H 272 -24.25 -24.45 27.18
N LEU H 273 -23.62 -24.82 26.07
CA LEU H 273 -22.61 -25.88 26.07
C LEU H 273 -21.27 -25.29 26.46
N ASP H 274 -20.76 -25.70 27.61
CA ASP H 274 -19.64 -25.05 28.28
C ASP H 274 -18.34 -25.70 27.83
N SER H 275 -17.54 -24.95 27.06
CA SER H 275 -16.26 -25.46 26.59
C SER H 275 -15.36 -24.29 26.25
N SER H 276 -14.06 -24.51 26.41
CA SER H 276 -13.09 -23.52 25.99
C SER H 276 -12.94 -23.47 24.47
N GLN H 277 -13.21 -24.58 23.79
CA GLN H 277 -13.07 -24.66 22.34
C GLN H 277 -14.26 -25.48 21.82
N GLY H 278 -15.29 -24.79 21.34
CA GLY H 278 -16.54 -25.42 20.96
C GLY H 278 -16.54 -26.10 19.61
N ASN H 279 -15.53 -25.90 18.78
CA ASN H 279 -15.51 -26.48 17.44
C ASN H 279 -14.92 -27.88 17.48
N SER H 280 -15.70 -28.81 18.04
CA SER H 280 -15.27 -30.19 18.23
C SER H 280 -16.36 -31.14 17.76
N VAL H 281 -15.97 -32.39 17.51
CA VAL H 281 -16.95 -33.43 17.19
C VAL H 281 -17.86 -33.69 18.37
N TYR H 282 -17.37 -33.49 19.58
CA TYR H 282 -18.16 -33.79 20.77
C TYR H 282 -19.29 -32.78 20.94
N GLN H 283 -18.98 -31.50 20.82
CA GLN H 283 -20.02 -30.49 20.94
C GLN H 283 -21.02 -30.57 19.80
N ILE H 284 -20.58 -30.94 18.60
CA ILE H 284 -21.51 -31.04 17.48
C ILE H 284 -22.43 -32.24 17.65
N ALA H 285 -21.88 -33.37 18.11
CA ALA H 285 -22.73 -34.49 18.50
C ALA H 285 -23.75 -34.08 19.55
N MET H 286 -23.32 -33.29 20.54
CA MET H 286 -24.23 -32.90 21.60
C MET H 286 -25.34 -31.98 21.10
N VAL H 287 -25.00 -31.04 20.21
CA VAL H 287 -26.00 -30.17 19.62
C VAL H 287 -27.02 -30.99 18.84
N HIS H 288 -26.56 -32.00 18.10
CA HIS H 288 -27.50 -32.84 17.36
C HIS H 288 -28.38 -33.67 18.28
N TYR H 289 -27.80 -34.25 19.32
CA TYR H 289 -28.57 -35.02 20.29
C TYR H 289 -29.65 -34.16 20.92
N ILE H 290 -29.31 -32.95 21.34
CA ILE H 290 -30.30 -32.09 21.97
C ILE H 290 -31.39 -31.71 20.98
N LYS H 291 -31.01 -31.32 19.77
CA LYS H 291 -32.04 -30.89 18.82
C LYS H 291 -32.97 -32.02 18.45
N GLN H 292 -32.49 -33.27 18.50
CA GLN H 292 -33.39 -34.38 18.24
C GLN H 292 -34.29 -34.67 19.44
N LYS H 293 -33.73 -34.66 20.65
CA LYS H 293 -34.53 -35.09 21.80
C LYS H 293 -35.41 -33.98 22.38
N TYR H 294 -34.99 -32.73 22.33
CA TYR H 294 -35.74 -31.62 22.91
C TYR H 294 -35.86 -30.49 21.90
N PRO H 295 -36.75 -30.63 20.92
CA PRO H 295 -36.80 -29.64 19.85
C PRO H 295 -37.20 -28.25 20.30
N HIS H 296 -37.84 -28.12 21.45
CA HIS H 296 -38.25 -26.82 21.96
C HIS H 296 -37.08 -26.05 22.58
N LEU H 297 -36.08 -26.77 23.09
CA LEU H 297 -34.98 -26.17 23.83
C LEU H 297 -34.11 -25.28 22.94
N GLN H 298 -33.60 -24.21 23.52
CA GLN H 298 -32.67 -23.32 22.84
C GLN H 298 -31.26 -23.63 23.32
N VAL H 299 -30.31 -23.73 22.39
CA VAL H 299 -28.95 -24.15 22.67
C VAL H 299 -27.99 -23.06 22.21
N ILE H 300 -27.01 -22.76 23.05
CA ILE H 300 -25.94 -21.82 22.73
C ILE H 300 -24.63 -22.59 22.70
N GLY H 301 -23.93 -22.51 21.57
CA GLY H 301 -22.63 -23.15 21.43
C GLY H 301 -21.48 -22.21 21.68
N GLY H 302 -20.31 -22.77 21.88
CA GLY H 302 -19.13 -21.98 22.14
C GLY H 302 -18.19 -22.71 23.06
N ASN H 303 -17.07 -22.06 23.37
CA ASN H 303 -16.75 -20.72 22.88
C ASN H 303 -16.04 -20.78 21.53
N VAL H 304 -16.20 -19.73 20.73
CA VAL H 304 -15.58 -19.63 19.41
C VAL H 304 -14.96 -18.25 19.27
N VAL H 305 -13.91 -18.15 18.47
CA VAL H 305 -13.30 -16.85 18.20
C VAL H 305 -13.12 -16.60 16.71
N THR H 306 -13.35 -17.61 15.88
CA THR H 306 -13.19 -17.43 14.45
C THR H 306 -14.49 -17.77 13.73
N ALA H 307 -14.56 -17.39 12.45
CA ALA H 307 -15.75 -17.60 11.66
C ALA H 307 -15.89 -19.05 11.21
N ALA H 308 -14.79 -19.80 11.14
CA ALA H 308 -14.87 -21.20 10.74
C ALA H 308 -15.52 -22.06 11.83
N GLN H 309 -15.12 -21.84 13.08
CA GLN H 309 -15.82 -22.47 14.20
C GLN H 309 -17.29 -22.09 14.19
N ALA H 310 -17.59 -20.81 13.98
CA ALA H 310 -18.97 -20.36 13.97
C ALA H 310 -19.77 -21.06 12.90
N LYS H 311 -19.17 -21.28 11.72
CA LYS H 311 -19.88 -21.97 10.66
C LYS H 311 -20.20 -23.41 11.03
N ASN H 312 -19.20 -24.13 11.58
CA ASN H 312 -19.48 -25.51 11.99
C ASN H 312 -20.63 -25.56 12.99
N LEU H 313 -20.63 -24.67 13.97
CA LEU H 313 -21.66 -24.74 14.99
C LEU H 313 -23.01 -24.27 14.49
N ILE H 314 -23.05 -23.29 13.59
CA ILE H 314 -24.32 -22.81 13.06
C ILE H 314 -24.93 -23.84 12.13
N ASP H 315 -24.09 -24.55 11.37
CA ASP H 315 -24.57 -25.68 10.57
C ASP H 315 -25.04 -26.83 11.45
N ALA H 316 -24.48 -26.98 12.64
CA ALA H 316 -25.02 -27.98 13.56
C ALA H 316 -26.43 -27.60 14.03
N GLY H 317 -26.72 -26.32 14.16
CA GLY H 317 -28.06 -25.89 14.51
C GLY H 317 -28.20 -25.13 15.82
N VAL H 318 -27.13 -24.52 16.31
CA VAL H 318 -27.24 -23.71 17.53
C VAL H 318 -28.07 -22.47 17.25
N ASP H 319 -28.62 -21.91 18.32
CA ASP H 319 -29.41 -20.69 18.23
C ASP H 319 -28.68 -19.47 18.75
N GLY H 320 -27.46 -19.65 19.26
CA GLY H 320 -26.64 -18.55 19.69
C GLY H 320 -25.22 -19.01 19.81
N LEU H 321 -24.31 -18.05 19.84
CA LEU H 321 -22.89 -18.35 19.97
C LEU H 321 -22.30 -17.57 21.13
N ARG H 322 -21.41 -18.22 21.86
CA ARG H 322 -20.64 -17.60 22.94
C ARG H 322 -19.23 -17.36 22.43
N VAL H 323 -18.79 -16.11 22.44
CA VAL H 323 -17.55 -15.69 21.79
C VAL H 323 -16.54 -15.28 22.84
N GLY H 324 -15.31 -15.78 22.71
CA GLY H 324 -14.22 -15.41 23.60
C GLY H 324 -13.31 -16.55 23.97
N MET H 325 -12.01 -16.32 23.97
CA MET H 325 -11.05 -17.35 24.33
C MET H 325 -9.81 -16.66 24.87
N GLY H 326 -9.53 -16.86 26.15
CA GLY H 326 -8.36 -16.29 26.78
C GLY H 326 -8.45 -14.83 27.12
N CYS H 327 -9.62 -14.23 26.98
CA CYS H 327 -9.79 -12.81 27.29
C CYS H 327 -10.30 -12.57 28.70
N GLY H 328 -10.74 -13.61 29.39
CA GLY H 328 -11.27 -13.44 30.71
C GLY H 328 -10.22 -13.00 31.71
N SER H 329 -10.71 -12.43 32.82
CA SER H 329 -9.82 -11.90 33.83
C SER H 329 -9.01 -13.00 34.51
N ILE H 330 -9.62 -14.18 34.69
CA ILE H 330 -8.98 -15.27 35.42
C ILE H 330 -8.27 -16.26 34.50
N CYS H 331 -8.27 -16.03 33.19
CA CYS H 331 -7.80 -17.02 32.22
C CYS H 331 -6.31 -16.89 31.95
N ILE H 332 -5.65 -18.02 31.75
CA ILE H 332 -4.23 -18.03 31.38
C ILE H 332 -4.01 -18.92 30.16
N THR H 333 -5.06 -19.15 29.38
CA THR H 333 -5.00 -20.11 28.29
C THR H 333 -4.04 -19.66 27.19
N GLN H 334 -4.12 -18.39 26.78
CA GLN H 334 -3.26 -17.92 25.71
C GLN H 334 -1.79 -18.12 26.05
N GLU H 335 -1.44 -18.05 27.32
CA GLU H 335 -0.06 -18.17 27.77
C GLU H 335 0.38 -19.61 27.99
N VAL H 336 -0.55 -20.56 28.15
CA VAL H 336 -0.17 -21.95 28.35
C VAL H 336 -0.57 -22.85 27.20
N MET H 337 -1.43 -22.42 26.28
CA MET H 337 -1.74 -23.19 25.08
C MET H 337 -1.51 -22.44 23.79
N ALA H 338 -1.13 -21.17 23.85
CA ALA H 338 -0.78 -20.34 22.69
C ALA H 338 -1.95 -20.07 21.76
N CYS H 339 -3.17 -20.36 22.17
CA CYS H 339 -4.33 -20.33 21.29
C CYS H 339 -5.37 -19.36 21.84
N GLY H 340 -5.88 -18.47 20.99
CA GLY H 340 -6.88 -17.52 21.42
C GLY H 340 -7.01 -16.40 20.41
N ARG H 341 -7.62 -15.30 20.84
CA ARG H 341 -7.81 -14.14 19.97
C ARG H 341 -8.06 -12.91 20.80
N PRO H 342 -7.55 -11.75 20.40
CA PRO H 342 -7.99 -10.49 21.04
C PRO H 342 -9.49 -10.30 20.90
N GLN H 343 -10.12 -9.87 21.99
CA GLN H 343 -11.57 -10.05 22.12
C GLN H 343 -12.38 -9.11 21.24
N GLY H 344 -11.92 -7.88 21.03
CA GLY H 344 -12.65 -6.98 20.16
C GLY H 344 -12.71 -7.47 18.73
N THR H 345 -11.58 -7.95 18.22
CA THR H 345 -11.54 -8.52 16.87
C THR H 345 -12.40 -9.76 16.76
N ALA H 346 -12.34 -10.64 17.76
CA ALA H 346 -13.13 -11.86 17.73
C ALA H 346 -14.62 -11.55 17.73
N VAL H 347 -15.03 -10.57 18.54
CA VAL H 347 -16.44 -10.20 18.58
C VAL H 347 -16.87 -9.64 17.23
N TYR H 348 -16.08 -8.74 16.66
CA TYR H 348 -16.45 -8.20 15.36
C TYR H 348 -16.56 -9.28 14.30
N LYS H 349 -15.54 -10.13 14.19
CA LYS H 349 -15.52 -11.15 13.15
C LYS H 349 -16.67 -12.13 13.28
N VAL H 350 -16.85 -12.70 14.47
CA VAL H 350 -17.87 -13.73 14.63
C VAL H 350 -19.26 -13.12 14.51
N ALA H 351 -19.50 -11.93 15.06
CA ALA H 351 -20.81 -11.29 14.95
C ALA H 351 -21.15 -10.97 13.50
N GLU H 352 -20.19 -10.45 12.72
CA GLU H 352 -20.39 -10.19 11.31
C GLU H 352 -20.66 -11.48 10.53
N TYR H 353 -20.01 -12.61 10.85
CA TYR H 353 -20.35 -13.85 10.16
C TYR H 353 -21.72 -14.36 10.59
N ALA H 354 -22.01 -14.44 11.88
CA ALA H 354 -23.22 -15.04 12.44
C ALA H 354 -24.51 -14.27 12.09
N ARG H 355 -24.40 -12.96 11.91
CA ARG H 355 -25.47 -12.08 11.40
C ARG H 355 -26.01 -12.54 10.05
N ARG H 356 -25.20 -13.13 9.18
CA ARG H 356 -25.62 -13.67 7.88
C ARG H 356 -26.67 -14.77 8.01
N PHE H 357 -26.78 -15.42 9.16
CA PHE H 357 -27.73 -16.49 9.40
C PHE H 357 -28.73 -16.14 10.49
N GLY H 358 -28.80 -14.88 10.93
CA GLY H 358 -29.72 -14.45 11.98
C GLY H 358 -29.41 -14.99 13.37
N VAL H 359 -28.15 -15.36 13.65
CA VAL H 359 -27.73 -15.92 14.94
C VAL H 359 -27.10 -14.80 15.79
N PRO H 360 -27.64 -14.48 16.97
CA PRO H 360 -27.03 -13.51 17.88
C PRO H 360 -25.80 -14.09 18.59
N ILE H 361 -24.86 -13.25 19.00
CA ILE H 361 -23.64 -13.69 19.70
C ILE H 361 -23.51 -13.04 21.07
N ILE H 362 -22.95 -13.77 22.03
CA ILE H 362 -22.64 -13.22 23.35
C ILE H 362 -21.15 -12.90 23.41
N ALA H 363 -20.82 -11.67 23.78
CA ALA H 363 -19.44 -11.28 24.01
C ALA H 363 -19.08 -11.65 25.44
N ASP H 364 -18.21 -12.64 25.62
CA ASP H 364 -17.96 -13.24 26.91
C ASP H 364 -16.49 -13.11 27.27
N GLY H 365 -16.18 -12.31 28.29
CA GLY H 365 -14.83 -12.25 28.83
C GLY H 365 -14.13 -10.94 28.60
N GLY H 366 -13.53 -10.40 29.64
CA GLY H 366 -12.73 -9.21 29.51
C GLY H 366 -13.47 -7.91 29.67
N ILE H 367 -14.67 -7.94 30.21
CA ILE H 367 -15.46 -6.74 30.46
C ILE H 367 -15.15 -6.25 31.87
N GLN H 368 -14.55 -5.07 31.97
CA GLN H 368 -14.28 -4.47 33.26
C GLN H 368 -15.08 -3.21 33.52
N THR H 369 -15.39 -2.44 32.49
CA THR H 369 -16.01 -1.14 32.63
C THR H 369 -17.31 -1.10 31.83
N VAL H 370 -18.06 -0.02 32.02
CA VAL H 370 -19.25 0.21 31.21
C VAL H 370 -18.87 0.50 29.76
N GLY H 371 -17.76 1.22 29.56
CA GLY H 371 -17.32 1.51 28.22
C GLY H 371 -16.99 0.26 27.43
N HIS H 372 -16.51 -0.78 28.11
CA HIS H 372 -16.28 -2.06 27.46
C HIS H 372 -17.60 -2.67 26.98
N VAL H 373 -18.65 -2.57 27.78
CA VAL H 373 -19.95 -3.09 27.38
C VAL H 373 -20.44 -2.36 26.14
N VAL H 374 -20.31 -1.03 26.13
CA VAL H 374 -20.75 -0.26 24.97
C VAL H 374 -19.94 -0.64 23.74
N LYS H 375 -18.63 -0.77 23.89
CA LYS H 375 -17.79 -1.14 22.75
C LYS H 375 -18.15 -2.51 22.21
N ALA H 376 -18.45 -3.47 23.10
CA ALA H 376 -18.83 -4.81 22.66
C ALA H 376 -20.14 -4.79 21.90
N LEU H 377 -21.15 -4.09 22.44
CA LEU H 377 -22.43 -4.02 21.76
C LEU H 377 -22.33 -3.28 20.43
N ALA H 378 -21.44 -2.29 20.33
CA ALA H 378 -21.26 -1.58 19.07
C ALA H 378 -20.51 -2.40 18.04
N LEU H 379 -19.72 -3.38 18.47
CA LEU H 379 -18.97 -4.21 17.54
C LEU H 379 -19.78 -5.37 16.99
N GLY H 380 -21.05 -5.49 17.36
CA GLY H 380 -21.97 -6.48 16.82
C GLY H 380 -22.49 -7.48 17.84
N ALA H 381 -22.02 -7.51 19.08
CA ALA H 381 -22.58 -8.41 20.08
C ALA H 381 -24.01 -8.04 20.39
N SER H 382 -24.85 -9.05 20.64
CA SER H 382 -26.24 -8.86 21.06
C SER H 382 -26.38 -8.79 22.58
N THR H 383 -25.64 -9.60 23.32
CA THR H 383 -25.64 -9.59 24.77
C THR H 383 -24.19 -9.67 25.24
N VAL H 384 -23.99 -9.34 26.51
CA VAL H 384 -22.67 -9.33 27.12
C VAL H 384 -22.72 -10.22 28.36
N MET H 385 -21.73 -11.09 28.50
CA MET H 385 -21.63 -11.98 29.66
C MET H 385 -20.54 -11.48 30.60
N MET H 386 -20.84 -11.48 31.89
CA MET H 386 -19.92 -10.94 32.88
C MET H 386 -19.68 -11.97 33.97
N GLY H 387 -18.42 -12.30 34.21
CA GLY H 387 -18.08 -13.03 35.40
C GLY H 387 -17.60 -12.18 36.55
N SER H 388 -16.52 -11.42 36.35
CA SER H 388 -15.84 -10.78 37.47
C SER H 388 -16.49 -9.47 37.88
N LEU H 389 -17.20 -8.81 36.97
CA LEU H 389 -17.90 -7.59 37.31
C LEU H 389 -19.03 -7.85 38.30
N LEU H 390 -19.60 -9.06 38.29
CA LEU H 390 -20.68 -9.41 39.17
C LEU H 390 -20.25 -10.29 40.33
N ALA H 391 -18.98 -10.68 40.38
CA ALA H 391 -18.46 -11.38 41.53
C ALA H 391 -18.33 -10.41 42.69
N ALA H 392 -18.33 -10.97 43.90
CA ALA H 392 -18.31 -10.18 45.13
C ALA H 392 -19.53 -9.27 45.24
N THR H 393 -20.62 -9.66 44.62
CA THR H 393 -21.91 -9.08 44.92
C THR H 393 -22.64 -9.97 45.91
N THR H 394 -23.71 -9.44 46.49
CA THR H 394 -24.42 -10.17 47.53
C THR H 394 -25.00 -11.48 47.00
N GLU H 395 -25.54 -11.44 45.78
CA GLU H 395 -26.19 -12.61 45.21
C GLU H 395 -25.19 -13.68 44.80
N ALA H 396 -23.90 -13.36 44.70
CA ALA H 396 -22.92 -14.33 44.27
C ALA H 396 -22.78 -15.45 45.29
N PRO H 397 -22.46 -16.66 44.85
CA PRO H 397 -22.28 -17.76 45.80
C PRO H 397 -21.02 -17.54 46.63
N GLY H 398 -20.90 -18.33 47.68
CA GLY H 398 -19.73 -18.24 48.53
C GLY H 398 -19.95 -17.34 49.73
N GLU H 399 -18.86 -17.09 50.44
CA GLU H 399 -18.89 -16.37 51.70
C GLU H 399 -17.97 -15.17 51.63
N TYR H 400 -18.34 -14.11 52.35
CA TYR H 400 -17.45 -12.96 52.48
C TYR H 400 -16.35 -13.25 53.48
N PHE H 401 -15.19 -12.65 53.25
CA PHE H 401 -14.09 -12.75 54.19
C PHE H 401 -13.31 -11.44 54.17
N PHE H 402 -12.51 -11.25 55.21
CA PHE H 402 -11.76 -10.02 55.41
C PHE H 402 -10.28 -10.26 55.22
N SER H 403 -9.60 -9.26 54.67
CA SER H 403 -8.16 -9.32 54.47
C SER H 403 -7.64 -7.89 54.34
N ASP H 404 -6.84 -7.46 55.32
CA ASP H 404 -6.25 -6.12 55.33
C ASP H 404 -7.32 -5.04 55.30
N GLY H 405 -8.42 -5.28 56.02
CA GLY H 405 -9.47 -4.28 56.13
C GLY H 405 -10.30 -4.09 54.89
N VAL H 406 -10.31 -5.08 53.99
CA VAL H 406 -11.11 -5.03 52.78
C VAL H 406 -11.93 -6.31 52.72
N ARG H 407 -13.25 -6.17 52.66
CA ARG H 407 -14.11 -7.34 52.52
C ARG H 407 -13.95 -7.92 51.12
N LEU H 408 -13.79 -9.25 51.05
CA LEU H 408 -13.48 -9.91 49.78
C LEU H 408 -14.35 -11.15 49.62
N LYS H 409 -14.61 -11.50 48.37
CA LYS H 409 -15.21 -12.77 48.01
C LYS H 409 -14.30 -13.48 47.02
N LYS H 410 -14.28 -14.79 47.09
CA LYS H 410 -13.43 -15.59 46.22
C LYS H 410 -14.02 -15.61 44.81
N TYR H 411 -13.14 -15.54 43.81
CA TYR H 411 -13.54 -15.64 42.41
C TYR H 411 -12.45 -16.37 41.65
N ARG H 412 -12.77 -17.55 41.13
CA ARG H 412 -11.81 -18.40 40.45
C ARG H 412 -12.33 -18.77 39.07
N GLY H 413 -11.43 -19.21 38.21
CA GLY H 413 -11.83 -19.75 36.94
C GLY H 413 -12.26 -21.19 37.05
N MET H 414 -13.00 -21.66 36.04
CA MET H 414 -13.44 -23.04 36.00
C MET H 414 -12.31 -24.00 35.63
N GLY H 415 -11.24 -23.50 35.04
CA GLY H 415 -10.07 -24.29 34.75
C GLY H 415 -8.96 -24.19 35.76
N SER H 416 -9.13 -23.40 36.82
CA SER H 416 -8.13 -23.37 37.88
C SER H 416 -8.09 -24.71 38.59
N LEU H 417 -6.94 -25.03 39.17
CA LEU H 417 -6.76 -26.34 39.80
C LEU H 417 -7.78 -26.56 40.91
N ASP H 418 -8.06 -25.50 41.69
CA ASP H 418 -9.05 -25.62 42.76
C ASP H 418 -10.41 -26.02 42.21
N ALA H 419 -10.84 -25.38 41.11
CA ALA H 419 -12.17 -25.65 40.60
C ALA H 419 -12.28 -27.01 39.92
N MET H 420 -11.18 -27.54 39.40
CA MET H 420 -11.20 -28.86 38.78
C MET H 420 -11.03 -29.99 39.78
N GLU H 421 -10.70 -29.68 41.03
CA GLU H 421 -10.54 -30.70 42.05
C GLU H 421 -11.89 -31.08 42.64
N VAL H 437 -1.80 -36.19 35.02
CA VAL H 437 -1.32 -34.81 35.00
C VAL H 437 -2.41 -33.87 34.51
N LYS H 438 -2.68 -32.82 35.28
CA LYS H 438 -3.73 -31.86 34.97
C LYS H 438 -3.11 -30.50 34.69
N ILE H 439 -3.30 -30.00 33.48
CA ILE H 439 -2.89 -28.66 33.12
C ILE H 439 -3.93 -27.68 33.63
N ALA H 440 -3.48 -26.62 34.29
CA ALA H 440 -4.37 -25.57 34.77
C ALA H 440 -4.54 -24.51 33.70
N GLN H 441 -5.79 -24.10 33.47
CA GLN H 441 -6.11 -23.11 32.46
C GLN H 441 -6.74 -21.86 33.05
N GLY H 442 -6.74 -21.72 34.37
CA GLY H 442 -7.29 -20.55 35.02
C GLY H 442 -6.61 -20.34 36.36
N VAL H 443 -6.86 -19.17 36.92
CA VAL H 443 -6.23 -18.75 38.16
C VAL H 443 -7.33 -18.46 39.18
N SER H 444 -6.95 -18.45 40.45
CA SER H 444 -7.89 -18.25 41.55
C SER H 444 -7.51 -17.02 42.36
N GLY H 445 -8.46 -16.17 42.64
CA GLY H 445 -8.22 -14.94 43.36
C GLY H 445 -9.41 -14.48 44.16
N SER H 446 -9.47 -13.17 44.41
CA SER H 446 -10.54 -12.58 45.20
C SER H 446 -10.93 -11.22 44.64
N ILE H 447 -12.17 -10.84 44.86
CA ILE H 447 -12.73 -9.57 44.40
C ILE H 447 -13.24 -8.81 45.62
N GLN H 448 -13.17 -7.49 45.53
CA GLN H 448 -13.64 -6.63 46.62
C GLN H 448 -15.14 -6.41 46.51
N ASP H 449 -15.81 -6.37 47.67
CA ASP H 449 -17.27 -6.38 47.72
C ASP H 449 -17.87 -5.20 46.96
N LYS H 450 -19.01 -5.45 46.32
CA LYS H 450 -19.69 -4.47 45.50
C LYS H 450 -21.13 -4.21 45.91
N GLY H 451 -21.72 -5.02 46.78
CA GLY H 451 -23.10 -4.80 47.17
C GLY H 451 -24.07 -5.71 46.43
N SER H 452 -25.28 -5.23 46.22
CA SER H 452 -26.33 -6.04 45.62
C SER H 452 -26.39 -5.86 44.10
N ILE H 453 -26.79 -6.92 43.41
CA ILE H 453 -26.99 -6.83 41.97
C ILE H 453 -28.05 -5.80 41.64
N GLN H 454 -29.07 -5.67 42.48
CA GLN H 454 -30.18 -4.75 42.20
C GLN H 454 -29.82 -3.29 42.42
N LYS H 455 -28.63 -3.01 42.96
CA LYS H 455 -28.08 -1.67 42.96
C LYS H 455 -27.06 -1.46 41.87
N PHE H 456 -26.32 -2.50 41.51
CA PHE H 456 -25.20 -2.36 40.59
C PHE H 456 -25.65 -2.40 39.14
N VAL H 457 -26.60 -3.26 38.80
CA VAL H 457 -27.07 -3.40 37.43
C VAL H 457 -27.76 -2.14 36.94
N PRO H 458 -28.55 -1.40 37.74
CA PRO H 458 -29.09 -0.13 37.24
C PRO H 458 -28.01 0.88 36.89
N TYR H 459 -26.91 0.91 37.63
CA TYR H 459 -25.80 1.78 37.28
C TYR H 459 -25.24 1.42 35.92
N LEU H 460 -25.08 0.11 35.66
CA LEU H 460 -24.63 -0.34 34.35
C LEU H 460 -25.58 0.08 33.25
N ILE H 461 -26.88 -0.09 33.49
CA ILE H 461 -27.88 0.25 32.47
C ILE H 461 -27.82 1.74 32.15
N ALA H 462 -27.69 2.58 33.18
CA ALA H 462 -27.60 4.01 32.95
C ALA H 462 -26.34 4.36 32.16
N GLY H 463 -25.21 3.76 32.51
CA GLY H 463 -23.99 4.00 31.75
C GLY H 463 -24.13 3.60 30.29
N ILE H 464 -24.78 2.48 30.03
CA ILE H 464 -24.97 2.02 28.66
C ILE H 464 -25.86 3.01 27.90
N GLN H 465 -26.95 3.43 28.53
CA GLN H 465 -27.86 4.37 27.88
C GLN H 465 -27.17 5.69 27.56
N HIS H 466 -26.29 6.13 28.46
CA HIS H 466 -25.61 7.40 28.24
C HIS H 466 -24.55 7.29 27.14
N GLY H 467 -23.81 6.17 27.12
CA GLY H 467 -22.91 5.95 26.00
C GLY H 467 -23.64 5.90 24.67
N CYS H 468 -24.80 5.23 24.64
CA CYS H 468 -25.56 5.18 23.40
C CYS H 468 -26.06 6.56 22.99
N GLN H 469 -26.50 7.37 23.94
CA GLN H 469 -26.95 8.71 23.61
C GLN H 469 -25.81 9.57 23.07
N ASP H 470 -24.63 9.47 23.68
CA ASP H 470 -23.48 10.22 23.17
C ASP H 470 -23.10 9.77 21.77
N ILE H 471 -23.22 8.47 21.49
CA ILE H 471 -22.98 7.97 20.14
C ILE H 471 -24.02 8.49 19.17
N GLY H 472 -25.26 8.63 19.61
CA GLY H 472 -26.35 9.04 18.76
C GLY H 472 -27.29 7.95 18.33
N ALA H 473 -27.44 6.90 19.13
CA ALA H 473 -28.26 5.75 18.78
C ALA H 473 -29.33 5.56 19.85
N ARG H 474 -30.58 5.50 19.44
CA ARG H 474 -31.67 5.41 20.39
C ARG H 474 -32.02 3.99 20.81
N SER H 475 -31.46 2.97 20.15
CA SER H 475 -31.57 1.60 20.60
C SER H 475 -30.30 0.86 20.21
N LEU H 476 -30.15 -0.37 20.69
CA LEU H 476 -29.01 -1.23 20.37
C LEU H 476 -29.09 -1.83 18.97
N SER H 477 -30.29 -2.13 18.47
CA SER H 477 -30.48 -2.54 17.07
C SER H 477 -30.17 -1.41 16.09
N VAL H 478 -30.53 -0.16 16.41
CA VAL H 478 -30.11 1.03 15.66
C VAL H 478 -28.60 1.21 15.71
N LEU H 479 -27.95 0.95 16.84
CA LEU H 479 -26.51 1.10 16.98
C LEU H 479 -25.77 0.14 16.05
N ARG H 480 -26.14 -1.15 16.07
CA ARG H 480 -25.52 -2.15 15.18
C ARG H 480 -25.86 -1.88 13.72
N SER H 481 -27.05 -1.38 13.43
CA SER H 481 -27.42 -0.91 12.10
C SER H 481 -26.51 0.24 11.61
N MET H 482 -26.22 1.23 12.46
CA MET H 482 -25.26 2.28 12.16
C MET H 482 -23.85 1.72 11.97
N MET H 483 -23.45 0.68 12.70
CA MET H 483 -22.12 0.12 12.54
C MET H 483 -21.98 -0.64 11.22
N TYR H 484 -22.95 -1.47 10.84
CA TYR H 484 -22.84 -2.25 9.61
C TYR H 484 -22.99 -1.38 8.35
N SER H 485 -23.76 -0.28 8.41
CA SER H 485 -23.92 0.66 7.30
C SER H 485 -22.77 1.67 7.14
N GLY H 486 -21.80 1.74 8.05
CA GLY H 486 -20.71 2.69 7.96
C GLY H 486 -20.99 4.05 8.55
N GLU H 487 -22.19 4.28 9.09
CA GLU H 487 -22.47 5.56 9.73
C GLU H 487 -21.67 5.72 11.03
N LEU H 488 -21.61 4.67 11.83
CA LEU H 488 -20.82 4.71 13.05
C LEU H 488 -19.34 4.73 12.72
N LYS H 489 -18.59 5.64 13.35
CA LYS H 489 -17.18 5.81 13.08
C LYS H 489 -16.35 5.49 14.32
N PHE H 490 -15.11 5.06 14.08
CA PHE H 490 -14.22 4.60 15.13
C PHE H 490 -12.88 5.30 14.99
N GLU H 491 -12.00 5.02 15.94
CA GLU H 491 -10.71 5.68 16.01
C GLU H 491 -9.76 4.78 16.78
N LYS H 492 -8.55 4.61 16.27
CA LYS H 492 -7.54 3.85 16.99
C LYS H 492 -6.92 4.69 18.09
N ARG H 493 -6.20 4.03 18.99
CA ARG H 493 -5.55 4.69 20.11
C ARG H 493 -4.13 4.15 20.23
N THR H 494 -3.16 5.05 20.16
CA THR H 494 -1.81 4.70 20.55
C THR H 494 -1.74 4.47 22.05
N MET H 495 -0.57 4.12 22.54
CA MET H 495 -0.41 3.98 23.99
C MET H 495 -0.49 5.35 24.66
N SER H 496 0.07 6.37 24.01
CA SER H 496 -0.04 7.72 24.55
C SER H 496 -1.49 8.20 24.56
N ALA H 497 -2.28 7.80 23.57
CA ALA H 497 -3.69 8.17 23.56
C ALA H 497 -4.43 7.53 24.71
N GLN H 498 -4.09 6.29 25.05
CA GLN H 498 -4.74 5.65 26.18
C GLN H 498 -4.30 6.27 27.49
N ILE H 499 -3.04 6.68 27.60
CA ILE H 499 -2.59 7.39 28.80
C ILE H 499 -3.35 8.70 28.95
N GLU H 500 -3.46 9.47 27.86
CA GLU H 500 -4.22 10.70 27.91
C GLU H 500 -5.69 10.45 28.23
N GLY H 501 -6.22 9.31 27.81
CA GLY H 501 -7.63 9.02 28.02
C GLY H 501 -8.01 8.79 29.47
N GLY H 502 -7.07 8.35 30.29
CA GLY H 502 -7.32 8.16 31.70
C GLY H 502 -6.99 9.39 32.53
N VAL H 503 -6.99 9.20 33.84
CA VAL H 503 -6.64 10.28 34.75
C VAL H 503 -5.14 10.49 34.71
N HIS H 504 -4.71 11.75 34.78
CA HIS H 504 -3.30 12.07 34.67
C HIS H 504 -3.07 13.49 35.16
N GLY H 505 -1.82 13.77 35.52
CA GLY H 505 -1.40 15.12 35.82
C GLY H 505 -1.75 15.62 37.21
N LEU H 506 -2.43 14.83 38.03
CA LEU H 506 -2.82 15.31 39.35
C LEU H 506 -1.88 14.75 40.42
N HIS H 507 -1.85 15.45 41.55
CA HIS H 507 -1.04 14.99 42.67
C HIS H 507 -1.72 13.82 43.38
N SER H 508 -3.04 13.77 43.36
CA SER H 508 -3.82 12.70 43.97
C SER H 508 -5.25 12.80 43.43
N TYR H 509 -6.05 11.77 43.67
CA TYR H 509 -7.46 11.78 43.29
C TYR H 509 -8.13 10.57 43.92
N THR H 510 -9.46 10.63 43.97
CA THR H 510 -10.30 9.56 44.52
C THR H 510 -11.39 9.21 43.52
N PHE H 511 -11.54 7.92 43.26
CA PHE H 511 -12.54 7.43 42.31
C PHE H 511 -13.87 7.14 43.01
N LEU H 512 -14.97 7.53 42.36
CA LEU H 512 -16.31 7.26 42.88
C LEU H 512 -17.27 7.12 41.70
N PRO H 513 -17.59 5.89 41.32
CA PRO H 513 -18.44 5.68 40.13
C PRO H 513 -19.90 6.08 40.33
N PHE H 514 -20.47 5.73 41.48
CA PHE H 514 -21.90 5.92 41.76
C PHE H 514 -22.74 5.10 40.79
P IMP I . -20.21 17.40 -27.35
O1P IMP I . -20.07 17.92 -28.74
O2P IMP I . -19.24 16.39 -26.87
O3P IMP I . -21.58 16.82 -27.21
O5' IMP I . -20.13 18.62 -26.34
C5' IMP I . -20.01 19.95 -26.79
C4' IMP I . -19.41 20.83 -25.73
O4' IMP I . -18.06 21.19 -26.09
C3' IMP I . -20.09 22.16 -25.50
O3' IMP I . -21.25 22.06 -24.70
C2' IMP I . -18.99 23.00 -24.89
O2' IMP I . -18.81 22.69 -23.52
C1' IMP I . -17.77 22.49 -25.66
N9 IMP I . -17.52 23.34 -26.84
C8 IMP I . -18.07 24.15 -27.75
N7 IMP I . -17.11 24.56 -28.55
C5 IMP I . -15.97 24.02 -28.15
C6 IMP I . -14.55 24.12 -28.68
O6 IMP I . -14.32 24.79 -29.61
N1 IMP I . -13.50 23.40 -28.03
C2 IMP I . -13.77 22.59 -26.89
N3 IMP I . -15.14 22.51 -26.41
C4 IMP I . -16.23 23.26 -27.08
H5'1 IMP I . -19.36 19.97 -27.67
H5'2 IMP I . -21.00 20.34 -27.05
H4' IMP I . -19.39 20.27 -24.79
H3' IMP I . -20.37 22.59 -26.47
HO3' IMP I . -21.09 21.43 -23.99
H2' IMP I . -19.15 24.06 -25.05
HO2' IMP I . -19.66 22.55 -23.11
H1' IMP I . -16.90 22.49 -25.02
H8 IMP I . -19.12 24.42 -27.82
HN1 IMP I . -12.59 23.48 -28.37
H2 IMP I . -12.98 22.04 -26.41
PA NAD J . -13.21 33.70 -23.77
O1A NAD J . -13.03 33.05 -22.43
O2A NAD J . -14.41 34.60 -23.73
O5B NAD J . -11.89 34.59 -24.18
C5B NAD J . -10.65 33.96 -24.22
C4B NAD J . -9.59 34.90 -23.69
O4B NAD J . -10.24 36.32 -23.29
C3B NAD J . -9.11 34.40 -22.59
O3B NAD J . -7.70 34.84 -22.45
C2B NAD J . -10.01 35.02 -21.52
O2B NAD J . -9.42 34.96 -20.31
C1B NAD J . -10.13 36.46 -22.01
N9A NAD J . -11.33 37.12 -21.48
C8A NAD J . -12.59 36.82 -21.23
N7A NAD J . -13.17 37.93 -20.76
C5A NAD J . -12.25 38.89 -20.73
C6A NAD J . -12.31 40.20 -20.33
N6A NAD J . -13.28 41.10 -19.79
N1A NAD J . -11.23 40.95 -20.40
C2A NAD J . -10.07 40.44 -20.87
N3A NAD J . -10.01 39.16 -21.25
C4A NAD J . -11.11 38.39 -21.18
O3 NAD J . -13.43 32.59 -24.94
PN NAD J . -13.11 30.98 -24.81
O1N NAD J . -12.62 30.60 -23.46
O2N NAD J . -12.09 30.60 -25.86
O5D NAD J . -14.52 30.21 -25.14
C5D NAD J . -15.04 30.34 -26.42
C4D NAD J . -16.27 29.49 -26.60
O4D NAD J . -15.85 27.97 -26.94
C3D NAD J . -16.99 29.47 -25.51
O3D NAD J . -18.42 29.53 -25.93
C2D NAD J . -16.69 28.13 -24.82
O2D NAD J . -17.78 27.64 -24.19
C1D NAD J . -16.24 27.20 -25.96
N1N NAD J . -15.08 26.40 -25.54
C2N NAD J . -15.24 25.43 -24.62
C3N NAD J . -14.15 24.67 -24.22
C7N NAD J . -14.33 23.58 -23.18
O7N NAD J . -13.60 22.66 -23.17
N7N NAD J . -15.38 23.68 -22.21
C4N NAD J . -12.94 24.91 -24.75
C5N NAD J . -12.78 25.89 -25.69
C6N NAD J . -13.86 26.65 -26.08
H51A NAD J . -10.40 33.69 -25.25
H52A NAD J . -10.68 33.06 -23.61
H4B NAD J . -8.80 35.04 -24.42
H3B NAD J . -9.19 33.32 -22.60
HO3A NAD J . -7.20 34.17 -21.96
H2B NAD J . -11.00 34.54 -21.50
HO2A NAD J . -9.67 34.15 -19.87
H1B NAD J . -9.23 37.03 -21.75
H8A NAD J . -13.07 35.86 -21.37
H61A NAD J . -14.30 41.09 -19.76
H62A NAD J . -12.87 41.91 -19.36
H2A NAD J . -9.19 41.06 -20.92
H51N NAD J . -14.28 30.03 -27.15
H52N NAD J . -15.29 31.39 -26.60
H4D NAD J . -16.86 29.89 -27.42
H3D NAD J . -16.73 30.31 -24.86
HO3N NAD J . -18.80 30.36 -25.62
H2D NAD J . -15.88 28.26 -24.11
HO2N NAD J . -18.58 27.94 -24.66
H1D NAD J . -17.06 26.55 -26.28
H2N NAD J . -16.21 25.24 -24.19
H71N NAD J . -15.18 23.06 -21.44
H72N NAD J . -16.26 23.42 -22.62
H4N NAD J . -12.08 24.32 -24.45
H5N NAD J . -11.81 26.07 -26.12
H6N NAD J . -13.74 27.42 -26.81
P IMP K . -22.34 -15.53 -26.84
O1P IMP K . -23.07 -15.16 -28.09
O2P IMP K . -21.24 -14.64 -26.36
O3P IMP K . -21.75 -16.90 -27.03
O5' IMP K . -23.39 -15.65 -25.66
C5' IMP K . -24.76 -15.37 -25.84
C4' IMP K . -25.41 -14.98 -24.56
O4' IMP K . -25.79 -13.57 -24.62
C3' IMP K . -26.70 -15.68 -24.21
O3' IMP K . -26.50 -16.95 -23.63
C2' IMP K . -27.40 -14.70 -23.30
O2' IMP K . -26.84 -14.74 -21.99
C1' IMP K . -27.00 -13.38 -23.94
N9 IMP K . -28.01 -12.93 -24.91
C8 IMP K . -28.98 -13.33 -25.74
N7 IMP K . -29.50 -12.24 -26.29
C5 IMP K . -28.87 -11.19 -25.82
C6 IMP K . -29.01 -9.70 -26.08
O6 IMP K . -29.82 -9.33 -26.85
N1 IMP K . -28.17 -8.77 -25.42
C2 IMP K . -27.18 -9.22 -24.49
N3 IMP K . -27.06 -10.65 -24.25
C4 IMP K . -27.93 -11.62 -24.95
H5'1 IMP K . -24.87 -14.57 -26.57
H5'2 IMP K . -25.25 -16.27 -26.22
H4' IMP K . -24.70 -15.11 -23.74
H3' IMP K . -27.29 -15.80 -25.13
HO3' IMP K . -25.75 -16.91 -23.03
H2' IMP K . -28.47 -14.83 -23.29
HO2' IMP K . -26.67 -15.65 -21.75
H1' IMP K . -26.87 -12.61 -23.17
H8 IMP K . -29.28 -14.35 -25.91
HN1 IMP K . -28.27 -7.82 -25.59
H2 IMP K . -26.54 -8.52 -23.98
PA NAD L . -37.53 -8.99 -19.51
O1A NAD L . -36.98 -9.75 -18.34
O2A NAD L . -38.98 -9.34 -19.74
O5B NAD L . -37.40 -7.36 -19.29
C5B NAD L . -38.45 -6.56 -19.73
C4B NAD L . -38.93 -5.67 -18.60
O4B NAD L . -40.25 -6.32 -17.93
C3B NAD L . -38.03 -5.57 -17.68
O3B NAD L . -37.98 -4.15 -17.24
C2B NAD L . -38.50 -6.47 -16.54
O2B NAD L . -38.10 -5.98 -15.36
C1B NAD L . -40.03 -6.46 -16.67
N9A NAD L . -40.60 -7.75 -16.25
C8A NAD L . -40.29 -9.03 -16.28
N7A NAD L . -41.31 -9.68 -15.74
C5A NAD L . -42.24 -8.79 -15.39
C6A NAD L . -43.47 -8.92 -14.80
N6A NAD L . -44.29 -9.97 -14.30
N1A NAD L . -44.19 -7.86 -14.57
C2A NAD L . -43.74 -6.63 -14.90
N3A NAD L . -42.54 -6.50 -15.48
C4A NAD L . -41.80 -7.59 -15.72
O3 NAD L . -36.68 -9.37 -20.84
PN NAD L . -35.09 -9.00 -21.00
O1N NAD L . -34.47 -8.71 -19.66
O2N NAD L . -34.94 -7.81 -21.90
O5D NAD L . -34.38 -10.31 -21.67
C5D NAD L . -34.71 -10.59 -23.00
C4D NAD L . -33.93 -11.81 -23.47
O4D NAD L . -32.46 -11.36 -23.98
C3D NAD L . -33.78 -12.67 -22.51
O3D NAD L . -33.96 -14.02 -23.11
C2D NAD L . -32.34 -12.48 -21.99
O2D NAD L . -31.79 -13.67 -21.61
C1D NAD L . -31.57 -11.87 -23.18
N1N NAD L . -30.70 -10.78 -22.72
C2N NAD L . -29.60 -11.06 -22.02
C3N NAD L . -28.78 -10.03 -21.60
C7N NAD L . -27.52 -10.34 -20.79
O7N NAD L . -26.59 -9.62 -20.83
N7N NAD L . -27.46 -11.53 -19.98
C4N NAD L . -29.09 -8.75 -21.88
C5N NAD L . -30.22 -8.47 -22.59
C6N NAD L . -31.03 -9.50 -23.01
H51A NAD L . -39.26 -7.20 -20.06
H52A NAD L . -38.11 -5.95 -20.56
H4B NAD L . -39.17 -4.69 -19.00
H3B NAD L . -37.05 -5.89 -18.06
HO3A NAD L . -37.16 -3.99 -16.75
H2B NAD L . -38.12 -7.49 -16.68
HO2A NAD L . -37.18 -6.21 -15.21
H1B NAD L . -40.46 -5.64 -16.09
H8A NAD L . -39.38 -9.47 -16.67
H61A NAD L . -44.26 -10.97 -14.45
H62A NAD L . -45.04 -9.67 -13.69
H2A NAD L . -44.34 -5.76 -14.70
H51N NAD L . -34.46 -9.74 -23.63
H52N NAD L . -35.78 -10.80 -23.07
H4D NAD L . -34.46 -12.28 -24.29
H3D NAD L . -34.49 -12.50 -21.71
HO3N NAD L . -34.71 -14.45 -22.70
H2D NAD L . -32.33 -11.80 -21.15
HO2N NAD L . -32.16 -14.38 -22.14
H1D NAD L . -30.99 -12.63 -23.70
H2N NAD L . -29.34 -12.08 -21.79
H71N NAD L . -26.72 -11.45 -19.31
H72N NAD L . -27.32 -12.34 -20.56
H4N NAD L . -28.46 -7.95 -21.55
H5N NAD L . -30.47 -7.44 -22.82
H6N NAD L . -31.93 -9.28 -23.57
P IMP M . 10.15 -17.69 -32.31
O1P IMP M . 9.55 -18.20 -33.58
O2P IMP M . 9.39 -16.69 -31.52
O3P IMP M . 11.48 -17.08 -32.64
O5' IMP M . 10.44 -18.92 -31.35
C5' IMP M . 10.10 -20.24 -31.71
C4' IMP M . 9.91 -21.09 -30.49
O4' IMP M . 8.50 -21.45 -30.38
C3' IMP M . 10.63 -22.42 -30.49
O3' IMP M . 11.98 -22.32 -30.11
C2' IMP M . 9.79 -23.25 -29.54
O2' IMP M . 10.07 -22.92 -28.19
C1' IMP M . 8.39 -22.76 -29.87
N9 IMP M . 7.76 -23.60 -30.90
C8 IMP M . 7.99 -24.42 -31.93
N7 IMP M . 6.81 -24.84 -32.38
C5 IMP M . 5.87 -24.29 -31.62
C6 IMP M . 4.36 -24.39 -31.65
O6 IMP M . 3.83 -25.06 -32.46
N1 IMP M . 3.57 -23.68 -30.70
C2 IMP M . 4.20 -22.85 -29.72
N3 IMP M . 5.65 -22.77 -29.71
C4 IMP M . 6.47 -23.52 -30.70
H5'1 IMP M . 9.18 -20.23 -32.29
H5'2 IMP M . 10.91 -20.67 -32.31
H4' IMP M . 10.20 -20.52 -29.61
H3' IMP M . 10.57 -22.86 -31.49
HO3' IMP M . 12.06 -21.68 -29.39
H2' IMP M . 9.89 -24.32 -29.72
HO2' IMP M . 11.01 -22.79 -28.09
H1' IMP M . 7.77 -22.75 -28.97
H8 IMP M . 8.95 -24.69 -32.33
HN1 IMP M . 2.61 -23.75 -30.73
H2 IMP M . 3.61 -22.30 -29.00
PA NAD N . 4.59 -33.88 -26.49
O1A NAD N . 5.56 -33.52 -25.40
O2A NAD N . 4.86 -35.28 -26.99
O5B NAD N . 3.04 -33.77 -25.98
C5B NAD N . 2.14 -34.71 -26.45
C4B NAD N . 1.41 -35.37 -25.30
O4B NAD N . 2.10 -36.79 -24.96
C3B NAD N . 1.47 -34.63 -24.24
O3B NAD N . 0.14 -34.66 -23.57
C2B NAD N . 2.53 -35.30 -23.35
O2B NAD N . 2.24 -35.11 -22.04
C1B NAD N . 2.45 -36.79 -23.72
N9A NAD N . 3.76 -37.43 -23.62
C8A NAD N . 5.04 -37.11 -23.82
N7A NAD N . 5.74 -38.21 -23.56
C5A NAD N . 4.89 -39.18 -23.22
C6A NAD N . 5.08 -40.48 -22.86
N6A NAD N . 6.19 -41.38 -22.68
N1A NAD N . 4.05 -41.24 -22.57
C2A NAD N . 2.80 -40.73 -22.61
N3A NAD N . 2.61 -39.46 -22.96
C4A NAD N . 3.66 -38.69 -23.26
O3 NAD N . 4.76 -32.82 -27.72
PN NAD N . 4.37 -31.24 -27.57
O1N NAD N . 4.31 -30.85 -26.14
O2N NAD N . 3.05 -30.98 -28.24
O5D NAD N . 5.54 -30.41 -28.34
C5D NAD N . 5.59 -30.51 -29.74
C4D NAD N . 6.73 -29.66 -30.27
O4D NAD N . 6.26 -28.13 -30.44
C3D NAD N . 7.75 -29.68 -29.46
O3D NAD N . 8.97 -29.76 -30.30
C2D NAD N . 7.70 -28.34 -28.69
O2D NAD N . 8.95 -27.88 -28.42
C1D NAD N . 6.92 -27.39 -29.60
N1N NAD N . 5.94 -26.61 -28.83
C2N NAD N . 6.37 -25.63 -28.02
C3N NAD N . 5.45 -24.89 -27.30
C7N NAD N . 5.93 -23.79 -26.38
O7N NAD N . 5.23 -22.86 -26.14
N7N NAD N . 7.24 -23.87 -25.77
C4N NAD N . 4.12 -25.16 -27.41
C5N NAD N . 3.70 -26.15 -28.24
C6N NAD N . 4.64 -26.88 -28.95
H51A NAD N . 1.41 -34.22 -27.10
H52A NAD N . 2.67 -35.48 -27.01
H4B NAD N . 0.36 -35.52 -25.57
H3B NAD N . 1.76 -33.62 -24.49
HO3A NAD N . 0.09 -33.95 -22.92
H2B NAD N . 3.52 -34.91 -23.57
HO2A NAD N . 2.50 -34.22 -21.78
H1B NAD N . 1.71 -37.31 -23.10
H8A NAD N . 5.42 -36.15 -24.12
H61A NAD N . 7.14 -41.34 -23.00
H62A NAD N . 5.96 -42.22 -22.14
H2A NAD N . 1.95 -41.36 -22.36
H51N NAD N . 4.65 -30.14 -30.16
H52N NAD N . 5.75 -31.54 -30.03
H4D NAD N . 7.04 -30.05 -31.24
H3D NAD N . 7.69 -30.53 -28.78
HO3N NAD N . 9.44 -30.58 -30.11
H2D NAD N . 7.16 -28.48 -27.75
HO2N NAD N . 9.54 -28.15 -29.13
H1D NAD N . 7.60 -26.72 -30.14
H2N NAD N . 7.42 -25.41 -27.93
H71N NAD N . 7.29 -23.22 -24.99
H72N NAD N . 7.94 -23.62 -26.46
H4N NAD N . 3.42 -24.59 -26.85
H5N NAD N . 2.65 -26.37 -28.33
H6N NAD N . 4.30 -27.68 -29.61
P IMP O . 12.24 15.23 -32.82
O1P IMP O . 12.54 14.86 -34.23
O2P IMP O . 11.34 14.36 -32.02
O3P IMP O . 11.65 16.61 -32.82
O5' IMP O . 13.61 15.33 -32.02
C5' IMP O . 14.86 15.13 -32.66
C4' IMP O . 15.91 14.73 -31.67
O4' IMP O . 16.24 13.32 -31.85
C3' IMP O . 17.24 15.44 -31.77
O3' IMP O . 17.23 16.71 -31.17
C2' IMP O . 18.19 14.46 -31.13
O2' IMP O . 18.11 14.51 -29.72
C1' IMP O . 17.60 13.13 -31.59
N9 IMP O . 18.26 12.67 -32.84
C8 IMP O . 18.90 13.06 -33.94
N7 IMP O . 19.20 11.97 -34.63
C5 IMP O . 18.77 10.92 -33.96
C6 IMP O . 18.81 9.43 -34.24
O6 IMP O . 19.33 9.04 -35.22
N1 IMP O . 18.26 8.51 -33.32
C2 IMP O . 17.62 8.97 -32.13
N3 IMP O . 17.57 10.40 -31.87
C4 IMP O . 18.17 11.36 -32.84
H5'1 IMP O . 14.76 14.34 -33.41
H5'2 IMP O . 15.18 16.05 -33.14
H4' IMP O . 15.51 14.86 -30.66
H3' IMP O . 17.49 15.54 -32.83
HO3' IMP O . 16.73 16.68 -30.36
H2' IMP O . 19.21 14.59 -31.48
HO2' IMP O . 18.03 15.43 -29.44
H1' IMP O . 17.74 12.37 -30.82
H8 IMP O . 19.11 14.08 -34.22
HN1 IMP O . 18.29 7.55 -33.51
H2 IMP O . 17.18 8.27 -31.43
PA NAD P . 29.03 8.77 -30.84
O1A NAD P . 28.89 9.53 -29.55
O2A NAD P . 30.32 9.12 -31.52
O5B NAD P . 28.98 7.14 -30.58
C5B NAD P . 29.83 6.35 -31.32
C4B NAD P . 30.65 5.46 -30.42
O4B NAD P . 32.11 6.11 -30.22
C3B NAD P . 30.09 5.36 -29.25
O3B NAD P . 30.19 3.94 -28.81
C2B NAD P . 30.92 6.27 -28.33
O2B NAD P . 30.93 5.78 -27.07
C1B NAD P . 32.32 6.26 -28.94
N9A NAD P . 33.00 7.54 -28.75
C8A NAD P . 32.69 8.83 -28.68
N7A NAD P . 33.83 9.48 -28.52
C5A NAD P . 34.82 8.59 -28.49
C6A NAD P . 36.18 8.72 -28.34
N6A NAD P . 37.12 9.77 -28.14
N1A NAD P . 36.94 7.66 -28.34
C2A NAD P . 36.40 6.44 -28.50
N3A NAD P . 35.08 6.30 -28.65
C4A NAD P . 34.30 7.38 -28.65
O3 NAD P . 27.79 9.15 -31.80
PN NAD P . 26.24 8.77 -31.44
O1N NAD P . 26.10 8.49 -29.97
O2N NAD P . 25.81 7.57 -32.23
O5D NAD P . 25.34 10.06 -31.85
C5D NAD P . 25.20 10.34 -33.22
C4D NAD P . 24.32 11.55 -33.42
O4D NAD P . 22.76 11.11 -33.41
C3D NAD P . 24.49 12.42 -32.47
O3D NAD P . 24.46 13.77 -33.11
C2D NAD P . 23.30 12.25 -31.51
O2D NAD P . 22.92 13.44 -30.97
C1D NAD P . 22.18 11.63 -32.36
N1N NAD P . 21.52 10.54 -31.63
C2N NAD P . 20.70 10.82 -30.61
C3N NAD P . 20.07 9.80 -29.94
C7N NAD P . 19.15 10.13 -28.77
O7N NAD P . 18.26 9.41 -28.49
N7N NAD P . 19.37 11.32 -27.99
C4N NAD P . 20.28 8.51 -30.30
C5N NAD P . 21.10 8.23 -31.33
C6N NAD P . 21.74 9.26 -32.01
H51A NAD P . 30.50 6.98 -31.91
H52A NAD P . 29.24 5.72 -32.00
H4B NAD P . 30.74 4.47 -30.86
H3B NAD P . 29.05 5.68 -29.29
HO3A NAD P . 29.60 3.80 -28.07
H2B NAD P . 30.51 7.28 -28.34
HO2A NAD P . 30.11 6.00 -26.63
H1B NAD P . 32.91 5.43 -28.54
H8A NAD P . 31.70 9.26 -28.75
H61A NAD P . 37.05 10.77 -28.28
H62A NAD P . 38.02 9.47 -27.79
H2A NAD P . 37.04 5.55 -28.50
H51N NAD P . 24.76 9.47 -33.72
H52N NAD P . 26.19 10.54 -33.64
H4D NAD P . 24.55 12.01 -34.37
H3D NAD P . 25.44 12.26 -31.95
HO3N NAD P . 25.31 14.19 -32.99
H2D NAD P . 23.57 11.57 -30.71
HO2N NAD P . 23.08 14.14 -31.61
H1D NAD P . 21.46 12.40 -32.66
H2N NAD P . 20.53 11.85 -30.33
H71N NAD P . 18.87 11.25 -27.11
H72N NAD P . 19.02 12.13 -28.50
H4N NAD P . 19.78 7.72 -29.77
H5N NAD P . 21.27 7.21 -31.63
H6N NAD P . 22.40 9.04 -32.83
P IMP Q . -7.32 19.85 31.82
O1P IMP Q . -6.73 18.72 31.06
O2P IMP Q . -7.67 19.63 33.25
O3P IMP Q . -6.34 20.99 31.75
O5' IMP Q . -8.61 20.32 31.03
C5' IMP Q . -9.87 20.42 31.66
C4' IMP Q . -10.98 20.28 30.68
O4' IMP Q . -11.70 19.03 30.92
C3' IMP Q . -12.07 21.33 30.73
O3' IMP Q . -11.72 22.52 30.06
C2' IMP Q . -13.26 20.61 30.13
O2' IMP Q . -13.17 20.57 28.72
C1' IMP Q . -13.07 19.21 30.68
N9 IMP Q . -13.79 19.02 31.94
C8 IMP Q . -14.29 19.64 33.01
N7 IMP Q . -14.89 18.71 33.77
C5 IMP Q . -14.75 17.54 33.15
C6 IMP Q . -15.21 16.14 33.52
O6 IMP Q . -15.80 15.96 34.52
N1 IMP Q . -14.93 15.04 32.66
C2 IMP Q . -14.21 15.25 31.45
N3 IMP Q . -13.77 16.60 31.11
C4 IMP Q . -14.08 17.74 32.01
H5'1 IMP Q . -9.96 19.64 32.42
H5'2 IMP Q . -9.95 21.40 32.15
H4' IMP Q . -10.56 20.25 29.67
H3' IMP Q . -12.28 21.56 31.78
HO3' IMP Q . -11.25 22.30 29.25
H2' IMP Q . -14.20 21.04 30.47
HO2' IMP Q . -12.83 21.41 28.40
H1' IMP Q . -13.41 18.47 29.94
H8 IMP Q . -14.23 20.69 33.23
HN1 IMP Q . -15.23 14.16 32.90
H2 IMP Q . -13.98 14.42 30.79
PA NAD R . -25.25 18.13 30.07
O1A NAD R . -24.91 18.77 28.75
O2A NAD R . -26.38 18.86 30.74
O5B NAD R . -25.64 16.55 29.89
C5B NAD R . -26.67 16.05 30.69
C4B NAD R . -27.71 15.39 29.82
O4B NAD R . -28.94 16.40 29.58
C3B NAD R . -27.22 15.08 28.66
O3B NAD R . -27.72 13.72 28.29
C2B NAD R . -27.77 16.13 27.69
O2B NAD R . -27.93 15.59 26.46
C1B NAD R . -29.11 16.53 28.30
N9A NAD R . -29.41 17.95 28.04
C8A NAD R . -28.76 19.09 27.89
N7A NAD R . -29.68 20.02 27.68
C5A NAD R . -30.88 19.44 27.69
C6A NAD R . -32.15 19.93 27.52
N6A NAD R . -32.76 21.20 27.26
N1A NAD R . -33.17 19.12 27.58
C2A NAD R . -32.99 17.81 27.81
N3A NAD R . -31.75 17.32 27.98
C4A NAD R . -30.71 18.15 27.91
O3 NAD R . -23.94 18.20 31.04
PN NAD R . -22.55 17.40 30.69
O1N NAD R . -22.50 17.01 29.24
O2N NAD R . -22.45 16.18 31.57
O5D NAD R . -21.33 18.42 31.04
C5D NAD R . -21.12 18.74 32.38
C4D NAD R . -19.93 19.65 32.52
O4D NAD R . -18.57 18.79 32.55
C3D NAD R . -19.85 20.49 31.52
O3D NAD R . -19.44 21.80 32.09
C2D NAD R . -18.76 19.93 30.58
O2D NAD R . -18.07 20.93 29.99
C1D NAD R . -17.87 19.08 31.49
N1N NAD R . -17.53 17.80 30.83
C2N NAD R . -16.68 17.80 29.80
C3N NAD R . -16.35 16.61 29.19
C7N NAD R . -15.38 16.60 28.02
O7N NAD R . -14.73 15.64 27.79
N7N NAD R . -15.27 17.77 27.16
C4N NAD R . -16.91 15.45 29.62
C5N NAD R . -17.77 15.45 30.66
C6N NAD R . -18.09 16.65 31.27
H51A NAD R . -26.26 15.32 31.38
H52A NAD R . -27.13 16.87 31.24
H4B NAD R . -28.08 14.48 30.31
H3B NAD R . -26.13 15.09 28.69
HO3A NAD R . -27.18 13.36 27.57
H2B NAD R . -27.10 16.99 27.65
HO2A NAD R . -27.08 15.56 26.01
H1B NAD R . -29.91 15.89 27.94
H8A NAD R . -27.69 19.24 27.94
H61A NAD R . -32.41 22.14 27.35
H62A NAD R . -33.71 21.14 26.92
H2A NAD R . -33.85 17.15 27.86
H51N NAD R . -22.01 19.25 32.78
H52N NAD R . -20.95 17.82 32.95
H4D NAD R . -20.01 20.22 33.45
H3D NAD R . -20.81 20.57 31.00
HO3N NAD R . -20.15 22.45 31.95
H2D NAD R . -19.23 19.31 29.82
HO2N NAD R . -18.03 21.69 30.58
H1D NAD R . -16.96 19.61 31.76
H2N NAD R . -16.23 18.72 29.46
H71N NAD R . -14.82 17.51 26.30
H72N NAD R . -14.71 18.47 27.63
H4N NAD R . -16.65 14.52 29.13
H5N NAD R . -18.20 14.54 31.01
H6N NAD R . -18.78 16.66 32.10
P IMP S . 24.46 12.65 26.49
O1P IMP S . 23.24 11.94 26.03
O2P IMP S . 24.46 13.24 27.86
O3P IMP S . 25.60 11.67 26.40
O5' IMP S . 24.76 13.78 25.43
C5' IMP S . 24.93 15.13 25.81
C4' IMP S . 24.60 16.06 24.69
O4' IMP S . 23.39 16.81 25.01
C3' IMP S . 25.62 17.14 24.39
O3' IMP S . 26.70 16.68 23.60
C2' IMP S . 24.79 18.22 23.72
O2' IMP S . 24.52 17.88 22.37
C1' IMP S . 23.49 18.11 24.51
N9 IMP S . 23.49 19.05 25.64
C8 IMP S . 24.25 19.72 26.50
N7 IMP S . 23.44 20.43 27.29
C5 IMP S . 22.20 20.21 26.90
C6 IMP S . 20.86 20.72 27.41
O6 IMP S . 20.83 21.47 28.31
N1 IMP S . 19.65 20.29 26.80
C2 IMP S . 19.68 19.37 25.71
N3 IMP S . 20.97 18.90 25.24
C4 IMP S . 22.23 19.34 25.87
H5'1 IMP S . 24.28 15.35 26.66
H5'2 IMP S . 25.97 15.30 26.10
H4' IMP S . 24.42 15.48 23.79
H3' IMP S . 26.01 17.53 25.33
HO3' IMP S . 26.36 16.08 22.93
H2' IMP S . 25.24 19.20 23.81
HO2' IMP S . 25.30 17.50 21.97
H1' IMP S . 22.64 18.32 23.85
H8 IMP S . 25.32 19.69 26.56
HN1 IMP S . 18.80 20.63 27.13
H2 IMP S . 18.76 19.05 25.23
PA NAD T . 21.99 30.01 22.04
O1A NAD T . 22.41 29.44 20.71
O2A NAD T . 22.80 31.24 22.36
O5B NAD T . 20.39 30.37 22.07
C5B NAD T . 20.01 31.53 22.73
C4B NAD T . 19.18 32.40 21.82
O4B NAD T . 20.11 33.57 21.22
C3B NAD T . 18.70 31.72 20.84
O3B NAD T . 17.29 32.14 20.62
C2B NAD T . 19.57 32.08 19.63
O2B NAD T . 18.84 32.02 18.50
C1B NAD T . 20.03 33.52 19.92
N9A NAD T . 21.37 33.76 19.39
C8A NAD T . 22.50 33.10 19.17
N7A NAD T . 23.36 33.97 18.66
C5A NAD T . 22.74 35.15 18.56
C6A NAD T . 23.16 36.37 18.11
N6A NAD T . 24.35 36.94 17.54
N1A NAD T . 22.35 37.40 18.12
C2A NAD T . 21.09 37.25 18.59
N3A NAD T . 20.67 36.07 19.03
C4A NAD T . 21.51 35.03 19.02
O3 NAD T . 22.26 28.89 23.20
PN NAD T . 21.44 27.46 23.22
O1N NAD T . 20.84 27.17 21.88
O2N NAD T . 20.37 27.51 24.27
O5D NAD T . 22.54 26.32 23.61
C5D NAD T . 23.05 26.33 24.91
C4D NAD T . 24.03 25.19 25.09
O4D NAD T . 23.24 23.84 25.48
C3D NAD T . 24.69 24.95 23.98
O3D NAD T . 26.09 24.66 24.38
C2D NAD T . 24.04 23.72 23.35
O2D NAD T . 24.96 22.94 22.73
C1D NAD T . 23.36 22.98 24.51
N1N NAD T . 22.01 22.54 24.13
C2N NAD T . 21.86 21.52 23.28
C3N NAD T . 20.60 21.10 22.93
C7N NAD T . 20.43 19.95 21.94
O7N NAD T . 19.47 19.27 21.99
N7N NAD T . 21.44 19.69 20.95
C4N NAD T . 19.51 21.72 23.44
C5N NAD T . 19.66 22.74 24.30
C6N NAD T . 20.94 23.17 24.65
H51A NAD T . 20.90 32.08 23.05
H52A NAD T . 19.42 31.26 23.62
H4B NAD T . 18.36 32.85 22.40
H3B NAD T . 18.76 30.65 21.05
HO3A NAD T . 16.85 31.49 20.06
H2B NAD T . 20.43 31.42 19.56
HO2A NAD T . 18.74 31.11 18.22
H1B NAD T . 19.30 34.24 19.53
H8A NAD T . 22.68 32.06 19.38
H61A NAD T . 25.31 36.61 17.54
H62A NAD T . 24.22 37.82 17.08
H2A NAD T . 20.42 38.10 18.60
H51N NAD T . 22.24 26.22 25.62
H52N NAD T . 23.57 27.27 25.08
H4D NAD T . 24.72 25.43 25.88
H3D NAD T . 24.65 25.81 23.31
HO3N NAD T . 26.68 25.32 24.00
H2D NAD T . 23.28 24.03 22.62
HO2N NAD T . 25.79 23.00 23.20
H1D NAD T . 23.96 22.12 24.83
H2N NAD T . 22.73 21.02 22.86
H71N NAD T . 21.07 19.10 20.22
H72N NAD T . 22.23 19.23 21.38
H4N NAD T . 18.51 21.39 23.16
H5N NAD T . 18.80 23.24 24.72
H6N NAD T . 21.06 23.99 25.34
P IMP U . 17.39 -19.58 27.83
O1P IMP U . 16.58 -18.45 27.29
O2P IMP U . 18.19 -19.34 29.06
O3P IMP U . 16.44 -20.71 28.10
O5' IMP U . 18.34 -20.05 26.66
C5' IMP U . 19.75 -20.15 26.85
C4' IMP U . 20.47 -20.02 25.55
O4' IMP U . 21.23 -18.78 25.54
C3' IMP U . 21.52 -21.08 25.25
O3' IMP U . 20.97 -22.27 24.74
C2' IMP U . 22.45 -20.37 24.29
O2' IMP U . 21.89 -20.34 22.99
C1' IMP U . 22.44 -18.96 24.85
N9 IMP U . 23.54 -18.76 25.80
C8 IMP U . 24.36 -19.37 26.66
N7 IMP U . 25.16 -18.44 27.17
C5 IMP U . 24.85 -17.28 26.62
C6 IMP U . 25.40 -15.87 26.81
O6 IMP U . 26.29 -15.69 27.56
N1 IMP U . 24.85 -14.78 26.08
C2 IMP U . 23.77 -14.99 25.17
N3 IMP U . 23.24 -16.35 25.01
C4 IMP U . 23.83 -17.48 25.77
H5'1 IMP U . 20.08 -19.37 27.53
H5'2 IMP U . 19.98 -21.13 27.28
H4' IMP U . 19.75 -20.00 24.73
H3' IMP U . 22.06 -21.30 26.18
HO3' IMP U . 20.26 -22.06 24.13
H2' IMP U . 23.45 -20.80 24.30
HO2' IMP U . 21.47 -21.18 22.80
H1' IMP U . 22.52 -18.23 24.04
H8 IMP U . 24.37 -20.41 26.90
HN1 IMP U . 25.22 -13.88 26.20
H2 IMP U . 23.34 -14.17 24.62
PA NAD V . 33.72 -17.95 20.26
O1A NAD V . 32.98 -18.61 19.13
O2A NAD V . 35.03 -18.66 20.52
O5B NAD V . 34.01 -16.37 19.94
C5B NAD V . 35.23 -15.84 20.37
C4B NAD V . 35.95 -15.18 19.22
O4B NAD V . 37.04 -16.20 18.60
C3B NAD V . 35.13 -14.86 18.27
O3B NAD V . 35.48 -13.51 17.76
C2B NAD V . 35.34 -15.92 17.18
O2B NAD V . 35.10 -15.39 15.96
C1B NAD V . 36.81 -16.33 17.34
N9A NAD V . 37.01 -17.74 16.99
C8A NAD V . 36.35 -18.89 17.08
N7A NAD V . 37.15 -19.82 16.58
C5A NAD V . 38.28 -19.24 16.20
C6A NAD V . 39.42 -19.73 15.61
N6A NAD V . 39.92 -20.99 15.18
N1A NAD V . 40.41 -18.91 15.33
C2A NAD V . 40.31 -17.60 15.59
N3A NAD V . 39.20 -17.12 16.16
C4A NAD V . 38.19 -17.94 16.45
O3 NAD V . 32.81 -18.01 21.60
PN NAD V . 31.40 -17.18 21.74
O1N NAD V . 30.88 -16.80 20.39
O2N NAD V . 31.61 -15.95 22.58
O5D NAD V . 30.35 -18.18 22.49
C5D NAD V . 30.61 -18.50 23.83
C4D NAD V . 29.53 -19.41 24.36
O4D NAD V . 28.25 -18.54 24.83
C3D NAD V . 29.12 -20.25 23.45
O3D NAD V . 28.92 -21.56 24.14
C2D NAD V . 27.80 -19.70 22.91
O2D NAD V . 26.94 -20.69 22.58
C1D NAD V . 27.24 -18.82 24.05
N1N NAD V . 26.71 -17.56 23.52
C2N NAD V . 25.55 -17.56 22.83
C3N NAD V . 25.05 -16.38 22.34
C7N NAD V . 23.75 -16.38 21.55
O7N NAD V . 23.06 -15.43 21.54
N7N NAD V . 23.37 -17.56 20.81
C4N NAD V . 25.71 -15.21 22.56
C5N NAD V . 26.87 -15.22 23.26
C6N NAD V . 27.37 -16.41 23.75
H51A NAD V . 35.85 -16.65 20.76
H52A NAD V . 35.05 -15.11 21.15
H4B NAD V . 36.45 -14.28 19.58
H3B NAD V . 34.10 -14.88 18.63
HO3A NAD V . 34.76 -13.16 17.25
H2B NAD V . 34.69 -16.78 17.35
HO2A NAD V . 34.16 -15.37 15.79
H1B NAD V . 37.45 -15.68 16.75
H8A NAD V . 35.36 -19.03 17.48
H61A NAD V . 39.62 -21.94 15.38
H62A NAD V . 40.71 -20.93 14.54
H2A NAD V . 41.13 -16.93 15.35
H51N NAD V . 31.57 -19.00 23.90
H52N NAD V . 30.64 -17.58 24.42
H4D NAD V . 29.91 -19.95 25.21
H3D NAD V . 29.86 -20.34 22.65
HO3N NAD V . 29.54 -22.19 23.80
H2D NAD V . 27.99 -19.08 22.03
HO2N NAD V . 27.10 -21.46 23.16
H1D NAD V . 26.48 -19.36 24.61
H2N NAD V . 25.02 -18.49 22.66
H71N NAD V . 22.66 -17.30 20.12
H72N NAD V . 23.00 -18.25 21.44
H4N NAD V . 25.31 -14.29 22.17
H5N NAD V . 27.39 -14.29 23.44
H6N NAD V . 28.30 -16.42 24.30
P IMP W . -14.34 -12.35 33.17
O1P IMP W . -13.35 -11.46 32.49
O2P IMP W . -13.99 -12.89 34.53
O3P IMP W . -15.62 -11.60 33.29
O5' IMP W . -14.56 -13.57 32.19
C5' IMP W . -15.19 -14.77 32.61
C4' IMP W . -15.19 -15.78 31.50
O4' IMP W . -13.94 -16.51 31.49
C3' IMP W . -16.23 -16.87 31.59
O3' IMP W . -17.51 -16.45 31.17
C2' IMP W . -15.64 -17.97 30.72
O2' IMP W . -15.82 -17.68 29.35
C1' IMP W . -14.15 -17.83 31.05
N9 IMP W . -13.76 -18.76 32.11
C8 IMP W . -14.17 -19.44 33.18
N7 IMP W . -13.15 -20.15 33.64
C5 IMP W . -12.12 -19.91 32.86
C6 IMP W . -10.68 -20.43 32.89
O6 IMP W . -10.35 -21.18 33.73
N1 IMP W . -9.75 -20.00 31.91
C2 IMP W . -10.15 -19.08 30.89
N3 IMP W . -11.52 -18.60 30.87
C4 IMP W . -12.49 -19.05 31.90
H5'1 IMP W . -14.66 -15.18 33.46
H5'2 IMP W . -16.22 -14.56 32.89
H4' IMP W . -15.30 -15.27 30.55
H3' IMP W . -16.29 -17.23 32.62
HO3' IMP W . -17.42 -15.84 30.45
H2' IMP W . -16.02 -18.95 30.99
HO2' IMP W . -16.66 -17.24 29.23
H1' IMP W . -13.56 -18.02 30.15
H8 IMP W . -15.17 -19.41 33.59
HN1 IMP W . -8.84 -20.34 31.93
H2 IMP W . -9.44 -18.75 30.14
PA NAD X . -13.71 -29.74 28.22
O1A NAD X . -13.69 -29.09 26.86
O2A NAD X . -15.12 -30.22 28.49
O5B NAD X . -12.66 -31.00 28.29
C5B NAD X . -11.33 -30.77 27.94
C4B NAD X . -10.80 -31.93 27.13
O4B NAD X . -11.91 -33.11 27.02
C3B NAD X . -10.58 -31.52 25.92
O3B NAD X . -9.45 -32.32 25.36
C2B NAD X . -11.89 -31.83 25.20
O2B NAD X . -11.71 -31.88 23.87
C1B NAD X . -12.24 -33.21 25.77
N9A NAD X . -13.69 -33.47 25.69
C8A NAD X . -14.82 -32.83 25.83
N7A NAD X . -15.80 -33.71 25.63
C5A NAD X . -15.24 -34.89 25.35
C6A NAD X . -15.79 -36.11 25.05
N6A NAD X . -17.09 -36.68 24.90
N1A NAD X . -15.00 -37.13 24.81
C2A NAD X . -13.66 -36.98 24.85
N3A NAD X . -13.13 -35.78 25.14
C4A NAD X . -13.93 -34.74 25.39
O3 NAD X . -13.29 -28.68 29.39
PN NAD X . -12.54 -27.24 29.16
O1N NAD X . -12.38 -26.91 27.71
O2N NAD X . -11.20 -27.27 29.83
O5D NAD X . -13.49 -26.11 29.88
C5D NAD X . -13.54 -26.12 31.27
C4D NAD X . -14.40 -24.98 31.77
O4D NAD X . -13.52 -23.62 31.89
C3D NAD X . -15.39 -24.74 30.96
O3D NAD X . -16.58 -24.44 31.80
C2D NAD X . -14.99 -23.49 30.14
O2D NAD X . -16.06 -22.72 29.87
C1D NAD X . -13.96 -22.76 31.03
N1N NAD X . -12.81 -22.32 30.22
C2N NAD X . -12.97 -21.29 29.35
C3N NAD X . -11.89 -20.87 28.60
C7N NAD X . -12.06 -19.72 27.62
O7N NAD X . -11.14 -19.04 27.34
N7N NAD X . -13.36 -19.47 27.03
C4N NAD X . -10.69 -21.48 28.74
C5N NAD X . -10.54 -22.51 29.61
C6N NAD X . -11.62 -22.93 30.36
H51A NAD X . -10.74 -30.67 28.85
H52A NAD X . -11.27 -29.86 27.35
H4B NAD X . -9.89 -32.31 27.57
H3B NAD X . -10.35 -30.45 25.90
HO3A NAD X . -8.98 -31.80 24.70
H2B NAD X . -12.66 -31.09 25.47
HO2A NAD X . -11.85 -31.00 23.50
H1B NAD X . -11.68 -33.99 25.27
H8A NAD X . -14.95 -31.79 26.08
H61A NAD X . -18.02 -36.40 25.19
H62A NAD X . -17.09 -37.56 24.40
H2A NAD X . -13.02 -37.82 24.65
H51N NAD X . -12.53 -26.01 31.66
H52N NAD X . -13.96 -27.06 31.61
H4D NAD X . -14.80 -25.23 32.75
H3D NAD X . -15.58 -25.59 30.31
HO3N NAD X . -17.26 -25.10 31.65
H2D NAD X . -14.52 -23.81 29.21
HO2N NAD X . -16.69 -22.78 30.59
H1D NAD X . -14.43 -21.91 31.53
H2N NAD X . -13.92 -20.81 29.25
H71N NAD X . -13.25 -18.90 26.21
H72N NAD X . -13.95 -19.00 27.69
H4N NAD X . -9.85 -21.15 28.15
H5N NAD X . -9.58 -22.98 29.72
H6N NAD X . -11.51 -23.74 31.06
#